data_1HWY
#
_entry.id   1HWY
#
_cell.length_a   122.5
_cell.length_b   101
_cell.length_c   164.6
_cell.angle_alpha   90
_cell.angle_beta   102.2
_cell.angle_gamma   90
#
_symmetry.space_group_name_H-M   'P 1 21 1'
#
loop_
_entity.id
_entity.type
_entity.pdbx_description
1 polymer 'GLUTAMATE DEHYDROGENASE'
2 non-polymer 'PHOSPHATE ION'
3 non-polymer '2-OXOGLUTARIC ACID'
4 non-polymer NICOTINAMIDE-ADENINE-DINUCLEOTIDE
5 water water
#
_entity_poly.entity_id   1
_entity_poly.type   'polypeptide(L)'
_entity_poly.pdbx_seq_one_letter_code
;ADREDDPNFFKMVEGFFDRGASIVEDKLVEDLKTRQTQEQKRNRVRGILRIIKPCNHVLSLSFPIRRDDGSWEVIEGYRA
QHSHQRTPCKGGIRYSTDVSVDEVKALASLMTYKCAVVDVPFGGAKAGVKINPKNYTDEDLEKITRRFTMELAKKGFIGP
GVDVPAPNMSTGEREMSWIADTYASTIGHYDINAHACVTGKPISQGGIHGRISATGRGVFHGIENFIENASYMSILGMTP
GFGDKTFAVQGFGNVGLHSMRYLHRFGAKCVAVGESDGSIWNPDGIDPKELEDFKLQHGTILGFPKAKIYEGSILEVDCD
ILIPAASEKQLTKSNAPRVKAKIIAEGANGPTTPQADKIFLERNIMVIPDLYLNAGGVTVSYFQILKNLNHVSYGRLTFK
YERDSNYHLLMSVQESLERKFGKHGGTIPIVPTAEFQDRISGASEKDIVHSGLAYTMERSARQIMRTAMKYNLGLDLRTA
AYVNAIEKVFRVYNEAGVTFT
;
_entity_poly.pdbx_strand_id   A,B,C,D,E,F
#
# COMPACT_ATOMS: atom_id res chain seq x y z
N ALA A 1 30.65 -29.74 21.23
CA ALA A 1 30.17 -30.87 22.09
C ALA A 1 30.93 -30.87 23.44
N ASP A 2 30.86 -29.76 24.17
CA ASP A 2 31.60 -29.68 25.43
C ASP A 2 31.11 -30.45 26.65
N ARG A 3 30.42 -31.57 26.41
CA ARG A 3 29.94 -32.43 27.50
C ARG A 3 29.41 -31.47 28.60
N GLU A 4 29.87 -31.61 29.83
CA GLU A 4 29.45 -30.67 30.85
C GLU A 4 30.08 -29.36 30.37
N ASP A 5 29.21 -28.39 30.04
CA ASP A 5 29.58 -27.06 29.56
C ASP A 5 29.45 -26.86 28.04
N ASP A 6 28.22 -27.04 27.56
CA ASP A 6 27.83 -26.82 26.17
C ASP A 6 26.41 -26.29 26.39
N PRO A 7 26.32 -25.03 26.90
CA PRO A 7 25.10 -24.27 27.24
C PRO A 7 24.19 -23.83 26.10
N ASN A 8 22.95 -23.53 26.44
CA ASN A 8 21.97 -23.07 25.48
C ASN A 8 22.38 -21.63 25.11
N PHE A 9 22.87 -21.49 23.88
CA PHE A 9 23.36 -20.23 23.35
C PHE A 9 22.49 -19.00 23.67
N PHE A 10 21.16 -19.14 23.64
CA PHE A 10 20.34 -17.97 23.94
C PHE A 10 20.38 -17.65 25.44
N LYS A 11 20.28 -18.67 26.28
CA LYS A 11 20.30 -18.43 27.71
C LYS A 11 21.64 -17.94 28.18
N MET A 12 22.69 -18.39 27.50
CA MET A 12 24.05 -17.97 27.84
C MET A 12 24.12 -16.42 27.71
N VAL A 13 23.94 -15.92 26.48
CA VAL A 13 23.95 -14.48 26.19
C VAL A 13 22.96 -13.77 27.11
N GLU A 14 21.86 -14.44 27.41
CA GLU A 14 20.80 -13.91 28.28
C GLU A 14 21.40 -13.69 29.64
N GLY A 15 22.18 -14.67 30.04
CA GLY A 15 22.86 -14.62 31.32
C GLY A 15 23.84 -13.45 31.36
N PHE A 16 24.76 -13.40 30.39
CA PHE A 16 25.73 -12.32 30.30
C PHE A 16 24.94 -11.02 30.55
N PHE A 17 23.79 -10.87 29.87
CA PHE A 17 22.93 -9.70 30.03
C PHE A 17 22.58 -9.51 31.51
N ASP A 18 22.19 -10.61 32.15
CA ASP A 18 21.84 -10.57 33.56
C ASP A 18 22.93 -10.04 34.50
N ARG A 19 24.17 -10.49 34.36
CA ARG A 19 25.22 -9.98 35.26
C ARG A 19 25.38 -8.46 35.15
N GLY A 20 25.26 -7.93 33.95
CA GLY A 20 25.38 -6.49 33.79
C GLY A 20 24.17 -5.85 34.44
N ALA A 21 23.01 -6.49 34.31
CA ALA A 21 21.78 -5.98 34.87
C ALA A 21 21.92 -5.85 36.38
N SER A 22 22.85 -6.60 36.94
CA SER A 22 23.07 -6.57 38.38
C SER A 22 23.89 -5.34 38.77
N ILE A 23 25.03 -5.22 38.13
CA ILE A 23 25.94 -4.12 38.39
C ILE A 23 25.25 -2.77 38.10
N VAL A 24 24.08 -2.79 37.45
CA VAL A 24 23.37 -1.54 37.14
C VAL A 24 21.99 -1.33 37.77
N GLU A 25 21.19 -2.39 37.89
CA GLU A 25 19.82 -2.30 38.45
C GLU A 25 19.57 -1.11 39.36
N ASP A 26 20.41 -0.99 40.38
CA ASP A 26 20.31 0.12 41.32
C ASP A 26 20.24 1.50 40.63
N LYS A 27 21.33 1.89 40.00
CA LYS A 27 21.41 3.17 39.31
C LYS A 27 20.25 3.36 38.33
N LEU A 28 19.78 2.27 37.72
CA LEU A 28 18.65 2.38 36.80
C LEU A 28 17.49 2.88 37.63
N VAL A 29 17.27 2.22 38.76
CA VAL A 29 16.22 2.57 39.71
C VAL A 29 16.49 3.99 40.24
N GLU A 30 17.77 4.28 40.40
CA GLU A 30 18.22 5.56 40.91
C GLU A 30 17.83 6.69 39.97
N ASP A 31 18.57 6.83 38.87
CA ASP A 31 18.31 7.87 37.88
C ASP A 31 16.79 7.97 37.68
N LEU A 32 16.15 6.82 37.54
CA LEU A 32 14.71 6.75 37.38
C LEU A 32 14.12 7.64 38.47
N LYS A 33 13.33 8.64 38.08
CA LYS A 33 12.78 9.57 39.06
C LYS A 33 11.25 9.63 39.13
N THR A 34 10.59 8.80 38.33
CA THR A 34 9.14 8.71 38.26
C THR A 34 8.41 8.80 39.62
N ARG A 35 7.98 10.02 39.92
CA ARG A 35 7.25 10.39 41.14
C ARG A 35 6.81 9.24 42.05
N GLN A 36 5.49 9.06 42.15
CA GLN A 36 4.90 8.01 42.98
C GLN A 36 5.63 6.68 42.80
N THR A 37 6.29 6.26 43.88
CA THR A 37 7.07 5.03 43.89
C THR A 37 7.78 4.95 45.23
N GLN A 38 8.71 4.00 45.30
CA GLN A 38 9.54 3.76 46.46
C GLN A 38 10.62 2.94 45.78
N GLU A 39 10.45 1.62 45.81
CA GLU A 39 11.35 0.73 45.10
C GLU A 39 10.43 0.11 44.05
N GLN A 40 9.33 0.85 43.79
CA GLN A 40 8.37 0.47 42.79
C GLN A 40 9.26 0.67 41.57
N LYS A 41 10.12 1.70 41.71
CA LYS A 41 11.11 2.07 40.71
C LYS A 41 11.87 0.81 40.37
N ARG A 42 12.23 0.06 41.40
CA ARG A 42 12.95 -1.20 41.20
C ARG A 42 12.17 -2.19 40.34
N ASN A 43 10.94 -2.49 40.75
CA ASN A 43 10.09 -3.42 40.02
C ASN A 43 9.95 -3.01 38.55
N ARG A 44 9.80 -1.71 38.33
CA ARG A 44 9.68 -1.11 37.01
C ARG A 44 10.97 -1.46 36.31
N VAL A 45 12.08 -1.04 36.91
CA VAL A 45 13.43 -1.31 36.41
C VAL A 45 13.60 -2.82 36.20
N ARG A 46 12.82 -3.57 36.95
CA ARG A 46 12.89 -5.01 36.86
C ARG A 46 12.03 -5.62 35.75
N GLY A 47 10.90 -5.00 35.49
CA GLY A 47 10.03 -5.50 34.45
C GLY A 47 10.74 -5.23 33.13
N ILE A 48 11.17 -4.00 32.94
CA ILE A 48 11.82 -3.61 31.71
C ILE A 48 12.94 -4.55 31.28
N LEU A 49 13.83 -4.90 32.20
CA LEU A 49 14.94 -5.77 31.83
C LEU A 49 14.45 -7.16 31.44
N ARG A 50 13.25 -7.47 31.88
CA ARG A 50 12.62 -8.75 31.60
C ARG A 50 12.06 -8.66 30.17
N ILE A 51 11.52 -7.48 29.87
CA ILE A 51 10.93 -7.19 28.59
C ILE A 51 12.01 -7.10 27.52
N ILE A 52 13.22 -6.73 27.92
CA ILE A 52 14.30 -6.60 26.95
C ILE A 52 14.91 -7.92 26.51
N LYS A 53 15.22 -8.79 27.47
CA LYS A 53 15.85 -10.08 27.19
C LYS A 53 15.39 -10.89 25.98
N PRO A 54 14.08 -11.21 25.90
CA PRO A 54 13.56 -11.99 24.77
C PRO A 54 13.44 -11.35 23.38
N CYS A 55 13.46 -12.19 22.36
CA CYS A 55 13.32 -11.74 20.98
C CYS A 55 11.86 -11.38 20.68
N ASN A 56 11.65 -10.25 20.00
CA ASN A 56 10.30 -9.81 19.68
C ASN A 56 9.64 -10.74 18.72
N HIS A 57 10.20 -10.86 17.53
CA HIS A 57 9.62 -11.68 16.47
C HIS A 57 10.64 -12.67 15.95
N VAL A 58 10.24 -13.93 15.73
CA VAL A 58 11.15 -14.92 15.18
C VAL A 58 10.34 -15.68 14.14
N LEU A 59 10.81 -15.68 12.90
CA LEU A 59 10.14 -16.35 11.80
C LEU A 59 10.95 -17.57 11.41
N SER A 60 10.26 -18.71 11.28
CA SER A 60 10.85 -20.01 10.91
C SER A 60 10.25 -20.48 9.61
N LEU A 61 11.07 -20.48 8.58
CA LEU A 61 10.67 -20.89 7.25
C LEU A 61 11.10 -22.31 6.88
N SER A 62 10.47 -22.80 5.83
CA SER A 62 10.75 -24.09 5.31
C SER A 62 10.29 -23.92 3.89
N PHE A 63 11.16 -24.07 2.92
CA PHE A 63 10.73 -23.89 1.54
C PHE A 63 11.48 -24.79 0.58
N PRO A 64 10.82 -25.13 -0.52
CA PRO A 64 11.44 -25.99 -1.50
C PRO A 64 12.29 -25.22 -2.50
N ILE A 65 13.27 -25.92 -3.04
CA ILE A 65 14.15 -25.45 -4.08
C ILE A 65 14.38 -26.76 -4.82
N ARG A 66 14.45 -26.68 -6.14
CA ARG A 66 14.66 -27.90 -6.90
C ARG A 66 16.15 -28.04 -7.17
N ARG A 67 16.79 -28.96 -6.43
CA ARG A 67 18.23 -29.23 -6.58
C ARG A 67 18.53 -29.41 -8.04
N ASP A 68 19.70 -28.96 -8.45
CA ASP A 68 20.12 -29.04 -9.86
C ASP A 68 19.71 -30.35 -10.51
N ASP A 69 20.04 -31.45 -9.84
CA ASP A 69 19.64 -32.78 -10.32
C ASP A 69 18.18 -32.97 -9.87
N GLY A 70 17.24 -32.59 -10.74
CA GLY A 70 15.81 -32.73 -10.48
C GLY A 70 15.21 -32.60 -9.08
N SER A 71 15.65 -33.50 -8.20
CA SER A 71 15.24 -33.60 -6.79
C SER A 71 14.73 -32.38 -6.06
N TRP A 72 13.59 -32.52 -5.44
CA TRP A 72 13.01 -31.45 -4.70
C TRP A 72 13.63 -31.48 -3.33
N GLU A 73 13.77 -30.31 -2.71
CA GLU A 73 14.37 -30.24 -1.38
C GLU A 73 13.83 -29.13 -0.50
N VAL A 74 13.27 -29.54 0.64
CA VAL A 74 12.74 -28.59 1.60
C VAL A 74 13.95 -28.00 2.33
N ILE A 75 13.90 -26.70 2.63
CA ILE A 75 15.01 -26.03 3.31
C ILE A 75 14.54 -25.31 4.57
N GLU A 76 15.39 -25.27 5.59
CA GLU A 76 15.07 -24.60 6.84
C GLU A 76 15.70 -23.21 6.92
N GLY A 77 14.93 -22.24 7.40
CA GLY A 77 15.42 -20.89 7.52
C GLY A 77 14.83 -20.23 8.72
N TYR A 78 15.55 -19.27 9.30
CA TYR A 78 15.08 -18.52 10.45
C TYR A 78 15.58 -17.10 10.32
N ARG A 79 14.84 -16.17 10.93
CA ARG A 79 15.23 -14.77 10.96
C ARG A 79 14.62 -14.30 12.25
N ALA A 80 15.46 -14.10 13.24
CA ALA A 80 14.99 -13.61 14.51
C ALA A 80 15.27 -12.10 14.61
N GLN A 81 14.24 -11.33 14.97
CA GLN A 81 14.38 -9.92 15.13
C GLN A 81 14.26 -9.77 16.62
N HIS A 82 15.40 -9.60 17.28
CA HIS A 82 15.42 -9.47 18.73
C HIS A 82 14.75 -8.20 19.25
N SER A 83 15.13 -7.03 18.72
CA SER A 83 14.55 -5.78 19.24
C SER A 83 14.22 -4.73 18.21
N HIS A 84 13.36 -3.81 18.64
CA HIS A 84 12.92 -2.74 17.77
C HIS A 84 13.15 -1.37 18.39
N GLN A 85 13.61 -1.33 19.65
CA GLN A 85 13.85 -0.08 20.36
C GLN A 85 14.53 0.95 19.47
N ARG A 86 15.15 0.43 18.42
CA ARG A 86 15.78 1.19 17.39
C ARG A 86 15.22 0.33 16.25
N THR A 87 14.60 0.92 15.23
CA THR A 87 13.98 0.11 14.22
C THR A 87 14.71 -0.77 13.23
N PRO A 88 15.38 -0.21 12.19
CA PRO A 88 16.01 -1.21 11.32
C PRO A 88 16.84 -2.18 12.14
N CYS A 89 16.32 -3.40 12.33
CA CYS A 89 17.05 -4.40 13.08
C CYS A 89 18.13 -4.78 12.10
N LYS A 90 19.26 -5.25 12.61
CA LYS A 90 20.38 -5.63 11.77
C LYS A 90 21.06 -6.89 12.27
N GLY A 91 21.53 -7.71 11.34
CA GLY A 91 22.20 -8.94 11.69
C GLY A 91 22.54 -9.72 10.43
N GLY A 92 23.58 -10.55 10.50
CA GLY A 92 23.96 -11.33 9.34
C GLY A 92 23.15 -12.58 9.10
N ILE A 93 23.28 -13.14 7.91
CA ILE A 93 22.57 -14.36 7.53
C ILE A 93 23.61 -15.47 7.51
N ARG A 94 23.51 -16.41 8.47
CA ARG A 94 24.45 -17.53 8.57
C ARG A 94 24.06 -18.80 7.80
N TYR A 95 24.93 -19.27 6.93
CA TYR A 95 24.66 -20.49 6.19
C TYR A 95 25.54 -21.56 6.79
N SER A 96 24.93 -22.44 7.59
CA SER A 96 25.65 -23.52 8.22
C SER A 96 24.63 -24.52 8.70
N THR A 97 25.00 -25.79 8.71
CA THR A 97 24.08 -26.83 9.18
C THR A 97 23.88 -26.66 10.69
N ASP A 98 24.70 -25.81 11.29
CA ASP A 98 24.59 -25.60 12.73
C ASP A 98 23.56 -24.56 13.14
N VAL A 99 22.89 -23.92 12.18
CA VAL A 99 21.89 -22.95 12.57
C VAL A 99 20.71 -23.64 13.30
N SER A 100 19.97 -22.85 14.06
CA SER A 100 18.85 -23.34 14.79
C SER A 100 18.16 -22.12 15.34
N VAL A 101 16.90 -22.27 15.74
CA VAL A 101 16.17 -21.13 16.24
C VAL A 101 16.85 -20.49 17.45
N ASP A 102 17.42 -21.29 18.34
CA ASP A 102 18.09 -20.73 19.53
C ASP A 102 19.42 -20.09 19.19
N GLU A 103 20.14 -20.69 18.25
CA GLU A 103 21.44 -20.16 17.85
C GLU A 103 21.20 -18.78 17.26
N VAL A 104 20.31 -18.70 16.28
CA VAL A 104 19.96 -17.44 15.64
C VAL A 104 19.42 -16.46 16.70
N LYS A 105 18.53 -16.90 17.58
CA LYS A 105 17.96 -16.05 18.62
C LYS A 105 19.01 -15.34 19.44
N ALA A 106 20.05 -16.07 19.82
CA ALA A 106 21.15 -15.52 20.60
C ALA A 106 21.94 -14.56 19.70
N LEU A 107 22.41 -15.08 18.58
CA LEU A 107 23.15 -14.29 17.59
C LEU A 107 22.40 -12.97 17.31
N ALA A 108 21.07 -13.00 17.41
CA ALA A 108 20.24 -11.84 17.19
C ALA A 108 20.42 -10.87 18.37
N SER A 109 20.20 -11.35 19.58
CA SER A 109 20.36 -10.51 20.75
C SER A 109 21.75 -9.89 20.77
N LEU A 110 22.77 -10.69 20.51
CA LEU A 110 24.11 -10.14 20.50
C LEU A 110 24.19 -8.94 19.57
N MET A 111 23.31 -8.89 18.58
CA MET A 111 23.31 -7.79 17.64
C MET A 111 22.78 -6.52 18.27
N THR A 112 21.70 -6.63 19.02
CA THR A 112 21.06 -5.48 19.65
C THR A 112 21.92 -4.83 20.73
N TYR A 113 22.59 -5.63 21.55
CA TYR A 113 23.46 -5.08 22.61
C TYR A 113 24.76 -4.61 21.98
N LYS A 114 25.20 -5.33 20.96
CA LYS A 114 26.40 -4.95 20.25
C LYS A 114 26.22 -3.53 19.70
N CYS A 115 25.17 -3.31 18.91
CA CYS A 115 24.90 -2.00 18.32
C CYS A 115 24.75 -0.93 19.39
N ALA A 116 24.28 -1.33 20.58
CA ALA A 116 24.09 -0.38 21.68
C ALA A 116 25.42 0.17 22.08
N VAL A 117 26.30 -0.78 22.42
CA VAL A 117 27.66 -0.51 22.84
C VAL A 117 28.41 0.46 21.90
N VAL A 118 28.27 0.24 20.60
CA VAL A 118 28.94 1.05 19.59
C VAL A 118 28.08 2.17 19.01
N ASP A 119 26.96 2.44 19.64
CA ASP A 119 26.09 3.49 19.16
C ASP A 119 25.64 3.47 17.73
N VAL A 120 25.24 2.30 17.24
CA VAL A 120 24.75 2.15 15.88
C VAL A 120 23.25 1.93 16.10
N PRO A 121 22.38 2.88 15.66
CA PRO A 121 20.93 2.83 15.82
C PRO A 121 20.09 1.73 15.14
N PHE A 122 20.37 0.48 15.46
CA PHE A 122 19.61 -0.63 14.91
C PHE A 122 19.23 -1.58 16.04
N GLY A 123 18.13 -2.29 15.86
CA GLY A 123 17.76 -3.28 16.84
C GLY A 123 18.55 -4.52 16.38
N GLY A 124 18.60 -5.58 17.18
CA GLY A 124 19.34 -6.73 16.73
C GLY A 124 18.48 -7.70 15.97
N ALA A 125 19.09 -8.50 15.12
CA ALA A 125 18.34 -9.48 14.36
C ALA A 125 19.37 -10.48 13.84
N LYS A 126 18.93 -11.63 13.39
CA LYS A 126 19.87 -12.60 12.86
C LYS A 126 19.15 -13.60 11.97
N ALA A 127 19.80 -14.06 10.92
CA ALA A 127 19.18 -15.02 10.03
C ALA A 127 20.02 -16.27 9.93
N GLY A 128 19.39 -17.38 9.53
CA GLY A 128 20.13 -18.61 9.42
C GLY A 128 19.48 -19.63 8.53
N VAL A 129 20.10 -19.95 7.42
CA VAL A 129 19.57 -20.98 6.57
C VAL A 129 20.31 -22.22 7.10
N LYS A 130 19.71 -23.41 7.04
CA LYS A 130 20.38 -24.59 7.58
C LYS A 130 21.01 -25.48 6.53
N ILE A 131 21.96 -24.96 5.78
CA ILE A 131 22.60 -25.75 4.76
C ILE A 131 24.11 -25.70 4.94
N ASN A 132 24.82 -26.53 4.19
CA ASN A 132 26.25 -26.56 4.21
C ASN A 132 26.61 -26.18 2.79
N PRO A 133 26.86 -24.90 2.55
CA PRO A 133 27.20 -24.29 1.27
C PRO A 133 28.13 -25.05 0.36
N LYS A 134 28.86 -26.02 0.92
CA LYS A 134 29.78 -26.79 0.11
C LYS A 134 29.09 -27.97 -0.59
N ASN A 135 27.83 -28.23 -0.27
CA ASN A 135 27.15 -29.34 -0.90
C ASN A 135 26.33 -28.90 -2.08
N TYR A 136 25.88 -27.64 -2.06
CA TYR A 136 25.06 -27.14 -3.16
C TYR A 136 25.94 -26.48 -4.21
N THR A 137 25.47 -26.50 -5.44
CA THR A 137 26.23 -25.86 -6.51
C THR A 137 26.05 -24.37 -6.30
N ASP A 138 26.90 -23.59 -6.98
CA ASP A 138 26.85 -22.14 -6.88
C ASP A 138 25.47 -21.62 -7.34
N GLU A 139 24.76 -22.43 -8.10
CA GLU A 139 23.44 -22.06 -8.61
C GLU A 139 22.34 -22.47 -7.65
N ASP A 140 22.57 -23.57 -6.94
CA ASP A 140 21.61 -24.06 -5.95
C ASP A 140 21.54 -22.87 -4.98
N LEU A 141 22.70 -22.38 -4.59
CA LEU A 141 22.81 -21.26 -3.66
C LEU A 141 22.11 -20.00 -4.12
N GLU A 142 22.14 -19.69 -5.40
CA GLU A 142 21.43 -18.48 -5.79
C GLU A 142 19.94 -18.71 -5.50
N LYS A 143 19.40 -19.83 -6.02
CA LYS A 143 18.00 -20.19 -5.88
C LYS A 143 17.55 -20.16 -4.44
N ILE A 144 18.41 -20.67 -3.57
CA ILE A 144 18.13 -20.74 -2.14
C ILE A 144 18.09 -19.36 -1.50
N THR A 145 19.11 -18.54 -1.76
CA THR A 145 19.16 -17.22 -1.17
C THR A 145 18.20 -16.21 -1.83
N ARG A 146 17.84 -16.44 -3.09
CA ARG A 146 16.92 -15.54 -3.73
C ARG A 146 15.54 -15.89 -3.22
N ARG A 147 15.28 -17.19 -3.09
CA ARG A 147 14.01 -17.69 -2.57
C ARG A 147 13.82 -17.37 -1.10
N PHE A 148 14.91 -17.37 -0.35
CA PHE A 148 14.89 -17.06 1.08
C PHE A 148 14.57 -15.57 1.24
N THR A 149 15.09 -14.72 0.34
CA THR A 149 14.85 -13.29 0.41
C THR A 149 13.40 -12.99 0.17
N MET A 150 12.78 -13.75 -0.73
CA MET A 150 11.38 -13.58 -1.06
C MET A 150 10.51 -13.96 0.14
N GLU A 151 10.86 -15.06 0.78
CA GLU A 151 10.09 -15.53 1.92
C GLU A 151 10.14 -14.62 3.11
N LEU A 152 11.33 -14.14 3.44
CA LEU A 152 11.50 -13.22 4.54
C LEU A 152 10.76 -11.91 4.20
N ALA A 153 10.88 -11.52 2.92
CA ALA A 153 10.25 -10.33 2.41
C ALA A 153 8.75 -10.26 2.69
N LYS A 154 8.03 -11.33 2.43
CA LYS A 154 6.60 -11.30 2.64
C LYS A 154 6.08 -11.57 4.04
N LYS A 155 6.91 -11.34 5.05
CA LYS A 155 6.50 -11.58 6.43
C LYS A 155 7.07 -10.49 7.31
N GLY A 156 7.75 -9.54 6.67
CA GLY A 156 8.30 -8.41 7.39
C GLY A 156 9.69 -8.63 7.93
N PHE A 157 10.38 -9.62 7.38
CA PHE A 157 11.70 -9.90 7.89
C PHE A 157 12.86 -9.48 6.99
N ILE A 158 12.68 -8.39 6.28
CA ILE A 158 13.72 -7.81 5.43
C ILE A 158 13.17 -6.61 4.69
N GLY A 159 13.94 -5.54 4.66
CA GLY A 159 13.50 -4.34 3.98
C GLY A 159 14.21 -3.19 4.66
N PRO A 160 14.55 -2.14 3.92
CA PRO A 160 15.25 -0.96 4.41
C PRO A 160 14.72 -0.40 5.71
N GLY A 161 13.46 -0.64 6.03
CA GLY A 161 12.96 -0.02 7.25
C GLY A 161 12.62 -0.89 8.41
N VAL A 162 12.59 -2.22 8.22
CA VAL A 162 12.26 -3.20 9.29
C VAL A 162 13.46 -4.00 9.79
N ASP A 163 14.09 -4.69 8.83
CA ASP A 163 15.19 -5.58 9.11
C ASP A 163 16.14 -5.47 7.94
N VAL A 164 17.44 -5.34 8.22
CA VAL A 164 18.45 -5.22 7.17
C VAL A 164 19.51 -6.28 7.34
N PRO A 165 19.40 -7.42 6.61
CA PRO A 165 20.39 -8.51 6.69
C PRO A 165 21.81 -8.11 6.23
N ALA A 166 22.80 -8.88 6.64
CA ALA A 166 24.18 -8.61 6.27
C ALA A 166 24.91 -9.94 6.29
N PRO A 167 26.24 -9.96 5.98
CA PRO A 167 26.93 -11.25 6.00
C PRO A 167 27.24 -11.84 7.36
N ASN A 168 27.58 -13.13 7.34
CA ASN A 168 28.01 -13.87 8.52
C ASN A 168 28.70 -15.14 8.03
N MET A 169 28.68 -16.22 8.81
CA MET A 169 29.33 -17.45 8.37
C MET A 169 28.76 -18.04 7.07
N SER A 170 29.66 -18.24 6.11
CA SER A 170 29.33 -18.77 4.82
C SER A 170 28.41 -17.94 3.92
N THR A 171 28.41 -16.63 4.14
CA THR A 171 27.64 -15.69 3.30
C THR A 171 28.56 -14.48 3.12
N GLY A 172 28.51 -13.84 1.95
CA GLY A 172 29.37 -12.69 1.70
C GLY A 172 28.75 -11.76 0.67
N GLU A 173 29.52 -10.81 0.16
CA GLU A 173 28.98 -9.85 -0.81
C GLU A 173 28.21 -10.47 -1.96
N ARG A 174 28.47 -11.74 -2.22
CA ARG A 174 27.76 -12.44 -3.30
C ARG A 174 26.27 -12.61 -2.98
N GLU A 175 25.98 -13.30 -1.87
CA GLU A 175 24.60 -13.51 -1.48
C GLU A 175 23.95 -12.17 -1.13
N MET A 176 24.73 -11.21 -0.63
CA MET A 176 24.21 -9.90 -0.32
C MET A 176 23.82 -9.22 -1.64
N SER A 177 24.47 -9.59 -2.73
CA SER A 177 24.11 -9.02 -4.01
C SER A 177 22.81 -9.67 -4.49
N TRP A 178 22.72 -10.99 -4.28
CA TRP A 178 21.53 -11.75 -4.68
C TRP A 178 20.31 -11.26 -3.94
N ILE A 179 20.45 -11.15 -2.63
CA ILE A 179 19.37 -10.70 -1.80
C ILE A 179 18.87 -9.35 -2.28
N ALA A 180 19.77 -8.38 -2.41
CA ALA A 180 19.37 -7.04 -2.84
C ALA A 180 18.71 -6.98 -4.20
N ASP A 181 19.14 -7.85 -5.12
CA ASP A 181 18.54 -7.86 -6.46
C ASP A 181 17.15 -8.49 -6.56
N THR A 182 16.83 -9.44 -5.70
CA THR A 182 15.49 -10.01 -5.74
C THR A 182 14.56 -9.15 -4.89
N TYR A 183 15.13 -8.45 -3.89
CA TYR A 183 14.29 -7.58 -3.08
C TYR A 183 13.93 -6.35 -3.93
N ALA A 184 14.95 -5.67 -4.46
CA ALA A 184 14.71 -4.51 -5.28
C ALA A 184 14.00 -4.76 -6.62
N SER A 185 13.96 -5.98 -7.08
CA SER A 185 13.26 -6.26 -8.35
C SER A 185 11.86 -6.78 -8.03
N THR A 186 11.63 -7.04 -6.76
CA THR A 186 10.34 -7.52 -6.31
C THR A 186 9.65 -6.43 -5.47
N ILE A 187 9.57 -6.59 -4.15
CA ILE A 187 8.87 -5.61 -3.32
C ILE A 187 9.34 -4.19 -3.47
N GLY A 188 10.63 -3.98 -3.30
CA GLY A 188 11.16 -2.64 -3.39
C GLY A 188 11.22 -2.05 -4.78
N HIS A 189 10.41 -2.51 -5.71
CA HIS A 189 10.47 -1.95 -7.06
C HIS A 189 10.18 -0.46 -7.04
N TYR A 190 9.41 -0.01 -6.06
CA TYR A 190 9.12 1.39 -6.02
C TYR A 190 9.76 2.09 -4.85
N ASP A 191 10.50 1.35 -4.02
CA ASP A 191 11.18 1.85 -2.82
C ASP A 191 12.36 2.69 -3.26
N ILE A 192 12.42 3.94 -2.80
CA ILE A 192 13.55 4.80 -3.18
C ILE A 192 14.79 4.28 -2.45
N ASN A 193 14.57 3.50 -1.40
CA ASN A 193 15.64 2.87 -0.63
C ASN A 193 15.64 1.35 -0.88
N ALA A 194 15.18 0.90 -2.04
CA ALA A 194 15.14 -0.52 -2.38
C ALA A 194 16.42 -1.26 -2.08
N HIS A 195 17.57 -0.65 -2.33
CA HIS A 195 18.84 -1.33 -2.08
C HIS A 195 19.48 -1.21 -0.68
N ALA A 196 18.79 -0.65 0.29
CA ALA A 196 19.38 -0.57 1.62
C ALA A 196 18.80 -1.70 2.46
N CYS A 197 18.05 -2.58 1.80
CA CYS A 197 17.42 -3.74 2.45
C CYS A 197 18.46 -4.67 3.03
N VAL A 198 19.67 -4.62 2.47
CA VAL A 198 20.78 -5.46 2.92
C VAL A 198 22.06 -4.64 2.88
N THR A 199 23.05 -5.04 3.66
CA THR A 199 24.35 -4.37 3.67
C THR A 199 25.44 -5.42 3.49
N GLY A 200 26.68 -4.98 3.23
CA GLY A 200 27.74 -5.94 3.00
C GLY A 200 27.72 -6.38 1.54
N LYS A 201 26.93 -5.69 0.71
CA LYS A 201 26.83 -6.02 -0.70
C LYS A 201 28.04 -5.51 -1.50
N PRO A 202 28.29 -6.06 -2.69
CA PRO A 202 29.43 -5.64 -3.50
C PRO A 202 29.39 -4.15 -3.79
N ILE A 203 30.54 -3.57 -4.17
CA ILE A 203 30.65 -2.14 -4.47
C ILE A 203 29.79 -1.76 -5.68
N SER A 204 29.82 -2.61 -6.71
CA SER A 204 29.07 -2.35 -7.94
C SER A 204 27.55 -2.40 -7.70
N GLN A 205 27.16 -2.91 -6.53
CA GLN A 205 25.77 -3.05 -6.20
C GLN A 205 25.35 -2.02 -5.15
N GLY A 206 26.30 -1.23 -4.68
CA GLY A 206 25.95 -0.22 -3.69
C GLY A 206 26.66 -0.45 -2.37
N GLY A 207 27.80 -1.10 -2.45
CA GLY A 207 28.56 -1.40 -1.26
C GLY A 207 29.35 -0.21 -0.84
N ILE A 208 30.19 -0.39 0.15
CA ILE A 208 31.02 0.69 0.66
C ILE A 208 32.40 0.11 0.88
N HIS A 209 33.43 0.90 0.58
CA HIS A 209 34.80 0.47 0.76
C HIS A 209 35.21 0.26 2.22
N GLY A 210 35.61 -0.98 2.51
CA GLY A 210 36.05 -1.29 3.85
C GLY A 210 35.11 -2.19 4.59
N ARG A 211 34.07 -2.68 3.94
CA ARG A 211 33.13 -3.55 4.64
C ARG A 211 33.69 -4.97 4.78
N ILE A 212 34.41 -5.44 3.78
CA ILE A 212 34.97 -6.77 3.85
C ILE A 212 35.96 -6.83 5.00
N SER A 213 36.85 -5.85 5.03
CA SER A 213 37.87 -5.75 6.05
C SER A 213 37.37 -5.15 7.36
N ALA A 214 36.19 -4.58 7.33
CA ALA A 214 35.63 -3.90 8.48
C ALA A 214 35.69 -4.61 9.83
N THR A 215 35.17 -5.82 9.88
CA THR A 215 35.17 -6.51 11.16
C THR A 215 36.59 -6.78 11.67
N GLY A 216 37.48 -7.12 10.74
CA GLY A 216 38.85 -7.38 11.11
C GLY A 216 39.51 -6.12 11.62
N ARG A 217 39.39 -5.05 10.84
CA ARG A 217 39.95 -3.76 11.19
C ARG A 217 39.39 -3.31 12.55
N GLY A 218 38.16 -3.73 12.84
CA GLY A 218 37.54 -3.38 14.09
C GLY A 218 38.13 -4.22 15.21
N VAL A 219 38.35 -5.51 14.93
CA VAL A 219 38.95 -6.42 15.89
C VAL A 219 40.31 -5.83 16.25
N PHE A 220 41.00 -5.34 15.23
CA PHE A 220 42.32 -4.72 15.42
C PHE A 220 42.23 -3.50 16.32
N HIS A 221 41.36 -2.58 15.96
CA HIS A 221 41.18 -1.37 16.76
C HIS A 221 40.72 -1.74 18.17
N GLY A 222 39.91 -2.78 18.29
CA GLY A 222 39.41 -3.16 19.59
C GLY A 222 40.59 -3.49 20.46
N ILE A 223 41.50 -4.32 19.94
CA ILE A 223 42.68 -4.73 20.67
C ILE A 223 43.56 -3.56 21.05
N GLU A 224 44.01 -2.78 20.07
CA GLU A 224 44.88 -1.61 20.31
C GLU A 224 44.39 -0.74 21.46
N ASN A 225 43.13 -0.30 21.41
CA ASN A 225 42.58 0.52 22.48
C ASN A 225 42.83 -0.07 23.87
N PHE A 226 43.03 -1.39 23.91
CA PHE A 226 43.29 -2.12 25.15
C PHE A 226 44.73 -2.62 25.30
N ILE A 227 45.38 -2.95 24.20
CA ILE A 227 46.75 -3.45 24.28
C ILE A 227 47.76 -2.31 24.49
N GLU A 228 47.28 -1.07 24.46
CA GLU A 228 48.17 0.09 24.64
C GLU A 228 47.83 0.90 25.91
N ASN A 229 47.07 0.31 26.83
CA ASN A 229 46.77 1.06 28.04
C ASN A 229 47.41 0.29 29.16
N ALA A 230 48.73 0.50 29.27
CA ALA A 230 49.63 -0.12 30.27
C ALA A 230 48.85 -0.74 31.40
N SER A 231 48.23 0.13 32.18
CA SER A 231 47.37 -0.25 33.29
C SER A 231 46.79 -1.64 33.11
N TYR A 232 46.03 -1.85 32.01
CA TYR A 232 45.45 -3.16 31.70
C TYR A 232 46.53 -4.17 31.40
N MET A 233 47.35 -3.90 30.37
CA MET A 233 48.45 -4.78 29.97
C MET A 233 49.42 -5.08 31.13
N SER A 234 49.38 -4.26 32.17
CA SER A 234 50.24 -4.44 33.33
C SER A 234 49.68 -5.58 34.14
N ILE A 235 48.36 -5.61 34.30
CA ILE A 235 47.71 -6.70 35.03
C ILE A 235 48.01 -7.92 34.15
N LEU A 236 47.99 -7.71 32.84
CA LEU A 236 48.28 -8.75 31.87
C LEU A 236 49.72 -9.21 32.06
N GLY A 237 50.51 -8.36 32.69
CA GLY A 237 51.90 -8.69 32.91
C GLY A 237 52.46 -8.82 31.51
N MET A 238 52.22 -7.78 30.72
CA MET A 238 52.66 -7.72 29.35
C MET A 238 53.08 -6.29 29.11
N THR A 239 53.58 -6.07 27.90
CA THR A 239 54.04 -4.76 27.46
C THR A 239 52.98 -4.07 26.57
N PRO A 240 53.20 -2.81 26.20
CA PRO A 240 52.25 -2.11 25.34
C PRO A 240 52.66 -2.37 23.90
N GLY A 241 51.68 -2.55 23.01
CA GLY A 241 51.97 -2.74 21.59
C GLY A 241 52.00 -4.11 20.90
N PHE A 242 51.42 -4.16 19.70
CA PHE A 242 51.38 -5.38 18.91
C PHE A 242 52.77 -5.74 18.44
N GLY A 243 53.56 -4.70 18.21
CA GLY A 243 54.92 -4.85 17.73
C GLY A 243 55.80 -5.93 18.30
N ASP A 244 55.62 -6.26 19.58
CA ASP A 244 56.44 -7.30 20.21
C ASP A 244 55.56 -8.45 20.59
N LYS A 245 54.28 -8.36 20.25
CA LYS A 245 53.34 -9.41 20.58
C LYS A 245 53.24 -10.54 19.53
N THR A 246 52.40 -11.52 19.86
CA THR A 246 52.21 -12.68 19.01
C THR A 246 50.76 -13.14 19.22
N PHE A 247 50.15 -13.68 18.18
CA PHE A 247 48.76 -14.13 18.23
C PHE A 247 48.50 -15.32 17.30
N ALA A 248 47.41 -16.03 17.61
CA ALA A 248 46.94 -17.19 16.84
C ALA A 248 45.41 -17.03 16.63
N VAL A 249 44.99 -17.07 15.37
CA VAL A 249 43.58 -16.91 15.01
C VAL A 249 42.89 -18.24 14.65
N GLN A 250 41.69 -18.46 15.18
CA GLN A 250 40.89 -19.65 14.89
C GLN A 250 39.98 -19.25 13.71
N GLY A 251 39.79 -20.13 12.74
CA GLY A 251 38.97 -19.77 11.60
C GLY A 251 39.72 -18.77 10.75
N PHE A 252 39.88 -19.07 9.48
CA PHE A 252 40.60 -18.21 8.55
C PHE A 252 39.60 -17.71 7.51
N GLY A 253 38.50 -17.14 8.00
CA GLY A 253 37.46 -16.59 7.12
C GLY A 253 37.46 -15.08 7.02
N ASN A 254 36.27 -14.48 7.03
CA ASN A 254 36.22 -13.04 6.89
C ASN A 254 36.90 -12.32 8.04
N VAL A 255 36.30 -12.33 9.23
CA VAL A 255 36.92 -11.65 10.35
C VAL A 255 38.29 -12.21 10.65
N GLY A 256 38.43 -13.53 10.53
CA GLY A 256 39.70 -14.17 10.79
C GLY A 256 40.85 -13.64 9.95
N LEU A 257 40.77 -13.84 8.64
CA LEU A 257 41.80 -13.40 7.73
C LEU A 257 42.20 -11.99 8.04
N HIS A 258 41.31 -11.02 7.74
CA HIS A 258 41.56 -9.59 7.94
C HIS A 258 42.01 -9.15 9.30
N SER A 259 41.57 -9.84 10.36
CA SER A 259 42.03 -9.50 11.70
C SER A 259 43.54 -9.75 11.70
N MET A 260 43.93 -10.88 11.16
CA MET A 260 45.32 -11.28 11.04
C MET A 260 46.03 -10.27 10.12
N ARG A 261 45.37 -9.84 9.07
CA ARG A 261 45.94 -8.88 8.15
C ARG A 261 46.34 -7.61 8.92
N TYR A 262 45.41 -7.05 9.68
CA TYR A 262 45.67 -5.81 10.39
C TYR A 262 46.68 -5.92 11.52
N LEU A 263 46.54 -6.91 12.39
CA LEU A 263 47.50 -7.08 13.50
C LEU A 263 48.92 -7.20 12.93
N HIS A 264 49.08 -8.05 11.94
CA HIS A 264 50.35 -8.27 11.31
C HIS A 264 50.92 -6.93 10.87
N ARG A 265 50.13 -6.16 10.12
CA ARG A 265 50.58 -4.85 9.65
C ARG A 265 51.15 -3.99 10.82
N PHE A 266 50.64 -4.16 12.04
CA PHE A 266 51.14 -3.37 13.17
C PHE A 266 52.14 -4.12 14.06
N GLY A 267 53.01 -4.83 13.36
CA GLY A 267 54.07 -5.58 14.02
C GLY A 267 53.73 -6.79 14.82
N ALA A 268 52.45 -7.10 15.07
CA ALA A 268 52.14 -8.31 15.85
C ALA A 268 52.55 -9.55 15.03
N LYS A 269 52.84 -10.64 15.73
CA LYS A 269 53.28 -11.87 15.08
C LYS A 269 52.29 -13.03 15.10
N CYS A 270 51.83 -13.46 13.91
CA CYS A 270 50.88 -14.57 13.82
C CYS A 270 51.58 -15.94 13.71
N VAL A 271 51.75 -16.56 14.88
CA VAL A 271 52.37 -17.85 15.01
C VAL A 271 51.48 -19.03 14.59
N ALA A 272 50.15 -18.90 14.68
CA ALA A 272 49.26 -20.02 14.31
C ALA A 272 47.92 -19.63 13.68
N VAL A 273 47.35 -20.55 12.91
CA VAL A 273 46.07 -20.35 12.22
C VAL A 273 45.23 -21.65 12.25
N GLY A 274 44.03 -21.59 12.82
CA GLY A 274 43.16 -22.75 12.86
C GLY A 274 42.07 -22.73 11.79
N GLU A 275 41.73 -23.90 11.24
CA GLU A 275 40.69 -23.98 10.21
C GLU A 275 39.81 -25.17 10.46
N SER A 276 38.57 -25.09 9.98
CA SER A 276 37.56 -26.17 10.15
C SER A 276 38.22 -27.55 10.04
N ASP A 277 39.10 -27.69 9.04
CA ASP A 277 39.81 -28.93 8.80
C ASP A 277 41.21 -29.08 9.42
N GLY A 278 41.91 -27.97 9.69
CA GLY A 278 43.24 -28.10 10.30
C GLY A 278 44.02 -26.89 10.80
N SER A 279 45.10 -27.14 11.53
CA SER A 279 45.95 -26.09 12.05
C SER A 279 47.33 -25.91 11.38
N ILE A 280 47.92 -24.74 11.60
CA ILE A 280 49.22 -24.38 11.08
C ILE A 280 49.95 -23.69 12.22
N TRP A 281 51.28 -23.57 12.15
CA TRP A 281 52.00 -22.97 13.29
C TRP A 281 53.35 -22.22 13.21
N ASN A 282 53.95 -22.09 12.03
CA ASN A 282 55.25 -21.38 11.94
C ASN A 282 55.57 -20.30 13.01
N PRO A 283 56.45 -20.62 13.98
CA PRO A 283 56.86 -19.72 15.07
C PRO A 283 57.51 -18.46 14.51
N ASP A 284 58.10 -18.61 13.34
CA ASP A 284 58.74 -17.49 12.69
C ASP A 284 57.66 -16.63 12.03
N GLY A 285 56.41 -16.97 12.33
CA GLY A 285 55.28 -16.24 11.83
C GLY A 285 54.83 -16.54 10.42
N ILE A 286 53.51 -16.47 10.22
CA ILE A 286 52.94 -16.69 8.91
C ILE A 286 52.56 -15.31 8.32
N ASP A 287 52.64 -15.19 7.00
CA ASP A 287 52.31 -13.96 6.30
C ASP A 287 50.85 -13.99 5.80
N PRO A 288 49.98 -13.10 6.31
CA PRO A 288 48.56 -13.03 5.91
C PRO A 288 48.31 -13.10 4.42
N LYS A 289 49.12 -12.42 3.59
CA LYS A 289 48.90 -12.52 2.16
C LYS A 289 49.21 -13.93 1.73
N GLU A 290 50.48 -14.34 1.88
CA GLU A 290 50.94 -15.69 1.49
C GLU A 290 49.90 -16.77 1.82
N LEU A 291 49.51 -16.80 3.09
CA LEU A 291 48.55 -17.73 3.61
C LEU A 291 47.25 -17.59 2.83
N GLU A 292 46.75 -16.36 2.68
CA GLU A 292 45.49 -16.16 1.96
C GLU A 292 45.58 -16.65 0.52
N ASP A 293 46.66 -16.29 -0.16
CA ASP A 293 46.86 -16.71 -1.54
C ASP A 293 46.77 -18.23 -1.64
N PHE A 294 47.49 -18.90 -0.75
CA PHE A 294 47.51 -20.36 -0.70
C PHE A 294 46.08 -20.88 -0.49
N LYS A 295 45.39 -20.30 0.50
CA LYS A 295 44.02 -20.67 0.81
C LYS A 295 43.14 -20.48 -0.45
N LEU A 296 43.38 -19.39 -1.15
CA LEU A 296 42.65 -19.06 -2.37
C LEU A 296 42.78 -20.08 -3.48
N GLN A 297 43.99 -20.60 -3.65
CA GLN A 297 44.21 -21.60 -4.71
C GLN A 297 44.22 -23.06 -4.23
N HIS A 298 43.91 -23.28 -2.95
CA HIS A 298 43.89 -24.60 -2.39
C HIS A 298 42.64 -24.86 -1.60
N GLY A 299 41.76 -23.86 -1.51
CA GLY A 299 40.53 -24.06 -0.75
C GLY A 299 40.92 -24.67 0.59
N THR A 300 42.11 -24.29 1.05
CA THR A 300 42.63 -24.76 2.31
C THR A 300 43.99 -24.13 2.58
N ILE A 301 44.31 -24.07 3.87
CA ILE A 301 45.59 -23.55 4.35
C ILE A 301 46.46 -24.79 4.60
N LEU A 302 45.80 -25.95 4.78
CA LEU A 302 46.53 -27.18 5.05
C LEU A 302 47.61 -27.51 4.05
N GLY A 303 48.84 -27.54 4.55
CA GLY A 303 49.98 -27.84 3.71
C GLY A 303 50.63 -26.57 3.22
N PHE A 304 50.47 -25.49 4.01
CA PHE A 304 51.08 -24.21 3.64
C PHE A 304 52.59 -24.44 3.54
N PRO A 305 53.17 -24.12 2.37
CA PRO A 305 54.60 -24.31 2.19
C PRO A 305 55.48 -23.80 3.33
N LYS A 306 55.01 -22.84 4.12
CA LYS A 306 55.88 -22.33 5.17
C LYS A 306 55.47 -22.50 6.64
N ALA A 307 54.81 -23.61 6.97
CA ALA A 307 54.41 -23.89 8.35
C ALA A 307 53.95 -25.34 8.48
N LYS A 308 54.40 -25.99 9.54
CA LYS A 308 54.09 -27.42 9.81
C LYS A 308 52.67 -27.62 10.25
N ILE A 309 51.99 -28.61 9.67
CA ILE A 309 50.60 -28.87 10.05
C ILE A 309 50.54 -29.17 11.53
N TYR A 310 50.16 -28.17 12.31
CA TYR A 310 50.07 -28.26 13.74
C TYR A 310 48.87 -29.17 14.11
N GLU A 311 49.03 -29.91 15.21
CA GLU A 311 47.97 -30.77 15.68
C GLU A 311 47.81 -30.58 17.17
N GLY A 312 46.74 -29.91 17.54
CA GLY A 312 46.47 -29.69 18.95
C GLY A 312 45.17 -28.92 19.00
N SER A 313 45.13 -27.91 19.85
CA SER A 313 43.97 -27.04 19.95
C SER A 313 44.53 -25.71 19.49
N ILE A 314 44.02 -25.18 18.38
CA ILE A 314 44.52 -23.88 17.95
C ILE A 314 44.26 -22.89 19.08
N LEU A 315 43.19 -23.13 19.83
CA LEU A 315 42.83 -22.27 20.95
C LEU A 315 43.83 -22.38 22.10
N GLU A 316 44.43 -23.55 22.23
CA GLU A 316 45.42 -23.79 23.29
C GLU A 316 46.81 -23.28 22.91
N VAL A 317 46.93 -22.67 21.73
CA VAL A 317 48.23 -22.17 21.28
C VAL A 317 48.89 -21.11 22.18
N ASP A 318 50.20 -21.23 22.29
CA ASP A 318 51.00 -20.30 23.08
C ASP A 318 51.20 -19.04 22.24
N CYS A 319 50.52 -17.98 22.63
CA CYS A 319 50.59 -16.72 21.94
C CYS A 319 49.90 -15.69 22.82
N ASP A 320 50.38 -14.44 22.75
CA ASP A 320 49.82 -13.37 23.55
C ASP A 320 48.31 -13.19 23.37
N ILE A 321 47.87 -13.23 22.12
CA ILE A 321 46.47 -13.03 21.83
C ILE A 321 45.92 -14.18 21.01
N LEU A 322 44.74 -14.64 21.41
CA LEU A 322 44.03 -15.67 20.70
C LEU A 322 42.80 -14.91 20.20
N ILE A 323 42.52 -15.08 18.91
CA ILE A 323 41.39 -14.41 18.30
C ILE A 323 40.46 -15.45 17.74
N PRO A 324 39.41 -15.84 18.49
CA PRO A 324 38.47 -16.83 17.97
C PRO A 324 37.73 -16.15 16.81
N ALA A 325 37.75 -16.77 15.64
CA ALA A 325 37.11 -16.18 14.46
C ALA A 325 36.25 -17.19 13.70
N ALA A 326 35.47 -17.99 14.42
CA ALA A 326 34.61 -19.00 13.80
C ALA A 326 33.36 -19.28 14.69
N SER A 327 32.80 -20.48 14.59
CA SER A 327 31.64 -20.91 15.39
C SER A 327 31.72 -20.49 16.87
N GLU A 328 30.57 -20.40 17.52
CA GLU A 328 30.52 -19.96 18.93
C GLU A 328 30.91 -21.03 19.93
N LYS A 329 30.94 -20.62 21.21
CA LYS A 329 31.29 -21.48 22.35
C LYS A 329 32.48 -22.42 22.18
N GLN A 330 33.65 -21.88 21.83
CA GLN A 330 34.88 -22.65 21.64
C GLN A 330 35.78 -22.69 22.90
N LEU A 331 35.95 -21.56 23.57
CA LEU A 331 36.73 -21.54 24.80
C LEU A 331 35.74 -21.89 25.90
N THR A 332 35.59 -23.18 26.15
CA THR A 332 34.68 -23.64 27.18
C THR A 332 35.47 -23.90 28.44
N LYS A 333 34.76 -24.29 29.49
CA LYS A 333 35.36 -24.59 30.80
C LYS A 333 36.43 -25.69 30.72
N SER A 334 36.29 -26.57 29.72
CA SER A 334 37.19 -27.68 29.52
C SER A 334 38.47 -27.39 28.75
N ASN A 335 38.74 -26.11 28.43
CA ASN A 335 39.97 -25.76 27.69
C ASN A 335 40.43 -24.38 28.07
N ALA A 336 39.53 -23.66 28.74
CA ALA A 336 39.82 -22.30 29.21
C ALA A 336 41.10 -22.33 30.05
N PRO A 337 41.16 -23.24 31.05
CA PRO A 337 42.31 -23.40 31.94
C PRO A 337 43.68 -23.62 31.27
N ARG A 338 43.73 -23.68 29.95
CA ARG A 338 45.00 -23.87 29.28
C ARG A 338 45.10 -23.15 27.92
N VAL A 339 44.33 -22.09 27.73
CA VAL A 339 44.38 -21.37 26.45
C VAL A 339 45.70 -20.65 26.25
N LYS A 340 46.42 -20.43 27.35
CA LYS A 340 47.70 -19.72 27.38
C LYS A 340 47.90 -18.45 26.51
N ALA A 341 46.87 -17.62 26.41
CA ALA A 341 47.02 -16.38 25.68
C ALA A 341 46.59 -15.34 26.69
N LYS A 342 47.31 -14.22 26.74
CA LYS A 342 46.98 -13.16 27.68
C LYS A 342 45.70 -12.39 27.31
N ILE A 343 45.50 -12.23 26.00
CA ILE A 343 44.35 -11.52 25.47
C ILE A 343 43.52 -12.40 24.57
N ILE A 344 42.22 -12.40 24.81
CA ILE A 344 41.31 -13.15 23.98
C ILE A 344 40.51 -12.10 23.24
N ALA A 345 40.76 -12.01 21.94
CA ALA A 345 40.08 -11.08 21.06
C ALA A 345 38.88 -11.84 20.48
N GLU A 346 37.70 -11.62 21.07
CA GLU A 346 36.49 -12.25 20.61
C GLU A 346 35.97 -11.67 19.29
N GLY A 347 36.56 -12.12 18.18
CA GLY A 347 36.14 -11.67 16.87
C GLY A 347 34.89 -12.39 16.43
N ALA A 348 34.72 -13.62 16.89
CA ALA A 348 33.55 -14.41 16.59
C ALA A 348 32.47 -14.07 17.63
N ASN A 349 31.23 -14.45 17.33
CA ASN A 349 30.12 -14.19 18.26
C ASN A 349 30.07 -15.26 19.32
N GLY A 350 29.90 -14.83 20.56
CA GLY A 350 29.86 -15.76 21.68
C GLY A 350 30.83 -16.95 21.72
N PRO A 351 32.15 -16.73 21.55
CA PRO A 351 33.11 -17.84 21.60
C PRO A 351 33.39 -18.33 23.02
N THR A 352 33.38 -17.46 24.02
CA THR A 352 33.68 -17.94 25.37
C THR A 352 32.46 -18.05 26.27
N THR A 353 32.37 -19.23 26.89
CA THR A 353 31.30 -19.62 27.83
C THR A 353 31.45 -18.95 29.18
N PRO A 354 30.34 -18.77 29.90
CA PRO A 354 30.37 -18.13 31.23
C PRO A 354 31.44 -18.79 32.08
N GLN A 355 31.40 -20.12 32.15
CA GLN A 355 32.40 -20.89 32.92
C GLN A 355 33.81 -20.53 32.51
N ALA A 356 34.08 -20.60 31.21
CA ALA A 356 35.39 -20.26 30.68
C ALA A 356 35.74 -18.83 31.07
N ASP A 357 34.74 -17.95 31.06
CA ASP A 357 34.97 -16.58 31.44
C ASP A 357 35.50 -16.56 32.86
N LYS A 358 34.79 -17.25 33.74
CA LYS A 358 35.17 -17.31 35.14
C LYS A 358 36.64 -17.68 35.28
N ILE A 359 37.01 -18.76 34.59
CA ILE A 359 38.38 -19.25 34.60
C ILE A 359 39.28 -18.11 34.14
N PHE A 360 39.01 -17.57 32.95
CA PHE A 360 39.83 -16.49 32.41
C PHE A 360 40.02 -15.41 33.45
N LEU A 361 38.94 -15.08 34.16
CA LEU A 361 39.02 -14.06 35.20
C LEU A 361 40.03 -14.53 36.22
N GLU A 362 39.86 -15.76 36.70
CA GLU A 362 40.78 -16.35 37.69
C GLU A 362 42.22 -16.42 37.11
N ARG A 363 42.42 -17.12 36.00
CA ARG A 363 43.73 -17.19 35.36
C ARG A 363 44.22 -15.76 35.09
N ASN A 364 43.33 -14.78 35.26
CA ASN A 364 43.61 -13.38 35.06
C ASN A 364 43.87 -13.11 33.58
N ILE A 365 42.84 -13.37 32.78
CA ILE A 365 42.91 -13.19 31.34
C ILE A 365 41.86 -12.15 30.94
N MET A 366 42.25 -11.34 29.97
CA MET A 366 41.40 -10.31 29.47
C MET A 366 40.78 -10.85 28.18
N VAL A 367 39.45 -11.01 28.19
CA VAL A 367 38.72 -11.42 27.01
C VAL A 367 37.97 -10.17 26.57
N ILE A 368 38.36 -9.58 25.44
CA ILE A 368 37.67 -8.40 24.95
C ILE A 368 36.40 -8.95 24.33
N PRO A 369 35.24 -8.60 24.91
CA PRO A 369 33.91 -9.01 24.49
C PRO A 369 33.62 -8.84 23.00
N ASP A 370 32.99 -9.87 22.44
CA ASP A 370 32.62 -9.89 21.02
C ASP A 370 31.60 -8.77 20.83
N LEU A 371 30.89 -8.53 21.93
CA LEU A 371 29.85 -7.54 22.13
C LEU A 371 30.34 -6.10 21.85
N TYR A 372 31.66 -5.97 21.65
CA TYR A 372 32.32 -4.70 21.36
C TYR A 372 33.38 -4.88 20.26
N LEU A 373 34.14 -5.98 20.38
CA LEU A 373 35.22 -6.31 19.47
C LEU A 373 34.83 -6.54 18.00
N ASN A 374 33.73 -7.22 17.72
CA ASN A 374 33.32 -7.41 16.32
C ASN A 374 32.24 -6.41 15.86
N ALA A 375 32.14 -5.31 16.60
CA ALA A 375 31.21 -4.27 16.29
C ALA A 375 31.66 -3.51 15.06
N GLY A 376 32.85 -3.85 14.57
CA GLY A 376 33.40 -3.20 13.37
C GLY A 376 32.66 -3.53 12.09
N GLY A 377 31.91 -4.63 12.14
CA GLY A 377 31.09 -5.07 11.01
C GLY A 377 29.82 -4.24 10.92
N VAL A 378 29.08 -4.09 12.04
CA VAL A 378 27.84 -3.31 12.03
C VAL A 378 28.06 -1.84 11.84
N THR A 379 29.22 -1.34 12.27
CA THR A 379 29.54 0.06 12.10
C THR A 379 29.68 0.36 10.62
N VAL A 380 30.59 -0.32 9.93
CA VAL A 380 30.75 -0.07 8.51
C VAL A 380 29.48 -0.42 7.71
N SER A 381 28.72 -1.39 8.20
CA SER A 381 27.46 -1.79 7.58
C SER A 381 26.46 -0.65 7.76
N TYR A 382 26.62 0.09 8.86
CA TYR A 382 25.78 1.24 9.18
C TYR A 382 26.14 2.37 8.20
N PHE A 383 27.44 2.49 7.88
CA PHE A 383 27.95 3.49 6.95
C PHE A 383 27.54 3.15 5.54
N GLN A 384 27.08 1.90 5.32
CA GLN A 384 26.60 1.45 4.01
C GLN A 384 25.13 1.77 3.89
N ILE A 385 24.34 1.50 4.93
CA ILE A 385 22.92 1.83 4.86
C ILE A 385 22.88 3.36 4.74
N LEU A 386 23.64 4.04 5.60
CA LEU A 386 23.69 5.50 5.57
C LEU A 386 23.97 5.99 4.17
N LYS A 387 24.95 5.38 3.52
CA LYS A 387 25.36 5.73 2.16
C LYS A 387 24.21 5.56 1.20
N ASN A 388 23.57 4.41 1.29
CA ASN A 388 22.45 4.05 0.42
C ASN A 388 21.33 5.05 0.55
N LEU A 389 21.10 5.49 1.77
CA LEU A 389 20.08 6.47 2.00
C LEU A 389 20.47 7.79 1.30
N ASN A 390 21.71 8.24 1.53
CA ASN A 390 22.19 9.47 0.96
C ASN A 390 22.21 9.52 -0.57
N HIS A 391 22.25 8.37 -1.20
CA HIS A 391 22.27 8.27 -2.65
C HIS A 391 23.47 8.92 -3.35
N VAL A 392 24.52 9.18 -2.57
CA VAL A 392 25.75 9.79 -3.08
C VAL A 392 26.96 9.20 -2.40
N SER A 393 27.98 8.96 -3.22
CA SER A 393 29.24 8.43 -2.75
C SER A 393 29.89 9.60 -2.07
N TYR A 394 30.46 9.38 -0.90
CA TYR A 394 31.08 10.46 -0.15
C TYR A 394 32.10 11.27 -0.95
N GLY A 395 31.94 12.60 -0.85
CA GLY A 395 32.83 13.53 -1.52
C GLY A 395 32.42 14.08 -2.86
N ARG A 396 31.98 13.23 -3.78
CA ARG A 396 31.58 13.64 -5.12
C ARG A 396 31.04 15.06 -5.26
N LEU A 397 30.21 15.51 -4.32
CA LEU A 397 29.62 16.85 -4.38
C LEU A 397 30.53 17.98 -3.88
N THR A 398 31.42 17.68 -2.94
CA THR A 398 32.29 18.71 -2.39
C THR A 398 33.77 18.76 -2.77
N PHE A 399 34.41 17.64 -3.02
CA PHE A 399 35.84 17.59 -3.39
C PHE A 399 36.44 18.87 -3.99
N LYS A 400 35.85 19.34 -5.08
CA LYS A 400 36.36 20.56 -5.73
C LYS A 400 36.22 21.80 -4.83
N TYR A 401 35.01 22.09 -4.37
CA TYR A 401 34.82 23.23 -3.52
C TYR A 401 35.80 23.12 -2.36
N GLU A 402 35.79 21.96 -1.73
CA GLU A 402 36.67 21.65 -0.60
C GLU A 402 38.10 22.03 -0.90
N ARG A 403 38.60 21.57 -2.04
CA ARG A 403 39.98 21.85 -2.44
C ARG A 403 40.23 23.33 -2.69
N ASP A 404 39.50 23.92 -3.66
CA ASP A 404 39.63 25.34 -3.97
C ASP A 404 39.64 26.18 -2.68
N SER A 405 38.56 26.11 -1.94
CA SER A 405 38.45 26.83 -0.69
C SER A 405 39.70 26.64 0.14
N ASN A 406 40.13 25.39 0.32
CA ASN A 406 41.32 25.08 1.14
C ASN A 406 42.54 25.85 0.69
N TYR A 407 42.83 25.82 -0.61
CA TYR A 407 43.97 26.56 -1.16
C TYR A 407 43.82 28.05 -0.84
N HIS A 408 42.62 28.61 -1.05
CA HIS A 408 42.36 30.00 -0.74
C HIS A 408 42.69 30.24 0.73
N LEU A 409 42.22 29.39 1.63
CA LEU A 409 42.48 29.57 3.05
C LEU A 409 43.96 29.74 3.31
N LEU A 410 44.76 28.82 2.77
CA LEU A 410 46.19 28.90 2.98
C LEU A 410 46.66 30.20 2.40
N MET A 411 46.37 30.42 1.12
CA MET A 411 46.75 31.67 0.45
C MET A 411 46.36 32.93 1.22
N SER A 412 45.39 32.82 2.12
CA SER A 412 45.02 33.95 2.94
C SER A 412 46.19 34.15 3.89
N VAL A 413 46.45 33.20 4.80
CA VAL A 413 47.57 33.35 5.73
C VAL A 413 48.83 33.81 4.97
N GLN A 414 49.06 33.25 3.79
CA GLN A 414 50.22 33.64 2.98
C GLN A 414 50.26 35.13 2.81
N GLU A 415 49.38 35.66 1.96
CA GLU A 415 49.30 37.11 1.74
C GLU A 415 49.29 37.88 3.06
N SER A 416 48.59 37.34 4.05
CA SER A 416 48.51 37.97 5.36
C SER A 416 49.92 38.23 5.86
N LEU A 417 50.75 37.19 5.78
CA LEU A 417 52.13 37.30 6.24
C LEU A 417 52.94 38.26 5.36
N GLU A 418 52.84 38.09 4.03
CA GLU A 418 53.57 38.91 3.08
C GLU A 418 53.24 40.37 3.30
N ARG A 419 51.96 40.68 3.34
CA ARG A 419 51.52 42.07 3.52
C ARG A 419 52.27 42.75 4.70
N LYS A 420 52.51 42.03 5.78
CA LYS A 420 53.22 42.61 6.90
C LYS A 420 54.68 42.61 6.60
N PHE A 421 55.28 41.42 6.51
CA PHE A 421 56.71 41.29 6.21
C PHE A 421 57.05 41.58 4.73
N GLY A 422 56.34 42.56 4.16
CA GLY A 422 56.48 42.97 2.78
C GLY A 422 57.43 42.31 1.80
N LYS A 423 58.32 43.13 1.25
CA LYS A 423 59.30 42.68 0.26
C LYS A 423 60.44 41.84 0.80
N HIS A 424 60.76 42.00 2.09
CA HIS A 424 61.80 41.15 2.64
C HIS A 424 61.20 39.76 2.65
N GLY A 425 60.00 39.67 3.24
CA GLY A 425 59.28 38.42 3.29
C GLY A 425 59.16 38.06 1.83
N GLY A 426 58.89 39.10 1.02
CA GLY A 426 58.78 38.95 -0.41
C GLY A 426 57.81 37.82 -0.73
N THR A 427 58.33 36.60 -0.70
CA THR A 427 57.49 35.47 -0.95
C THR A 427 57.60 34.40 0.11
N ILE A 428 56.57 34.29 0.92
CA ILE A 428 56.48 33.23 1.91
C ILE A 428 55.39 32.29 1.37
N PRO A 429 55.80 31.25 0.63
CA PRO A 429 54.84 30.32 0.05
C PRO A 429 54.31 29.48 1.19
N ILE A 430 52.99 29.28 1.22
CA ILE A 430 52.37 28.45 2.22
C ILE A 430 51.91 27.23 1.45
N VAL A 431 52.45 26.07 1.82
CA VAL A 431 52.10 24.87 1.10
C VAL A 431 51.66 23.70 2.01
N PRO A 432 50.58 23.02 1.63
CA PRO A 432 50.16 21.91 2.46
C PRO A 432 51.30 20.87 2.51
N THR A 433 51.48 20.28 3.69
CA THR A 433 52.47 19.22 3.91
C THR A 433 52.06 18.07 2.99
N ALA A 434 52.81 16.98 3.06
CA ALA A 434 52.49 15.82 2.23
C ALA A 434 51.14 15.36 2.70
N GLU A 435 51.06 15.16 4.01
CA GLU A 435 49.85 14.69 4.67
C GLU A 435 48.63 15.52 4.34
N PHE A 436 48.69 16.81 4.64
CA PHE A 436 47.55 17.67 4.34
C PHE A 436 47.22 17.66 2.87
N GLN A 437 48.24 17.45 2.04
CA GLN A 437 48.04 17.43 0.61
C GLN A 437 47.06 16.33 0.28
N ASP A 438 47.28 15.16 0.86
CA ASP A 438 46.41 14.02 0.63
C ASP A 438 45.17 14.09 1.53
N ARG A 439 44.70 15.31 1.79
CA ARG A 439 43.53 15.57 2.61
C ARG A 439 42.94 16.89 2.15
N ILE A 440 43.61 17.51 1.19
CA ILE A 440 43.22 18.81 0.65
C ILE A 440 41.83 18.78 -0.01
N SER A 441 41.40 17.62 -0.48
CA SER A 441 40.07 17.56 -1.08
C SER A 441 38.99 17.11 -0.10
N GLY A 442 39.40 16.89 1.14
CA GLY A 442 38.45 16.44 2.16
C GLY A 442 38.36 14.91 2.13
N ALA A 443 37.62 14.35 3.09
CA ALA A 443 37.46 12.91 3.15
C ALA A 443 36.65 12.30 2.00
N SER A 444 37.02 11.06 1.69
CA SER A 444 36.37 10.30 0.64
C SER A 444 35.70 9.18 1.39
N GLU A 445 34.89 8.40 0.68
CA GLU A 445 34.17 7.27 1.29
C GLU A 445 35.11 6.40 2.14
N LYS A 446 36.33 6.17 1.63
CA LYS A 446 37.31 5.34 2.32
C LYS A 446 37.79 6.01 3.60
N ASP A 447 37.94 7.34 3.56
CA ASP A 447 38.39 8.14 4.70
C ASP A 447 37.33 8.04 5.78
N ILE A 448 36.09 8.35 5.42
CA ILE A 448 34.98 8.31 6.35
C ILE A 448 34.84 6.94 7.03
N VAL A 449 34.86 5.87 6.22
CA VAL A 449 34.74 4.53 6.78
C VAL A 449 35.83 4.29 7.80
N HIS A 450 37.08 4.38 7.37
CA HIS A 450 38.22 4.15 8.25
C HIS A 450 38.23 5.07 9.46
N SER A 451 38.38 6.37 9.20
CA SER A 451 38.40 7.38 10.25
C SER A 451 37.19 7.17 11.17
N GLY A 452 36.04 6.89 10.55
CA GLY A 452 34.79 6.70 11.27
C GLY A 452 34.73 5.51 12.20
N LEU A 453 35.16 4.36 11.69
CA LEU A 453 35.18 3.14 12.47
C LEU A 453 36.13 3.36 13.64
N ALA A 454 37.28 3.92 13.30
CA ALA A 454 38.33 4.22 14.26
C ALA A 454 37.82 5.06 15.44
N TYR A 455 37.04 6.08 15.13
CA TYR A 455 36.48 6.94 16.17
C TYR A 455 35.46 6.21 17.03
N THR A 456 34.60 5.41 16.38
CA THR A 456 33.55 4.71 17.12
C THR A 456 34.10 3.58 17.97
N MET A 457 35.13 2.92 17.44
CA MET A 457 35.73 1.81 18.16
C MET A 457 36.45 2.27 19.39
N GLU A 458 37.22 3.35 19.22
CA GLU A 458 37.99 3.92 20.30
C GLU A 458 37.10 4.53 21.37
N ARG A 459 35.97 5.07 20.95
CA ARG A 459 35.03 5.68 21.86
C ARG A 459 34.34 4.64 22.74
N SER A 460 33.81 3.59 22.10
CA SER A 460 33.10 2.56 22.85
C SER A 460 34.04 1.84 23.78
N ALA A 461 35.34 1.86 23.46
CA ALA A 461 36.36 1.25 24.31
C ALA A 461 36.45 2.02 25.65
N ARG A 462 36.76 3.31 25.56
CA ARG A 462 36.88 4.19 26.73
C ARG A 462 35.58 4.08 27.49
N GLN A 463 34.47 4.00 26.76
CA GLN A 463 33.14 3.89 27.35
C GLN A 463 33.13 2.62 28.24
N ILE A 464 33.74 1.54 27.72
CA ILE A 464 33.82 0.26 28.45
C ILE A 464 34.73 0.35 29.69
N MET A 465 35.88 1.01 29.51
CA MET A 465 36.84 1.18 30.60
C MET A 465 36.23 1.97 31.76
N ARG A 466 35.71 3.17 31.52
CA ARG A 466 35.11 3.93 32.60
C ARG A 466 34.16 3.05 33.39
N THR A 467 33.39 2.24 32.68
CA THR A 467 32.44 1.38 33.34
C THR A 467 33.15 0.28 34.11
N ALA A 468 34.19 -0.28 33.49
CA ALA A 468 34.96 -1.35 34.14
C ALA A 468 35.53 -0.81 35.45
N MET A 469 35.87 0.48 35.45
CA MET A 469 36.42 1.13 36.63
C MET A 469 35.33 1.39 37.67
N LYS A 470 34.42 2.31 37.36
CA LYS A 470 33.34 2.64 38.27
C LYS A 470 32.83 1.43 39.05
N TYR A 471 32.90 0.24 38.45
CA TYR A 471 32.41 -0.99 39.11
C TYR A 471 33.43 -2.08 39.51
N ASN A 472 34.73 -1.81 39.34
CA ASN A 472 35.78 -2.76 39.69
C ASN A 472 35.69 -4.06 38.91
N LEU A 473 35.25 -4.02 37.67
CA LEU A 473 35.16 -5.26 36.91
C LEU A 473 36.60 -5.71 36.64
N GLY A 474 37.48 -4.71 36.54
CA GLY A 474 38.88 -5.01 36.29
C GLY A 474 39.15 -5.57 34.91
N LEU A 475 39.32 -6.88 34.79
CA LEU A 475 39.55 -7.46 33.47
C LEU A 475 38.31 -8.22 33.02
N ASP A 476 37.16 -7.80 33.55
CA ASP A 476 35.88 -8.41 33.22
C ASP A 476 35.16 -7.41 32.33
N LEU A 477 35.84 -7.02 31.24
CA LEU A 477 35.36 -6.06 30.27
C LEU A 477 33.92 -6.29 29.79
N ARG A 478 33.56 -7.55 29.63
CA ARG A 478 32.23 -7.92 29.17
C ARG A 478 31.11 -7.33 29.95
N THR A 479 30.95 -7.77 31.19
CA THR A 479 29.83 -7.25 31.96
C THR A 479 29.82 -5.71 32.16
N ALA A 480 30.94 -5.06 31.83
CA ALA A 480 31.04 -3.62 31.89
C ALA A 480 30.33 -3.15 30.64
N ALA A 481 30.57 -3.87 29.55
CA ALA A 481 29.97 -3.57 28.27
C ALA A 481 28.45 -3.76 28.36
N TYR A 482 28.03 -4.86 28.98
CA TYR A 482 26.61 -5.15 29.10
C TYR A 482 25.97 -4.04 29.90
N VAL A 483 26.68 -3.59 30.93
CA VAL A 483 26.19 -2.48 31.76
C VAL A 483 25.85 -1.28 30.86
N ASN A 484 26.67 -1.03 29.86
CA ASN A 484 26.42 0.05 28.91
C ASN A 484 25.25 -0.34 28.03
N ALA A 485 25.42 -1.46 27.33
CA ALA A 485 24.43 -1.99 26.41
C ALA A 485 23.08 -2.10 27.08
N ILE A 486 23.06 -2.07 28.41
CA ILE A 486 21.81 -2.18 29.13
C ILE A 486 21.15 -0.86 29.48
N GLU A 487 21.91 0.19 29.73
CA GLU A 487 21.21 1.42 30.07
C GLU A 487 20.79 2.25 28.90
N LYS A 488 21.38 1.97 27.76
CA LYS A 488 21.00 2.69 26.55
C LYS A 488 19.70 2.00 26.12
N VAL A 489 19.80 0.67 25.95
CA VAL A 489 18.68 -0.17 25.57
C VAL A 489 17.59 -0.07 26.62
N PHE A 490 17.92 0.50 27.78
CA PHE A 490 16.94 0.66 28.84
C PHE A 490 16.32 2.05 28.71
N ARG A 491 17.16 3.06 28.51
CA ARG A 491 16.67 4.41 28.43
C ARG A 491 15.61 4.54 27.34
N VAL A 492 15.80 3.85 26.22
CA VAL A 492 14.82 3.91 25.13
C VAL A 492 13.48 3.32 25.61
N TYR A 493 13.51 2.05 26.03
CA TYR A 493 12.30 1.36 26.50
C TYR A 493 11.53 2.17 27.50
N ASN A 494 12.18 2.44 28.63
CA ASN A 494 11.53 3.19 29.68
C ASN A 494 10.84 4.46 29.22
N GLU A 495 11.58 5.30 28.48
CA GLU A 495 11.04 6.57 28.02
C GLU A 495 10.03 6.43 26.88
N ALA A 496 9.68 5.19 26.48
CA ALA A 496 8.71 4.98 25.41
C ALA A 496 7.34 4.58 25.97
N GLY A 497 7.26 4.55 27.29
CA GLY A 497 6.04 4.14 27.94
C GLY A 497 5.97 2.62 27.86
N VAL A 498 7.10 2.02 27.46
CA VAL A 498 7.27 0.59 27.27
C VAL A 498 6.46 0.09 26.09
N THR A 499 5.19 -0.20 26.32
CA THR A 499 4.39 -0.77 25.25
C THR A 499 2.93 -0.35 25.34
N PHE A 500 2.23 -0.32 24.20
CA PHE A 500 0.81 0.00 24.25
C PHE A 500 0.13 -1.31 24.72
N THR A 501 0.43 -1.66 25.99
CA THR A 501 -0.05 -2.86 26.69
C THR A 501 -0.18 -4.13 25.84
N ALA B 1 14.65 13.88 -43.00
CA ALA B 1 14.35 13.07 -44.22
C ALA B 1 15.63 12.85 -45.06
N ASP B 2 16.65 12.26 -44.45
CA ASP B 2 17.92 12.07 -45.18
C ASP B 2 18.00 11.02 -46.27
N ARG B 3 16.87 10.72 -46.92
CA ARG B 3 16.85 9.74 -48.03
C ARG B 3 17.77 8.58 -47.59
N GLU B 4 18.74 8.22 -48.42
CA GLU B 4 19.67 7.19 -47.99
C GLU B 4 20.41 7.86 -46.84
N ASP B 5 20.24 7.28 -45.63
CA ASP B 5 20.85 7.76 -44.40
C ASP B 5 19.90 8.55 -43.47
N ASP B 6 18.82 7.87 -43.06
CA ASP B 6 17.83 8.40 -42.12
C ASP B 6 17.48 7.08 -41.40
N PRO B 7 18.42 6.60 -40.56
CA PRO B 7 18.38 5.36 -39.76
C PRO B 7 17.38 5.29 -38.60
N ASN B 8 17.07 4.07 -38.19
CA ASN B 8 16.16 3.85 -37.08
C ASN B 8 16.93 4.27 -35.80
N PHE B 9 16.48 5.38 -35.24
CA PHE B 9 17.09 5.98 -34.06
C PHE B 9 17.47 4.98 -32.95
N PHE B 10 16.64 3.96 -32.70
CA PHE B 10 17.01 3.03 -31.65
C PHE B 10 18.17 2.12 -32.09
N LYS B 11 18.10 1.63 -33.31
CA LYS B 11 19.15 0.76 -33.79
C LYS B 11 20.46 1.50 -33.95
N MET B 12 20.37 2.77 -34.29
CA MET B 12 21.55 3.61 -34.46
C MET B 12 22.33 3.60 -33.12
N VAL B 13 21.72 4.16 -32.07
CA VAL B 13 22.31 4.21 -30.73
C VAL B 13 22.73 2.80 -30.30
N GLU B 14 21.96 1.81 -30.71
CA GLU B 14 22.21 0.41 -30.39
C GLU B 14 23.53 0.04 -31.01
N GLY B 15 23.70 0.50 -32.23
CA GLY B 15 24.93 0.26 -32.98
C GLY B 15 26.11 0.90 -32.27
N PHE B 16 26.02 2.21 -32.02
CA PHE B 16 27.08 2.94 -31.33
C PHE B 16 27.50 2.05 -30.14
N PHE B 17 26.51 1.54 -29.39
CA PHE B 17 26.76 0.65 -28.25
C PHE B 17 27.61 -0.53 -28.70
N ASP B 18 27.22 -1.13 -29.81
CA ASP B 18 27.95 -2.27 -30.35
C ASP B 18 29.44 -2.02 -30.64
N ARG B 19 29.79 -0.91 -31.29
CA ARG B 19 31.22 -0.67 -31.57
C ARG B 19 32.05 -0.62 -30.28
N GLY B 20 31.50 -0.03 -29.23
CA GLY B 20 32.24 0.03 -27.98
C GLY B 20 32.34 -1.38 -27.43
N ALA B 21 31.26 -2.16 -27.59
CA ALA B 21 31.23 -3.51 -27.11
C ALA B 21 32.33 -4.33 -27.74
N SER B 22 32.80 -3.86 -28.89
CA SER B 22 33.87 -4.56 -29.60
C SER B 22 35.22 -4.27 -28.96
N ILE B 23 35.51 -2.99 -28.86
CA ILE B 23 36.76 -2.52 -28.30
C ILE B 23 36.93 -3.01 -26.86
N VAL B 24 35.84 -3.53 -26.25
CA VAL B 24 35.92 -4.04 -24.87
C VAL B 24 35.68 -5.52 -24.61
N GLU B 25 34.75 -6.14 -25.35
CA GLU B 25 34.41 -7.56 -25.18
C GLU B 25 35.49 -8.42 -24.54
N ASP B 26 36.66 -8.38 -25.14
CA ASP B 26 37.81 -9.13 -24.63
C ASP B 26 38.06 -8.89 -23.12
N LYS B 27 38.47 -7.67 -22.78
CA LYS B 27 38.75 -7.31 -21.41
C LYS B 27 37.58 -7.65 -20.48
N LEU B 28 36.36 -7.56 -20.98
CA LEU B 28 35.20 -7.90 -20.15
C LEU B 28 35.37 -9.37 -19.81
N VAL B 29 35.61 -10.16 -20.84
CA VAL B 29 35.83 -11.60 -20.71
C VAL B 29 37.08 -11.84 -19.84
N GLU B 30 38.04 -10.94 -20.02
CA GLU B 30 39.29 -11.01 -19.31
C GLU B 30 39.08 -10.85 -17.81
N ASP B 31 38.85 -9.61 -17.37
CA ASP B 31 38.64 -9.32 -15.96
C ASP B 31 37.73 -10.39 -15.38
N LEU B 32 36.67 -10.73 -16.10
CA LEU B 32 35.74 -11.77 -15.70
C LEU B 32 36.59 -12.97 -15.31
N LYS B 33 36.44 -13.44 -14.08
CA LYS B 33 37.25 -14.56 -13.61
C LYS B 33 36.50 -15.81 -13.18
N THR B 34 35.17 -15.76 -13.33
CA THR B 34 34.28 -16.88 -12.98
C THR B 34 34.79 -18.28 -13.37
N ARG B 35 35.40 -18.92 -12.36
CA ARG B 35 35.99 -20.26 -12.42
C ARG B 35 35.71 -21.06 -13.71
N GLN B 36 34.96 -22.14 -13.56
CA GLN B 36 34.60 -23.03 -14.67
C GLN B 36 34.18 -22.21 -15.90
N THR B 37 35.00 -22.30 -16.93
CA THR B 37 34.79 -21.59 -18.18
C THR B 37 35.98 -21.83 -19.07
N GLN B 38 36.04 -21.06 -20.15
CA GLN B 38 37.12 -21.08 -21.13
C GLN B 38 36.83 -19.74 -21.78
N GLU B 39 36.05 -19.77 -22.85
CA GLU B 39 35.61 -18.55 -23.50
C GLU B 39 34.11 -18.60 -23.29
N GLN B 40 33.73 -19.36 -22.26
CA GLN B 40 32.36 -19.49 -21.83
C GLN B 40 32.18 -18.07 -21.33
N LYS B 41 33.29 -17.56 -20.77
CA LYS B 41 33.38 -16.21 -20.25
C LYS B 41 32.91 -15.28 -21.35
N ARG B 42 33.37 -15.55 -22.56
CA ARG B 42 32.97 -14.75 -23.72
C ARG B 42 31.45 -14.76 -23.93
N ASN B 43 30.88 -15.97 -24.06
CA ASN B 43 29.44 -16.11 -24.27
C ASN B 43 28.65 -15.37 -23.19
N ARG B 44 29.12 -15.46 -21.94
CA ARG B 44 28.52 -14.81 -20.79
C ARG B 44 28.60 -13.33 -21.10
N VAL B 45 29.84 -12.86 -21.32
CA VAL B 45 30.10 -11.47 -21.67
C VAL B 45 29.26 -11.07 -22.89
N ARG B 46 28.90 -12.07 -23.67
CA ARG B 46 28.12 -11.84 -24.85
C ARG B 46 26.61 -11.79 -24.61
N GLY B 47 26.14 -12.59 -23.67
CA GLY B 47 24.74 -12.59 -23.36
C GLY B 47 24.42 -11.26 -22.71
N ILE B 48 25.20 -10.91 -21.70
CA ILE B 48 24.98 -9.69 -20.96
C ILE B 48 24.82 -8.46 -21.84
N LEU B 49 25.71 -8.28 -22.81
CA LEU B 49 25.61 -7.11 -23.66
C LEU B 49 24.36 -7.13 -24.51
N ARG B 50 23.81 -8.33 -24.67
CA ARG B 50 22.59 -8.52 -25.44
C ARG B 50 21.42 -8.13 -24.54
N ILE B 51 21.56 -8.47 -23.28
CA ILE B 51 20.56 -8.18 -22.26
C ILE B 51 20.53 -6.69 -21.97
N ILE B 52 21.65 -6.01 -22.17
CA ILE B 52 21.69 -4.59 -21.90
C ILE B 52 21.03 -3.71 -22.96
N LYS B 53 21.36 -3.98 -24.21
CA LYS B 53 20.85 -3.19 -25.34
C LYS B 53 19.37 -2.76 -25.33
N PRO B 54 18.43 -3.70 -25.21
CA PRO B 54 17.00 -3.37 -25.19
C PRO B 54 16.39 -2.68 -23.97
N CYS B 55 15.30 -1.97 -24.19
CA CYS B 55 14.58 -1.29 -23.13
C CYS B 55 13.78 -2.30 -22.29
N ASN B 56 13.82 -2.15 -20.97
CA ASN B 56 13.11 -3.06 -20.09
C ASN B 56 11.64 -2.92 -20.24
N HIS B 57 11.11 -1.74 -19.93
CA HIS B 57 9.68 -1.49 -19.97
C HIS B 57 9.38 -0.28 -20.83
N VAL B 58 8.36 -0.35 -21.68
CA VAL B 58 7.96 0.80 -22.48
C VAL B 58 6.45 0.85 -22.42
N LEU B 59 5.91 1.97 -21.96
CA LEU B 59 4.47 2.17 -21.82
C LEU B 59 4.02 3.15 -22.89
N SER B 60 2.94 2.79 -23.59
CA SER B 60 2.36 3.59 -24.67
C SER B 60 0.92 3.95 -24.29
N LEU B 61 0.72 5.23 -24.04
CA LEU B 61 -0.58 5.74 -23.63
C LEU B 61 -1.34 6.44 -24.76
N SER B 62 -2.62 6.61 -24.51
CA SER B 62 -3.48 7.28 -25.44
C SER B 62 -4.56 7.74 -24.49
N PHE B 63 -4.78 9.05 -24.39
CA PHE B 63 -5.80 9.52 -23.48
C PHE B 63 -6.49 10.77 -23.99
N PRO B 64 -7.74 10.96 -23.57
CA PRO B 64 -8.48 12.11 -24.00
C PRO B 64 -8.24 13.32 -23.11
N ILE B 65 -8.43 14.48 -23.71
CA ILE B 65 -8.35 15.77 -23.05
C ILE B 65 -9.41 16.51 -23.85
N ARG B 66 -10.18 17.36 -23.20
CA ARG B 66 -11.20 18.09 -23.91
C ARG B 66 -10.63 19.44 -24.31
N ARG B 67 -10.28 19.59 -25.58
CA ARG B 67 -9.73 20.84 -26.13
C ARG B 67 -10.61 21.98 -25.67
N ASP B 68 -9.98 23.12 -25.41
CA ASP B 68 -10.69 24.30 -24.93
C ASP B 68 -12.03 24.49 -25.61
N ASP B 69 -12.01 24.44 -26.95
CA ASP B 69 -13.25 24.54 -27.73
C ASP B 69 -13.86 23.13 -27.71
N GLY B 70 -14.75 22.88 -26.73
CA GLY B 70 -15.44 21.60 -26.58
C GLY B 70 -14.79 20.27 -26.99
N SER B 71 -14.47 20.16 -28.26
CA SER B 71 -13.86 18.99 -28.91
C SER B 71 -13.01 18.04 -28.08
N TRP B 72 -13.33 16.77 -28.20
CA TRP B 72 -12.60 15.77 -27.49
C TRP B 72 -11.39 15.44 -28.33
N GLU B 73 -10.28 15.07 -27.68
CA GLU B 73 -9.07 14.74 -28.41
C GLU B 73 -8.21 13.67 -27.75
N VAL B 74 -8.00 12.58 -28.47
CA VAL B 74 -7.18 11.49 -27.99
C VAL B 74 -5.73 11.95 -28.17
N ILE B 75 -4.86 11.62 -27.19
CA ILE B 75 -3.46 12.03 -27.25
C ILE B 75 -2.53 10.81 -27.12
N GLU B 76 -1.38 10.87 -27.80
CA GLU B 76 -0.40 9.80 -27.74
C GLU B 76 0.74 10.14 -26.78
N GLY B 77 1.15 9.14 -25.98
CA GLY B 77 2.21 9.34 -25.04
C GLY B 77 3.02 8.09 -24.88
N TYR B 78 4.29 8.23 -24.54
CA TYR B 78 5.17 7.10 -24.34
C TYR B 78 6.12 7.43 -23.20
N ARG B 79 6.60 6.39 -22.52
CA ARG B 79 7.58 6.55 -21.46
C ARG B 79 8.33 5.26 -21.51
N ALA B 80 9.53 5.30 -22.03
CA ALA B 80 10.35 4.11 -22.10
C ALA B 80 11.37 4.14 -20.95
N GLN B 81 11.44 3.04 -20.19
CA GLN B 81 12.38 2.93 -19.12
C GLN B 81 13.36 1.92 -19.67
N HIS B 82 14.49 2.41 -20.14
CA HIS B 82 15.51 1.54 -20.71
C HIS B 82 16.15 0.58 -19.73
N SER B 83 16.64 1.09 -18.59
CA SER B 83 17.33 0.21 -17.63
C SER B 83 17.05 0.47 -16.17
N HIS B 84 17.33 -0.54 -15.37
CA HIS B 84 17.11 -0.45 -13.94
C HIS B 84 18.37 -0.78 -13.14
N GLN B 85 19.45 -1.18 -13.83
CA GLN B 85 20.71 -1.54 -13.18
C GLN B 85 21.06 -0.53 -12.08
N ARG B 86 20.46 0.62 -12.19
CA ARG B 86 20.55 1.69 -11.22
C ARG B 86 19.05 2.01 -11.27
N THR B 87 18.36 2.08 -10.12
CA THR B 87 16.94 2.27 -10.15
C THR B 87 16.24 3.53 -10.62
N PRO B 88 16.25 4.64 -9.85
CA PRO B 88 15.50 5.74 -10.44
C PRO B 88 15.96 5.99 -11.87
N CYS B 89 15.14 5.58 -12.84
CA CYS B 89 15.49 5.79 -14.23
C CYS B 89 15.26 7.28 -14.37
N LYS B 90 15.95 7.90 -15.31
CA LYS B 90 15.83 9.33 -15.54
C LYS B 90 15.85 9.68 -17.01
N GLY B 91 15.08 10.68 -17.38
CA GLY B 91 15.01 11.12 -18.75
C GLY B 91 13.98 12.21 -18.91
N GLY B 92 14.15 13.06 -19.92
CA GLY B 92 13.19 14.14 -20.14
C GLY B 92 11.92 13.75 -20.86
N ILE B 93 10.94 14.63 -20.80
CA ILE B 93 9.65 14.41 -21.46
C ILE B 93 9.61 15.33 -22.66
N ARG B 94 9.68 14.76 -23.87
CA ARG B 94 9.66 15.55 -25.11
C ARG B 94 8.27 15.81 -25.70
N TYR B 95 7.94 17.08 -25.93
CA TYR B 95 6.67 17.42 -26.52
C TYR B 95 6.97 17.85 -27.95
N SER B 96 6.68 16.96 -28.90
CA SER B 96 6.89 17.24 -30.31
C SER B 96 6.10 16.23 -31.09
N THR B 97 5.63 16.63 -32.27
CA THR B 97 4.87 15.71 -33.11
C THR B 97 5.82 14.62 -33.62
N ASP B 98 7.12 14.83 -33.43
CA ASP B 98 8.09 13.86 -33.88
C ASP B 98 8.34 12.70 -32.93
N VAL B 99 7.69 12.70 -31.76
CA VAL B 99 7.92 11.58 -30.86
C VAL B 99 7.37 10.28 -31.47
N SER B 100 7.87 9.16 -30.97
CA SER B 100 7.45 7.87 -31.44
C SER B 100 8.08 6.88 -30.48
N VAL B 101 7.56 5.66 -30.46
CA VAL B 101 8.09 4.68 -29.56
C VAL B 101 9.59 4.42 -29.76
N ASP B 102 10.04 4.41 -31.00
CA ASP B 102 11.47 4.17 -31.27
C ASP B 102 12.32 5.36 -30.93
N GLU B 103 11.80 6.55 -31.18
CA GLU B 103 12.54 7.78 -30.89
C GLU B 103 12.78 7.83 -29.39
N VAL B 104 11.69 7.71 -28.62
CA VAL B 104 11.77 7.71 -27.16
C VAL B 104 12.66 6.56 -26.70
N LYS B 105 12.51 5.36 -27.25
CA LYS B 105 13.32 4.20 -26.88
C LYS B 105 14.80 4.47 -26.95
N ALA B 106 15.23 5.13 -28.01
CA ALA B 106 16.63 5.48 -28.21
C ALA B 106 17.00 6.56 -27.19
N LEU B 107 16.26 7.66 -27.22
CA LEU B 107 16.45 8.76 -26.29
C LEU B 107 16.56 8.22 -24.86
N ALA B 108 15.88 7.12 -24.57
CA ALA B 108 15.91 6.50 -23.27
C ALA B 108 17.27 5.83 -23.06
N SER B 109 17.67 4.97 -23.98
CA SER B 109 18.97 4.31 -23.86
C SER B 109 20.08 5.35 -23.73
N LEU B 110 20.04 6.38 -24.55
CA LEU B 110 21.07 7.40 -24.45
C LEU B 110 21.16 7.92 -23.01
N MET B 111 20.06 7.83 -22.27
CA MET B 111 20.06 8.29 -20.90
C MET B 111 20.85 7.37 -19.98
N THR B 112 20.67 6.07 -20.15
CA THR B 112 21.33 5.09 -19.31
C THR B 112 22.85 5.06 -19.49
N TYR B 113 23.31 5.16 -20.74
CA TYR B 113 24.77 5.15 -21.01
C TYR B 113 25.33 6.53 -20.66
N LYS B 114 24.54 7.55 -20.90
CA LYS B 114 24.95 8.89 -20.57
C LYS B 114 25.25 8.96 -19.06
N CYS B 115 24.28 8.59 -18.23
CA CYS B 115 24.46 8.62 -16.78
C CYS B 115 25.63 7.76 -16.34
N ALA B 116 25.93 6.71 -17.11
CA ALA B 116 27.03 5.80 -16.79
C ALA B 116 28.31 6.56 -16.88
N VAL B 117 28.51 7.13 -18.06
CA VAL B 117 29.67 7.93 -18.40
C VAL B 117 30.00 9.00 -17.35
N VAL B 118 28.97 9.70 -16.87
CA VAL B 118 29.12 10.77 -15.89
C VAL B 118 28.87 10.35 -14.44
N ASP B 119 28.81 9.06 -14.21
CA ASP B 119 28.58 8.56 -12.88
C ASP B 119 27.41 9.07 -12.10
N VAL B 120 26.26 9.15 -12.75
CA VAL B 120 25.03 9.61 -12.10
C VAL B 120 24.22 8.32 -11.99
N PRO B 121 23.97 7.80 -10.75
CA PRO B 121 23.24 6.56 -10.48
C PRO B 121 21.76 6.41 -10.86
N PHE B 122 21.46 6.55 -12.14
CA PHE B 122 20.09 6.37 -12.61
C PHE B 122 20.10 5.48 -13.83
N GLY B 123 19.00 4.77 -14.05
CA GLY B 123 18.89 3.98 -15.26
C GLY B 123 18.37 4.99 -16.28
N GLY B 124 18.35 4.64 -17.56
CA GLY B 124 17.85 5.60 -18.52
C GLY B 124 16.36 5.48 -18.75
N ALA B 125 15.73 6.54 -19.19
CA ALA B 125 14.31 6.50 -19.45
C ALA B 125 14.01 7.71 -20.31
N LYS B 126 12.85 7.73 -20.96
CA LYS B 126 12.51 8.89 -21.78
C LYS B 126 11.01 8.95 -21.99
N ALA B 127 10.46 10.14 -22.07
CA ALA B 127 9.03 10.27 -22.27
C ALA B 127 8.77 11.10 -23.51
N GLY B 128 7.56 10.95 -24.08
CA GLY B 128 7.24 11.71 -25.26
C GLY B 128 5.77 11.83 -25.53
N VAL B 129 5.23 13.03 -25.44
CA VAL B 129 3.84 13.21 -25.77
C VAL B 129 3.94 13.58 -27.26
N LYS B 130 2.93 13.24 -28.07
CA LYS B 130 3.00 13.56 -29.49
C LYS B 130 2.21 14.78 -29.91
N ILE B 131 2.54 15.93 -29.37
CA ILE B 131 1.80 17.13 -29.73
C ILE B 131 2.78 18.20 -30.17
N ASN B 132 2.24 19.29 -30.70
CA ASN B 132 3.03 20.43 -31.12
C ASN B 132 2.51 21.52 -30.23
N PRO B 133 3.19 21.75 -29.11
CA PRO B 133 2.88 22.75 -28.07
C PRO B 133 2.41 24.10 -28.54
N LYS B 134 2.65 24.42 -29.81
CA LYS B 134 2.22 25.71 -30.32
C LYS B 134 0.76 25.69 -30.80
N ASN B 135 0.13 24.53 -30.84
CA ASN B 135 -1.24 24.46 -31.29
C ASN B 135 -2.20 24.49 -30.13
N TYR B 136 -1.78 24.02 -28.97
CA TYR B 136 -2.66 23.99 -27.81
C TYR B 136 -2.50 25.26 -26.99
N THR B 137 -3.56 25.64 -26.30
CA THR B 137 -3.48 26.83 -25.47
C THR B 137 -2.65 26.43 -24.27
N ASP B 138 -2.21 27.43 -23.52
CA ASP B 138 -1.39 27.21 -22.32
C ASP B 138 -2.16 26.35 -21.32
N GLU B 139 -3.48 26.32 -21.45
CA GLU B 139 -4.33 25.56 -20.54
C GLU B 139 -4.54 24.14 -21.04
N ASP B 140 -4.54 23.99 -22.37
CA ASP B 140 -4.70 22.67 -22.99
C ASP B 140 -3.49 21.92 -22.43
N LEU B 141 -2.33 22.57 -22.51
CA LEU B 141 -1.08 21.98 -22.04
C LEU B 141 -1.08 21.60 -20.57
N GLU B 142 -1.71 22.38 -19.72
CA GLU B 142 -1.71 21.93 -18.33
C GLU B 142 -2.48 20.60 -18.26
N LYS B 143 -3.70 20.59 -18.80
CA LYS B 143 -4.58 19.43 -18.81
C LYS B 143 -3.89 18.20 -19.34
N ILE B 144 -3.14 18.40 -20.40
CA ILE B 144 -2.40 17.32 -21.06
C ILE B 144 -1.28 16.77 -20.20
N THR B 145 -0.45 17.67 -19.66
CA THR B 145 0.67 17.23 -18.83
C THR B 145 0.25 16.79 -17.43
N ARG B 146 -0.87 17.27 -16.93
CA ARG B 146 -1.32 16.86 -15.62
C ARG B 146 -1.93 15.50 -15.80
N ARG B 147 -2.68 15.33 -16.87
CA ARG B 147 -3.32 14.06 -17.20
C ARG B 147 -2.31 12.97 -17.57
N PHE B 148 -1.23 13.39 -18.22
CA PHE B 148 -0.15 12.48 -18.63
C PHE B 148 0.57 12.00 -17.37
N THR B 149 0.72 12.87 -16.37
CA THR B 149 1.41 12.51 -15.14
C THR B 149 0.62 11.49 -14.39
N MET B 150 -0.71 11.62 -14.43
CA MET B 150 -1.60 10.68 -13.77
C MET B 150 -1.52 9.31 -14.41
N GLU B 151 -1.50 9.29 -15.73
CA GLU B 151 -1.45 8.04 -16.46
C GLU B 151 -0.17 7.27 -16.27
N LEU B 152 0.95 7.98 -16.34
CA LEU B 152 2.25 7.36 -16.13
C LEU B 152 2.32 6.86 -14.66
N ALA B 153 1.77 7.69 -13.77
CA ALA B 153 1.73 7.40 -12.37
C ALA B 153 1.13 6.04 -12.04
N LYS B 154 0.00 5.73 -12.63
CA LYS B 154 -0.64 4.46 -12.32
C LYS B 154 -0.17 3.23 -13.07
N LYS B 155 1.05 3.26 -13.57
CA LYS B 155 1.57 2.11 -14.31
C LYS B 155 3.04 1.94 -13.97
N GLY B 156 3.52 2.77 -13.05
CA GLY B 156 4.88 2.68 -12.58
C GLY B 156 5.87 3.47 -13.40
N PHE B 157 5.38 4.44 -14.15
CA PHE B 157 6.28 5.20 -14.98
C PHE B 157 6.56 6.61 -14.51
N ILE B 158 6.59 6.81 -13.20
CA ILE B 158 6.93 8.10 -12.60
C ILE B 158 6.79 8.00 -11.10
N GLY B 159 7.78 8.54 -10.39
CA GLY B 159 7.74 8.49 -8.94
C GLY B 159 9.18 8.54 -8.48
N PRO B 160 9.45 9.17 -7.35
CA PRO B 160 10.78 9.31 -6.77
C PRO B 160 11.63 8.06 -6.77
N GLY B 161 11.02 6.89 -6.79
CA GLY B 161 11.83 5.70 -6.71
C GLY B 161 11.93 4.80 -7.89
N VAL B 162 11.09 5.02 -8.91
CA VAL B 162 11.07 4.20 -10.16
C VAL B 162 11.62 4.92 -11.38
N ASP B 163 10.99 6.05 -11.68
CA ASP B 163 11.30 6.83 -12.85
C ASP B 163 11.13 8.27 -12.46
N VAL B 164 12.08 9.12 -12.83
CA VAL B 164 12.04 10.55 -12.49
C VAL B 164 12.17 11.38 -13.76
N PRO B 165 11.03 11.84 -14.33
CA PRO B 165 11.04 12.67 -15.56
C PRO B 165 11.75 14.03 -15.39
N ALA B 166 12.13 14.64 -16.49
CA ALA B 166 12.81 15.93 -16.46
C ALA B 166 12.51 16.62 -17.77
N PRO B 167 13.03 17.85 -17.99
CA PRO B 167 12.73 18.50 -19.28
C PRO B 167 13.46 17.98 -20.51
N ASN B 168 12.95 18.37 -21.66
CA ASN B 168 13.54 18.06 -22.96
C ASN B 168 12.93 19.02 -23.98
N MET B 169 12.84 18.63 -25.24
CA MET B 169 12.26 19.52 -26.24
C MET B 169 10.80 19.91 -25.99
N SER B 170 10.57 21.22 -25.93
CA SER B 170 9.27 21.79 -25.68
C SER B 170 8.64 21.53 -24.31
N THR B 171 9.48 21.28 -23.31
CA THR B 171 9.02 21.10 -21.93
C THR B 171 10.05 21.83 -21.07
N GLY B 172 9.62 22.44 -19.97
CA GLY B 172 10.55 23.16 -19.11
C GLY B 172 10.05 23.22 -17.69
N GLU B 173 10.65 24.04 -16.84
CA GLU B 173 10.24 24.12 -15.44
C GLU B 173 8.75 24.27 -15.21
N ARG B 174 8.04 24.74 -16.22
CA ARG B 174 6.59 24.90 -16.11
C ARG B 174 5.89 23.53 -16.01
N GLU B 175 6.07 22.70 -17.03
CA GLU B 175 5.45 21.40 -17.02
C GLU B 175 6.03 20.55 -15.89
N MET B 176 7.29 20.78 -15.53
CA MET B 176 7.91 20.05 -14.44
C MET B 176 7.21 20.49 -13.14
N SER B 177 6.67 21.71 -13.10
CA SER B 177 5.96 22.14 -11.93
C SER B 177 4.60 21.46 -11.91
N TRP B 178 3.96 21.37 -13.09
CA TRP B 178 2.65 20.75 -13.22
C TRP B 178 2.71 19.29 -12.83
N ILE B 179 3.69 18.60 -13.39
CA ILE B 179 3.87 17.20 -13.12
C ILE B 179 4.00 16.98 -11.62
N ALA B 180 4.93 17.67 -10.99
CA ALA B 180 5.16 17.51 -9.56
C ALA B 180 3.94 17.80 -8.69
N ASP B 181 3.13 18.77 -9.10
CA ASP B 181 1.94 19.12 -8.32
C ASP B 181 0.77 18.12 -8.42
N THR B 182 0.64 17.43 -9.54
CA THR B 182 -0.43 16.46 -9.64
C THR B 182 0.07 15.12 -9.09
N TYR B 183 1.39 14.91 -9.11
CA TYR B 183 1.91 13.68 -8.54
C TYR B 183 1.82 13.81 -7.01
N ALA B 184 2.41 14.86 -6.46
CA ALA B 184 2.37 15.08 -5.04
C ALA B 184 1.00 15.34 -4.42
N SER B 185 0.01 15.70 -5.22
CA SER B 185 -1.33 15.94 -4.68
C SER B 185 -2.17 14.68 -4.88
N THR B 186 -1.63 13.75 -5.65
CA THR B 186 -2.30 12.51 -5.91
C THR B 186 -1.57 11.36 -5.21
N ILE B 187 -0.84 10.51 -5.94
CA ILE B 187 -0.18 9.36 -5.32
C ILE B 187 0.75 9.70 -4.19
N GLY B 188 1.68 10.60 -4.43
CA GLY B 188 2.64 10.95 -3.41
C GLY B 188 2.09 11.79 -2.27
N HIS B 189 0.79 11.75 -2.00
CA HIS B 189 0.28 12.56 -0.92
C HIS B 189 0.92 12.20 0.40
N TYR B 190 1.36 10.95 0.54
CA TYR B 190 1.98 10.57 1.77
C TYR B 190 3.46 10.30 1.62
N ASP B 191 3.99 10.45 0.42
CA ASP B 191 5.41 10.22 0.09
C ASP B 191 6.23 11.35 0.69
N ILE B 192 7.22 11.01 1.51
CA ILE B 192 8.07 12.05 2.10
C ILE B 192 8.94 12.64 1.00
N ASN B 193 9.07 11.89 -0.10
CA ASN B 193 9.81 12.33 -1.27
C ASN B 193 8.85 12.62 -2.44
N ALA B 194 7.61 12.99 -2.14
CA ALA B 194 6.61 13.29 -3.16
C ALA B 194 7.11 14.19 -4.28
N HIS B 195 7.91 15.20 -3.95
CA HIS B 195 8.40 16.12 -4.96
C HIS B 195 9.71 15.77 -5.69
N ALA B 196 10.25 14.58 -5.51
CA ALA B 196 11.48 14.24 -6.22
C ALA B 196 11.09 13.37 -7.42
N CYS B 197 9.79 13.26 -7.65
CA CYS B 197 9.24 12.47 -8.75
C CYS B 197 9.69 13.02 -10.08
N VAL B 198 10.02 14.31 -10.11
CA VAL B 198 10.46 14.99 -11.32
C VAL B 198 11.58 15.96 -10.95
N THR B 199 12.42 16.29 -11.92
CA THR B 199 13.50 17.26 -11.71
C THR B 199 13.42 18.33 -12.79
N GLY B 200 14.17 19.42 -12.64
CA GLY B 200 14.10 20.49 -13.61
C GLY B 200 12.91 21.40 -13.29
N LYS B 201 12.32 21.22 -12.12
CA LYS B 201 11.18 22.02 -11.69
C LYS B 201 11.60 23.41 -11.22
N PRO B 202 10.69 24.38 -11.18
CA PRO B 202 11.01 25.74 -10.75
C PRO B 202 11.61 25.75 -9.34
N ILE B 203 12.30 26.84 -8.99
CA ILE B 203 12.94 26.97 -7.67
C ILE B 203 11.90 27.00 -6.56
N SER B 204 10.79 27.72 -6.78
CA SER B 204 9.72 27.84 -5.80
C SER B 204 9.03 26.51 -5.54
N GLN B 205 9.28 25.53 -6.43
CA GLN B 205 8.66 24.25 -6.32
C GLN B 205 9.65 23.18 -5.84
N GLY B 206 10.90 23.57 -5.64
CA GLY B 206 11.88 22.61 -5.17
C GLY B 206 12.98 22.39 -6.18
N GLY B 207 13.21 23.41 -7.00
CA GLY B 207 14.24 23.32 -8.02
C GLY B 207 15.59 23.57 -7.42
N ILE B 208 16.60 23.66 -8.26
CA ILE B 208 17.95 23.91 -7.82
C ILE B 208 18.55 24.93 -8.77
N HIS B 209 19.33 25.84 -8.24
CA HIS B 209 19.98 26.87 -9.05
C HIS B 209 21.03 26.33 -10.03
N GLY B 210 20.77 26.56 -11.31
CA GLY B 210 21.70 26.14 -12.33
C GLY B 210 21.18 25.02 -13.18
N ARG B 211 19.92 24.64 -13.01
CA ARG B 211 19.39 23.55 -13.83
C ARG B 211 19.03 24.03 -15.23
N ILE B 212 18.53 25.25 -15.34
CA ILE B 212 18.17 25.77 -16.65
C ILE B 212 19.43 25.86 -17.50
N SER B 213 20.46 26.46 -16.92
CA SER B 213 21.73 26.64 -17.60
C SER B 213 22.62 25.40 -17.58
N ALA B 214 22.25 24.42 -16.76
CA ALA B 214 23.05 23.23 -16.60
C ALA B 214 23.56 22.53 -17.85
N THR B 215 22.66 22.18 -18.74
CA THR B 215 23.12 21.48 -19.93
C THR B 215 24.07 22.31 -20.78
N GLY B 216 23.79 23.61 -20.86
CA GLY B 216 24.64 24.50 -21.63
C GLY B 216 26.02 24.60 -20.97
N ARG B 217 26.01 24.88 -19.68
CA ARG B 217 27.24 24.99 -18.91
C ARG B 217 28.03 23.68 -19.01
N GLY B 218 27.32 22.58 -19.18
CA GLY B 218 27.97 21.29 -19.31
C GLY B 218 28.56 21.16 -20.71
N VAL B 219 27.82 21.62 -21.71
CA VAL B 219 28.28 21.60 -23.09
C VAL B 219 29.57 22.40 -23.13
N PHE B 220 29.57 23.53 -22.42
CA PHE B 220 30.73 24.39 -22.34
C PHE B 220 31.91 23.67 -21.72
N HIS B 221 31.70 23.11 -20.53
CA HIS B 221 32.76 22.39 -19.85
C HIS B 221 33.22 21.21 -20.71
N GLY B 222 32.30 20.58 -21.42
CA GLY B 222 32.64 19.44 -22.22
C GLY B 222 33.68 19.87 -23.23
N ILE B 223 33.39 20.97 -23.91
CA ILE B 223 34.30 21.50 -24.92
C ILE B 223 35.66 21.86 -24.35
N GLU B 224 35.69 22.74 -23.35
CA GLU B 224 36.93 23.18 -22.71
C GLU B 224 37.88 22.01 -22.40
N ASN B 225 37.39 21.01 -21.67
CA ASN B 225 38.21 19.86 -21.34
C ASN B 225 38.92 19.28 -22.55
N PHE B 226 38.35 19.52 -23.73
CA PHE B 226 38.90 19.03 -25.00
C PHE B 226 39.52 20.13 -25.88
N ILE B 227 39.00 21.34 -25.80
CA ILE B 227 39.54 22.42 -26.63
C ILE B 227 40.83 22.99 -26.05
N GLU B 228 41.22 22.53 -24.85
CA GLU B 228 42.44 23.01 -24.21
C GLU B 228 43.51 21.90 -24.04
N ASN B 229 43.36 20.79 -24.76
CA ASN B 229 44.37 19.76 -24.63
C ASN B 229 45.03 19.66 -25.97
N ALA B 230 45.94 20.61 -26.19
CA ALA B 230 46.73 20.77 -27.43
C ALA B 230 46.71 19.52 -28.27
N SER B 231 47.33 18.48 -27.75
CA SER B 231 47.36 17.18 -28.36
C SER B 231 46.18 16.95 -29.29
N TYR B 232 44.95 17.03 -28.76
CA TYR B 232 43.72 16.87 -29.54
C TYR B 232 43.58 18.01 -30.54
N MET B 233 43.53 19.25 -30.04
CA MET B 233 43.41 20.44 -30.89
C MET B 233 44.53 20.53 -31.96
N SER B 234 45.61 19.79 -31.74
CA SER B 234 46.72 19.79 -32.66
C SER B 234 46.33 18.96 -33.87
N ILE B 235 45.69 17.82 -33.61
CA ILE B 235 45.22 16.96 -34.69
C ILE B 235 44.16 17.83 -35.39
N LEU B 236 43.43 18.60 -34.57
CA LEU B 236 42.41 19.51 -35.07
C LEU B 236 43.08 20.57 -35.94
N GLY B 237 44.37 20.74 -35.73
CA GLY B 237 45.10 21.73 -36.48
C GLY B 237 44.44 23.03 -36.09
N MET B 238 44.37 23.22 -34.77
CA MET B 238 43.76 24.40 -34.19
C MET B 238 44.60 24.75 -32.99
N THR B 239 44.23 25.86 -32.35
CA THR B 239 44.89 26.37 -31.18
C THR B 239 44.10 26.01 -29.90
N PRO B 240 44.67 26.31 -28.72
CA PRO B 240 43.96 26.00 -27.48
C PRO B 240 43.12 27.23 -27.11
N GLY B 241 41.92 27.00 -26.58
CA GLY B 241 41.07 28.12 -26.16
C GLY B 241 39.91 28.67 -27.00
N PHE B 242 38.80 28.96 -26.31
CA PHE B 242 37.61 29.50 -26.96
C PHE B 242 37.89 30.92 -27.40
N GLY B 243 38.73 31.59 -26.63
CA GLY B 243 39.08 32.97 -26.90
C GLY B 243 39.37 33.42 -28.32
N ASP B 244 39.91 32.53 -29.14
CA ASP B 244 40.21 32.90 -30.52
C ASP B 244 39.36 32.06 -31.44
N LYS B 245 38.48 31.25 -30.87
CA LYS B 245 37.61 30.41 -31.66
C LYS B 245 36.27 31.06 -32.08
N THR B 246 35.50 30.29 -32.84
CA THR B 246 34.24 30.76 -33.37
C THR B 246 33.33 29.52 -33.47
N PHE B 247 32.02 29.72 -33.26
CA PHE B 247 31.05 28.62 -33.28
C PHE B 247 29.68 29.08 -33.79
N ALA B 248 28.90 28.11 -34.24
CA ALA B 248 27.53 28.30 -34.72
C ALA B 248 26.63 27.21 -34.08
N VAL B 249 25.57 27.64 -33.41
CA VAL B 249 24.65 26.72 -32.73
C VAL B 249 23.34 26.52 -33.49
N GLN B 250 22.89 25.26 -33.61
CA GLN B 250 21.63 24.91 -34.26
C GLN B 250 20.58 24.87 -33.12
N GLY B 251 19.38 25.38 -33.36
CA GLY B 251 18.39 25.40 -32.30
C GLY B 251 18.81 26.41 -31.25
N PHE B 252 17.91 27.33 -30.95
CA PHE B 252 18.17 28.39 -29.97
C PHE B 252 17.22 28.19 -28.80
N GLY B 253 17.24 26.97 -28.25
CA GLY B 253 16.39 26.64 -27.11
C GLY B 253 17.14 26.56 -25.78
N ASN B 254 16.82 25.56 -24.97
CA ASN B 254 17.47 25.47 -23.68
C ASN B 254 18.96 25.25 -23.80
N VAL B 255 19.38 24.06 -24.22
CA VAL B 255 20.81 23.82 -24.33
C VAL B 255 21.46 24.76 -25.31
N GLY B 256 20.75 25.06 -26.39
CA GLY B 256 21.28 25.97 -27.40
C GLY B 256 21.66 27.34 -26.87
N LEU B 257 20.66 28.08 -26.39
CA LEU B 257 20.89 29.41 -25.87
C LEU B 257 22.06 29.42 -24.92
N HIS B 258 21.89 28.80 -23.75
CA HIS B 258 22.92 28.75 -22.70
C HIS B 258 24.28 28.25 -23.09
N SER B 259 24.35 27.32 -24.04
CA SER B 259 25.64 26.85 -24.52
C SER B 259 26.35 28.06 -25.14
N MET B 260 25.60 28.79 -25.94
CA MET B 260 26.08 30.00 -26.58
C MET B 260 26.42 31.03 -25.50
N ARG B 261 25.60 31.10 -24.46
CA ARG B 261 25.86 32.04 -23.36
C ARG B 261 27.25 31.77 -22.77
N TYR B 262 27.52 30.53 -22.40
CA TYR B 262 28.78 30.19 -21.78
C TYR B 262 29.99 30.30 -22.66
N LEU B 263 29.95 29.75 -23.87
CA LEU B 263 31.09 29.87 -24.80
C LEU B 263 31.46 31.34 -25.02
N HIS B 264 30.44 32.14 -25.31
CA HIS B 264 30.62 33.55 -25.53
C HIS B 264 31.38 34.14 -24.34
N ARG B 265 30.88 33.92 -23.13
CA ARG B 265 31.52 34.42 -21.93
C ARG B 265 33.04 34.09 -21.91
N PHE B 266 33.45 32.97 -22.49
CA PHE B 266 34.88 32.62 -22.50
C PHE B 266 35.59 32.94 -23.81
N GLY B 267 35.25 34.10 -24.32
CA GLY B 267 35.86 34.62 -25.52
C GLY B 267 35.53 33.96 -26.84
N ALA B 268 34.83 32.83 -26.88
CA ALA B 268 34.51 32.22 -28.18
C ALA B 268 33.54 33.14 -28.94
N LYS B 269 33.57 33.05 -30.27
CA LYS B 269 32.74 33.91 -31.10
C LYS B 269 31.58 33.21 -31.83
N CYS B 270 30.34 33.60 -31.50
CA CYS B 270 29.15 33.01 -32.15
C CYS B 270 28.75 33.74 -33.43
N VAL B 271 29.26 33.23 -34.53
CA VAL B 271 29.00 33.77 -35.87
C VAL B 271 27.60 33.42 -36.42
N ALA B 272 26.99 32.30 -35.99
CA ALA B 272 25.67 31.91 -36.52
C ALA B 272 24.74 31.20 -35.54
N VAL B 273 23.44 31.30 -35.80
CA VAL B 273 22.40 30.67 -34.97
C VAL B 273 21.26 30.12 -35.85
N GLY B 274 20.99 28.82 -35.74
CA GLY B 274 19.92 28.21 -36.51
C GLY B 274 18.65 28.00 -35.70
N GLU B 275 17.48 28.16 -36.32
CA GLU B 275 16.20 27.97 -35.64
C GLU B 275 15.25 27.23 -36.52
N SER B 276 14.29 26.54 -35.89
CA SER B 276 13.28 25.73 -36.61
C SER B 276 12.82 26.44 -37.89
N ASP B 277 12.61 27.75 -37.77
CA ASP B 277 12.17 28.56 -38.89
C ASP B 277 13.26 29.32 -39.68
N GLY B 278 14.41 29.60 -39.07
CA GLY B 278 15.46 30.30 -39.81
C GLY B 278 16.87 30.51 -39.24
N SER B 279 17.79 30.94 -40.10
CA SER B 279 19.15 31.21 -39.67
C SER B 279 19.58 32.68 -39.57
N ILE B 280 20.68 32.92 -38.86
CA ILE B 280 21.25 34.24 -38.66
C ILE B 280 22.75 34.06 -38.81
N TRP B 281 23.50 35.14 -39.03
CA TRP B 281 24.94 34.97 -39.25
C TRP B 281 26.04 36.02 -38.94
N ASN B 282 25.68 37.19 -38.43
CA ASN B 282 26.73 38.21 -38.14
C ASN B 282 28.16 37.72 -37.82
N PRO B 283 29.10 37.85 -38.80
CA PRO B 283 30.50 37.44 -38.65
C PRO B 283 31.17 38.18 -37.51
N ASP B 284 30.67 39.38 -37.23
CA ASP B 284 31.20 40.17 -36.15
C ASP B 284 30.65 39.64 -34.84
N GLY B 285 29.96 38.50 -34.93
CA GLY B 285 29.42 37.84 -33.78
C GLY B 285 28.11 38.36 -33.24
N ILE B 286 27.29 37.44 -32.74
CA ILE B 286 26.02 37.81 -32.16
C ILE B 286 26.17 37.74 -30.62
N ASP B 287 25.42 38.59 -29.92
CA ASP B 287 25.46 38.64 -28.46
C ASP B 287 24.31 37.79 -27.86
N PRO B 288 24.63 36.72 -27.12
CA PRO B 288 23.65 35.82 -26.50
C PRO B 288 22.50 36.54 -25.78
N LYS B 289 22.79 37.62 -25.04
CA LYS B 289 21.69 38.33 -24.39
C LYS B 289 20.82 38.95 -25.46
N GLU B 290 21.41 39.90 -26.20
CA GLU B 290 20.70 40.62 -27.29
C GLU B 290 19.76 39.69 -28.06
N LEU B 291 20.35 38.62 -28.58
CA LEU B 291 19.65 37.64 -29.35
C LEU B 291 18.51 37.06 -28.53
N GLU B 292 18.79 36.64 -27.29
CA GLU B 292 17.74 36.07 -26.44
C GLU B 292 16.61 37.05 -26.20
N ASP B 293 16.96 38.29 -25.87
CA ASP B 293 15.96 39.31 -25.62
C ASP B 293 15.03 39.44 -26.82
N PHE B 294 15.64 39.53 -28.01
CA PHE B 294 14.90 39.65 -29.26
C PHE B 294 13.98 38.44 -29.41
N LYS B 295 14.53 37.25 -29.22
CA LYS B 295 13.79 36.00 -29.31
C LYS B 295 12.60 36.05 -28.32
N LEU B 296 12.86 36.57 -27.12
CA LEU B 296 11.85 36.70 -26.08
C LEU B 296 10.67 37.56 -26.46
N GLN B 297 10.94 38.68 -27.13
CA GLN B 297 9.85 39.59 -27.53
C GLN B 297 9.38 39.42 -28.99
N HIS B 298 9.92 38.42 -29.68
CA HIS B 298 9.56 38.18 -31.06
C HIS B 298 9.24 36.74 -31.33
N GLY B 299 9.34 35.91 -30.29
CA GLY B 299 9.05 34.50 -30.49
C GLY B 299 9.80 34.03 -31.72
N THR B 300 10.95 34.66 -31.94
CA THR B 300 11.79 34.36 -33.08
C THR B 300 13.05 35.21 -33.04
N ILE B 301 14.09 34.69 -33.69
CA ILE B 301 15.37 35.36 -33.81
C ILE B 301 15.35 36.00 -35.21
N LEU B 302 14.49 35.48 -36.08
CA LEU B 302 14.40 36.00 -37.45
C LEU B 302 14.18 37.49 -37.54
N GLY B 303 15.16 38.16 -38.13
CA GLY B 303 15.10 39.60 -38.29
C GLY B 303 15.81 40.29 -37.16
N PHE B 304 16.80 39.60 -36.58
CA PHE B 304 17.59 40.19 -35.49
C PHE B 304 18.24 41.46 -36.03
N PRO B 305 17.98 42.60 -35.38
CA PRO B 305 18.56 43.86 -35.83
C PRO B 305 20.04 43.82 -36.18
N LYS B 306 20.80 42.88 -35.62
CA LYS B 306 22.22 42.89 -35.92
C LYS B 306 22.85 41.70 -36.65
N ALA B 307 22.10 41.07 -37.56
CA ALA B 307 22.62 39.95 -38.33
C ALA B 307 21.67 39.63 -39.49
N LYS B 308 22.26 39.40 -40.67
CA LYS B 308 21.49 39.12 -41.91
C LYS B 308 20.88 37.74 -41.91
N ILE B 309 19.61 37.65 -42.28
CA ILE B 309 18.94 36.34 -42.31
C ILE B 309 19.70 35.42 -43.24
N TYR B 310 20.53 34.57 -42.67
CA TYR B 310 21.34 33.63 -43.40
C TYR B 310 20.44 32.54 -44.01
N GLU B 311 20.83 32.07 -45.19
CA GLU B 311 20.09 31.03 -45.87
C GLU B 311 21.06 29.98 -46.35
N GLY B 312 21.06 28.85 -45.69
CA GLY B 312 21.93 27.76 -46.10
C GLY B 312 21.66 26.63 -45.12
N SER B 313 22.73 26.00 -44.65
CA SER B 313 22.62 24.95 -43.68
C SER B 313 23.35 25.55 -42.48
N ILE B 314 22.64 25.76 -41.38
CA ILE B 314 23.32 26.32 -40.23
C ILE B 314 24.45 25.32 -39.85
N LEU B 315 24.20 24.05 -40.12
CA LEU B 315 25.18 23.02 -39.83
C LEU B 315 26.40 23.12 -40.73
N GLU B 316 26.20 23.61 -41.94
CA GLU B 316 27.28 23.78 -42.90
C GLU B 316 28.09 25.07 -42.66
N VAL B 317 27.73 25.82 -41.64
CA VAL B 317 28.42 27.08 -41.34
C VAL B 317 29.92 26.96 -41.05
N ASP B 318 30.66 27.93 -41.56
CA ASP B 318 32.09 28.01 -41.36
C ASP B 318 32.34 28.57 -39.95
N CYS B 319 32.79 27.69 -39.07
CA CYS B 319 33.05 28.06 -37.71
C CYS B 319 33.79 26.89 -37.07
N ASP B 320 34.67 27.19 -36.12
CA ASP B 320 35.45 26.17 -35.44
C ASP B 320 34.61 25.07 -34.81
N ILE B 321 33.54 25.49 -34.12
CA ILE B 321 32.69 24.53 -33.45
C ILE B 321 31.25 24.70 -33.89
N LEU B 322 30.61 23.56 -34.15
CA LEU B 322 29.20 23.53 -34.49
C LEU B 322 28.61 22.78 -33.29
N ILE B 323 27.55 23.36 -32.74
CA ILE B 323 26.90 22.78 -31.59
C ILE B 323 25.46 22.48 -31.96
N PRO B 324 25.16 21.23 -32.36
CA PRO B 324 23.78 20.89 -32.69
C PRO B 324 22.99 20.94 -31.38
N ALA B 325 21.91 21.72 -31.35
CA ALA B 325 21.12 21.87 -30.13
C ALA B 325 19.63 21.74 -30.38
N ALA B 326 19.23 20.76 -31.19
CA ALA B 326 17.82 20.54 -31.52
C ALA B 326 17.55 19.05 -31.84
N SER B 327 16.53 18.77 -32.65
CA SER B 327 16.18 17.41 -33.07
C SER B 327 17.39 16.53 -33.44
N GLU B 328 17.24 15.22 -33.37
CA GLU B 328 18.34 14.29 -33.65
C GLU B 328 18.63 14.09 -35.14
N LYS B 329 19.68 13.31 -35.40
CA LYS B 329 20.15 12.97 -36.76
C LYS B 329 20.20 14.10 -37.78
N GLN B 330 20.90 15.18 -37.48
CA GLN B 330 21.04 16.34 -38.36
C GLN B 330 22.32 16.29 -39.23
N LEU B 331 23.45 15.92 -38.64
CA LEU B 331 24.67 15.79 -39.42
C LEU B 331 24.65 14.37 -39.97
N THR B 332 24.04 14.22 -41.12
CA THR B 332 23.95 12.92 -41.75
C THR B 332 25.06 12.80 -42.78
N LYS B 333 25.14 11.64 -43.40
CA LYS B 333 26.13 11.34 -44.44
C LYS B 333 26.09 12.33 -45.62
N SER B 334 24.90 12.91 -45.83
CA SER B 334 24.67 13.85 -46.92
C SER B 334 25.05 15.30 -46.66
N ASN B 335 25.67 15.60 -45.51
CA ASN B 335 26.05 16.98 -45.19
C ASN B 335 27.30 16.99 -44.34
N ALA B 336 27.62 15.81 -43.79
CA ALA B 336 28.80 15.63 -42.96
C ALA B 336 30.03 16.13 -43.72
N PRO B 337 30.21 15.67 -44.97
CA PRO B 337 31.34 16.06 -45.82
C PRO B 337 31.54 17.56 -46.07
N ARG B 338 30.68 18.41 -45.51
CA ARG B 338 30.86 19.84 -45.68
C ARG B 338 30.44 20.67 -44.46
N VAL B 339 30.44 20.08 -43.27
CA VAL B 339 30.04 20.82 -42.08
C VAL B 339 31.03 21.93 -41.73
N LYS B 340 32.24 21.81 -42.27
CA LYS B 340 33.34 22.74 -42.02
C LYS B 340 33.58 23.31 -40.60
N ALA B 341 33.39 22.50 -39.58
CA ALA B 341 33.67 22.94 -38.23
C ALA B 341 34.63 21.89 -37.72
N LYS B 342 35.67 22.34 -37.00
CA LYS B 342 36.65 21.41 -36.45
C LYS B 342 36.12 20.55 -35.30
N ILE B 343 35.25 21.16 -34.50
CA ILE B 343 34.67 20.52 -33.34
C ILE B 343 33.15 20.49 -33.43
N ILE B 344 32.59 19.31 -33.20
CA ILE B 344 31.16 19.16 -33.19
C ILE B 344 30.82 18.88 -31.74
N ALA B 345 30.15 19.86 -31.13
CA ALA B 345 29.72 19.77 -29.75
C ALA B 345 28.29 19.23 -29.80
N GLU B 346 28.13 17.94 -29.57
CA GLU B 346 26.83 17.31 -29.57
C GLU B 346 26.00 17.65 -28.31
N GLY B 347 25.38 18.83 -28.33
CA GLY B 347 24.55 19.25 -27.21
C GLY B 347 23.19 18.59 -27.27
N ALA B 348 22.75 18.29 -28.49
CA ALA B 348 21.49 17.60 -28.70
C ALA B 348 21.74 16.09 -28.61
N ASN B 349 20.66 15.33 -28.46
CA ASN B 349 20.78 13.87 -28.38
C ASN B 349 20.86 13.29 -29.78
N GLY B 350 21.78 12.36 -29.96
CA GLY B 350 21.98 11.72 -31.24
C GLY B 350 21.91 12.57 -32.52
N PRO B 351 22.65 13.71 -32.61
CA PRO B 351 22.61 14.53 -33.83
C PRO B 351 23.42 13.94 -34.99
N THR B 352 24.52 13.26 -34.73
CA THR B 352 25.29 12.71 -35.84
C THR B 352 25.13 11.21 -36.03
N THR B 353 24.86 10.87 -37.29
CA THR B 353 24.66 9.49 -37.78
C THR B 353 25.97 8.74 -37.88
N PRO B 354 25.90 7.40 -37.78
CA PRO B 354 27.11 6.56 -37.88
C PRO B 354 27.90 6.96 -39.13
N GLN B 355 27.21 7.00 -40.26
CA GLN B 355 27.85 7.38 -41.54
C GLN B 355 28.56 8.73 -41.42
N ALA B 356 27.82 9.73 -40.94
CA ALA B 356 28.39 11.05 -40.76
C ALA B 356 29.61 10.97 -39.82
N ASP B 357 29.52 10.11 -38.83
CA ASP B 357 30.62 9.95 -37.91
C ASP B 357 31.83 9.50 -38.70
N LYS B 358 31.64 8.46 -39.52
CA LYS B 358 32.72 7.92 -40.32
C LYS B 358 33.42 9.04 -41.09
N ILE B 359 32.60 9.84 -41.76
CA ILE B 359 33.10 10.95 -42.55
C ILE B 359 33.91 11.84 -41.61
N PHE B 360 33.28 12.31 -40.53
CA PHE B 360 33.97 13.18 -39.59
C PHE B 360 35.32 12.60 -39.22
N LEU B 361 35.35 11.30 -38.99
CA LEU B 361 36.60 10.63 -38.65
C LEU B 361 37.56 10.87 -39.78
N GLU B 362 37.12 10.55 -41.00
CA GLU B 362 37.94 10.74 -42.21
C GLU B 362 38.33 12.22 -42.38
N ARG B 363 37.36 13.11 -42.49
CA ARG B 363 37.64 14.55 -42.60
C ARG B 363 38.49 14.97 -41.40
N ASN B 364 38.63 14.08 -40.44
CA ASN B 364 39.42 14.30 -39.22
C ASN B 364 38.75 15.37 -38.37
N ILE B 365 37.52 15.07 -37.94
CA ILE B 365 36.74 15.97 -37.11
C ILE B 365 36.46 15.29 -35.78
N MET B 366 36.48 16.11 -34.75
CA MET B 366 36.24 15.65 -33.42
C MET B 366 34.79 15.99 -33.10
N VAL B 367 33.98 14.95 -32.88
CA VAL B 367 32.60 15.12 -32.49
C VAL B 367 32.58 14.68 -31.01
N ILE B 368 32.39 15.63 -30.09
CA ILE B 368 32.31 15.27 -28.69
C ILE B 368 30.93 14.70 -28.52
N PRO B 369 30.85 13.40 -28.19
CA PRO B 369 29.62 12.63 -27.98
C PRO B 369 28.60 13.29 -27.06
N ASP B 370 27.34 13.23 -27.49
CA ASP B 370 26.22 13.79 -26.74
C ASP B 370 26.14 13.00 -25.44
N LEU B 371 26.57 11.74 -25.56
CA LEU B 371 26.66 10.72 -24.54
C LEU B 371 27.53 11.15 -23.34
N TYR B 372 28.19 12.30 -23.48
CA TYR B 372 29.05 12.89 -22.46
C TYR B 372 28.83 14.40 -22.38
N LEU B 373 28.74 15.03 -23.56
CA LEU B 373 28.57 16.47 -23.70
C LEU B 373 27.30 17.06 -23.09
N ASN B 374 26.14 16.42 -23.24
CA ASN B 374 24.91 16.97 -22.63
C ASN B 374 24.56 16.30 -21.27
N ALA B 375 25.58 15.67 -20.68
CA ALA B 375 25.42 15.03 -19.40
C ALA B 375 25.29 16.08 -18.32
N GLY B 376 25.44 17.34 -18.67
CA GLY B 376 25.33 18.44 -17.73
C GLY B 376 23.92 18.66 -17.19
N GLY B 377 22.94 18.13 -17.94
CA GLY B 377 21.54 18.21 -17.55
C GLY B 377 21.22 17.18 -16.48
N VAL B 378 21.61 15.91 -16.69
CA VAL B 378 21.34 14.87 -15.70
C VAL B 378 22.12 15.03 -14.43
N THR B 379 23.31 15.64 -14.52
CA THR B 379 24.13 15.87 -13.36
C THR B 379 23.40 16.85 -12.44
N VAL B 380 23.11 18.05 -12.91
CA VAL B 380 22.42 19.01 -12.09
C VAL B 380 21.02 18.51 -11.67
N SER B 381 20.40 17.70 -12.51
CA SER B 381 19.09 17.12 -12.22
C SER B 381 19.26 16.12 -11.08
N TYR B 382 20.46 15.52 -11.02
CA TYR B 382 20.82 14.57 -9.98
C TYR B 382 21.00 15.33 -8.66
N PHE B 383 21.56 16.54 -8.75
CA PHE B 383 21.78 17.43 -7.61
C PHE B 383 20.47 17.99 -7.12
N GLN B 384 19.41 17.87 -7.95
CA GLN B 384 18.08 18.31 -7.58
C GLN B 384 17.35 17.19 -6.85
N ILE B 385 17.44 15.97 -7.36
CA ILE B 385 16.78 14.86 -6.68
C ILE B 385 17.50 14.77 -5.32
N LEU B 386 18.84 14.79 -5.36
CA LEU B 386 19.63 14.71 -4.13
C LEU B 386 19.14 15.74 -3.13
N LYS B 387 18.94 16.97 -3.60
CA LYS B 387 18.49 18.07 -2.78
C LYS B 387 17.15 17.76 -2.15
N ASN B 388 16.24 17.30 -3.00
CA ASN B 388 14.87 16.97 -2.60
C ASN B 388 14.87 15.93 -1.52
N LEU B 389 15.76 14.96 -1.66
CA LEU B 389 15.87 13.93 -0.68
C LEU B 389 16.33 14.54 0.66
N ASN B 390 17.40 15.34 0.61
CA ASN B 390 17.97 15.97 1.78
C ASN B 390 17.02 16.90 2.53
N HIS B 391 16.02 17.41 1.85
CA HIS B 391 15.06 18.32 2.45
C HIS B 391 15.62 19.63 3.01
N VAL B 392 16.83 19.97 2.58
CA VAL B 392 17.52 21.20 3.00
C VAL B 392 18.29 21.81 1.86
N SER B 393 18.20 23.11 1.77
CA SER B 393 18.92 23.88 0.78
C SER B 393 20.34 23.87 1.26
N TYR B 394 21.29 23.63 0.37
CA TYR B 394 22.68 23.59 0.76
C TYR B 394 23.17 24.78 1.54
N GLY B 395 23.85 24.50 2.66
CA GLY B 395 24.41 25.53 3.52
C GLY B 395 23.62 25.95 4.73
N ARG B 396 22.33 26.24 4.56
CA ARG B 396 21.47 26.70 5.65
C ARG B 396 21.84 26.23 7.05
N LEU B 397 22.23 24.97 7.21
CA LEU B 397 22.59 24.42 8.52
C LEU B 397 24.01 24.73 8.99
N THR B 398 24.94 24.89 8.06
CA THR B 398 26.33 25.15 8.43
C THR B 398 26.92 26.55 8.26
N PHE B 399 26.51 27.32 7.26
CA PHE B 399 27.03 28.67 7.01
C PHE B 399 27.67 29.39 8.21
N LYS B 400 26.89 29.55 9.28
CA LYS B 400 27.42 30.23 10.47
C LYS B 400 28.57 29.47 11.13
N TYR B 401 28.35 28.20 11.49
CA TYR B 401 29.41 27.44 12.08
C TYR B 401 30.64 27.52 11.19
N GLU B 402 30.42 27.23 9.91
CA GLU B 402 31.45 27.28 8.90
C GLU B 402 32.26 28.55 8.96
N ARG B 403 31.56 29.68 8.99
CA ARG B 403 32.20 30.99 9.04
C ARG B 403 32.98 31.20 10.35
N ASP B 404 32.27 31.16 11.47
CA ASP B 404 32.89 31.33 12.80
C ASP B 404 34.18 30.49 12.89
N SER B 405 34.02 29.18 12.76
CA SER B 405 35.15 28.28 12.81
C SER B 405 36.27 28.77 11.93
N ASN B 406 35.95 29.12 10.68
CA ASN B 406 36.96 29.60 9.72
C ASN B 406 37.77 30.77 10.25
N TYR B 407 37.07 31.78 10.75
CA TYR B 407 37.74 32.94 11.33
C TYR B 407 38.67 32.50 12.48
N HIS B 408 38.17 31.63 13.36
CA HIS B 408 38.96 31.12 14.46
C HIS B 408 40.23 30.47 13.87
N LEU B 409 40.08 29.62 12.86
CA LEU B 409 41.23 28.95 12.27
C LEU B 409 42.30 29.95 11.89
N LEU B 410 41.90 30.99 11.16
CA LEU B 410 42.87 32.00 10.75
C LEU B 410 43.45 32.60 11.99
N MET B 411 42.59 33.12 12.86
CA MET B 411 43.04 33.72 14.13
C MET B 411 43.99 32.83 14.93
N SER B 412 43.98 31.53 14.67
CA SER B 412 44.90 30.63 15.33
C SER B 412 46.26 30.98 14.74
N VAL B 413 46.48 30.71 13.44
CA VAL B 413 47.77 31.02 12.82
C VAL B 413 48.23 32.43 13.23
N GLN B 414 47.29 33.39 13.26
CA GLN B 414 47.62 34.76 13.66
C GLN B 414 48.33 34.75 14.99
N GLU B 415 47.58 34.54 16.07
CA GLU B 415 48.18 34.48 17.41
C GLU B 415 49.44 33.59 17.44
N SER B 416 49.39 32.49 16.70
CA SER B 416 50.52 31.57 16.64
C SER B 416 51.75 32.37 16.24
N LEU B 417 51.61 33.17 15.18
CA LEU B 417 52.72 33.97 14.69
C LEU B 417 53.12 35.06 15.70
N GLU B 418 52.12 35.79 16.20
CA GLU B 418 52.35 36.88 17.16
C GLU B 418 53.09 36.36 18.37
N ARG B 419 52.57 35.28 18.95
CA ARG B 419 53.20 34.72 20.14
C ARG B 419 54.72 34.53 19.96
N LYS B 420 55.16 34.12 18.78
CA LYS B 420 56.59 33.96 18.56
C LYS B 420 57.19 35.30 18.30
N PHE B 421 56.83 35.93 17.19
CA PHE B 421 57.36 37.25 16.84
C PHE B 421 56.75 38.39 17.69
N GLY B 422 56.52 38.08 18.97
CA GLY B 422 55.93 39.00 19.94
C GLY B 422 55.47 40.40 19.59
N LYS B 423 56.05 41.37 20.29
CA LYS B 423 55.72 42.79 20.12
C LYS B 423 56.24 43.43 18.86
N HIS B 424 57.32 42.88 18.31
CA HIS B 424 57.81 43.45 17.05
C HIS B 424 56.74 43.10 16.04
N GLY B 425 56.41 41.80 16.00
CA GLY B 425 55.36 41.30 15.12
C GLY B 425 54.18 42.13 15.54
N GLY B 426 54.06 42.31 16.87
CA GLY B 426 52.99 43.10 17.44
C GLY B 426 51.67 42.63 16.90
N THR B 427 51.31 43.14 15.73
CA THR B 427 50.09 42.73 15.13
C THR B 427 50.25 42.26 13.69
N ILE B 428 50.14 40.96 13.48
CA ILE B 428 50.17 40.40 12.14
C ILE B 428 48.71 39.94 11.91
N PRO B 429 47.91 40.81 11.28
CA PRO B 429 46.52 40.47 11.03
C PRO B 429 46.50 39.45 9.92
N ILE B 430 45.69 38.40 10.09
CA ILE B 430 45.55 37.38 9.09
C ILE B 430 44.15 37.59 8.54
N VAL B 431 44.07 37.89 7.26
CA VAL B 431 42.77 38.17 6.68
C VAL B 431 42.48 37.37 5.39
N PRO B 432 41.27 36.80 5.28
CA PRO B 432 40.98 36.06 4.07
C PRO B 432 41.09 37.04 2.86
N THR B 433 41.63 36.52 1.76
CA THR B 433 41.75 37.25 0.51
C THR B 433 40.32 37.59 0.08
N ALA B 434 40.19 38.25 -1.06
CA ALA B 434 38.87 38.60 -1.57
C ALA B 434 38.18 37.28 -1.81
N GLU B 435 38.87 36.44 -2.57
CA GLU B 435 38.37 35.13 -2.96
C GLU B 435 37.93 34.29 -1.78
N PHE B 436 38.84 34.03 -0.86
CA PHE B 436 38.49 33.24 0.31
C PHE B 436 37.35 33.87 1.09
N GLN B 437 37.28 35.20 1.04
CA GLN B 437 36.23 35.91 1.74
C GLN B 437 34.91 35.43 1.23
N ASP B 438 34.77 35.37 -0.09
CA ASP B 438 33.53 34.91 -0.71
C ASP B 438 33.46 33.37 -0.74
N ARG B 439 34.02 32.75 0.29
CA ARG B 439 34.04 31.30 0.44
C ARG B 439 34.13 30.98 1.92
N ILE B 440 34.21 32.05 2.71
CA ILE B 440 34.34 31.95 4.16
C ILE B 440 33.14 31.25 4.82
N SER B 441 31.98 31.31 4.19
CA SER B 441 30.84 30.63 4.78
C SER B 441 30.63 29.22 4.22
N GLY B 442 31.53 28.80 3.34
CA GLY B 442 31.42 27.48 2.73
C GLY B 442 30.53 27.55 1.49
N ALA B 443 30.44 26.44 0.76
CA ALA B 443 29.62 26.41 -0.44
C ALA B 443 28.11 26.52 -0.20
N SER B 444 27.45 27.11 -1.18
CA SER B 444 26.01 27.31 -1.16
C SER B 444 25.53 26.42 -2.27
N GLU B 445 24.21 26.26 -2.38
CA GLU B 445 23.61 25.44 -3.42
C GLU B 445 24.20 25.75 -4.80
N LYS B 446 24.43 27.03 -5.08
CA LYS B 446 24.96 27.47 -6.36
C LYS B 446 26.41 27.02 -6.53
N ASP B 447 27.17 27.04 -5.44
CA ASP B 447 28.57 26.63 -5.42
C ASP B 447 28.63 25.15 -5.74
N ILE B 448 27.87 24.36 -4.98
CA ILE B 448 27.85 22.91 -5.16
C ILE B 448 27.47 22.52 -6.58
N VAL B 449 26.40 23.11 -7.11
CA VAL B 449 25.97 22.80 -8.47
C VAL B 449 27.10 23.06 -9.44
N HIS B 450 27.56 24.32 -9.48
CA HIS B 450 28.62 24.70 -10.41
C HIS B 450 29.90 23.90 -10.20
N SER B 451 30.51 24.05 -9.04
CA SER B 451 31.74 23.34 -8.69
C SER B 451 31.55 21.84 -8.97
N GLY B 452 30.36 21.34 -8.61
CA GLY B 452 30.03 19.93 -8.78
C GLY B 452 29.97 19.43 -10.20
N LEU B 453 29.26 20.18 -11.03
CA LEU B 453 29.12 19.83 -12.43
C LEU B 453 30.51 19.85 -13.06
N ALA B 454 31.22 20.92 -12.73
CA ALA B 454 32.58 21.14 -13.22
C ALA B 454 33.50 19.95 -12.94
N TYR B 455 33.43 19.43 -11.72
CA TYR B 455 34.24 18.28 -11.34
C TYR B 455 33.83 17.02 -12.08
N THR B 456 32.52 16.80 -12.22
CA THR B 456 32.04 15.59 -12.88
C THR B 456 32.28 15.61 -14.38
N MET B 457 32.15 16.80 -14.95
CA MET B 457 32.35 16.94 -16.39
C MET B 457 33.79 16.73 -16.78
N GLU B 458 34.67 17.35 -16.00
CA GLU B 458 36.10 17.24 -16.23
C GLU B 458 36.63 15.83 -15.97
N ARG B 459 36.01 15.15 -15.03
CA ARG B 459 36.41 13.80 -14.69
C ARG B 459 36.03 12.81 -15.80
N SER B 460 34.77 12.87 -16.24
CA SER B 460 34.31 11.96 -17.27
C SER B 460 35.05 12.20 -18.57
N ALA B 461 35.57 13.42 -18.74
CA ALA B 461 36.34 13.77 -19.93
C ALA B 461 37.67 12.96 -19.94
N ARG B 462 38.48 13.14 -18.89
CA ARG B 462 39.75 12.45 -18.74
C ARG B 462 39.48 10.97 -18.83
N GLN B 463 38.35 10.55 -18.27
CA GLN B 463 37.93 9.15 -18.29
C GLN B 463 37.83 8.71 -19.77
N ILE B 464 37.24 9.59 -20.59
CA ILE B 464 37.07 9.33 -22.04
C ILE B 464 38.41 9.30 -22.78
N MET B 465 39.28 10.26 -22.46
CA MET B 465 40.60 10.34 -23.07
C MET B 465 41.44 9.09 -22.80
N ARG B 466 41.63 8.72 -21.55
CA ARG B 466 42.41 7.52 -21.25
C ARG B 466 41.92 6.37 -22.11
N THR B 467 40.61 6.25 -22.26
CA THR B 467 40.04 5.18 -23.04
C THR B 467 40.34 5.38 -24.51
N ALA B 468 40.22 6.63 -24.96
CA ALA B 468 40.48 6.94 -26.37
C ALA B 468 41.93 6.55 -26.70
N MET B 469 42.81 6.70 -25.70
CA MET B 469 44.22 6.36 -25.85
C MET B 469 44.42 4.85 -25.84
N LYS B 470 44.21 4.23 -24.69
CA LYS B 470 44.37 2.80 -24.54
C LYS B 470 43.95 2.03 -25.79
N TYR B 471 42.96 2.56 -26.53
CA TYR B 471 42.46 1.88 -27.73
C TYR B 471 42.69 2.55 -29.12
N ASN B 472 43.44 3.65 -29.16
CA ASN B 472 43.74 4.35 -30.40
C ASN B 472 42.50 4.87 -31.11
N LEU B 473 41.48 5.27 -30.36
CA LEU B 473 40.29 5.76 -31.03
C LEU B 473 40.67 7.11 -31.65
N GLY B 474 41.62 7.79 -31.01
CA GLY B 474 42.06 9.06 -31.52
C GLY B 474 41.02 10.16 -31.41
N LEU B 475 40.35 10.47 -32.50
CA LEU B 475 39.32 11.51 -32.42
C LEU B 475 37.95 10.88 -32.52
N ASP B 476 37.87 9.61 -32.10
CA ASP B 476 36.63 8.85 -32.12
C ASP B 476 36.19 8.73 -30.66
N LEU B 477 36.08 9.89 -30.01
CA LEU B 477 35.71 10.01 -28.62
C LEU B 477 34.49 9.19 -28.20
N ARG B 478 33.51 9.12 -29.09
CA ARG B 478 32.28 8.38 -28.83
C ARG B 478 32.48 6.95 -28.40
N THR B 479 32.95 6.11 -29.31
CA THR B 479 33.12 4.72 -28.94
C THR B 479 34.05 4.46 -27.74
N ALA B 480 34.81 5.49 -27.35
CA ALA B 480 35.68 5.40 -26.18
C ALA B 480 34.72 5.55 -25.01
N ALA B 481 33.77 6.47 -25.15
CA ALA B 481 32.78 6.74 -24.15
C ALA B 481 31.90 5.51 -23.94
N TYR B 482 31.48 4.90 -25.04
CA TYR B 482 30.62 3.73 -24.96
C TYR B 482 31.38 2.64 -24.24
N VAL B 483 32.67 2.53 -24.54
CA VAL B 483 33.53 1.55 -23.87
C VAL B 483 33.41 1.71 -22.34
N ASN B 484 33.35 2.95 -21.88
CA ASN B 484 33.18 3.23 -20.46
C ASN B 484 31.76 2.87 -20.06
N ALA B 485 30.80 3.53 -20.71
CA ALA B 485 29.39 3.35 -20.46
C ALA B 485 29.02 1.89 -20.51
N ILE B 486 29.87 1.06 -21.10
CA ILE B 486 29.60 -0.35 -21.21
C ILE B 486 30.16 -1.21 -20.08
N GLU B 487 31.29 -0.86 -19.52
CA GLU B 487 31.78 -1.73 -18.47
C GLU B 487 31.25 -1.42 -17.11
N LYS B 488 30.70 -0.23 -16.95
CA LYS B 488 30.08 0.14 -15.68
C LYS B 488 28.73 -0.57 -15.71
N VAL B 489 27.97 -0.27 -16.77
CA VAL B 489 26.65 -0.86 -17.01
C VAL B 489 26.79 -2.37 -17.13
N PHE B 490 28.01 -2.86 -17.28
CA PHE B 490 28.24 -4.29 -17.38
C PHE B 490 28.55 -4.83 -15.99
N ARG B 491 29.44 -4.12 -15.27
CA ARG B 491 29.83 -4.59 -13.96
C ARG B 491 28.63 -4.77 -13.06
N VAL B 492 27.63 -3.88 -13.16
CA VAL B 492 26.42 -4.01 -12.34
C VAL B 492 25.67 -5.30 -12.70
N TYR B 493 25.29 -5.43 -13.97
CA TYR B 493 24.55 -6.60 -14.45
C TYR B 493 25.21 -7.89 -14.04
N ASN B 494 26.43 -8.08 -14.52
CA ASN B 494 27.15 -9.31 -14.22
C ASN B 494 27.16 -9.68 -12.74
N GLU B 495 27.53 -8.72 -11.89
CA GLU B 495 27.62 -8.97 -10.47
C GLU B 495 26.25 -9.07 -9.76
N ALA B 496 25.15 -9.01 -10.52
CA ALA B 496 23.81 -9.10 -9.95
C ALA B 496 23.21 -10.48 -10.18
N GLY B 497 23.99 -11.35 -10.80
CA GLY B 497 23.51 -12.68 -11.13
C GLY B 497 22.61 -12.54 -12.36
N VAL B 498 22.66 -11.34 -12.97
CA VAL B 498 21.87 -10.97 -14.12
C VAL B 498 20.40 -10.86 -13.77
N THR B 499 19.68 -11.97 -13.80
CA THR B 499 18.26 -11.92 -13.55
C THR B 499 17.74 -13.16 -12.84
N PHE B 500 16.64 -13.03 -12.10
CA PHE B 500 16.05 -14.20 -11.48
C PHE B 500 15.29 -14.91 -12.62
N THR B 501 16.07 -15.41 -13.58
CA THR B 501 15.62 -16.11 -14.80
C THR B 501 14.33 -15.58 -15.42
N ALA C 1 -35.89 29.72 9.31
CA ALA C 1 -35.74 30.84 10.31
C ALA C 1 -36.92 30.84 11.30
N ASP C 2 -37.13 29.73 12.01
CA ASP C 2 -38.26 29.64 12.92
C ASP C 2 -38.22 30.42 14.24
N ARG C 3 -37.49 31.54 14.25
CA ARG C 3 -37.41 32.38 15.46
C ARG C 3 -37.31 31.43 16.66
N GLU C 4 -38.18 31.57 17.65
CA GLU C 4 -38.15 30.62 18.75
C GLU C 4 -38.58 29.31 18.08
N ASP C 5 -37.65 28.34 18.07
CA ASP C 5 -37.84 27.01 17.48
C ASP C 5 -37.18 26.81 16.10
N ASP C 6 -35.86 26.99 16.10
CA ASP C 6 -35.00 26.77 14.92
C ASP C 6 -33.76 26.23 15.63
N PRO C 7 -33.85 24.97 16.13
CA PRO C 7 -32.85 24.20 16.88
C PRO C 7 -31.58 23.75 16.12
N ASN C 8 -30.54 23.46 16.89
CA ASN C 8 -29.30 22.98 16.31
C ASN C 8 -29.56 21.54 15.83
N PHE C 9 -29.58 21.41 14.50
CA PHE C 9 -29.86 20.15 13.82
C PHE C 9 -29.17 18.92 14.43
N PHE C 10 -27.91 19.05 14.87
CA PHE C 10 -27.26 17.89 15.45
C PHE C 10 -27.82 17.55 16.84
N LYS C 11 -28.02 18.57 17.65
CA LYS C 11 -28.53 18.33 18.98
C LYS C 11 -29.96 17.84 18.94
N MET C 12 -30.70 18.30 17.94
CA MET C 12 -32.10 17.89 17.79
C MET C 12 -32.13 16.34 17.64
N VAL C 13 -31.53 15.84 16.54
CA VAL C 13 -31.44 14.40 16.27
C VAL C 13 -30.85 13.68 17.47
N GLU C 14 -29.91 14.35 18.14
CA GLU C 14 -29.23 13.81 19.32
C GLU C 14 -30.28 13.59 20.39
N GLY C 15 -31.15 14.57 20.49
CA GLY C 15 -32.23 14.52 21.44
C GLY C 15 -33.16 13.36 21.13
N PHE C 16 -33.69 13.33 19.90
CA PHE C 16 -34.56 12.25 19.47
C PHE C 16 -33.92 10.94 19.97
N PHE C 17 -32.61 10.79 19.74
CA PHE C 17 -31.86 9.61 20.20
C PHE C 17 -32.06 9.42 21.70
N ASP C 18 -31.92 10.51 22.45
CA ASP C 18 -32.08 10.46 23.89
C ASP C 18 -33.42 9.94 24.38
N ARG C 19 -34.55 10.40 23.81
CA ARG C 19 -35.85 9.91 24.28
C ARG C 19 -35.97 8.38 24.13
N GLY C 20 -35.43 7.85 23.03
CA GLY C 20 -35.49 6.41 22.84
C GLY C 20 -34.59 5.76 23.87
N ALA C 21 -33.46 6.39 24.16
CA ALA C 21 -32.52 5.88 25.11
C ALA C 21 -33.17 5.74 26.48
N SER C 22 -34.24 6.50 26.68
CA SER C 22 -34.95 6.47 27.94
C SER C 22 -35.85 5.23 28.02
N ILE C 23 -36.71 5.12 27.01
CA ILE C 23 -37.65 4.03 26.93
C ILE C 23 -36.92 2.68 26.91
N VAL C 24 -35.59 2.69 26.70
CA VAL C 24 -34.81 1.45 26.67
C VAL C 24 -33.75 1.22 27.73
N GLU C 25 -33.04 2.28 28.14
CA GLU C 25 -31.96 2.18 29.14
C GLU C 25 -32.04 0.98 30.08
N ASP C 26 -33.19 0.86 30.74
CA ASP C 26 -33.44 -0.25 31.65
C ASP C 26 -33.14 -1.63 31.03
N LYS C 27 -33.94 -2.02 30.04
CA LYS C 27 -33.77 -3.28 29.36
C LYS C 27 -32.35 -3.48 28.85
N LEU C 28 -31.69 -2.40 28.46
CA LEU C 28 -30.31 -2.51 27.98
C LEU C 28 -29.50 -3.02 29.17
N VAL C 29 -29.70 -2.36 30.30
CA VAL C 29 -29.05 -2.72 31.57
C VAL C 29 -29.50 -4.14 31.96
N GLU C 30 -30.76 -4.42 31.66
CA GLU C 30 -31.37 -5.70 31.97
C GLU C 30 -30.67 -6.83 31.22
N ASP C 31 -30.97 -6.96 29.94
CA ASP C 31 -30.39 -7.99 29.10
C ASP C 31 -28.90 -8.11 29.44
N LEU C 32 -28.24 -6.96 29.54
CA LEU C 32 -26.84 -6.91 29.91
C LEU C 32 -26.68 -7.80 31.12
N LYS C 33 -25.81 -8.80 31.04
CA LYS C 33 -25.64 -9.73 32.14
C LYS C 33 -24.23 -9.81 32.74
N THR C 34 -23.33 -8.98 32.22
CA THR C 34 -21.94 -8.90 32.68
C THR C 34 -21.75 -8.99 34.20
N ARG C 35 -21.44 -10.22 34.64
CA ARG C 35 -21.20 -10.61 36.03
C ARG C 35 -21.11 -9.46 37.04
N GLN C 36 -19.91 -9.28 37.60
CA GLN C 36 -19.63 -8.24 38.60
C GLN C 36 -20.25 -6.90 38.17
N THR C 37 -21.25 -6.48 38.94
CA THR C 37 -21.98 -5.25 38.68
C THR C 37 -23.11 -5.16 39.68
N GLN C 38 -23.99 -4.21 39.44
CA GLN C 38 -25.19 -3.97 40.24
C GLN C 38 -25.94 -3.13 39.22
N GLU C 39 -25.79 -1.81 39.31
CA GLU C 39 -26.38 -0.92 38.34
C GLU C 39 -25.15 -0.31 37.68
N GLN C 40 -24.04 -1.04 37.81
CA GLN C 40 -22.78 -0.69 37.22
C GLN C 40 -23.18 -0.87 35.77
N LYS C 41 -24.04 -1.89 35.59
CA LYS C 41 -24.63 -2.25 34.30
C LYS C 41 -25.20 -0.98 33.72
N ARG C 42 -25.90 -0.24 34.56
CA ARG C 42 -26.49 1.03 34.12
C ARG C 42 -25.45 2.01 33.59
N ASN C 43 -24.45 2.31 34.42
CA ASN C 43 -23.39 3.24 34.04
C ASN C 43 -22.74 2.82 32.71
N ARG C 44 -22.53 1.51 32.55
CA ARG C 44 -21.96 0.93 31.35
C ARG C 44 -22.92 1.29 30.25
N VAL C 45 -24.18 0.86 30.42
CA VAL C 45 -25.26 1.14 29.48
C VAL C 45 -25.34 2.66 29.23
N ARG C 46 -24.86 3.40 30.21
CA ARG C 46 -24.89 4.85 30.10
C ARG C 46 -23.69 5.46 29.37
N GLY C 47 -22.55 4.82 29.52
CA GLY C 47 -21.38 5.32 28.84
C GLY C 47 -21.56 5.07 27.36
N ILE C 48 -21.91 3.84 27.03
CA ILE C 48 -22.09 3.44 25.65
C ILE C 48 -22.98 4.39 24.86
N LEU C 49 -24.14 4.75 25.41
CA LEU C 49 -25.04 5.62 24.68
C LEU C 49 -24.44 7.01 24.49
N ARG C 50 -23.46 7.31 25.33
CA ARG C 50 -22.78 8.60 25.28
C ARG C 50 -21.73 8.51 24.16
N ILE C 51 -21.14 7.33 24.05
CA ILE C 51 -20.14 7.03 23.06
C ILE C 51 -20.78 6.95 21.68
N ILE C 52 -22.05 6.59 21.62
CA ILE C 52 -22.72 6.47 20.34
C ILE C 52 -23.13 7.78 19.70
N LYS C 53 -23.75 8.66 20.51
CA LYS C 53 -24.23 9.95 20.03
C LYS C 53 -23.37 10.76 19.07
N PRO C 54 -22.11 11.07 19.44
CA PRO C 54 -21.23 11.86 18.58
C PRO C 54 -20.63 11.22 17.33
N CYS C 55 -20.28 12.06 16.36
CA CYS C 55 -19.67 11.60 15.11
C CYS C 55 -18.20 11.23 15.35
N ASN C 56 -17.77 10.11 14.78
CA ASN C 56 -16.40 9.66 14.96
C ASN C 56 -15.43 10.58 14.29
N HIS C 57 -15.55 10.71 12.97
CA HIS C 57 -14.62 11.54 12.20
C HIS C 57 -15.40 12.53 11.36
N VAL C 58 -14.93 13.79 11.30
CA VAL C 58 -15.59 14.78 10.45
C VAL C 58 -14.46 15.55 9.78
N LEU C 59 -14.45 15.55 8.46
CA LEU C 59 -13.43 16.22 7.65
C LEU C 59 -14.06 17.45 7.01
N SER C 60 -13.36 18.58 7.14
CA SER C 60 -13.78 19.87 6.60
C SER C 60 -12.75 20.35 5.58
N LEU C 61 -13.17 20.36 4.33
CA LEU C 61 -12.31 20.76 3.23
C LEU C 61 -12.57 22.19 2.74
N SER C 62 -11.61 22.68 1.99
CA SER C 62 -11.69 23.99 1.39
C SER C 62 -10.75 23.80 0.24
N PHE C 63 -11.23 23.96 -0.99
CA PHE C 63 -10.35 23.79 -2.12
C PHE C 63 -10.70 24.69 -3.28
N PRO C 64 -9.70 25.02 -4.08
CA PRO C 64 -9.93 25.89 -5.21
C PRO C 64 -10.38 25.13 -6.46
N ILE C 65 -11.09 25.84 -7.29
CA ILE C 65 -11.57 25.37 -8.58
C ILE C 65 -11.51 26.68 -9.36
N ARG C 66 -11.10 26.62 -10.61
CA ARG C 66 -11.03 27.84 -11.39
C ARG C 66 -12.33 27.98 -12.16
N ARG C 67 -13.18 28.90 -11.70
CA ARG C 67 -14.47 29.18 -12.34
C ARG C 67 -14.24 29.37 -13.82
N ASP C 68 -15.20 28.92 -14.62
CA ASP C 68 -15.09 29.01 -16.08
C ASP C 68 -14.47 30.32 -16.54
N ASP C 69 -15.01 31.42 -16.01
CA ASP C 69 -14.47 32.75 -16.33
C ASP C 69 -13.26 32.93 -15.39
N GLY C 70 -12.08 32.54 -15.87
CA GLY C 70 -10.82 32.67 -15.13
C GLY C 70 -10.76 32.55 -13.61
N SER C 71 -11.48 33.43 -12.93
CA SER C 71 -11.58 33.53 -11.47
C SER C 71 -11.37 32.30 -10.61
N TRP C 72 -10.52 32.45 -9.63
CA TRP C 72 -10.24 31.36 -8.74
C TRP C 72 -11.31 31.40 -7.67
N GLU C 73 -11.67 30.23 -7.15
CA GLU C 73 -12.69 30.17 -6.12
C GLU C 73 -12.50 29.05 -5.11
N VAL C 74 -12.38 29.44 -3.84
CA VAL C 74 -12.22 28.50 -2.76
C VAL C 74 -13.62 27.91 -2.50
N ILE C 75 -13.68 26.61 -2.21
CA ILE C 75 -14.96 25.94 -1.97
C ILE C 75 -14.97 25.22 -0.62
N GLU C 76 -16.12 25.19 0.03
CA GLU C 76 -16.28 24.51 1.31
C GLU C 76 -16.90 23.13 1.16
N GLY C 77 -16.35 22.15 1.88
CA GLY C 77 -16.86 20.80 1.81
C GLY C 77 -16.73 20.13 3.15
N TYR C 78 -17.61 19.18 3.42
CA TYR C 78 -17.58 18.42 4.66
C TYR C 78 -18.00 17.00 4.37
N ARG C 79 -17.54 16.08 5.20
CA ARG C 79 -17.91 14.67 5.08
C ARG C 79 -17.80 14.19 6.49
N ALA C 80 -18.94 14.00 7.13
CA ALA C 80 -18.95 13.50 8.48
C ALA C 80 -19.25 11.99 8.48
N GLN C 81 -18.41 11.22 9.15
CA GLN C 81 -18.62 9.80 9.26
C GLN C 81 -19.03 9.64 10.70
N HIS C 82 -20.33 9.50 10.91
CA HIS C 82 -20.86 9.35 12.26
C HIS C 82 -20.43 8.08 12.98
N SER C 83 -20.60 6.91 12.35
CA SER C 83 -20.24 5.67 13.03
C SER C 83 -19.58 4.60 12.18
N HIS C 84 -18.92 3.69 12.87
CA HIS C 84 -18.21 2.61 12.21
C HIS C 84 -18.66 1.23 12.71
N GLN C 85 -19.53 1.21 13.72
CA GLN C 85 -20.01 -0.05 14.31
C GLN C 85 -20.35 -1.07 13.22
N ARG C 86 -20.55 -0.54 12.03
CA ARG C 86 -20.78 -1.30 10.84
C ARG C 86 -19.85 -0.44 9.97
N THR C 87 -18.91 -1.03 9.23
CA THR C 87 -17.96 -0.22 8.50
C THR C 87 -18.30 0.66 7.33
N PRO C 88 -18.57 0.11 6.12
CA PRO C 88 -18.85 1.11 5.09
C PRO C 88 -19.90 2.10 5.57
N CYS C 89 -19.48 3.31 5.93
CA CYS C 89 -20.42 4.30 6.38
C CYS C 89 -21.09 4.70 5.08
N LYS C 90 -22.32 5.17 5.16
CA LYS C 90 -23.07 5.57 3.99
C LYS C 90 -23.89 6.82 4.22
N GLY C 91 -23.98 7.64 3.18
CA GLY C 91 -24.73 8.88 3.27
C GLY C 91 -24.60 9.66 1.99
N GLY C 92 -25.59 10.49 1.68
CA GLY C 92 -25.53 11.29 0.47
C GLY C 92 -24.69 12.54 0.54
N ILE C 93 -24.38 13.09 -0.62
CA ILE C 93 -23.59 14.31 -0.72
C ILE C 93 -24.54 15.43 -1.09
N ARG C 94 -24.78 16.36 -0.15
CA ARG C 94 -25.70 17.49 -0.40
C ARG C 94 -25.04 18.76 -0.97
N TYR C 95 -25.55 19.25 -2.09
CA TYR C 95 -25.04 20.46 -2.69
C TYR C 95 -26.08 21.53 -2.42
N SER C 96 -25.78 22.40 -1.47
CA SER C 96 -26.66 23.50 -1.11
C SER C 96 -25.86 24.49 -0.31
N THR C 97 -26.22 25.76 -0.42
CA THR C 97 -25.51 26.79 0.35
C THR C 97 -25.85 26.60 1.82
N ASP C 98 -26.85 25.77 2.10
CA ASP C 98 -27.25 25.56 3.48
C ASP C 98 -26.44 24.51 4.22
N VAL C 99 -25.47 23.86 3.55
CA VAL C 99 -24.68 22.88 4.27
C VAL C 99 -23.83 23.56 5.36
N SER C 100 -23.41 22.78 6.33
CA SER C 100 -22.62 23.26 7.42
C SER C 100 -22.17 22.03 8.18
N VAL C 101 -21.12 22.17 8.99
CA VAL C 101 -20.62 21.04 9.72
C VAL C 101 -21.69 20.39 10.61
N ASP C 102 -22.53 21.19 11.24
CA ASP C 102 -23.58 20.64 12.11
C ASP C 102 -24.71 20.00 11.32
N GLU C 103 -25.04 20.60 10.20
CA GLU C 103 -26.12 20.08 9.36
C GLU C 103 -25.70 18.70 8.89
N VAL C 104 -24.53 18.62 8.28
CA VAL C 104 -23.98 17.36 7.80
C VAL C 104 -23.84 16.37 8.98
N LYS C 105 -23.33 16.81 10.12
CA LYS C 105 -23.17 15.95 11.28
C LYS C 105 -24.44 15.24 11.68
N ALA C 106 -25.54 15.98 11.68
CA ALA C 106 -26.85 15.43 12.02
C ALA C 106 -27.28 14.48 10.90
N LEU C 107 -27.32 15.01 9.68
CA LEU C 107 -27.66 14.23 8.49
C LEU C 107 -26.87 12.91 8.49
N ALA C 108 -25.67 12.93 9.05
CA ALA C 108 -24.82 11.76 9.13
C ALA C 108 -25.40 10.79 10.17
N SER C 109 -25.62 11.27 11.38
CA SER C 109 -26.19 10.41 12.42
C SER C 109 -27.50 9.81 11.95
N LEU C 110 -28.36 10.61 11.34
CA LEU C 110 -29.62 10.08 10.87
C LEU C 110 -29.37 8.88 9.96
N MET C 111 -28.20 8.83 9.34
CA MET C 111 -27.88 7.72 8.46
C MET C 111 -27.60 6.45 9.23
N THR C 112 -26.85 6.57 10.32
CA THR C 112 -26.48 5.40 11.12
C THR C 112 -27.66 4.75 11.83
N TYR C 113 -28.58 5.55 12.36
CA TYR C 113 -29.78 5.01 13.04
C TYR C 113 -30.77 4.55 11.99
N LYS C 114 -30.81 5.27 10.89
CA LYS C 114 -31.69 4.90 9.80
C LYS C 114 -31.34 3.48 9.35
N CYS C 115 -30.08 3.25 8.98
CA CYS C 115 -29.62 1.94 8.51
C CYS C 115 -29.86 0.87 9.56
N ALA C 116 -29.85 1.27 10.83
CA ALA C 116 -30.05 0.32 11.94
C ALA C 116 -31.45 -0.22 11.85
N VAL C 117 -32.38 0.72 11.85
CA VAL C 117 -33.81 0.46 11.76
C VAL C 117 -34.18 -0.49 10.62
N VAL C 118 -33.59 -0.28 9.45
CA VAL C 118 -33.87 -1.09 8.27
C VAL C 118 -32.87 -2.21 8.02
N ASP C 119 -32.04 -2.49 9.00
CA ASP C 119 -31.05 -3.54 8.85
C ASP C 119 -30.14 -3.52 7.68
N VAL C 120 -29.59 -2.35 7.36
CA VAL C 120 -28.65 -2.19 6.27
C VAL C 120 -27.32 -1.98 6.99
N PRO C 121 -26.37 -2.94 6.88
CA PRO C 121 -25.05 -2.90 7.54
C PRO C 121 -24.03 -1.81 7.21
N PHE C 122 -24.39 -0.55 7.42
CA PHE C 122 -23.48 0.55 7.17
C PHE C 122 -23.52 1.49 8.37
N GLY C 123 -22.43 2.19 8.59
CA GLY C 123 -22.42 3.19 9.64
C GLY C 123 -22.98 4.43 8.93
N GLY C 124 -23.31 5.48 9.68
CA GLY C 124 -23.84 6.64 8.99
C GLY C 124 -22.75 7.61 8.59
N ALA C 125 -23.04 8.42 7.59
CA ALA C 125 -22.05 9.39 7.14
C ALA C 125 -22.83 10.39 6.30
N LYS C 126 -22.24 11.56 6.04
CA LYS C 126 -22.94 12.53 5.21
C LYS C 126 -21.95 13.52 4.64
N ALA C 127 -22.19 13.99 3.43
CA ALA C 127 -21.29 14.94 2.81
C ALA C 127 -22.03 16.20 2.44
N GLY C 128 -21.29 17.30 2.28
CA GLY C 128 -21.95 18.54 1.92
C GLY C 128 -21.02 19.56 1.32
N VAL C 129 -21.21 19.89 0.06
CA VAL C 129 -20.41 20.92 -0.54
C VAL C 129 -21.28 22.16 -0.30
N LYS C 130 -20.69 23.35 -0.14
CA LYS C 130 -21.50 24.54 0.13
C LYS C 130 -21.72 25.43 -1.07
N ILE C 131 -22.35 24.91 -2.10
CA ILE C 131 -22.58 25.71 -3.28
C ILE C 131 -24.05 25.66 -3.64
N ASN C 132 -24.44 26.50 -4.59
CA ASN C 132 -25.81 26.54 -5.08
C ASN C 132 -25.63 26.18 -6.53
N PRO C 133 -25.80 24.89 -6.85
CA PRO C 133 -25.66 24.28 -8.18
C PRO C 133 -26.22 25.06 -9.34
N LYS C 134 -27.08 26.02 -9.08
CA LYS C 134 -27.66 26.80 -10.15
C LYS C 134 -26.76 27.99 -10.56
N ASN C 135 -25.69 28.23 -9.82
CA ASN C 135 -24.83 29.34 -10.16
C ASN C 135 -23.64 28.89 -10.98
N TYR C 136 -23.24 27.63 -10.81
CA TYR C 136 -22.09 27.13 -11.55
C TYR C 136 -22.54 26.48 -12.84
N THR C 137 -21.68 26.49 -13.84
CA THR C 137 -22.01 25.87 -15.10
C THR C 137 -21.92 24.37 -14.86
N ASP C 138 -22.48 23.60 -15.79
CA ASP C 138 -22.47 22.15 -15.69
C ASP C 138 -21.02 21.62 -15.63
N GLU C 139 -20.09 22.44 -16.09
CA GLU C 139 -18.68 22.04 -16.10
C GLU C 139 -17.98 22.46 -14.83
N ASP C 140 -18.45 23.55 -14.22
CA ASP C 140 -17.90 24.02 -12.96
C ASP C 140 -18.16 22.84 -12.04
N LEU C 141 -19.41 22.36 -12.08
CA LEU C 141 -19.83 21.25 -11.24
C LEU C 141 -19.02 19.97 -11.43
N GLU C 142 -18.61 19.66 -12.65
CA GLU C 142 -17.81 18.45 -12.77
C GLU C 142 -16.51 18.67 -11.98
N LYS C 143 -15.82 19.78 -12.27
CA LYS C 143 -14.56 20.15 -11.64
C LYS C 143 -14.65 20.10 -10.14
N ILE C 144 -15.74 20.62 -9.62
CA ILE C 144 -15.99 20.68 -8.19
C ILE C 144 -16.18 19.30 -7.58
N THR C 145 -17.06 18.49 -8.19
CA THR C 145 -17.31 17.16 -7.65
C THR C 145 -16.19 16.16 -7.93
N ARG C 146 -15.41 16.38 -8.98
CA ARG C 146 -14.32 15.48 -9.27
C ARG C 146 -13.22 15.83 -8.30
N ARG C 147 -13.02 17.11 -8.08
CA ARG C 147 -12.01 17.61 -7.16
C ARG C 147 -12.34 17.28 -5.70
N PHE C 148 -13.63 17.29 -5.38
CA PHE C 148 -14.12 16.98 -4.05
C PHE C 148 -13.88 15.49 -3.79
N THR C 149 -14.05 14.65 -4.81
CA THR C 149 -13.86 13.21 -4.67
C THR C 149 -12.42 12.90 -4.39
N MET C 150 -11.52 13.66 -5.02
CA MET C 150 -10.09 13.48 -4.82
C MET C 150 -9.70 13.85 -3.40
N GLU C 151 -10.24 14.95 -2.91
CA GLU C 151 -9.93 15.42 -1.57
C GLU C 151 -10.39 14.50 -0.48
N LEU C 152 -11.63 14.03 -0.60
CA LEU C 152 -12.18 13.11 0.38
C LEU C 152 -11.37 11.79 0.31
N ALA C 153 -11.04 11.41 -0.92
CA ALA C 153 -10.27 10.22 -1.20
C ALA C 153 -8.97 10.14 -0.41
N LYS C 154 -8.20 11.20 -0.39
CA LYS C 154 -6.93 11.16 0.32
C LYS C 154 -6.94 11.42 1.81
N LYS C 155 -8.07 11.20 2.45
CA LYS C 155 -8.16 11.43 3.90
C LYS C 155 -9.02 10.35 4.51
N GLY C 156 -9.43 9.41 3.68
CA GLY C 156 -10.21 8.27 4.14
C GLY C 156 -11.70 8.51 4.15
N PHE C 157 -12.15 9.50 3.41
CA PHE C 157 -13.56 9.79 3.42
C PHE C 157 -14.32 9.38 2.18
N ILE C 158 -13.91 8.28 1.56
CA ILE C 158 -14.60 7.71 0.41
C ILE C 158 -13.83 6.51 -0.10
N GLY C 159 -14.55 5.45 -0.41
CA GLY C 159 -13.90 4.24 -0.89
C GLY C 159 -14.80 3.10 -0.51
N PRO C 160 -14.88 2.05 -1.33
CA PRO C 160 -15.71 0.88 -1.12
C PRO C 160 -15.67 0.30 0.28
N GLY C 161 -14.60 0.54 1.03
CA GLY C 161 -14.56 -0.08 2.34
C GLY C 161 -14.65 0.78 3.55
N VAL C 162 -14.55 2.11 3.39
CA VAL C 162 -14.62 3.08 4.51
C VAL C 162 -15.90 3.90 4.56
N ASP C 163 -16.16 4.59 3.44
CA ASP C 163 -17.28 5.48 3.32
C ASP C 163 -17.76 5.38 1.90
N VAL C 164 -19.07 5.26 1.70
CA VAL C 164 -19.64 5.14 0.36
C VAL C 164 -20.69 6.21 0.15
N PRO C 165 -20.33 7.35 -0.50
CA PRO C 165 -21.28 8.45 -0.76
C PRO C 165 -22.45 8.06 -1.69
N ALA C 166 -23.52 8.84 -1.66
CA ALA C 166 -24.68 8.57 -2.48
C ALA C 166 -25.37 9.91 -2.73
N PRO C 167 -26.49 9.94 -3.47
CA PRO C 167 -27.13 11.23 -3.69
C PRO C 167 -27.92 11.82 -2.53
N ASN C 168 -28.21 13.12 -2.67
CA ASN C 168 -29.02 13.86 -1.71
C ASN C 168 -29.49 15.13 -2.41
N MET C 169 -29.74 16.20 -1.67
CA MET C 169 -30.19 17.44 -2.30
C MET C 169 -29.20 18.03 -3.32
N SER C 170 -29.70 18.23 -4.52
CA SER C 170 -28.94 18.77 -5.63
C SER C 170 -27.76 17.94 -6.13
N THR C 171 -27.84 16.62 -5.94
CA THR C 171 -26.84 15.68 -6.46
C THR C 171 -27.64 14.47 -6.96
N GLY C 172 -27.18 13.84 -8.04
CA GLY C 172 -27.90 12.69 -8.58
C GLY C 172 -26.97 11.77 -9.33
N GLU C 173 -27.51 10.81 -10.08
CA GLU C 173 -26.66 9.87 -10.80
C GLU C 173 -25.55 10.49 -11.61
N ARG C 174 -25.68 11.75 -11.94
CA ARG C 174 -24.64 12.44 -12.70
C ARG C 174 -23.35 12.61 -11.86
N GLU C 175 -23.47 13.29 -10.73
CA GLU C 175 -22.32 13.50 -9.87
C GLU C 175 -21.84 12.15 -9.33
N MET C 176 -22.75 11.19 -9.13
CA MET C 176 -22.38 9.88 -8.66
C MET C 176 -21.55 9.20 -9.76
N SER C 177 -21.78 9.57 -11.02
CA SER C 177 -20.99 9.00 -12.09
C SER C 177 -19.62 9.65 -12.07
N TRP C 178 -19.58 10.96 -11.84
CA TRP C 178 -18.33 11.73 -11.80
C TRP C 178 -17.45 11.22 -10.67
N ILE C 179 -18.04 11.11 -9.50
CA ILE C 179 -17.32 10.65 -8.34
C ILE C 179 -16.69 9.30 -8.63
N ALA C 180 -17.49 8.33 -9.06
CA ALA C 180 -16.98 7.00 -9.33
C ALA C 180 -15.87 6.93 -10.38
N ASP C 181 -15.95 7.81 -11.38
CA ASP C 181 -14.93 7.82 -12.42
C ASP C 181 -13.58 8.43 -12.02
N THR C 182 -13.58 9.38 -11.09
CA THR C 182 -12.30 9.95 -10.67
C THR C 182 -11.75 9.09 -9.54
N TYR C 183 -12.63 8.37 -8.82
CA TYR C 183 -12.14 7.50 -7.76
C TYR C 183 -11.51 6.28 -8.44
N ALA C 184 -12.27 5.60 -9.29
CA ALA C 184 -11.76 4.45 -9.99
C ALA C 184 -10.64 4.68 -10.99
N SER C 185 -10.42 5.91 -11.41
CA SER C 185 -9.33 6.19 -12.34
C SER C 185 -8.12 6.69 -11.56
N THR C 186 -8.34 6.95 -10.28
CA THR C 186 -7.31 7.42 -9.40
C THR C 186 -6.95 6.33 -8.38
N ILE C 187 -7.35 6.47 -7.11
CA ILE C 187 -6.98 5.50 -6.10
C ILE C 187 -7.38 4.09 -6.40
N GLY C 188 -8.66 3.88 -6.71
CA GLY C 188 -9.13 2.54 -6.97
C GLY C 188 -8.69 1.96 -8.30
N HIS C 189 -7.59 2.41 -8.88
CA HIS C 189 -7.19 1.86 -10.17
C HIS C 189 -6.94 0.36 -10.05
N TYR C 190 -6.55 -0.10 -8.87
CA TYR C 190 -6.31 -1.50 -8.74
C TYR C 190 -7.32 -2.19 -7.86
N ASP C 191 -8.30 -1.46 -7.35
CA ASP C 191 -9.36 -1.95 -6.47
C ASP C 191 -10.32 -2.78 -7.29
N ILE C 192 -10.54 -4.03 -6.90
CA ILE C 192 -11.48 -4.88 -7.64
C ILE C 192 -12.89 -4.36 -7.40
N ASN C 193 -13.04 -3.58 -6.34
CA ASN C 193 -14.31 -2.94 -5.99
C ASN C 193 -14.23 -1.42 -6.21
N ALA C 194 -13.38 -0.98 -7.14
CA ALA C 194 -13.22 0.43 -7.43
C ALA C 194 -14.52 1.20 -7.60
N HIS C 195 -15.51 0.59 -8.24
CA HIS C 195 -16.78 1.27 -8.46
C HIS C 195 -17.86 1.16 -7.37
N ALA C 196 -17.57 0.59 -6.22
CA ALA C 196 -18.59 0.51 -5.19
C ALA C 196 -18.33 1.65 -4.19
N CYS C 197 -17.40 2.52 -4.54
CA CYS C 197 -17.03 3.67 -3.71
C CYS C 197 -18.21 4.60 -3.53
N VAL C 198 -19.14 4.57 -4.48
CA VAL C 198 -20.33 5.41 -4.44
C VAL C 198 -21.52 4.60 -4.93
N THR C 199 -22.72 5.01 -4.55
CA THR C 199 -23.94 4.34 -4.99
C THR C 199 -24.90 5.39 -5.55
N GLY C 200 -25.96 4.97 -6.22
CA GLY C 200 -26.88 5.93 -6.81
C GLY C 200 -26.34 6.38 -8.17
N LYS C 201 -25.32 5.68 -8.68
CA LYS C 201 -24.72 6.02 -9.95
C LYS C 201 -25.57 5.51 -11.13
N PRO C 202 -25.39 6.06 -12.33
CA PRO C 202 -26.16 5.66 -13.50
C PRO C 202 -26.04 4.16 -13.75
N ILE C 203 -26.99 3.60 -14.52
CA ILE C 203 -26.98 2.16 -14.84
C ILE C 203 -25.76 1.78 -15.68
N SER C 204 -25.42 2.64 -16.66
CA SER C 204 -24.28 2.38 -17.54
C SER C 204 -22.95 2.41 -16.77
N GLN C 205 -22.99 2.93 -15.55
CA GLN C 205 -21.80 3.05 -14.74
C GLN C 205 -21.78 2.02 -13.61
N GLY C 206 -22.84 1.23 -13.51
CA GLY C 206 -22.87 0.22 -12.47
C GLY C 206 -23.99 0.46 -11.48
N GLY C 207 -25.04 1.11 -11.96
CA GLY C 207 -26.16 1.41 -11.11
C GLY C 207 -27.06 0.22 -10.99
N ILE C 208 -28.20 0.40 -10.36
CA ILE C 208 -29.15 -0.67 -10.19
C ILE C 208 -30.52 -0.09 -10.47
N HIS C 209 -31.38 -0.86 -11.11
CA HIS C 209 -32.72 -0.44 -11.43
C HIS C 209 -33.62 -0.22 -10.20
N GLY C 210 -34.09 1.02 -10.05
CA GLY C 210 -34.97 1.34 -8.96
C GLY C 210 -34.35 2.22 -7.94
N ARG C 211 -33.14 2.72 -8.17
CA ARG C 211 -32.51 3.58 -7.19
C ARG C 211 -33.07 5.00 -7.24
N ILE C 212 -33.39 5.47 -8.44
CA ILE C 212 -33.93 6.81 -8.56
C ILE C 212 -35.27 6.86 -7.83
N SER C 213 -36.11 5.89 -8.13
CA SER C 213 -37.43 5.81 -7.53
C SER C 213 -37.42 5.19 -6.12
N ALA C 214 -36.30 4.62 -5.74
CA ALA C 214 -36.20 3.93 -4.47
C ALA C 214 -36.72 4.65 -3.23
N THR C 215 -36.24 5.85 -2.99
CA THR C 215 -36.71 6.54 -1.79
C THR C 215 -38.21 6.82 -1.81
N GLY C 216 -38.71 7.16 -2.99
CA GLY C 216 -40.13 7.44 -3.13
C GLY C 216 -40.92 6.17 -2.88
N ARG C 217 -40.54 5.10 -3.58
CA ARG C 217 -41.19 3.82 -3.45
C ARG C 217 -41.15 3.36 -1.99
N GLY C 218 -40.09 3.77 -1.29
CA GLY C 218 -39.96 3.41 0.11
C GLY C 218 -40.90 4.26 0.94
N VAL C 219 -41.01 5.54 0.61
CA VAL C 219 -41.90 6.46 1.31
C VAL C 219 -43.30 5.88 1.16
N PHE C 220 -43.60 5.39 -0.04
CA PHE C 220 -44.89 4.79 -0.32
C PHE C 220 -45.14 3.56 0.55
N HIS C 221 -44.20 2.63 0.52
CA HIS C 221 -44.31 1.42 1.31
C HIS C 221 -44.39 1.79 2.80
N GLY C 222 -43.66 2.81 3.20
CA GLY C 222 -43.66 3.20 4.59
C GLY C 222 -45.06 3.53 4.99
N ILE C 223 -45.71 4.37 4.19
CA ILE C 223 -47.09 4.78 4.46
C ILE C 223 -48.05 3.61 4.51
N GLU C 224 -48.13 2.85 3.42
CA GLU C 224 -49.02 1.67 3.34
C GLU C 224 -48.98 0.80 4.59
N ASN C 225 -47.78 0.35 4.98
CA ASN C 225 -47.65 -0.47 6.17
C ASN C 225 -48.37 0.12 7.38
N PHE C 226 -48.56 1.44 7.36
CA PHE C 226 -49.24 2.16 8.44
C PHE C 226 -50.64 2.67 8.07
N ILE C 227 -50.86 3.01 6.80
CA ILE C 227 -52.17 3.51 6.41
C ILE C 227 -53.20 2.39 6.25
N GLU C 228 -52.74 1.14 6.37
CA GLU C 228 -53.64 0.00 6.23
C GLU C 228 -53.78 -0.82 7.53
N ASN C 229 -53.39 -0.25 8.66
CA ASN C 229 -53.53 -0.99 9.90
C ASN C 229 -54.53 -0.21 10.72
N ALA C 230 -55.80 -0.43 10.35
CA ALA C 230 -56.98 0.20 10.99
C ALA C 230 -56.65 0.81 12.32
N SER C 231 -56.34 -0.06 13.27
CA SER C 231 -55.95 0.31 14.61
C SER C 231 -55.32 1.71 14.65
N TYR C 232 -54.23 1.91 13.89
CA TYR C 232 -53.55 3.21 13.80
C TYR C 232 -54.46 4.24 13.14
N MET C 233 -54.87 3.96 11.89
CA MET C 233 -55.76 4.85 11.13
C MET C 233 -57.07 5.16 11.89
N SER C 234 -57.40 4.33 12.86
CA SER C 234 -58.61 4.51 13.64
C SER C 234 -58.38 5.66 14.61
N ILE C 235 -57.20 5.67 15.23
CA ILE C 235 -56.83 6.75 16.14
C ILE C 235 -56.79 7.98 15.22
N LEU C 236 -56.32 7.76 14.00
CA LEU C 236 -56.24 8.81 12.98
C LEU C 236 -57.65 9.29 12.67
N GLY C 237 -58.62 8.44 12.97
CA GLY C 237 -60.00 8.77 12.69
C GLY C 237 -60.02 8.91 11.18
N MET C 238 -59.53 7.87 10.53
CA MET C 238 -59.46 7.82 9.09
C MET C 238 -59.78 6.40 8.71
N THR C 239 -59.82 6.17 7.40
CA THR C 239 -60.11 4.87 6.83
C THR C 239 -58.79 4.18 6.36
N PRO C 240 -58.88 2.92 5.92
CA PRO C 240 -57.70 2.21 5.46
C PRO C 240 -57.57 2.48 3.96
N GLY C 241 -56.33 2.65 3.47
CA GLY C 241 -56.12 2.85 2.05
C GLY C 241 -55.88 4.22 1.40
N PHE C 242 -54.93 4.27 0.47
CA PHE C 242 -54.60 5.49 -0.24
C PHE C 242 -55.74 5.85 -1.17
N GLY C 243 -56.40 4.83 -1.66
CA GLY C 243 -57.50 4.99 -2.59
C GLY C 243 -58.53 6.08 -2.37
N ASP C 244 -58.81 6.40 -1.10
CA ASP C 244 -59.78 7.44 -0.80
C ASP C 244 -59.10 8.58 -0.13
N LYS C 245 -57.77 8.49 0.00
CA LYS C 245 -57.01 9.53 0.64
C LYS C 245 -56.54 10.66 -0.30
N THR C 246 -55.87 11.63 0.30
CA THR C 246 -55.38 12.80 -0.41
C THR C 246 -54.09 13.25 0.30
N PHE C 247 -53.15 13.79 -0.46
CA PHE C 247 -51.87 14.22 0.07
C PHE C 247 -51.28 15.42 -0.70
N ALA C 248 -50.38 16.13 -0.02
CA ALA C 248 -49.66 17.28 -0.57
C ALA C 248 -48.15 17.11 -0.23
N VAL C 249 -47.31 17.15 -1.27
CA VAL C 249 -45.87 16.98 -1.10
C VAL C 249 -45.09 18.31 -1.20
N GLN C 250 -44.16 18.52 -0.27
CA GLN C 250 -43.30 19.71 -0.27
C GLN C 250 -42.03 19.30 -1.05
N GLY C 251 -41.50 20.19 -1.87
CA GLY C 251 -40.34 19.82 -2.66
C GLY C 251 -40.75 18.83 -3.72
N PHE C 252 -40.45 19.12 -4.98
CA PHE C 252 -40.80 18.27 -6.10
C PHE C 252 -39.49 17.77 -6.72
N GLY C 253 -38.64 17.19 -5.88
CA GLY C 253 -37.36 16.65 -6.34
C GLY C 253 -37.34 15.12 -6.44
N ASN C 254 -36.23 14.52 -6.01
CA ASN C 254 -36.14 13.08 -6.13
C ASN C 254 -37.19 12.36 -5.29
N VAL C 255 -37.05 12.38 -3.97
CA VAL C 255 -38.02 11.69 -3.15
C VAL C 255 -39.41 12.25 -3.34
N GLY C 256 -39.48 13.58 -3.50
CA GLY C 256 -40.77 14.22 -3.69
C GLY C 256 -41.56 13.70 -4.89
N LEU C 257 -41.01 13.90 -6.09
CA LEU C 257 -41.66 13.47 -7.30
C LEU C 257 -42.15 12.06 -7.17
N HIS C 258 -41.21 11.09 -7.13
CA HIS C 258 -41.52 9.66 -7.04
C HIS C 258 -42.43 9.22 -5.93
N SER C 259 -42.39 9.90 -4.78
CA SER C 259 -43.29 9.57 -3.69
C SER C 259 -44.71 9.82 -4.22
N MET C 260 -44.87 10.96 -4.86
CA MET C 260 -46.13 11.37 -5.46
C MET C 260 -46.48 10.37 -6.57
N ARG C 261 -45.48 9.93 -7.32
CA ARG C 261 -45.71 8.97 -8.40
C ARG C 261 -46.36 7.70 -7.81
N TYR C 262 -45.75 7.13 -6.78
CA TYR C 262 -46.26 5.90 -6.21
C TYR C 262 -47.59 6.02 -5.51
N LEU C 263 -47.77 7.00 -4.64
CA LEU C 263 -49.06 7.18 -3.94
C LEU C 263 -50.19 7.31 -4.97
N HIS C 264 -49.98 8.17 -5.95
CA HIS C 264 -50.95 8.40 -6.99
C HIS C 264 -51.34 7.05 -7.60
N ARG C 265 -50.34 6.28 -8.03
CA ARG C 265 -50.59 4.97 -8.63
C ARG C 265 -51.55 4.11 -7.74
N PHE C 266 -51.50 4.28 -6.42
CA PHE C 266 -52.37 3.50 -5.54
C PHE C 266 -53.61 4.24 -5.06
N GLY C 267 -54.18 4.96 -6.01
CA GLY C 267 -55.39 5.71 -5.77
C GLY C 267 -55.35 6.93 -4.89
N ALA C 268 -54.24 7.22 -4.21
CA ALA C 268 -54.22 8.42 -3.37
C ALA C 268 -54.30 9.67 -4.27
N LYS C 269 -54.83 10.77 -3.71
CA LYS C 269 -55.00 12.00 -4.48
C LYS C 269 -54.07 13.16 -4.11
N CYS C 270 -53.23 13.58 -5.05
CA CYS C 270 -52.29 14.69 -4.80
C CYS C 270 -52.90 16.06 -5.13
N VAL C 271 -53.47 16.67 -4.10
CA VAL C 271 -54.10 17.98 -4.19
C VAL C 271 -53.11 19.15 -4.27
N ALA C 272 -51.89 19.02 -3.72
CA ALA C 272 -50.91 20.13 -3.74
C ALA C 272 -49.45 19.72 -3.86
N VAL C 273 -48.64 20.65 -4.38
CA VAL C 273 -47.19 20.44 -4.57
C VAL C 273 -46.42 21.73 -4.26
N GLY C 274 -45.49 21.67 -3.30
CA GLY C 274 -44.69 22.81 -2.94
C GLY C 274 -43.29 22.80 -3.56
N GLU C 275 -42.77 23.96 -3.96
CA GLU C 275 -41.44 24.05 -4.55
C GLU C 275 -40.70 25.23 -4.00
N SER C 276 -39.37 25.14 -4.01
CA SER C 276 -38.48 26.21 -3.50
C SER C 276 -39.05 27.60 -3.83
N ASP C 277 -39.52 27.73 -5.07
CA ASP C 277 -40.08 28.99 -5.54
C ASP C 277 -41.61 29.14 -5.46
N GLY C 278 -42.38 28.04 -5.44
CA GLY C 278 -43.84 28.18 -5.35
C GLY C 278 -44.75 26.96 -5.16
N SER C 279 -46.02 27.24 -4.85
CA SER C 279 -47.00 26.17 -4.67
C SER C 279 -48.06 26.01 -5.78
N ILE C 280 -48.69 24.85 -5.78
CA ILE C 280 -49.73 24.50 -6.74
C ILE C 280 -50.81 23.80 -5.92
N TRP C 281 -52.04 23.69 -6.46
CA TRP C 281 -53.10 23.09 -5.65
C TRP C 281 -54.36 22.35 -6.21
N ASN C 282 -54.50 22.23 -7.53
CA ASN C 282 -55.70 21.53 -8.07
C ASN C 282 -56.37 20.45 -7.18
N PRO C 283 -57.54 20.77 -6.58
CA PRO C 283 -58.30 19.87 -5.71
C PRO C 283 -58.72 18.63 -6.46
N ASP C 284 -58.86 18.78 -7.78
CA ASP C 284 -59.24 17.66 -8.61
C ASP C 284 -58.00 16.80 -8.85
N GLY C 285 -56.94 17.13 -8.13
CA GLY C 285 -55.70 16.38 -8.21
C GLY C 285 -54.78 16.68 -9.36
N ILE C 286 -53.49 16.61 -9.08
CA ILE C 286 -52.49 16.82 -10.12
C ILE C 286 -51.93 15.45 -10.53
N ASP C 287 -51.54 15.33 -11.80
CA ASP C 287 -50.99 14.10 -12.33
C ASP C 287 -49.45 14.12 -12.30
N PRO C 288 -48.81 13.22 -11.52
CA PRO C 288 -47.35 13.14 -11.39
C PRO C 288 -46.59 13.22 -12.70
N LYS C 289 -47.06 12.55 -13.75
CA LYS C 289 -46.35 12.65 -15.02
C LYS C 289 -46.48 14.06 -15.53
N GLU C 290 -47.71 14.47 -15.83
CA GLU C 290 -48.00 15.83 -16.34
C GLU C 290 -47.14 16.90 -15.67
N LEU C 291 -47.23 16.93 -14.35
CA LEU C 291 -46.50 17.85 -13.53
C LEU C 291 -45.01 17.70 -13.79
N GLU C 292 -44.49 16.48 -13.77
CA GLU C 292 -43.07 16.27 -14.00
C GLU C 292 -42.64 16.76 -15.37
N ASP C 293 -43.42 16.41 -16.39
CA ASP C 293 -43.12 16.83 -17.75
C ASP C 293 -42.99 18.35 -17.81
N PHE C 294 -43.97 19.03 -17.22
CA PHE C 294 -44.00 20.48 -17.18
C PHE C 294 -42.74 20.99 -16.48
N LYS C 295 -42.44 20.42 -15.31
CA LYS C 295 -41.26 20.77 -14.53
C LYS C 295 -40.00 20.57 -15.41
N LEU C 296 -39.98 19.48 -16.16
CA LEU C 296 -38.86 19.15 -17.04
C LEU C 296 -38.60 20.19 -18.11
N GLN C 297 -39.66 20.71 -18.71
CA GLN C 297 -39.50 21.71 -19.76
C GLN C 297 -39.66 23.18 -19.31
N HIS C 298 -39.83 23.38 -18.01
CA HIS C 298 -39.99 24.70 -17.47
C HIS C 298 -39.10 24.96 -16.28
N GLY C 299 -38.32 23.96 -15.91
CA GLY C 299 -37.43 24.14 -14.75
C GLY C 299 -38.26 24.74 -13.63
N THR C 300 -39.53 24.37 -13.62
CA THR C 300 -40.47 24.85 -12.63
C THR C 300 -41.84 24.23 -12.86
N ILE C 301 -42.60 24.17 -11.75
CA ILE C 301 -43.96 23.65 -11.77
C ILE C 301 -44.86 24.90 -11.83
N LEU C 302 -44.30 26.05 -11.43
CA LEU C 302 -45.07 27.29 -11.42
C LEU C 302 -45.73 27.63 -12.75
N GLY C 303 -47.06 27.67 -12.70
CA GLY C 303 -47.83 27.98 -13.89
C GLY C 303 -48.26 26.70 -14.57
N PHE C 304 -48.40 25.63 -13.80
CA PHE C 304 -48.84 24.35 -14.36
C PHE C 304 -50.22 24.58 -14.98
N PRO C 305 -50.35 24.28 -16.28
CA PRO C 305 -51.64 24.46 -16.95
C PRO C 305 -52.86 23.97 -16.20
N LYS C 306 -52.70 23.01 -15.30
CA LYS C 306 -53.88 22.49 -14.62
C LYS C 306 -54.03 22.66 -13.10
N ALA C 307 -53.52 23.77 -12.56
CA ALA C 307 -53.63 24.05 -11.12
C ALA C 307 -53.23 25.49 -10.83
N LYS C 308 -54.03 26.14 -9.99
CA LYS C 308 -53.82 27.57 -9.62
C LYS C 308 -52.64 27.76 -8.71
N ILE C 309 -51.80 28.74 -9.01
CA ILE C 309 -50.64 28.99 -8.17
C ILE C 309 -51.10 29.29 -6.76
N TYR C 310 -51.02 28.29 -5.91
CA TYR C 310 -51.44 28.37 -4.52
C TYR C 310 -50.45 29.27 -3.76
N GLU C 311 -50.97 30.02 -2.79
CA GLU C 311 -50.15 30.87 -1.96
C GLU C 311 -50.51 30.67 -0.51
N GLY C 312 -49.64 29.99 0.20
CA GLY C 312 -49.89 29.77 1.62
C GLY C 312 -48.70 28.99 2.12
N SER C 313 -48.97 27.97 2.92
CA SER C 313 -47.92 27.11 3.42
C SER C 313 -48.29 25.77 2.79
N ILE C 314 -47.42 25.24 1.93
CA ILE C 314 -47.74 23.95 1.34
C ILE C 314 -47.91 22.96 2.50
N LEU C 315 -47.16 23.19 3.57
CA LEU C 315 -47.23 22.32 4.74
C LEU C 315 -48.57 22.44 5.47
N GLU C 316 -49.17 23.62 5.38
CA GLU C 316 -50.46 23.86 6.02
C GLU C 316 -51.63 23.35 5.17
N VAL C 317 -51.35 22.75 4.03
CA VAL C 317 -52.40 22.25 3.14
C VAL C 317 -53.34 21.20 3.76
N ASP C 318 -54.61 21.32 3.40
CA ASP C 318 -55.63 20.40 3.84
C ASP C 318 -55.53 19.14 2.98
N CYS C 319 -55.04 18.07 3.60
CA CYS C 319 -54.87 16.81 2.91
C CYS C 319 -54.54 15.79 3.98
N ASP C 320 -54.97 14.54 3.74
CA ASP C 320 -54.74 13.46 4.69
C ASP C 320 -53.26 13.27 5.04
N ILE C 321 -52.40 13.30 4.02
CA ILE C 321 -50.99 13.11 4.25
C ILE C 321 -50.19 14.25 3.68
N LEU C 322 -49.22 14.70 4.47
CA LEU C 322 -48.29 15.74 4.06
C LEU C 322 -46.98 14.97 4.02
N ILE C 323 -46.26 15.13 2.92
CA ILE C 323 -44.99 14.46 2.74
C ILE C 323 -43.91 15.50 2.54
N PRO C 324 -43.21 15.88 3.61
CA PRO C 324 -42.13 16.87 3.47
C PRO C 324 -41.03 16.19 2.64
N ALA C 325 -40.63 16.81 1.53
CA ALA C 325 -39.62 16.21 0.66
C ALA C 325 -38.55 17.21 0.25
N ALA C 326 -38.06 18.00 1.21
CA ALA C 326 -37.03 19.02 0.93
C ALA C 326 -36.18 19.29 2.20
N SER C 327 -35.61 20.48 2.30
CA SER C 327 -34.80 20.90 3.47
C SER C 327 -35.40 20.48 4.83
N GLU C 328 -34.55 20.37 5.84
CA GLU C 328 -35.01 19.94 7.17
C GLU C 328 -35.73 21.01 7.97
N LYS C 329 -36.20 20.60 9.15
CA LYS C 329 -36.93 21.46 10.11
C LYS C 329 -37.98 22.41 9.53
N GLN C 330 -38.95 21.87 8.80
CA GLN C 330 -40.03 22.66 8.19
C GLN C 330 -41.31 22.70 9.06
N LEU C 331 -41.71 21.57 9.61
CA LEU C 331 -42.88 21.55 10.49
C LEU C 331 -42.33 21.89 11.86
N THR C 332 -42.29 23.18 12.16
CA THR C 332 -41.79 23.63 13.43
C THR C 332 -42.97 23.89 14.35
N LYS C 333 -42.67 24.26 15.59
CA LYS C 333 -43.69 24.59 16.60
C LYS C 333 -44.65 25.68 16.16
N SER C 334 -44.17 26.56 15.27
CA SER C 334 -44.94 27.68 14.76
C SER C 334 -45.88 27.39 13.60
N ASN C 335 -46.02 26.13 13.19
CA ASN C 335 -46.90 25.79 12.06
C ASN C 335 -47.48 24.41 12.26
N ALA C 336 -46.87 23.68 13.20
CA ALA C 336 -47.32 22.32 13.54
C ALA C 336 -48.81 22.35 13.88
N PRO C 337 -49.21 23.26 14.79
CA PRO C 337 -50.61 23.42 15.21
C PRO C 337 -51.65 23.66 14.11
N ARG C 338 -51.23 23.73 12.85
CA ARG C 338 -52.19 23.92 11.77
C ARG C 338 -51.81 23.20 10.46
N VAL C 339 -51.02 22.13 10.56
CA VAL C 339 -50.62 21.42 9.34
C VAL C 339 -51.79 20.70 8.68
N LYS C 340 -52.85 20.49 9.47
CA LYS C 340 -54.06 19.80 9.03
C LYS C 340 -53.96 18.52 8.14
N ALA C 341 -52.96 17.68 8.41
CA ALA C 341 -52.85 16.45 7.66
C ALA C 341 -52.80 15.40 8.76
N LYS C 342 -53.51 14.30 8.55
CA LYS C 342 -53.52 13.22 9.54
C LYS C 342 -52.21 12.45 9.65
N ILE C 343 -51.56 12.30 8.50
CA ILE C 343 -50.31 11.57 8.40
C ILE C 343 -49.20 12.45 7.84
N ILE C 344 -48.07 12.44 8.53
CA ILE C 344 -46.91 13.20 8.07
C ILE C 344 -45.92 12.13 7.66
N ALA C 345 -45.69 12.05 6.36
CA ALA C 345 -44.76 11.12 5.77
C ALA C 345 -43.42 11.86 5.66
N GLU C 346 -42.53 11.64 6.61
CA GLU C 346 -41.23 12.26 6.62
C GLU C 346 -40.28 11.69 5.55
N GLY C 347 -40.44 12.14 4.31
CA GLY C 347 -39.59 11.69 3.24
C GLY C 347 -38.25 12.39 3.27
N ALA C 348 -38.26 13.63 3.77
CA ALA C 348 -37.06 14.41 3.90
C ALA C 348 -36.41 14.06 5.25
N ASN C 349 -35.14 14.43 5.42
CA ASN C 349 -34.42 14.17 6.67
C ASN C 349 -34.75 15.24 7.68
N GLY C 350 -35.03 14.81 8.90
CA GLY C 350 -35.37 15.73 9.96
C GLY C 350 -36.30 16.92 9.67
N PRO C 351 -37.48 16.71 9.03
CA PRO C 351 -38.38 17.83 8.75
C PRO C 351 -39.15 18.32 9.99
N THR C 352 -39.50 17.45 10.92
CA THR C 352 -40.24 17.93 12.08
C THR C 352 -39.42 18.03 13.36
N THR C 353 -39.54 19.20 13.98
CA THR C 353 -38.88 19.60 15.22
C THR C 353 -39.49 18.91 16.43
N PRO C 354 -38.70 18.73 17.51
CA PRO C 354 -39.20 18.09 18.73
C PRO C 354 -40.51 18.75 19.16
N GLN C 355 -40.48 20.08 19.23
CA GLN C 355 -41.68 20.85 19.62
C GLN C 355 -42.86 20.50 18.73
N ALA C 356 -42.66 20.58 17.42
CA ALA C 356 -43.70 20.25 16.46
C ALA C 356 -44.17 18.82 16.70
N ASP C 357 -43.24 17.95 17.03
CA ASP C 357 -43.60 16.56 17.30
C ASP C 357 -44.59 16.54 18.44
N LYS C 358 -44.24 17.23 19.53
CA LYS C 358 -45.09 17.28 20.70
C LYS C 358 -46.51 17.67 20.31
N ILE C 359 -46.60 18.75 19.54
CA ILE C 359 -47.89 19.24 19.07
C ILE C 359 -48.57 18.12 18.33
N PHE C 360 -47.90 17.58 17.30
CA PHE C 360 -48.49 16.51 16.50
C PHE C 360 -49.03 15.42 17.40
N LEU C 361 -48.28 15.08 18.45
CA LEU C 361 -48.72 14.07 19.38
C LEU C 361 -50.02 14.54 19.98
N GLU C 362 -50.03 15.76 20.51
CA GLU C 362 -51.23 16.37 21.10
C GLU C 362 -52.37 16.43 20.06
N ARG C 363 -52.16 17.14 18.95
CA ARG C 363 -53.18 17.21 17.89
C ARG C 363 -53.54 15.79 17.45
N ASN C 364 -52.78 14.82 17.93
CA ASN C 364 -52.97 13.41 17.64
C ASN C 364 -52.70 13.14 16.16
N ILE C 365 -51.45 13.41 15.77
CA ILE C 365 -51.01 13.21 14.40
C ILE C 365 -49.89 12.18 14.40
N MET C 366 -49.91 11.38 13.35
CA MET C 366 -48.94 10.34 13.17
C MET C 366 -47.91 10.87 12.19
N VAL C 367 -46.67 11.02 12.66
CA VAL C 367 -45.57 11.44 11.82
C VAL C 367 -44.72 10.17 11.66
N ILE C 368 -44.70 9.60 10.47
CA ILE C 368 -43.88 8.41 10.26
C ILE C 368 -42.46 8.96 10.12
N PRO C 369 -41.59 8.59 11.06
CA PRO C 369 -40.19 9.00 11.14
C PRO C 369 -39.40 8.83 9.84
N ASP C 370 -38.60 9.86 9.54
CA ASP C 370 -37.76 9.88 8.35
C ASP C 370 -36.74 8.75 8.53
N LEU C 371 -36.46 8.52 9.82
CA LEU C 371 -35.56 7.51 10.36
C LEU C 371 -35.95 6.08 9.91
N TYR C 372 -37.11 5.95 9.26
CA TYR C 372 -37.62 4.69 8.75
C TYR C 372 -38.23 4.88 7.36
N LEU C 373 -38.97 5.98 7.21
CA LEU C 373 -39.67 6.32 5.97
C LEU C 373 -38.79 6.55 4.74
N ASN C 374 -37.65 7.23 4.86
CA ASN C 374 -36.77 7.42 3.69
C ASN C 374 -35.61 6.41 3.63
N ALA C 375 -35.78 5.30 4.37
CA ALA C 375 -34.80 4.25 4.41
C ALA C 375 -34.80 3.51 3.08
N GLY C 376 -35.74 3.85 2.20
CA GLY C 376 -35.83 3.22 0.89
C GLY C 376 -34.69 3.54 -0.04
N GLY C 377 -33.99 4.64 0.27
CA GLY C 377 -32.84 5.07 -0.50
C GLY C 377 -31.61 4.22 -0.13
N VAL C 378 -31.32 4.08 1.17
CA VAL C 378 -30.16 3.30 1.60
C VAL C 378 -30.30 1.81 1.32
N THR C 379 -31.54 1.33 1.32
CA THR C 379 -31.79 -0.07 1.04
C THR C 379 -31.40 -0.37 -0.40
N VAL C 380 -32.01 0.30 -1.36
CA VAL C 380 -31.65 0.07 -2.74
C VAL C 380 -30.18 0.42 -3.03
N SER C 381 -29.64 1.38 -2.31
CA SER C 381 -28.24 1.78 -2.45
C SER C 381 -27.38 0.63 -1.93
N TYR C 382 -27.92 -0.11 -0.96
CA TYR C 382 -27.25 -1.27 -0.38
C TYR C 382 -27.25 -2.40 -1.42
N PHE C 383 -28.35 -2.50 -2.17
CA PHE C 383 -28.51 -3.50 -3.23
C PHE C 383 -27.62 -3.16 -4.40
N GLN C 384 -27.12 -1.92 -4.45
CA GLN C 384 -26.21 -1.47 -5.50
C GLN C 384 -24.78 -1.80 -5.10
N ILE C 385 -24.41 -1.53 -3.83
CA ILE C 385 -23.05 -1.87 -3.41
C ILE C 385 -22.98 -3.40 -3.51
N LEU C 386 -24.01 -4.08 -2.99
CA LEU C 386 -24.05 -5.53 -3.03
C LEU C 386 -23.81 -6.02 -4.44
N LYS C 387 -24.51 -5.41 -5.39
CA LYS C 387 -24.41 -5.75 -6.80
C LYS C 387 -23.00 -5.59 -7.30
N ASN C 388 -22.42 -4.43 -6.99
CA ASN C 388 -21.07 -4.08 -7.41
C ASN C 388 -20.07 -5.09 -6.90
N LEU C 389 -20.28 -5.53 -5.68
CA LEU C 389 -19.41 -6.51 -5.10
C LEU C 389 -19.54 -7.83 -5.90
N ASN C 390 -20.77 -8.27 -6.12
CA ASN C 390 -21.04 -9.51 -6.84
C ASN C 390 -20.51 -9.55 -8.27
N HIS C 391 -20.32 -8.40 -8.87
CA HIS C 391 -19.84 -8.29 -10.23
C HIS C 391 -20.72 -8.94 -11.31
N VAL C 392 -21.97 -9.21 -10.95
CA VAL C 392 -22.96 -9.79 -11.88
C VAL C 392 -24.32 -9.20 -11.67
N SER C 393 -24.98 -8.95 -12.78
CA SER C 393 -26.32 -8.42 -12.78
C SER C 393 -27.18 -9.58 -12.37
N TYR C 394 -28.13 -9.36 -11.48
CA TYR C 394 -28.99 -10.44 -11.01
C TYR C 394 -29.65 -11.24 -12.10
N GLY C 395 -29.55 -12.57 -11.98
CA GLY C 395 -30.15 -13.49 -12.91
C GLY C 395 -29.29 -14.04 -14.02
N ARG C 396 -28.55 -13.20 -14.72
CA ARG C 396 -27.70 -13.61 -15.84
C ARG C 396 -27.16 -15.03 -15.80
N LEU C 397 -26.72 -15.48 -14.62
CA LEU C 397 -26.16 -16.83 -14.48
C LEU C 397 -27.18 -17.95 -14.33
N THR C 398 -28.35 -17.65 -13.77
CA THR C 398 -29.36 -18.67 -13.56
C THR C 398 -30.60 -18.72 -14.44
N PHE C 399 -31.12 -17.59 -14.89
CA PHE C 399 -32.33 -17.53 -15.75
C PHE C 399 -32.69 -18.80 -16.51
N LYS C 400 -31.75 -19.28 -17.34
CA LYS C 400 -32.00 -20.49 -18.13
C LYS C 400 -32.19 -21.74 -17.24
N TYR C 401 -31.22 -22.04 -16.39
CA TYR C 401 -31.36 -23.18 -15.52
C TYR C 401 -32.69 -23.07 -14.79
N GLU C 402 -32.89 -21.91 -14.18
CA GLU C 402 -34.10 -21.60 -13.43
C GLU C 402 -35.34 -21.96 -14.22
N ARG C 403 -35.40 -21.50 -15.46
CA ARG C 403 -36.56 -21.76 -16.33
C ARG C 403 -36.71 -23.25 -16.65
N ASP C 404 -35.69 -23.83 -17.31
CA ASP C 404 -35.70 -25.25 -17.65
C ASP C 404 -36.18 -26.10 -16.46
N SER C 405 -35.43 -26.04 -15.37
CA SER C 405 -35.77 -26.76 -14.17
C SER C 405 -37.22 -26.56 -13.83
N ASN C 406 -37.69 -25.31 -13.80
CA ASN C 406 -39.08 -25.00 -13.46
C ASN C 406 -40.08 -25.76 -14.32
N TYR C 407 -39.88 -25.72 -15.63
CA TYR C 407 -40.76 -26.45 -16.54
C TYR C 407 -40.75 -27.95 -16.20
N HIS C 408 -39.56 -28.51 -15.99
CA HIS C 408 -39.43 -29.91 -15.60
C HIS C 408 -40.26 -30.15 -14.35
N LEU C 409 -40.12 -29.30 -13.34
CA LEU C 409 -40.87 -29.48 -12.10
C LEU C 409 -42.34 -29.63 -12.37
N LEU C 410 -42.90 -28.72 -13.15
CA LEU C 410 -44.32 -28.78 -13.46
C LEU C 410 -44.55 -30.09 -14.18
N MET C 411 -43.83 -30.31 -15.27
CA MET C 411 -43.97 -31.56 -16.04
C MET C 411 -43.88 -32.82 -15.19
N SER C 412 -43.29 -32.71 -14.00
CA SER C 412 -43.23 -33.84 -13.10
C SER C 412 -44.66 -34.03 -12.63
N VAL C 413 -45.22 -33.09 -11.87
CA VAL C 413 -46.61 -33.24 -11.39
C VAL C 413 -47.51 -33.68 -12.55
N GLN C 414 -47.31 -33.12 -13.73
CA GLN C 414 -48.11 -33.50 -14.91
C GLN C 414 -48.09 -34.99 -15.07
N GLU C 415 -46.97 -35.53 -15.58
CA GLU C 415 -46.83 -36.98 -15.76
C GLU C 415 -47.29 -37.75 -14.51
N SER C 416 -46.98 -37.22 -13.34
CA SER C 416 -47.37 -37.85 -12.09
C SER C 416 -48.87 -38.09 -12.12
N LEU C 417 -49.61 -37.06 -12.48
CA LEU C 417 -51.06 -37.17 -12.54
C LEU C 417 -51.52 -38.12 -13.65
N GLU C 418 -50.95 -37.94 -14.86
CA GLU C 418 -51.30 -38.76 -16.02
C GLU C 418 -51.08 -40.21 -15.70
N ARG C 419 -49.90 -40.53 -15.21
CA ARG C 419 -49.57 -41.93 -14.90
C ARG C 419 -50.67 -42.60 -14.06
N LYS C 420 -51.29 -41.88 -13.12
CA LYS C 420 -52.35 -42.46 -12.33
C LYS C 420 -53.61 -42.45 -13.13
N PHE C 421 -54.12 -41.26 -13.42
CA PHE C 421 -55.36 -41.12 -14.19
C PHE C 421 -55.15 -41.41 -15.71
N GLY C 422 -54.30 -42.39 -15.98
CA GLY C 422 -53.94 -42.80 -17.33
C GLY C 422 -54.48 -42.13 -18.59
N LYS C 423 -55.14 -42.94 -19.42
CA LYS C 423 -55.70 -42.48 -20.69
C LYS C 423 -56.96 -41.64 -20.58
N HIS C 424 -57.69 -41.80 -19.48
CA HIS C 424 -58.87 -40.95 -19.33
C HIS C 424 -58.31 -39.55 -19.10
N GLY C 425 -57.39 -39.48 -18.13
CA GLY C 425 -56.72 -38.23 -17.81
C GLY C 425 -56.09 -37.87 -19.15
N GLY C 426 -55.56 -38.90 -19.81
CA GLY C 426 -54.94 -38.75 -21.11
C GLY C 426 -53.93 -37.63 -21.06
N THR C 427 -54.42 -36.41 -21.21
CA THR C 427 -53.55 -35.28 -21.15
C THR C 427 -54.01 -34.21 -20.20
N ILE C 428 -53.32 -34.10 -19.06
CA ILE C 428 -53.59 -33.05 -18.10
C ILE C 428 -52.37 -32.11 -18.22
N PRO C 429 -52.49 -31.08 -19.07
CA PRO C 429 -51.38 -30.15 -19.25
C PRO C 429 -51.28 -29.31 -18.01
N ILE C 430 -50.06 -29.12 -17.51
CA ILE C 430 -49.83 -28.30 -16.35
C ILE C 430 -49.11 -27.08 -16.90
N VAL C 431 -49.74 -25.92 -16.75
CA VAL C 431 -49.17 -24.71 -17.28
C VAL C 431 -49.06 -23.56 -16.28
N PRO C 432 -47.90 -22.88 -16.25
CA PRO C 432 -47.81 -21.78 -15.32
C PRO C 432 -48.89 -20.72 -15.68
N THR C 433 -49.47 -20.14 -14.63
CA THR C 433 -50.47 -19.08 -14.76
C THR C 433 -49.76 -17.93 -15.48
N ALA C 434 -50.47 -16.83 -15.68
CA ALA C 434 -49.88 -15.66 -16.33
C ALA C 434 -48.77 -15.21 -15.41
N GLU C 435 -49.16 -15.03 -14.16
CA GLU C 435 -48.26 -14.56 -13.12
C GLU C 435 -47.01 -15.40 -12.99
N PHE C 436 -47.17 -16.69 -12.74
CA PHE C 436 -46.00 -17.55 -12.63
C PHE C 436 -45.18 -17.54 -13.89
N GLN C 437 -45.84 -17.34 -15.02
CA GLN C 437 -45.15 -17.30 -16.29
C GLN C 437 -44.11 -16.21 -16.24
N ASP C 438 -44.52 -15.04 -15.78
CA ASP C 438 -43.62 -13.90 -15.69
C ASP C 438 -42.77 -13.99 -14.40
N ARG C 439 -42.43 -15.20 -14.01
CA ARG C 439 -41.62 -15.48 -12.82
C ARG C 439 -40.91 -16.80 -13.04
N ILE C 440 -41.21 -17.41 -14.19
CA ILE C 440 -40.66 -18.71 -14.56
C ILE C 440 -39.13 -18.69 -14.69
N SER C 441 -38.55 -17.53 -14.97
CA SER C 441 -37.11 -17.48 -15.07
C SER C 441 -36.43 -17.03 -13.77
N GLY C 442 -37.25 -16.81 -12.74
CA GLY C 442 -36.72 -16.38 -11.46
C GLY C 442 -36.61 -14.85 -11.44
N ALA C 443 -36.26 -14.28 -10.29
CA ALA C 443 -36.12 -12.85 -10.17
C ALA C 443 -34.96 -12.24 -10.96
N SER C 444 -35.18 -11.00 -11.38
CA SER C 444 -34.20 -10.25 -12.14
C SER C 444 -33.83 -9.13 -11.19
N GLU C 445 -32.81 -8.35 -11.55
CA GLU C 445 -32.36 -7.24 -10.73
C GLU C 445 -33.54 -6.36 -10.27
N LYS C 446 -34.49 -6.12 -11.17
CA LYS C 446 -35.65 -5.29 -10.87
C LYS C 446 -36.56 -5.96 -9.85
N ASP C 447 -36.68 -7.28 -9.94
CA ASP C 447 -37.51 -8.08 -9.03
C ASP C 447 -36.90 -7.99 -7.65
N ILE C 448 -35.61 -8.30 -7.55
CA ILE C 448 -34.90 -8.27 -6.28
C ILE C 448 -35.00 -6.92 -5.60
N VAL C 449 -34.73 -5.84 -6.35
CA VAL C 449 -34.81 -4.50 -5.79
C VAL C 449 -36.18 -4.25 -5.21
N HIS C 450 -37.20 -4.33 -6.07
CA HIS C 450 -38.58 -4.09 -5.64
C HIS C 450 -39.02 -5.03 -4.51
N SER C 451 -39.08 -6.33 -4.80
CA SER C 451 -39.47 -7.33 -3.83
C SER C 451 -38.65 -7.14 -2.54
N GLY C 452 -37.36 -6.86 -2.72
CA GLY C 452 -36.44 -6.68 -1.61
C GLY C 452 -36.72 -5.49 -0.71
N LEU C 453 -36.93 -4.34 -1.34
CA LEU C 453 -37.21 -3.12 -0.60
C LEU C 453 -38.51 -3.33 0.16
N ALA C 454 -39.48 -3.89 -0.57
CA ALA C 454 -40.80 -4.18 -0.04
C ALA C 454 -40.74 -5.02 1.23
N TYR C 455 -39.91 -6.05 1.22
CA TYR C 455 -39.75 -6.91 2.38
C TYR C 455 -39.09 -6.19 3.55
N THR C 456 -38.06 -5.40 3.25
CA THR C 456 -37.34 -4.71 4.32
C THR C 456 -38.14 -3.57 4.93
N MET C 457 -38.91 -2.91 4.07
CA MET C 457 -39.72 -1.79 4.53
C MET C 457 -40.85 -2.26 5.42
N GLU C 458 -41.50 -3.32 4.99
CA GLU C 458 -42.61 -3.90 5.73
C GLU C 458 -42.15 -4.52 7.04
N ARG C 459 -40.94 -5.06 7.04
CA ARG C 459 -40.39 -5.68 8.23
C ARG C 459 -40.05 -4.64 9.30
N SER C 460 -39.32 -3.60 8.89
CA SER C 460 -38.91 -2.57 9.84
C SER C 460 -40.13 -1.85 10.40
N ALA C 461 -41.22 -1.87 9.63
CA ALA C 461 -42.47 -1.23 10.07
C ALA C 461 -43.04 -2.01 11.29
N ARG C 462 -43.31 -3.31 11.08
CA ARG C 462 -43.83 -4.18 12.14
C ARG C 462 -42.88 -4.09 13.31
N GLN C 463 -41.59 -4.01 13.02
CA GLN C 463 -40.56 -3.91 14.04
C GLN C 463 -40.85 -2.64 14.89
N ILE C 464 -41.22 -1.55 14.20
CA ILE C 464 -41.55 -0.28 14.84
C ILE C 464 -42.83 -0.37 15.67
N MET C 465 -43.86 -1.01 15.11
CA MET C 465 -45.14 -1.19 15.78
C MET C 465 -44.99 -1.98 17.09
N ARG C 466 -44.41 -3.18 17.04
CA ARG C 466 -44.25 -3.95 18.26
C ARG C 466 -43.63 -3.08 19.34
N THR C 467 -42.65 -2.27 18.95
CA THR C 467 -41.98 -1.41 19.90
C THR C 467 -42.92 -0.32 20.38
N ALA C 468 -43.67 0.25 19.44
CA ALA C 468 -44.61 1.32 19.77
C ALA C 468 -45.61 0.79 20.80
N MET C 469 -45.94 -0.50 20.68
CA MET C 469 -46.87 -1.15 21.58
C MET C 469 -46.21 -1.41 22.93
N LYS C 470 -45.26 -2.34 22.97
CA LYS C 470 -44.57 -2.68 24.19
C LYS C 470 -44.36 -1.48 25.11
N TYR C 471 -44.21 -0.28 24.53
CA TYR C 471 -43.97 0.94 25.32
C TYR C 471 -45.07 2.04 25.34
N ASN C 472 -46.23 1.77 24.73
CA ASN C 472 -47.33 2.73 24.69
C ASN C 472 -46.96 4.03 24.00
N LEU C 473 -46.11 3.99 22.98
CA LEU C 473 -45.76 5.24 22.31
C LEU C 473 -47.01 5.69 21.55
N GLY C 474 -47.80 4.70 21.14
CA GLY C 474 -49.02 5.01 20.43
C GLY C 474 -48.78 5.57 19.04
N LEU C 475 -48.89 6.88 18.88
CA LEU C 475 -48.65 7.47 17.56
C LEU C 475 -47.32 8.22 17.58
N ASP C 476 -46.43 7.79 18.47
CA ASP C 476 -45.10 8.39 18.62
C ASP C 476 -44.13 7.39 18.03
N LEU C 477 -44.39 7.01 16.77
CA LEU C 477 -43.60 6.05 16.03
C LEU C 477 -42.09 6.27 16.09
N ARG C 478 -41.69 7.54 16.07
CA ARG C 478 -40.28 7.89 16.10
C ARG C 478 -39.50 7.30 17.24
N THR C 479 -39.78 7.73 18.46
CA THR C 479 -39.02 7.20 19.57
C THR C 479 -39.08 5.66 19.75
N ALA C 480 -40.02 5.03 19.04
CA ALA C 480 -40.14 3.57 19.07
C ALA C 480 -39.03 3.11 18.14
N ALA C 481 -38.87 3.83 17.03
CA ALA C 481 -37.87 3.53 16.04
C ALA C 481 -36.47 3.72 16.66
N TYR C 482 -36.30 4.81 17.39
CA TYR C 482 -35.01 5.08 18.01
C TYR C 482 -34.69 3.97 18.98
N VAL C 483 -35.73 3.52 19.69
CA VAL C 483 -35.57 2.40 20.63
C VAL C 483 -34.93 1.19 19.92
N ASN C 484 -35.34 0.97 18.68
CA ASN C 484 -34.80 -0.11 17.88
C ASN C 484 -33.38 0.27 17.47
N ALA C 485 -33.29 1.38 16.75
CA ALA C 485 -32.03 1.92 16.24
C ALA C 485 -31.00 2.02 17.34
N ILE C 486 -31.45 1.98 18.60
CA ILE C 486 -30.54 2.09 19.72
C ILE C 486 -30.05 0.76 20.27
N GLU C 487 -30.86 -0.29 20.24
CA GLU C 487 -30.32 -1.52 20.80
C GLU C 487 -29.53 -2.35 19.85
N LYS C 488 -29.68 -2.07 18.56
CA LYS C 488 -28.90 -2.78 17.56
C LYS C 488 -27.52 -2.10 17.63
N VAL C 489 -27.55 -0.78 17.44
CA VAL C 489 -26.37 0.07 17.48
C VAL C 489 -25.71 -0.04 18.85
N PHE C 490 -26.43 -0.62 19.81
CA PHE C 490 -25.89 -0.79 21.14
C PHE C 490 -25.27 -2.17 21.25
N ARG C 491 -26.00 -3.18 20.76
CA ARG C 491 -25.52 -4.54 20.84
C ARG C 491 -24.14 -4.67 20.20
N VAL C 492 -23.92 -3.98 19.07
CA VAL C 492 -22.61 -4.04 18.40
C VAL C 492 -21.53 -3.45 19.33
N TYR C 493 -21.70 -2.20 19.73
CA TYR C 493 -20.73 -1.51 20.59
C TYR C 493 -20.37 -2.32 21.79
N ASN C 494 -21.37 -2.59 22.62
CA ASN C 494 -21.13 -3.35 23.83
C ASN C 494 -20.34 -4.63 23.63
N GLU C 495 -20.77 -5.45 22.68
CA GLU C 495 -20.11 -6.72 22.43
C GLU C 495 -18.76 -6.59 21.72
N ALA C 496 -18.29 -5.36 21.48
CA ALA C 496 -17.00 -5.15 20.81
C ALA C 496 -15.92 -4.76 21.82
N GLY C 497 -16.31 -4.73 23.08
CA GLY C 497 -15.39 -4.32 24.13
C GLY C 497 -15.29 -2.80 24.08
N VAL C 498 -16.22 -2.21 23.31
CA VAL C 498 -16.29 -0.77 23.08
C VAL C 498 -15.11 -0.28 22.26
N THR C 499 -14.01 0.02 22.92
CA THR C 499 -12.87 0.58 22.21
C THR C 499 -11.53 0.14 22.80
N PHE C 500 -10.49 0.11 21.98
CA PHE C 500 -9.17 -0.21 22.52
C PHE C 500 -8.70 1.09 23.22
N THR C 501 -9.42 1.44 24.30
CA THR C 501 -9.21 2.64 25.13
C THR C 501 -8.78 3.91 24.38
N ALA D 1 1.61 -36.75 30.29
CA ALA D 1 2.91 -37.34 30.74
C ALA D 1 2.89 -38.88 30.59
N ASP D 2 2.66 -39.36 29.36
CA ASP D 2 2.57 -40.81 29.17
C ASP D 2 3.84 -41.65 29.20
N ARG D 3 4.85 -41.19 29.94
CA ARG D 3 6.11 -41.93 30.08
C ARG D 3 6.44 -42.49 28.69
N GLU D 4 6.66 -43.80 28.57
CA GLU D 4 6.89 -44.36 27.25
C GLU D 4 5.53 -44.17 26.57
N ASP D 5 5.53 -43.34 25.51
CA ASP D 5 4.35 -43.02 24.71
C ASP D 5 3.73 -41.64 25.01
N ASP D 6 4.55 -40.61 24.82
CA ASP D 6 4.16 -39.20 24.94
C ASP D 6 5.03 -38.61 23.83
N PRO D 7 4.64 -38.87 22.56
CA PRO D 7 5.27 -38.46 21.30
C PRO D 7 5.25 -36.97 20.94
N ASN D 8 6.15 -36.59 20.06
CA ASN D 8 6.24 -35.21 19.60
C ASN D 8 5.02 -34.99 18.68
N PHE D 9 4.09 -34.19 19.19
CA PHE D 9 2.84 -33.89 18.52
C PHE D 9 2.97 -33.59 17.01
N PHE D 10 4.02 -32.89 16.59
CA PHE D 10 4.14 -32.62 15.16
C PHE D 10 4.54 -33.87 14.39
N LYS D 11 5.49 -34.61 14.92
CA LYS D 11 5.93 -35.82 14.23
C LYS D 11 4.85 -36.87 14.21
N MET D 12 4.04 -36.89 15.26
CA MET D 12 2.94 -37.85 15.35
C MET D 12 2.02 -37.64 14.11
N VAL D 13 1.38 -36.46 14.05
CA VAL D 13 0.51 -36.10 12.94
C VAL D 13 1.23 -36.30 11.61
N GLU D 14 2.52 -36.03 11.61
CA GLU D 14 3.39 -36.16 10.44
C GLU D 14 3.37 -37.61 10.03
N GLY D 15 3.48 -38.45 11.04
CA GLY D 15 3.46 -39.88 10.83
C GLY D 15 2.13 -40.33 10.24
N PHE D 16 1.02 -39.98 10.92
CA PHE D 16 -0.30 -40.32 10.44
C PHE D 16 -0.31 -40.00 8.92
N PHE D 17 0.19 -38.81 8.57
CA PHE D 17 0.27 -38.39 7.17
C PHE D 17 1.03 -39.45 6.36
N ASP D 18 2.16 -39.88 6.89
CA ASP D 18 2.97 -40.88 6.22
C ASP D 18 2.27 -42.20 5.91
N ARG D 19 1.52 -42.78 6.86
CA ARG D 19 0.83 -44.04 6.55
C ARG D 19 -0.13 -43.91 5.37
N GLY D 20 -0.82 -42.77 5.29
CA GLY D 20 -1.73 -42.58 4.18
C GLY D 20 -0.91 -42.44 2.92
N ALA D 21 0.23 -41.77 3.02
CA ALA D 21 1.11 -41.56 1.89
C ALA D 21 1.55 -42.89 1.31
N SER D 22 1.48 -43.93 2.14
CA SER D 22 1.88 -45.26 1.71
C SER D 22 0.79 -45.90 0.87
N ILE D 23 -0.40 -45.95 1.47
CA ILE D 23 -1.55 -46.55 0.83
C ILE D 23 -1.87 -45.84 -0.49
N VAL D 24 -1.26 -44.66 -0.73
CA VAL D 24 -1.50 -43.92 -1.98
C VAL D 24 -0.34 -43.71 -2.95
N GLU D 25 0.87 -43.49 -2.42
CA GLU D 25 2.06 -43.24 -3.26
C GLU D 25 1.99 -43.78 -4.67
N ASP D 26 1.71 -45.07 -4.79
CA ASP D 26 1.58 -45.72 -6.08
C ASP D 26 0.62 -44.98 -7.03
N LYS D 27 -0.67 -44.98 -6.70
CA LYS D 27 -1.68 -44.31 -7.50
C LYS D 27 -1.31 -42.87 -7.81
N LEU D 28 -0.63 -42.19 -6.88
CA LEU D 28 -0.22 -40.81 -7.12
C LEU D 28 0.72 -40.86 -8.31
N VAL D 29 1.69 -41.77 -8.22
CA VAL D 29 2.67 -41.99 -9.29
C VAL D 29 1.92 -42.45 -10.55
N GLU D 30 0.88 -43.23 -10.32
CA GLU D 30 0.08 -43.79 -11.38
C GLU D 30 -0.61 -42.69 -12.18
N ASP D 31 -1.68 -42.12 -11.61
CA ASP D 31 -2.44 -41.07 -12.25
C ASP D 31 -1.46 -40.09 -12.90
N LEU D 32 -0.41 -39.73 -12.15
CA LEU D 32 0.63 -38.85 -12.64
C LEU D 32 1.04 -39.38 -14.00
N LYS D 33 0.93 -38.56 -15.03
CA LYS D 33 1.25 -39.01 -16.38
C LYS D 33 2.38 -38.26 -17.09
N THR D 34 2.99 -37.31 -16.39
CA THR D 34 4.08 -36.50 -16.89
C THR D 34 5.13 -37.26 -17.73
N ARG D 35 4.93 -37.19 -19.05
CA ARG D 35 5.77 -37.81 -20.09
C ARG D 35 7.07 -38.45 -19.61
N GLN D 36 8.19 -37.86 -20.04
CA GLN D 36 9.53 -38.34 -19.69
C GLN D 36 9.61 -38.69 -18.20
N THR D 37 9.78 -39.98 -17.94
CA THR D 37 9.86 -40.51 -16.58
C THR D 37 9.92 -42.02 -16.68
N GLN D 38 9.77 -42.65 -15.53
CA GLN D 38 9.75 -44.11 -15.38
C GLN D 38 9.10 -44.15 -14.00
N GLU D 39 9.93 -44.21 -12.97
CA GLU D 39 9.45 -44.16 -11.61
C GLU D 39 10.04 -42.85 -11.11
N GLN D 40 10.36 -42.00 -12.09
CA GLN D 40 10.87 -40.66 -11.83
C GLN D 40 9.61 -40.09 -11.22
N LYS D 41 8.48 -40.56 -11.77
CA LYS D 41 7.14 -40.20 -11.32
C LYS D 41 7.11 -40.42 -9.83
N ARG D 42 7.65 -41.54 -9.40
CA ARG D 42 7.71 -41.86 -7.98
C ARG D 42 8.47 -40.82 -7.17
N ASN D 43 9.71 -40.55 -7.56
CA ASN D 43 10.54 -39.57 -6.88
C ASN D 43 9.83 -38.21 -6.78
N ARG D 44 9.15 -37.83 -7.87
CA ARG D 44 8.39 -36.59 -7.96
C ARG D 44 7.34 -36.72 -6.89
N VAL D 45 6.53 -37.77 -6.99
CA VAL D 45 5.47 -38.07 -6.04
C VAL D 45 6.06 -38.12 -4.63
N ARG D 46 7.35 -38.41 -4.57
CA ARG D 46 8.02 -38.50 -3.29
C ARG D 46 8.54 -37.16 -2.76
N GLY D 47 8.94 -36.29 -3.66
CA GLY D 47 9.43 -35.00 -3.24
C GLY D 47 8.23 -34.22 -2.71
N ILE D 48 7.18 -34.19 -3.51
CA ILE D 48 5.99 -33.45 -3.15
C ILE D 48 5.48 -33.76 -1.74
N LEU D 49 5.37 -35.03 -1.39
CA LEU D 49 4.86 -35.38 -0.08
C LEU D 49 5.80 -34.92 1.02
N ARG D 50 7.05 -34.69 0.64
CA ARG D 50 8.07 -34.23 1.57
C ARG D 50 7.88 -32.72 1.73
N ILE D 51 7.53 -32.08 0.63
CA ILE D 51 7.28 -30.66 0.58
C ILE D 51 6.00 -30.32 1.32
N ILE D 52 5.06 -31.25 1.37
CA ILE D 52 3.81 -30.98 2.04
C ILE D 52 3.87 -31.05 3.56
N LYS D 53 4.49 -32.10 4.08
CA LYS D 53 4.59 -32.31 5.53
C LYS D 53 4.88 -31.11 6.44
N PRO D 54 5.99 -30.39 6.19
CA PRO D 54 6.34 -29.22 7.03
C PRO D 54 5.52 -27.93 6.91
N CYS D 55 5.54 -27.15 7.98
CA CYS D 55 4.84 -25.87 8.02
C CYS D 55 5.62 -24.82 7.21
N ASN D 56 4.91 -24.03 6.41
CA ASN D 56 5.54 -23.02 5.59
C ASN D 56 6.13 -21.94 6.42
N HIS D 57 5.29 -21.23 7.17
CA HIS D 57 5.75 -20.11 7.99
C HIS D 57 5.30 -20.29 9.43
N VAL D 58 6.17 -20.01 10.40
CA VAL D 58 5.79 -20.10 11.80
C VAL D 58 6.39 -18.86 12.46
N LEU D 59 5.54 -18.05 13.08
CA LEU D 59 5.94 -16.83 13.75
C LEU D 59 5.83 -17.04 15.25
N SER D 60 6.90 -16.66 15.97
CA SER D 60 6.99 -16.78 17.42
C SER D 60 7.16 -15.40 18.02
N LEU D 61 6.14 -14.96 18.73
CA LEU D 61 6.12 -13.65 19.36
C LEU D 61 6.40 -13.69 20.86
N SER D 62 6.72 -12.52 21.37
CA SER D 62 6.96 -12.34 22.77
C SER D 62 6.66 -10.88 22.91
N PHE D 63 5.68 -10.53 23.74
CA PHE D 63 5.36 -9.12 23.88
C PHE D 63 4.89 -8.78 25.28
N PRO D 64 5.11 -7.53 25.67
CA PRO D 64 4.71 -7.11 26.99
C PRO D 64 3.26 -6.63 27.04
N ILE D 65 2.69 -6.75 28.23
CA ILE D 65 1.36 -6.30 28.55
C ILE D 65 1.59 -5.90 30.00
N ARG D 66 0.97 -4.81 30.42
CA ARG D 66 1.15 -4.39 31.79
C ARG D 66 0.00 -4.94 32.62
N ARG D 67 0.30 -5.99 33.40
CA ARG D 67 -0.68 -6.64 34.27
C ARG D 67 -1.40 -5.57 35.06
N ASP D 68 -2.68 -5.80 35.30
CA ASP D 68 -3.51 -4.84 36.02
C ASP D 68 -2.77 -4.20 37.19
N ASP D 69 -2.16 -5.02 38.02
CA ASP D 69 -1.36 -4.53 39.14
C ASP D 69 0.02 -4.17 38.54
N GLY D 70 0.16 -2.90 38.14
CA GLY D 70 1.40 -2.38 37.56
C GLY D 70 2.34 -3.25 36.73
N SER D 71 2.85 -4.30 37.36
CA SER D 71 3.78 -5.28 36.80
C SER D 71 3.81 -5.53 35.30
N TRP D 72 4.99 -5.46 34.74
CA TRP D 72 5.15 -5.69 33.34
C TRP D 72 5.25 -7.19 33.15
N GLU D 73 4.78 -7.69 32.01
CA GLU D 73 4.84 -9.11 31.75
C GLU D 73 5.01 -9.48 30.29
N VAL D 74 6.09 -10.18 29.99
CA VAL D 74 6.38 -10.64 28.65
C VAL D 74 5.47 -11.84 28.40
N ILE D 75 4.92 -11.95 27.19
CA ILE D 75 4.02 -13.04 26.85
C ILE D 75 4.51 -13.80 25.61
N GLU D 76 4.26 -15.12 25.57
CA GLU D 76 4.65 -15.95 24.45
C GLU D 76 3.47 -16.22 23.52
N GLY D 77 3.72 -16.13 22.21
CA GLY D 77 2.70 -16.38 21.24
C GLY D 77 3.27 -17.03 20.02
N TYR D 78 2.45 -17.81 19.31
CA TYR D 78 2.88 -18.47 18.10
C TYR D 78 1.69 -18.49 17.14
N ARG D 79 2.00 -18.55 15.85
CA ARG D 79 0.98 -18.65 14.81
C ARG D 79 1.69 -19.38 13.72
N ALA D 80 1.37 -20.64 13.56
CA ALA D 80 1.98 -21.43 12.51
C ALA D 80 1.01 -21.52 11.32
N GLN D 81 1.51 -21.22 10.13
CA GLN D 81 0.72 -21.31 8.94
C GLN D 81 1.33 -22.49 8.24
N HIS D 82 0.66 -23.63 8.36
CA HIS D 82 1.16 -24.86 7.75
C HIS D 82 1.20 -24.85 6.23
N SER D 83 0.08 -24.49 5.58
CA SER D 83 0.06 -24.51 4.11
C SER D 83 -0.67 -23.37 3.44
N HIS D 84 -0.34 -23.20 2.16
CA HIS D 84 -0.95 -22.14 1.37
C HIS D 84 -1.59 -22.66 0.09
N GLN D 85 -1.44 -23.97 -0.17
CA GLN D 85 -1.98 -24.59 -1.38
C GLN D 85 -3.41 -24.10 -1.64
N ARG D 86 -4.02 -23.59 -0.59
CA ARG D 86 -5.31 -22.98 -0.62
C ARG D 86 -4.90 -21.80 0.27
N THR D 87 -5.16 -20.55 -0.13
CA THR D 87 -4.67 -19.43 0.63
C THR D 87 -5.16 -19.05 2.02
N PRO D 88 -6.37 -18.48 2.19
CA PRO D 88 -6.66 -18.16 3.58
C PRO D 88 -6.43 -19.37 4.47
N CYS D 89 -5.32 -19.37 5.21
CA CYS D 89 -5.03 -20.48 6.09
C CYS D 89 -6.04 -20.26 7.20
N LYS D 90 -6.42 -21.32 7.89
CA LYS D 90 -7.38 -21.22 8.97
C LYS D 90 -7.02 -22.12 10.14
N GLY D 91 -7.31 -21.64 11.33
CA GLY D 91 -7.02 -22.40 12.53
C GLY D 91 -7.37 -21.58 13.76
N GLY D 92 -7.67 -22.26 14.86
CA GLY D 92 -8.00 -21.55 16.09
C GLY D 92 -6.83 -21.03 16.89
N ILE D 93 -7.11 -20.13 17.82
CA ILE D 93 -6.09 -19.56 18.69
C ILE D 93 -6.27 -20.18 20.06
N ARG D 94 -5.33 -21.03 20.47
CA ARG D 94 -5.39 -21.70 21.78
C ARG D 94 -4.73 -20.95 22.95
N TYR D 95 -5.49 -20.72 24.01
CA TYR D 95 -4.94 -20.06 25.18
C TYR D 95 -4.78 -21.13 26.25
N SER D 96 -3.54 -21.55 26.45
CA SER D 96 -3.23 -22.57 27.44
C SER D 96 -1.75 -22.52 27.70
N THR D 97 -1.35 -22.84 28.93
CA THR D 97 0.08 -22.85 29.25
C THR D 97 0.75 -24.00 28.50
N ASP D 98 -0.08 -24.88 27.93
CA ASP D 98 0.48 -26.00 27.20
C ASP D 98 0.85 -25.73 25.76
N VAL D 99 0.63 -24.51 25.28
CA VAL D 99 1.01 -24.23 23.91
C VAL D 99 2.54 -24.29 23.75
N SER D 100 2.99 -24.48 22.52
CA SER D 100 4.39 -24.56 22.22
C SER D 100 4.47 -24.55 20.71
N VAL D 101 5.65 -24.24 20.18
CA VAL D 101 5.79 -24.19 18.75
C VAL D 101 5.44 -25.50 18.07
N ASP D 102 5.79 -26.63 18.67
CA ASP D 102 5.48 -27.93 18.07
C ASP D 102 4.02 -28.29 18.19
N GLU D 103 3.42 -27.92 19.32
CA GLU D 103 2.01 -28.22 19.54
C GLU D 103 1.21 -27.47 18.50
N VAL D 104 1.44 -26.16 18.40
CA VAL D 104 0.76 -25.33 17.41
C VAL D 104 1.08 -25.86 16.00
N LYS D 105 2.33 -26.17 15.69
CA LYS D 105 2.72 -26.68 14.38
C LYS D 105 1.90 -27.87 13.94
N ALA D 106 1.66 -28.80 14.86
CA ALA D 106 0.86 -29.98 14.57
C ALA D 106 -0.59 -29.55 14.40
N LEU D 107 -1.12 -28.89 15.42
CA LEU D 107 -2.49 -28.37 15.40
C LEU D 107 -2.74 -27.63 14.09
N ALA D 108 -1.70 -27.02 13.52
CA ALA D 108 -1.79 -26.29 12.28
C ALA D 108 -1.96 -27.29 11.13
N SER D 109 -1.05 -28.25 11.03
CA SER D 109 -1.14 -29.26 9.97
C SER D 109 -2.50 -29.95 10.03
N LEU D 110 -2.94 -30.33 11.21
CA LEU D 110 -4.24 -30.99 11.31
C LEU D 110 -5.30 -30.12 10.65
N MET D 111 -5.08 -28.82 10.58
CA MET D 111 -6.05 -27.92 9.97
C MET D 111 -6.07 -28.06 8.47
N THR D 112 -4.89 -28.15 7.87
CA THR D 112 -4.78 -28.24 6.41
C THR D 112 -5.33 -29.55 5.84
N TYR D 113 -5.07 -30.67 6.52
CA TYR D 113 -5.58 -31.98 6.05
C TYR D 113 -7.06 -32.07 6.41
N LYS D 114 -7.41 -31.50 7.55
CA LYS D 114 -8.79 -31.50 7.97
C LYS D 114 -9.64 -30.82 6.88
N CYS D 115 -9.29 -29.58 6.53
CA CYS D 115 -10.02 -28.82 5.52
C CYS D 115 -10.04 -29.54 4.19
N ALA D 116 -9.01 -30.35 3.93
CA ALA D 116 -8.92 -31.10 2.67
C ALA D 116 -10.04 -32.09 2.62
N VAL D 117 -10.06 -32.92 3.65
CA VAL D 117 -11.04 -33.97 3.86
C VAL D 117 -12.49 -33.48 3.67
N VAL D 118 -12.80 -32.32 4.25
CA VAL D 118 -14.13 -31.74 4.18
C VAL D 118 -14.33 -30.69 3.09
N ASP D 119 -13.38 -30.62 2.17
CA ASP D 119 -13.49 -29.67 1.10
C ASP D 119 -13.72 -28.23 1.42
N VAL D 120 -12.99 -27.71 2.42
CA VAL D 120 -13.10 -26.31 2.80
C VAL D 120 -11.79 -25.72 2.30
N PRO D 121 -11.82 -24.82 1.29
CA PRO D 121 -10.65 -24.18 0.68
C PRO D 121 -9.72 -23.28 1.48
N PHE D 122 -9.13 -23.80 2.55
CA PHE D 122 -8.19 -23.04 3.35
C PHE D 122 -6.96 -23.89 3.61
N GLY D 123 -5.83 -23.21 3.80
CA GLY D 123 -4.63 -23.95 4.16
C GLY D 123 -4.75 -24.07 5.68
N GLY D 124 -3.89 -24.86 6.31
CA GLY D 124 -4.02 -24.98 7.76
C GLY D 124 -3.18 -23.97 8.48
N ALA D 125 -3.53 -23.65 9.70
CA ALA D 125 -2.78 -22.69 10.48
C ALA D 125 -3.22 -22.88 11.92
N LYS D 126 -2.46 -22.37 12.86
CA LYS D 126 -2.87 -22.50 14.26
C LYS D 126 -2.16 -21.45 15.10
N ALA D 127 -2.83 -20.95 16.12
CA ALA D 127 -2.21 -19.95 16.97
C ALA D 127 -2.21 -20.42 18.41
N GLY D 128 -1.32 -19.85 19.22
CA GLY D 128 -1.26 -20.25 20.61
C GLY D 128 -0.59 -19.24 21.51
N VAL D 129 -1.34 -18.66 22.42
CA VAL D 129 -0.73 -17.76 23.36
C VAL D 129 -0.41 -18.71 24.52
N LYS D 130 0.64 -18.44 25.29
CA LYS D 130 0.99 -19.36 26.39
C LYS D 130 0.56 -18.88 27.76
N ILE D 131 -0.72 -18.70 27.96
CA ILE D 131 -1.19 -18.23 29.26
C ILE D 131 -2.27 -19.17 29.77
N ASN D 132 -2.66 -18.98 31.02
CA ASN D 132 -3.70 -19.76 31.64
C ASN D 132 -4.74 -18.70 31.96
N PRO D 133 -5.71 -18.52 31.06
CA PRO D 133 -6.81 -17.56 31.13
C PRO D 133 -7.46 -17.35 32.47
N LYS D 134 -7.26 -18.29 33.38
CA LYS D 134 -7.85 -18.15 34.70
C LYS D 134 -7.01 -17.30 35.65
N ASN D 135 -5.80 -16.94 35.24
CA ASN D 135 -4.96 -16.14 36.11
C ASN D 135 -5.06 -14.67 35.80
N TYR D 136 -5.38 -14.34 34.56
CA TYR D 136 -5.48 -12.94 34.17
C TYR D 136 -6.91 -12.45 34.33
N THR D 137 -7.06 -11.16 34.59
CA THR D 137 -8.39 -10.61 34.73
C THR D 137 -8.97 -10.55 33.33
N ASP D 138 -10.28 -10.35 33.25
CA ASP D 138 -10.98 -10.27 31.98
C ASP D 138 -10.41 -9.13 31.12
N GLU D 139 -9.75 -8.18 31.78
CA GLU D 139 -9.19 -7.03 31.10
C GLU D 139 -7.76 -7.29 30.66
N ASP D 140 -7.07 -8.12 31.43
CA ASP D 140 -5.69 -8.50 31.11
C ASP D 140 -5.87 -9.16 29.73
N LEU D 141 -6.84 -10.07 29.68
CA LEU D 141 -7.13 -10.82 28.46
C LEU D 141 -7.47 -9.94 27.26
N GLU D 142 -8.18 -8.86 27.45
CA GLU D 142 -8.45 -8.05 26.27
C GLU D 142 -7.10 -7.52 25.75
N LYS D 143 -6.31 -6.90 26.65
CA LYS D 143 -5.02 -6.32 26.32
C LYS D 143 -4.12 -7.30 25.62
N ILE D 144 -4.14 -8.52 26.11
CA ILE D 144 -3.32 -9.60 25.56
C ILE D 144 -3.76 -9.99 24.15
N THR D 145 -5.07 -10.24 23.97
CA THR D 145 -5.56 -10.64 22.67
C THR D 145 -5.65 -9.50 21.66
N ARG D 146 -5.77 -8.26 22.12
CA ARG D 146 -5.82 -7.16 21.22
C ARG D 146 -4.40 -6.90 20.77
N ARG D 147 -3.47 -6.99 21.71
CA ARG D 147 -2.06 -6.80 21.44
C ARG D 147 -1.48 -7.93 20.56
N PHE D 148 -1.99 -9.14 20.77
CA PHE D 148 -1.56 -10.31 20.01
C PHE D 148 -2.04 -10.15 18.57
N THR D 149 -3.24 -9.58 18.37
CA THR D 149 -3.80 -9.39 17.04
C THR D 149 -2.98 -8.40 16.28
N MET D 150 -2.48 -7.37 16.97
CA MET D 150 -1.66 -6.36 16.35
C MET D 150 -0.33 -6.93 15.90
N GLU D 151 0.27 -7.76 16.74
CA GLU D 151 1.55 -8.36 16.44
C GLU D 151 1.50 -9.32 15.28
N LEU D 152 0.50 -10.18 15.26
CA LEU D 152 0.32 -11.12 14.17
C LEU D 152 0.04 -10.33 12.87
N ALA D 153 -0.76 -9.28 13.03
CA ALA D 153 -1.14 -8.40 11.96
C ALA D 153 0.06 -7.85 11.18
N LYS D 154 1.05 -7.35 11.87
CA LYS D 154 2.19 -6.78 11.18
C LYS D 154 3.28 -7.71 10.71
N LYS D 155 2.94 -8.98 10.52
CA LYS D 155 3.95 -9.94 10.07
C LYS D 155 3.30 -10.90 9.09
N GLY D 156 2.03 -10.64 8.79
CA GLY D 156 1.30 -11.43 7.82
C GLY D 156 0.61 -12.63 8.40
N PHE D 157 0.41 -12.62 9.70
CA PHE D 157 -0.23 -13.77 10.31
C PHE D 157 -1.67 -13.58 10.74
N ILE D 158 -2.40 -12.78 9.99
CA ILE D 158 -3.83 -12.56 10.23
C ILE D 158 -4.37 -11.54 9.24
N GLY D 159 -5.52 -11.82 8.68
CA GLY D 159 -6.11 -10.91 7.71
C GLY D 159 -6.97 -11.75 6.80
N PRO D 160 -8.09 -11.21 6.32
CA PRO D 160 -9.02 -11.89 5.45
C PRO D 160 -8.41 -12.66 4.30
N GLY D 161 -7.21 -12.30 3.86
CA GLY D 161 -6.67 -13.01 2.72
C GLY D 161 -5.49 -13.89 2.91
N VAL D 162 -4.84 -13.83 4.08
CA VAL D 162 -3.64 -14.66 4.41
C VAL D 162 -3.90 -15.77 5.42
N ASP D 163 -4.40 -15.35 6.57
CA ASP D 163 -4.63 -16.25 7.68
C ASP D 163 -5.86 -15.75 8.39
N VAL D 164 -6.79 -16.65 8.73
CA VAL D 164 -8.03 -16.28 9.40
C VAL D 164 -8.19 -17.08 10.68
N PRO D 165 -7.80 -16.50 11.84
CA PRO D 165 -7.92 -17.18 13.15
C PRO D 165 -9.37 -17.50 13.55
N ALA D 166 -9.54 -18.44 14.48
CA ALA D 166 -10.86 -18.82 14.94
C ALA D 166 -10.70 -19.35 16.36
N PRO D 167 -11.79 -19.78 17.03
CA PRO D 167 -11.60 -20.27 18.40
C PRO D 167 -10.98 -21.64 18.55
N ASN D 168 -10.55 -21.91 19.79
CA ASN D 168 -9.99 -23.20 20.19
C ASN D 168 -10.04 -23.26 21.71
N MET D 169 -9.14 -24.01 22.34
CA MET D 169 -9.14 -24.09 23.80
C MET D 169 -8.94 -22.73 24.52
N SER D 170 -9.89 -22.41 25.38
CA SER D 170 -9.89 -21.19 26.15
C SER D 170 -10.00 -19.88 25.37
N THR D 171 -10.61 -19.94 24.18
CA THR D 171 -10.87 -18.75 23.37
C THR D 171 -12.28 -18.97 22.79
N GLY D 172 -13.05 -17.89 22.64
CA GLY D 172 -14.41 -18.03 22.10
C GLY D 172 -14.85 -16.76 21.42
N GLU D 173 -16.14 -16.64 21.11
CA GLU D 173 -16.63 -15.45 20.43
C GLU D 173 -16.20 -14.13 21.02
N ARG D 174 -15.82 -14.14 22.28
CA ARG D 174 -15.36 -12.92 22.95
C ARG D 174 -14.03 -12.44 22.36
N GLU D 175 -13.01 -13.28 22.45
CA GLU D 175 -11.70 -12.92 21.91
C GLU D 175 -11.80 -12.75 20.40
N MET D 176 -12.68 -13.50 19.74
CA MET D 176 -12.86 -13.37 18.31
C MET D 176 -13.47 -11.99 18.03
N SER D 177 -14.20 -11.43 18.99
CA SER D 177 -14.75 -10.11 18.80
C SER D 177 -13.63 -9.10 18.98
N TRP D 178 -12.77 -9.33 19.97
CA TRP D 178 -11.65 -8.44 20.27
C TRP D 178 -10.71 -8.39 19.10
N ILE D 179 -10.34 -9.55 18.61
CA ILE D 179 -9.44 -9.65 17.48
C ILE D 179 -9.98 -8.86 16.31
N ALA D 180 -11.21 -9.14 15.91
CA ALA D 180 -11.80 -8.45 14.77
C ALA D 180 -11.89 -6.93 14.92
N ASP D 181 -12.12 -6.46 16.13
CA ASP D 181 -12.21 -5.02 16.37
C ASP D 181 -10.88 -4.26 16.34
N THR D 182 -9.79 -4.91 16.71
CA THR D 182 -8.51 -4.21 16.67
C THR D 182 -7.93 -4.38 15.26
N TYR D 183 -8.33 -5.45 14.56
CA TYR D 183 -7.83 -5.63 13.20
C TYR D 183 -8.56 -4.61 12.32
N ALA D 184 -9.88 -4.64 12.34
CA ALA D 184 -10.66 -3.71 11.55
C ALA D 184 -10.55 -2.23 11.92
N SER D 185 -10.05 -1.92 13.10
CA SER D 185 -9.89 -0.50 13.48
C SER D 185 -8.45 -0.09 13.23
N THR D 186 -7.62 -1.07 12.91
CA THR D 186 -6.23 -0.82 12.63
C THR D 186 -5.95 -1.07 11.14
N ILE D 187 -5.28 -2.17 10.78
CA ILE D 187 -4.93 -2.40 9.38
C ILE D 187 -6.10 -2.41 8.43
N GLY D 188 -7.12 -3.20 8.73
CA GLY D 188 -8.25 -3.29 7.84
C GLY D 188 -9.17 -2.10 7.86
N HIS D 189 -8.70 -0.91 8.22
CA HIS D 189 -9.58 0.24 8.25
C HIS D 189 -10.16 0.51 6.87
N TYR D 190 -9.43 0.12 5.83
CA TYR D 190 -9.94 0.37 4.51
C TYR D 190 -10.31 -0.90 3.79
N ASP D 191 -10.13 -2.04 4.43
CA ASP D 191 -10.42 -3.38 3.88
C ASP D 191 -11.92 -3.56 3.81
N ILE D 192 -12.45 -3.85 2.62
CA ILE D 192 -13.89 -4.07 2.49
C ILE D 192 -14.25 -5.38 3.19
N ASN D 193 -13.23 -6.21 3.40
CA ASN D 193 -13.39 -7.49 4.11
C ASN D 193 -12.69 -7.41 5.48
N ALA D 194 -12.57 -6.23 6.06
CA ALA D 194 -11.93 -6.05 7.36
C ALA D 194 -12.37 -7.03 8.42
N HIS D 195 -13.64 -7.38 8.46
CA HIS D 195 -14.13 -8.30 9.48
C HIS D 195 -14.11 -9.81 9.15
N ALA D 196 -13.49 -10.23 8.07
CA ALA D 196 -13.45 -11.65 7.78
C ALA D 196 -12.06 -12.16 8.21
N CYS D 197 -11.31 -11.30 8.87
CA CYS D 197 -9.97 -11.61 9.35
C CYS D 197 -10.02 -12.73 10.37
N VAL D 198 -11.16 -12.89 11.02
CA VAL D 198 -11.36 -13.92 12.03
C VAL D 198 -12.76 -14.49 11.89
N THR D 199 -12.97 -15.70 12.37
CA THR D 199 -14.28 -16.33 12.33
C THR D 199 -14.63 -16.84 13.74
N GLY D 200 -15.87 -17.23 13.97
CA GLY D 200 -16.25 -17.68 15.30
C GLY D 200 -16.59 -16.47 16.16
N LYS D 201 -16.71 -15.30 15.54
CA LYS D 201 -17.03 -14.07 16.26
C LYS D 201 -18.52 -13.99 16.61
N PRO D 202 -18.90 -13.17 17.58
CA PRO D 202 -20.30 -13.02 17.98
C PRO D 202 -21.18 -12.63 16.81
N ILE D 203 -22.50 -12.86 16.94
CA ILE D 203 -23.45 -12.54 15.87
C ILE D 203 -23.51 -11.04 15.62
N SER D 204 -23.51 -10.24 16.69
CA SER D 204 -23.57 -8.79 16.60
C SER D 204 -22.32 -8.21 15.92
N GLN D 205 -21.29 -9.04 15.79
CA GLN D 205 -20.05 -8.60 15.20
C GLN D 205 -19.85 -9.17 13.82
N GLY D 206 -20.79 -9.99 13.37
CA GLY D 206 -20.67 -10.57 12.04
C GLY D 206 -20.52 -12.08 12.07
N GLY D 207 -21.07 -12.66 13.13
CA GLY D 207 -21.00 -14.10 13.28
C GLY D 207 -22.04 -14.77 12.46
N ILE D 208 -22.18 -16.07 12.60
CA ILE D 208 -23.16 -16.84 11.87
C ILE D 208 -23.80 -17.79 12.85
N HIS D 209 -25.09 -18.01 12.72
CA HIS D 209 -25.82 -18.91 13.59
C HIS D 209 -25.42 -20.39 13.44
N GLY D 210 -24.93 -20.95 14.53
CA GLY D 210 -24.56 -22.34 14.52
C GLY D 210 -23.08 -22.55 14.64
N ARG D 211 -22.31 -21.51 14.84
CA ARG D 211 -20.86 -21.69 14.96
C ARG D 211 -20.47 -22.23 16.33
N ILE D 212 -21.17 -21.78 17.37
CA ILE D 212 -20.84 -22.26 18.70
C ILE D 212 -21.09 -23.75 18.76
N SER D 213 -22.26 -24.16 18.29
CA SER D 213 -22.65 -25.56 18.29
C SER D 213 -22.07 -26.35 17.11
N ALA D 214 -21.51 -25.66 16.14
CA ALA D 214 -20.99 -26.29 14.95
C ALA D 214 -20.11 -27.51 15.12
N THR D 215 -19.05 -27.39 15.90
CA THR D 215 -18.17 -28.54 16.04
C THR D 215 -18.87 -29.73 16.69
N GLY D 216 -19.73 -29.45 17.66
CA GLY D 216 -20.47 -30.51 18.33
C GLY D 216 -21.42 -31.17 17.35
N ARG D 217 -22.21 -30.35 16.67
CA ARG D 217 -23.17 -30.83 15.70
C ARG D 217 -22.45 -31.64 14.62
N GLY D 218 -21.20 -31.27 14.36
CA GLY D 218 -20.41 -31.98 13.37
C GLY D 218 -19.95 -33.31 13.95
N VAL D 219 -19.55 -33.30 15.22
CA VAL D 219 -19.12 -34.52 15.90
C VAL D 219 -20.30 -35.48 15.85
N PHE D 220 -21.49 -34.94 16.07
CA PHE D 220 -22.71 -35.73 16.03
C PHE D 220 -22.93 -36.34 14.65
N HIS D 221 -22.92 -35.50 13.63
CA HIS D 221 -23.11 -35.97 12.27
C HIS D 221 -22.01 -36.97 11.91
N GLY D 222 -20.80 -36.73 12.41
CA GLY D 222 -19.70 -37.60 12.08
C GLY D 222 -20.05 -38.99 12.55
N ILE D 223 -20.49 -39.09 13.79
CA ILE D 223 -20.85 -40.37 14.38
C ILE D 223 -21.98 -41.06 13.62
N GLU D 224 -23.13 -40.39 13.50
CA GLU D 224 -24.29 -40.94 12.79
C GLU D 224 -23.93 -41.59 11.46
N ASN D 225 -23.24 -40.85 10.57
CA ASN D 225 -22.84 -41.38 9.29
C ASN D 225 -22.15 -42.75 9.42
N PHE D 226 -21.58 -43.01 10.59
CA PHE D 226 -20.88 -44.25 10.88
C PHE D 226 -21.63 -45.18 11.85
N ILE D 227 -22.39 -44.61 12.78
CA ILE D 227 -23.11 -45.45 13.73
C ILE D 227 -24.37 -46.06 13.13
N GLU D 228 -24.69 -45.66 11.89
CA GLU D 228 -25.89 -46.18 11.23
C GLU D 228 -25.56 -47.01 9.97
N ASN D 229 -24.32 -47.45 9.82
CA ASN D 229 -23.98 -48.25 8.66
C ASN D 229 -23.61 -49.60 9.19
N ALA D 230 -24.66 -50.37 9.51
CA ALA D 230 -24.58 -51.73 10.07
C ALA D 230 -23.22 -52.34 9.87
N SER D 231 -22.90 -52.60 8.62
CA SER D 231 -21.62 -53.12 8.20
C SER D 231 -20.52 -52.78 9.20
N TYR D 232 -20.29 -51.49 9.44
CA TYR D 232 -19.28 -51.02 10.40
C TYR D 232 -19.68 -51.42 11.82
N MET D 233 -20.84 -50.96 12.28
CA MET D 233 -21.36 -51.28 13.61
C MET D 233 -21.45 -52.81 13.86
N SER D 234 -21.44 -53.58 12.79
CA SER D 234 -21.51 -55.03 12.90
C SER D 234 -20.16 -55.53 13.36
N ILE D 235 -19.10 -54.97 12.77
CA ILE D 235 -17.75 -55.34 13.18
C ILE D 235 -17.67 -54.86 14.63
N LEU D 236 -18.30 -53.72 14.89
CA LEU D 236 -18.36 -53.15 16.23
C LEU D 236 -19.10 -54.10 17.14
N GLY D 237 -19.89 -54.98 16.54
CA GLY D 237 -20.66 -55.92 17.32
C GLY D 237 -21.56 -55.04 18.14
N MET D 238 -22.27 -54.16 17.43
CA MET D 238 -23.18 -53.22 18.04
C MET D 238 -24.35 -53.12 17.09
N THR D 239 -25.33 -52.33 17.53
CA THR D 239 -26.54 -52.08 16.77
C THR D 239 -26.47 -50.70 16.05
N PRO D 240 -27.47 -50.39 15.22
CA PRO D 240 -27.47 -49.12 14.52
C PRO D 240 -28.23 -48.12 15.41
N GLY D 241 -27.76 -46.87 15.46
CA GLY D 241 -28.46 -45.84 16.23
C GLY D 241 -28.02 -45.39 17.63
N PHE D 242 -28.07 -44.08 17.85
CA PHE D 242 -27.69 -43.50 19.13
C PHE D 242 -28.74 -43.85 20.17
N GLY D 243 -29.96 -43.99 19.70
CA GLY D 243 -31.09 -44.30 20.56
C GLY D 243 -30.94 -45.36 21.65
N ASP D 244 -30.11 -46.37 21.40
CA ASP D 244 -29.92 -47.42 22.41
C ASP D 244 -28.50 -47.40 22.88
N LYS D 245 -27.73 -46.42 22.39
CA LYS D 245 -26.34 -46.29 22.77
C LYS D 245 -26.09 -45.46 24.04
N THR D 246 -24.82 -45.38 24.41
CA THR D 246 -24.40 -44.67 25.60
C THR D 246 -22.99 -44.13 25.31
N PHE D 247 -22.68 -42.96 25.87
CA PHE D 247 -21.38 -42.32 25.66
C PHE D 247 -20.92 -41.50 26.88
N ALA D 248 -19.61 -41.26 26.92
CA ALA D 248 -18.96 -40.46 27.96
C ALA D 248 -17.98 -39.47 27.27
N VAL D 249 -18.17 -38.18 27.56
CA VAL D 249 -17.35 -37.12 26.97
C VAL D 249 -16.29 -36.58 27.92
N GLN D 250 -15.04 -36.42 27.43
CA GLN D 250 -13.94 -35.86 28.20
C GLN D 250 -13.95 -34.34 27.89
N GLY D 251 -13.72 -33.50 28.89
CA GLY D 251 -13.77 -32.08 28.64
C GLY D 251 -15.21 -31.67 28.39
N PHE D 252 -15.68 -30.69 29.16
CA PHE D 252 -17.06 -30.20 29.05
C PHE D 252 -17.00 -28.76 28.57
N GLY D 253 -16.29 -28.54 27.47
CA GLY D 253 -16.16 -27.21 26.88
C GLY D 253 -17.01 -26.98 25.64
N ASN D 254 -16.43 -26.32 24.63
CA ASN D 254 -17.22 -26.05 23.45
C ASN D 254 -17.64 -27.31 22.74
N VAL D 255 -16.70 -28.01 22.09
CA VAL D 255 -17.07 -29.22 21.37
C VAL D 255 -17.67 -30.24 22.32
N GLY D 256 -17.13 -30.33 23.52
CA GLY D 256 -17.63 -31.28 24.51
C GLY D 256 -19.10 -31.13 24.82
N LEU D 257 -19.46 -29.99 25.40
CA LEU D 257 -20.84 -29.72 25.77
C LEU D 257 -21.77 -30.06 24.65
N HIS D 258 -21.73 -29.26 23.57
CA HIS D 258 -22.59 -29.43 22.39
C HIS D 258 -22.61 -30.78 21.74
N SER D 259 -21.50 -31.51 21.77
CA SER D 259 -21.47 -32.86 21.22
C SER D 259 -22.47 -33.67 22.05
N MET D 260 -22.37 -33.51 23.35
CA MET D 260 -23.24 -34.18 24.31
C MET D 260 -24.68 -33.69 24.07
N ARG D 261 -24.83 -32.40 23.80
CA ARG D 261 -26.15 -31.84 23.53
C ARG D 261 -26.82 -32.59 22.36
N TYR D 262 -26.11 -32.69 21.24
CA TYR D 262 -26.67 -33.33 20.07
C TYR D 262 -26.90 -34.82 20.19
N LEU D 263 -25.92 -35.58 20.66
CA LEU D 263 -26.10 -37.03 20.83
C LEU D 263 -27.32 -37.31 21.71
N HIS D 264 -27.39 -36.62 22.83
CA HIS D 264 -28.47 -36.78 23.77
C HIS D 264 -29.79 -36.58 23.01
N ARG D 265 -29.92 -35.48 22.31
CA ARG D 265 -31.13 -35.19 21.54
C ARG D 265 -31.55 -36.40 20.66
N PHE D 266 -30.58 -37.18 20.17
CA PHE D 266 -30.91 -38.34 19.33
C PHE D 266 -30.90 -39.67 20.06
N GLY D 267 -31.45 -39.61 21.26
CA GLY D 267 -31.58 -40.78 22.10
C GLY D 267 -30.35 -41.39 22.70
N ALA D 268 -29.14 -40.96 22.35
CA ALA D 268 -27.95 -41.57 22.97
C ALA D 268 -27.92 -41.19 24.47
N LYS D 269 -27.28 -42.04 25.27
CA LYS D 269 -27.22 -41.83 26.71
C LYS D 269 -25.85 -41.41 27.28
N CYS D 270 -25.77 -40.21 27.84
CA CYS D 270 -24.50 -39.74 28.43
C CYS D 270 -24.34 -40.13 29.90
N VAL D 271 -23.67 -41.27 30.09
CA VAL D 271 -23.39 -41.82 31.40
C VAL D 271 -22.27 -41.10 32.17
N ALA D 272 -21.31 -40.46 31.48
CA ALA D 272 -20.20 -39.79 32.17
C ALA D 272 -19.67 -38.51 31.50
N VAL D 273 -19.07 -37.65 32.32
CA VAL D 273 -18.49 -36.37 31.85
C VAL D 273 -17.18 -36.07 32.59
N GLY D 274 -16.09 -35.92 31.85
CA GLY D 274 -14.81 -35.60 32.45
C GLY D 274 -14.44 -34.12 32.35
N GLU D 275 -13.78 -33.58 33.38
CA GLU D 275 -13.38 -32.18 33.38
C GLU D 275 -11.99 -32.03 33.93
N SER D 276 -11.30 -30.96 33.51
CA SER D 276 -9.92 -30.67 33.94
C SER D 276 -9.72 -31.05 35.42
N ASP D 277 -10.70 -30.68 36.24
CA ASP D 277 -10.67 -30.95 37.66
C ASP D 277 -11.38 -32.23 38.16
N GLY D 278 -12.38 -32.74 37.42
CA GLY D 278 -13.06 -33.95 37.87
C GLY D 278 -14.08 -34.68 37.00
N SER D 279 -14.45 -35.89 37.42
CA SER D 279 -15.44 -36.67 36.70
C SER D 279 -16.83 -36.81 37.35
N ILE D 280 -17.80 -37.21 36.53
CA ILE D 280 -19.17 -37.42 36.96
C ILE D 280 -19.62 -38.71 36.27
N TRP D 281 -20.70 -39.33 36.75
CA TRP D 281 -21.09 -40.61 36.15
C TRP D 281 -22.53 -41.19 36.11
N ASN D 282 -23.52 -40.49 36.65
CA ASN D 282 -24.90 -41.04 36.62
C ASN D 282 -25.28 -42.01 35.47
N PRO D 283 -25.37 -43.33 35.77
CA PRO D 283 -25.72 -44.38 34.81
C PRO D 283 -27.10 -44.14 34.22
N ASP D 284 -27.93 -43.47 34.98
CA ASP D 284 -29.27 -43.15 34.52
C ASP D 284 -29.19 -41.95 33.58
N GLY D 285 -27.95 -41.58 33.25
CA GLY D 285 -27.70 -40.50 32.33
C GLY D 285 -27.77 -39.10 32.88
N ILE D 286 -26.91 -38.24 32.35
CA ILE D 286 -26.91 -36.84 32.75
C ILE D 286 -27.59 -36.02 31.64
N ASP D 287 -28.24 -34.94 32.03
CA ASP D 287 -28.94 -34.07 31.08
C ASP D 287 -28.04 -32.88 30.69
N PRO D 288 -27.66 -32.76 29.39
CA PRO D 288 -26.80 -31.69 28.89
C PRO D 288 -27.18 -30.29 29.36
N LYS D 289 -28.47 -29.96 29.40
CA LYS D 289 -28.84 -28.65 29.89
C LYS D 289 -28.49 -28.56 31.37
N GLU D 290 -29.17 -29.39 32.17
CA GLU D 290 -28.94 -29.43 33.63
C GLU D 290 -27.47 -29.25 34.00
N LEU D 291 -26.65 -30.14 33.43
CA LEU D 291 -25.23 -30.15 33.64
C LEU D 291 -24.66 -28.79 33.25
N GLU D 292 -24.99 -28.29 32.06
CA GLU D 292 -24.45 -27.00 31.61
C GLU D 292 -24.84 -25.88 32.56
N ASP D 293 -26.11 -25.83 32.95
CA ASP D 293 -26.60 -24.81 33.85
C ASP D 293 -25.77 -24.81 35.12
N PHE D 294 -25.58 -26.00 35.69
CA PHE D 294 -24.80 -26.18 36.91
C PHE D 294 -23.38 -25.67 36.68
N LYS D 295 -22.77 -26.09 35.57
CA LYS D 295 -21.42 -25.66 35.20
C LYS D 295 -21.39 -24.12 35.11
N LEU D 296 -22.44 -23.55 34.53
CA LEU D 296 -22.55 -22.10 34.37
C LEU D 296 -22.54 -21.33 35.68
N GLN D 297 -23.26 -21.86 36.67
CA GLN D 297 -23.31 -21.17 37.97
C GLN D 297 -22.34 -21.70 39.04
N HIS D 298 -21.48 -22.65 38.64
CA HIS D 298 -20.54 -23.24 39.56
C HIS D 298 -19.14 -23.27 38.99
N GLY D 299 -18.99 -22.79 37.76
CA GLY D 299 -17.66 -22.81 37.15
C GLY D 299 -17.08 -24.21 37.36
N THR D 300 -17.98 -25.19 37.37
CA THR D 300 -17.61 -26.57 37.56
C THR D 300 -18.85 -27.46 37.50
N ILE D 301 -18.60 -28.72 37.14
CA ILE D 301 -19.64 -29.73 37.06
C ILE D 301 -19.51 -30.52 38.38
N LEU D 302 -18.35 -30.43 39.02
CA LEU D 302 -18.11 -31.14 40.27
C LEU D 302 -19.16 -30.89 41.34
N GLY D 303 -19.85 -31.96 41.71
CA GLY D 303 -20.88 -31.88 42.71
C GLY D 303 -22.23 -31.69 42.08
N PHE D 304 -22.38 -32.18 40.84
CA PHE D 304 -23.66 -32.06 40.14
C PHE D 304 -24.71 -32.79 40.98
N PRO D 305 -25.77 -32.08 41.36
CA PRO D 305 -26.81 -32.70 42.17
C PRO D 305 -27.27 -34.08 41.72
N LYS D 306 -27.11 -34.41 40.44
CA LYS D 306 -27.61 -35.71 40.00
C LYS D 306 -26.62 -36.77 39.49
N ALA D 307 -25.40 -36.80 40.03
CA ALA D 307 -24.40 -37.78 39.63
C ALA D 307 -23.23 -37.77 40.61
N LYS D 308 -22.79 -38.97 40.99
CA LYS D 308 -21.69 -39.16 41.96
C LYS D 308 -20.35 -38.81 41.38
N ILE D 309 -19.55 -38.04 42.13
CA ILE D 309 -18.23 -37.66 41.65
C ILE D 309 -17.42 -38.92 41.37
N TYR D 310 -17.36 -39.29 40.11
CA TYR D 310 -16.65 -40.46 39.65
C TYR D 310 -15.15 -40.22 39.79
N GLU D 311 -14.42 -41.30 40.11
CA GLU D 311 -12.98 -41.23 40.24
C GLU D 311 -12.36 -42.39 39.48
N GLY D 312 -11.77 -42.07 38.35
CA GLY D 312 -11.11 -43.11 37.57
C GLY D 312 -10.54 -42.40 36.36
N SER D 313 -10.71 -43.01 35.20
CA SER D 313 -10.25 -42.41 33.97
C SER D 313 -11.57 -42.20 33.23
N ILE D 314 -11.92 -40.94 32.94
CA ILE D 314 -13.15 -40.72 32.22
C ILE D 314 -13.03 -41.46 30.88
N LEU D 315 -11.80 -41.56 30.38
CA LEU D 315 -11.54 -42.24 29.13
C LEU D 315 -11.76 -43.75 29.24
N GLU D 316 -11.53 -44.28 30.42
CA GLU D 316 -11.71 -45.71 30.67
C GLU D 316 -13.18 -46.07 30.95
N VAL D 317 -14.07 -45.09 30.90
CA VAL D 317 -15.47 -45.34 31.16
C VAL D 317 -16.16 -46.35 30.23
N ASP D 318 -17.04 -47.15 30.84
CA ASP D 318 -17.80 -48.14 30.12
C ASP D 318 -18.96 -47.43 29.43
N CYS D 319 -18.85 -47.32 28.11
CA CYS D 319 -19.87 -46.65 27.33
C CYS D 319 -19.55 -46.95 25.87
N ASP D 320 -20.58 -47.03 25.03
CA ASP D 320 -20.41 -47.32 23.62
C ASP D 320 -19.47 -46.36 22.91
N ILE D 321 -19.62 -45.07 23.19
CA ILE D 321 -18.80 -44.07 22.54
C ILE D 321 -18.11 -43.20 23.56
N LEU D 322 -16.83 -42.95 23.32
CA LEU D 322 -16.04 -42.07 24.15
C LEU D 322 -15.72 -40.93 23.17
N ILE D 323 -15.95 -39.72 23.63
CA ILE D 323 -15.71 -38.55 22.82
C ILE D 323 -14.70 -37.66 23.51
N PRO D 324 -13.40 -37.80 23.15
CA PRO D 324 -12.38 -36.95 23.76
C PRO D 324 -12.67 -35.52 23.28
N ALA D 325 -12.83 -34.58 24.22
CA ALA D 325 -13.14 -33.20 23.85
C ALA D 325 -12.28 -32.21 24.61
N ALA D 326 -10.98 -32.47 24.71
CA ALA D 326 -10.04 -31.59 25.43
C ALA D 326 -8.62 -31.71 24.84
N SER D 327 -7.60 -31.43 25.66
CA SER D 327 -6.18 -31.54 25.26
C SER D 327 -5.87 -32.79 24.42
N GLU D 328 -4.79 -32.75 23.64
CA GLU D 328 -4.42 -33.86 22.78
C GLU D 328 -3.74 -35.02 23.49
N LYS D 329 -3.47 -36.08 22.73
CA LYS D 329 -2.80 -37.31 23.20
C LYS D 329 -3.26 -37.88 24.54
N GLN D 330 -4.56 -38.14 24.69
CA GLN D 330 -5.14 -38.69 25.91
C GLN D 330 -5.28 -40.24 25.89
N LEU D 331 -5.73 -40.79 24.77
CA LEU D 331 -5.82 -42.24 24.66
C LEU D 331 -4.46 -42.69 24.17
N THR D 332 -3.56 -42.94 25.10
CA THR D 332 -2.23 -43.37 24.76
C THR D 332 -2.17 -44.86 24.87
N LYS D 333 -1.00 -45.42 24.54
CA LYS D 333 -0.76 -46.87 24.59
C LYS D 333 -1.00 -47.47 25.99
N SER D 334 -0.83 -46.61 27.01
CA SER D 334 -1.00 -47.02 28.40
C SER D 334 -2.42 -47.02 28.94
N ASN D 335 -3.42 -46.77 28.10
CA ASN D 335 -4.82 -46.75 28.57
C ASN D 335 -5.74 -47.21 27.46
N ALA D 336 -5.18 -47.23 26.25
CA ALA D 336 -5.93 -47.66 25.05
C ALA D 336 -6.53 -49.04 25.32
N PRO D 337 -5.69 -50.00 25.77
CA PRO D 337 -6.11 -51.37 26.08
C PRO D 337 -7.27 -51.55 27.06
N ARG D 338 -7.81 -50.46 27.59
CA ARG D 338 -8.93 -50.57 28.51
C ARG D 338 -9.94 -49.41 28.40
N VAL D 339 -10.01 -48.75 27.26
CA VAL D 339 -10.94 -47.63 27.11
C VAL D 339 -12.39 -48.09 27.12
N LYS D 340 -12.59 -49.38 26.85
CA LYS D 340 -13.91 -50.01 26.79
C LYS D 340 -15.09 -49.27 26.09
N ALA D 341 -14.81 -48.57 25.00
CA ALA D 341 -15.87 -47.92 24.27
C ALA D 341 -15.69 -48.46 22.87
N LYS D 342 -16.80 -48.79 22.21
CA LYS D 342 -16.74 -49.31 20.84
C LYS D 342 -16.35 -48.26 19.80
N ILE D 343 -16.80 -47.03 20.03
CA ILE D 343 -16.55 -45.92 19.14
C ILE D 343 -15.83 -44.79 19.85
N ILE D 344 -14.77 -44.31 19.23
CA ILE D 344 -14.02 -43.19 19.77
C ILE D 344 -14.29 -42.07 18.79
N ALA D 345 -15.04 -41.08 19.28
CA ALA D 345 -15.38 -39.90 18.52
C ALA D 345 -14.32 -38.85 18.86
N GLU D 346 -13.33 -38.71 17.99
CA GLU D 346 -12.28 -37.74 18.18
C GLU D 346 -12.74 -36.30 17.92
N GLY D 347 -13.38 -35.71 18.93
CA GLY D 347 -13.84 -34.34 18.82
C GLY D 347 -12.70 -33.37 19.05
N ALA D 348 -11.74 -33.79 19.87
CA ALA D 348 -10.58 -32.99 20.15
C ALA D 348 -9.53 -33.28 19.07
N ASN D 349 -8.53 -32.41 18.97
CA ASN D 349 -7.46 -32.58 17.97
C ASN D 349 -6.43 -33.56 18.49
N GLY D 350 -6.02 -34.48 17.64
CA GLY D 350 -5.05 -35.47 18.01
C GLY D 350 -5.12 -36.14 19.40
N PRO D 351 -6.30 -36.65 19.83
CA PRO D 351 -6.39 -37.30 21.14
C PRO D 351 -5.77 -38.71 21.19
N THR D 352 -5.82 -39.47 20.10
CA THR D 352 -5.24 -40.81 20.16
C THR D 352 -3.91 -40.94 19.44
N THR D 353 -2.96 -41.53 20.17
CA THR D 353 -1.58 -41.79 19.75
C THR D 353 -1.51 -42.95 18.78
N PRO D 354 -0.47 -42.96 17.92
CA PRO D 354 -0.30 -44.04 16.94
C PRO D 354 -0.39 -45.39 17.64
N GLN D 355 0.37 -45.54 18.73
CA GLN D 355 0.34 -46.79 19.51
C GLN D 355 -1.07 -47.16 19.94
N ALA D 356 -1.76 -46.19 20.57
CA ALA D 356 -3.13 -46.40 21.00
C ALA D 356 -3.99 -46.79 19.80
N ASP D 357 -3.72 -46.18 18.66
CA ASP D 357 -4.46 -46.51 17.47
C ASP D 357 -4.30 -47.99 17.18
N LYS D 358 -3.05 -48.42 17.16
CA LYS D 358 -2.73 -49.81 16.88
C LYS D 358 -3.56 -50.73 17.77
N ILE D 359 -3.55 -50.44 19.05
CA ILE D 359 -4.31 -51.20 20.03
C ILE D 359 -5.77 -51.19 19.60
N PHE D 360 -6.33 -49.99 19.46
CA PHE D 360 -7.73 -49.87 19.07
C PHE D 360 -8.03 -50.75 17.87
N LEU D 361 -7.12 -50.76 16.90
CA LEU D 361 -7.29 -51.58 15.72
C LEU D 361 -7.39 -53.02 16.19
N GLU D 362 -6.41 -53.45 16.98
CA GLU D 362 -6.38 -54.82 17.54
C GLU D 362 -7.64 -55.09 18.37
N ARG D 363 -7.88 -54.31 19.43
CA ARG D 363 -9.08 -54.47 20.24
C ARG D 363 -10.31 -54.37 19.35
N ASN D 364 -10.09 -53.97 18.09
CA ASN D 364 -11.13 -53.81 17.10
C ASN D 364 -12.07 -52.67 17.49
N ILE D 365 -11.48 -51.48 17.57
CA ILE D 365 -12.22 -50.28 17.92
C ILE D 365 -12.15 -49.31 16.76
N MET D 366 -13.25 -48.61 16.57
CA MET D 366 -13.38 -47.65 15.52
C MET D 366 -13.15 -46.27 16.15
N VAL D 367 -12.07 -45.61 15.74
CA VAL D 367 -11.79 -44.25 16.20
C VAL D 367 -12.07 -43.38 14.98
N ILE D 368 -13.13 -42.58 15.04
CA ILE D 368 -13.44 -41.70 13.92
C ILE D 368 -12.46 -40.55 14.08
N PRO D 369 -11.55 -40.41 13.10
CA PRO D 369 -10.51 -39.39 13.04
C PRO D 369 -10.98 -37.96 13.29
N ASP D 370 -10.20 -37.23 14.09
CA ASP D 370 -10.49 -35.85 14.44
C ASP D 370 -10.40 -35.05 13.13
N LEU D 371 -9.54 -35.60 12.26
CA LEU D 371 -9.22 -35.13 10.92
C LEU D 371 -10.48 -35.03 10.02
N TYR D 372 -11.61 -35.53 10.52
CA TYR D 372 -12.88 -35.52 9.83
C TYR D 372 -14.01 -35.17 10.80
N LEU D 373 -13.95 -35.75 11.99
CA LEU D 373 -14.95 -35.58 13.04
C LEU D 373 -15.14 -34.16 13.57
N ASN D 374 -14.06 -33.40 13.79
CA ASN D 374 -14.23 -32.01 14.26
C ASN D 374 -14.14 -30.96 13.13
N ALA D 375 -14.35 -31.45 11.90
CA ALA D 375 -14.34 -30.61 10.74
C ALA D 375 -15.57 -29.74 10.72
N GLY D 376 -16.49 -29.98 11.66
CA GLY D 376 -17.71 -29.20 11.77
C GLY D 376 -17.50 -27.75 12.17
N GLY D 377 -16.34 -27.48 12.77
CA GLY D 377 -15.97 -26.15 13.19
C GLY D 377 -15.48 -25.32 11.99
N VAL D 378 -14.57 -25.88 11.18
CA VAL D 378 -14.07 -25.16 10.01
C VAL D 378 -15.09 -24.97 8.94
N THR D 379 -16.04 -25.90 8.84
CA THR D 379 -17.09 -25.81 7.85
C THR D 379 -17.96 -24.59 8.17
N VAL D 380 -18.56 -24.55 9.35
CA VAL D 380 -19.38 -23.40 9.70
C VAL D 380 -18.56 -22.10 9.74
N SER D 381 -17.28 -22.19 10.08
CA SER D 381 -16.39 -21.04 10.11
C SER D 381 -16.17 -20.57 8.66
N TYR D 382 -16.25 -21.53 7.74
CA TYR D 382 -16.11 -21.25 6.31
C TYR D 382 -17.38 -20.51 5.84
N PHE D 383 -18.52 -20.91 6.39
CA PHE D 383 -19.81 -20.30 6.08
C PHE D 383 -19.90 -18.92 6.69
N GLN D 384 -18.99 -18.61 7.62
CA GLN D 384 -18.92 -17.29 8.25
C GLN D 384 -18.05 -16.38 7.40
N ILE D 385 -16.89 -16.88 6.95
CA ILE D 385 -16.03 -16.04 6.11
C ILE D 385 -16.87 -15.78 4.85
N LEU D 386 -17.45 -16.85 4.30
CA LEU D 386 -18.28 -16.73 3.09
C LEU D 386 -19.30 -15.63 3.27
N LYS D 387 -19.98 -15.66 4.42
CA LYS D 387 -21.02 -14.69 4.76
C LYS D 387 -20.47 -13.29 4.76
N ASN D 388 -19.33 -13.13 5.43
CA ASN D 388 -18.66 -11.84 5.58
C ASN D 388 -18.32 -11.26 4.23
N LEU D 389 -17.88 -12.14 3.34
CA LEU D 389 -17.54 -11.72 2.02
C LEU D 389 -18.81 -11.21 1.30
N ASN D 390 -19.88 -12.01 1.36
CA ASN D 390 -21.14 -11.68 0.72
C ASN D 390 -21.79 -10.39 1.21
N HIS D 391 -21.46 -9.97 2.41
CA HIS D 391 -22.02 -8.77 3.00
C HIS D 391 -23.54 -8.75 3.19
N VAL D 392 -24.14 -9.93 3.13
CA VAL D 392 -25.59 -10.10 3.31
C VAL D 392 -25.91 -11.35 4.08
N SER D 393 -26.85 -11.21 4.98
CA SER D 393 -27.32 -12.32 5.79
C SER D 393 -28.16 -13.14 4.84
N TYR D 394 -27.99 -14.45 4.86
CA TYR D 394 -28.73 -15.31 3.95
C TYR D 394 -30.23 -15.10 3.96
N GLY D 395 -30.78 -14.97 2.75
CA GLY D 395 -32.21 -14.80 2.56
C GLY D 395 -32.73 -13.39 2.38
N ARG D 396 -32.33 -12.46 3.23
CA ARG D 396 -32.79 -11.08 3.19
C ARG D 396 -33.20 -10.55 1.82
N LEU D 397 -32.45 -10.87 0.77
CA LEU D 397 -32.74 -10.40 -0.59
C LEU D 397 -33.82 -11.20 -1.33
N THR D 398 -33.94 -12.49 -1.04
CA THR D 398 -34.91 -13.31 -1.74
C THR D 398 -36.19 -13.76 -1.04
N PHE D 399 -36.18 -13.99 0.26
CA PHE D 399 -37.37 -14.43 1.03
C PHE D 399 -38.72 -14.12 0.41
N LYS D 400 -38.99 -12.85 0.14
CA LYS D 400 -40.28 -12.46 -0.46
C LYS D 400 -40.47 -13.03 -1.86
N TYR D 401 -39.54 -12.76 -2.77
CA TYR D 401 -39.66 -13.29 -4.11
C TYR D 401 -39.86 -14.79 -4.01
N GLU D 402 -38.98 -15.42 -3.25
CA GLU D 402 -39.01 -16.86 -3.01
C GLU D 402 -40.39 -17.33 -2.64
N ARG D 403 -40.99 -16.67 -1.65
CA ARG D 403 -42.33 -17.03 -1.18
C ARG D 403 -43.40 -16.81 -2.24
N ASP D 404 -43.56 -15.57 -2.69
CA ASP D 404 -44.53 -15.22 -3.74
C ASP D 404 -44.46 -16.25 -4.88
N SER D 405 -43.32 -16.33 -5.54
CA SER D 405 -43.13 -17.27 -6.61
C SER D 405 -43.61 -18.64 -6.23
N ASN D 406 -43.19 -19.13 -5.06
CA ASN D 406 -43.59 -20.47 -4.58
C ASN D 406 -45.09 -20.66 -4.57
N TYR D 407 -45.81 -19.71 -3.97
CA TYR D 407 -47.27 -19.78 -3.94
C TYR D 407 -47.83 -19.84 -5.37
N HIS D 408 -47.31 -18.99 -6.25
CA HIS D 408 -47.74 -18.99 -7.65
C HIS D 408 -47.51 -20.40 -8.21
N LEU D 409 -46.35 -20.98 -8.01
CA LEU D 409 -46.06 -22.30 -8.53
C LEU D 409 -47.14 -23.29 -8.15
N LEU D 410 -47.46 -23.33 -6.87
CA LEU D 410 -48.49 -24.25 -6.40
C LEU D 410 -49.78 -23.89 -7.12
N MET D 411 -50.18 -22.63 -6.99
CA MET D 411 -51.41 -22.16 -7.65
C MET D 411 -51.48 -22.49 -9.14
N SER D 412 -50.33 -22.76 -9.75
CA SER D 412 -50.32 -23.15 -11.15
C SER D 412 -50.92 -24.55 -11.14
N VAL D 413 -50.24 -25.55 -10.56
CA VAL D 413 -50.77 -26.91 -10.53
C VAL D 413 -52.26 -26.88 -10.14
N GLN D 414 -52.62 -26.05 -9.17
CA GLN D 414 -54.01 -25.94 -8.73
C GLN D 414 -54.90 -25.68 -9.92
N GLU D 415 -54.87 -24.45 -10.44
CA GLU D 415 -55.68 -24.10 -11.61
C GLU D 415 -55.54 -25.15 -12.72
N SER D 416 -54.33 -25.66 -12.90
CA SER D 416 -54.08 -26.67 -13.92
C SER D 416 -55.06 -27.81 -13.72
N LEU D 417 -55.16 -28.28 -12.48
CA LEU D 417 -56.05 -29.37 -12.15
C LEU D 417 -57.53 -28.97 -12.32
N GLU D 418 -57.89 -27.81 -11.77
CA GLU D 418 -59.26 -27.31 -11.82
C GLU D 418 -59.71 -27.20 -13.27
N ARG D 419 -58.90 -26.53 -14.08
CA ARG D 419 -59.25 -26.33 -15.49
C ARG D 419 -59.68 -27.66 -16.16
N LYS D 420 -59.04 -28.77 -15.82
CA LYS D 420 -59.43 -30.04 -16.41
C LYS D 420 -60.64 -30.55 -15.69
N PHE D 421 -60.48 -30.88 -14.41
CA PHE D 421 -61.60 -31.39 -13.61
C PHE D 421 -62.61 -30.30 -13.21
N GLY D 422 -62.83 -29.36 -14.12
CA GLY D 422 -63.71 -28.22 -13.95
C GLY D 422 -64.46 -27.95 -12.66
N LYS D 423 -65.78 -27.88 -12.79
CA LYS D 423 -66.68 -27.59 -11.66
C LYS D 423 -66.86 -28.72 -10.66
N HIS D 424 -66.65 -29.96 -11.12
CA HIS D 424 -66.76 -31.06 -10.16
C HIS D 424 -65.57 -30.87 -9.23
N GLY D 425 -64.39 -30.75 -9.87
CA GLY D 425 -63.17 -30.52 -9.13
C GLY D 425 -63.48 -29.25 -8.36
N GLY D 426 -64.16 -28.34 -9.07
CA GLY D 426 -64.57 -27.07 -8.50
C GLY D 426 -63.38 -26.40 -7.84
N THR D 427 -63.11 -26.81 -6.61
CA THR D 427 -61.99 -26.25 -5.92
C THR D 427 -61.07 -27.30 -5.33
N ILE D 428 -59.90 -27.46 -5.95
CA ILE D 428 -58.88 -28.35 -5.43
C ILE D 428 -57.80 -27.40 -4.90
N PRO D 429 -57.85 -27.08 -3.60
CA PRO D 429 -56.86 -26.18 -3.03
C PRO D 429 -55.57 -26.93 -2.92
N ILE D 430 -54.47 -26.28 -3.32
CA ILE D 430 -53.16 -26.88 -3.22
C ILE D 430 -52.49 -26.10 -2.11
N VAL D 431 -52.13 -26.79 -1.04
CA VAL D 431 -51.51 -26.11 0.08
C VAL D 431 -50.20 -26.75 0.57
N PRO D 432 -49.18 -25.92 0.83
CA PRO D 432 -47.95 -26.50 1.30
C PRO D 432 -48.23 -27.24 2.63
N THR D 433 -47.57 -28.38 2.80
CA THR D 433 -47.65 -29.18 4.02
C THR D 433 -47.11 -28.30 5.13
N ALA D 434 -47.06 -28.84 6.34
CA ALA D 434 -46.54 -28.07 7.48
C ALA D 434 -45.10 -27.80 7.15
N GLU D 435 -44.40 -28.88 6.82
CA GLU D 435 -42.99 -28.85 6.49
C GLU D 435 -42.65 -27.87 5.40
N PHE D 436 -43.26 -28.03 4.23
CA PHE D 436 -42.99 -27.10 3.14
C PHE D 436 -43.33 -25.69 3.52
N GLN D 437 -44.32 -25.53 4.40
CA GLN D 437 -44.74 -24.22 4.83
C GLN D 437 -43.56 -23.53 5.46
N ASP D 438 -42.87 -24.24 6.35
CA ASP D 438 -41.71 -23.69 7.03
C ASP D 438 -40.45 -23.79 6.14
N ARG D 439 -40.66 -23.66 4.84
CA ARG D 439 -39.58 -23.72 3.85
C ARG D 439 -40.02 -22.91 2.64
N ILE D 440 -41.24 -22.38 2.73
CA ILE D 440 -41.87 -21.61 1.66
C ILE D 440 -41.09 -20.33 1.33
N SER D 441 -40.34 -19.80 2.30
CA SER D 441 -39.58 -18.61 2.01
C SER D 441 -38.12 -18.91 1.60
N GLY D 442 -37.80 -20.19 1.53
CA GLY D 442 -36.45 -20.60 1.17
C GLY D 442 -35.58 -20.66 2.41
N ALA D 443 -34.35 -21.14 2.26
CA ALA D 443 -33.44 -21.23 3.38
C ALA D 443 -32.97 -19.89 3.97
N SER D 444 -32.72 -19.92 5.26
CA SER D 444 -32.26 -18.76 6.00
C SER D 444 -30.86 -19.15 6.41
N GLU D 445 -30.12 -18.19 6.97
CA GLU D 445 -28.74 -18.44 7.42
C GLU D 445 -28.64 -19.72 8.25
N LYS D 446 -29.63 -19.95 9.12
CA LYS D 446 -29.65 -21.12 9.99
C LYS D 446 -29.84 -22.39 9.18
N ASP D 447 -30.67 -22.32 8.14
CA ASP D 447 -30.96 -23.45 7.26
C ASP D 447 -29.69 -23.83 6.53
N ILE D 448 -29.07 -22.84 5.88
CA ILE D 448 -27.85 -23.06 5.13
C ILE D 448 -26.75 -23.67 5.99
N VAL D 449 -26.52 -23.10 7.18
CA VAL D 449 -25.49 -23.62 8.07
C VAL D 449 -25.76 -25.09 8.37
N HIS D 450 -26.92 -25.36 8.97
CA HIS D 450 -27.29 -26.72 9.33
C HIS D 450 -27.30 -27.67 8.13
N SER D 451 -28.19 -27.42 7.19
CA SER D 451 -28.32 -28.23 5.99
C SER D 451 -26.94 -28.39 5.35
N GLY D 452 -26.18 -27.28 5.32
CA GLY D 452 -24.86 -27.26 4.72
C GLY D 452 -23.81 -28.13 5.37
N LEU D 453 -23.73 -28.01 6.70
CA LEU D 453 -22.77 -28.80 7.45
C LEU D 453 -23.12 -30.26 7.27
N ALA D 454 -24.42 -30.53 7.39
CA ALA D 454 -24.97 -31.86 7.25
C ALA D 454 -24.56 -32.53 5.93
N TYR D 455 -24.65 -31.77 4.84
CA TYR D 455 -24.27 -32.28 3.53
C TYR D 455 -22.76 -32.53 3.42
N THR D 456 -21.96 -31.61 3.96
CA THR D 456 -20.51 -31.74 3.86
C THR D 456 -19.97 -32.85 4.75
N MET D 457 -20.61 -32.99 5.92
CA MET D 457 -20.17 -34.02 6.85
C MET D 457 -20.46 -35.41 6.34
N GLU D 458 -21.67 -35.56 5.82
CA GLU D 458 -22.12 -36.84 5.27
C GLU D 458 -21.34 -37.22 4.02
N ARG D 459 -20.95 -36.22 3.25
CA ARG D 459 -20.22 -36.45 2.02
C ARG D 459 -18.79 -36.92 2.32
N SER D 460 -18.09 -36.20 3.20
CA SER D 460 -16.72 -36.55 3.52
C SER D 460 -16.66 -37.91 4.20
N ALA D 461 -17.77 -38.30 4.82
CA ALA D 461 -17.85 -39.61 5.47
C ALA D 461 -17.79 -40.73 4.40
N ARG D 462 -18.75 -40.70 3.47
CA ARG D 462 -18.83 -41.67 2.38
C ARG D 462 -17.50 -41.65 1.66
N GLN D 463 -16.92 -40.46 1.52
CA GLN D 463 -15.63 -40.27 0.87
C GLN D 463 -14.59 -41.13 1.63
N ILE D 464 -14.67 -41.10 2.96
CA ILE D 464 -13.76 -41.87 3.83
C ILE D 464 -13.99 -43.39 3.70
N MET D 465 -15.26 -43.78 3.68
CA MET D 465 -15.64 -45.20 3.56
C MET D 465 -15.13 -45.79 2.24
N ARG D 466 -15.47 -45.21 1.10
CA ARG D 466 -15.00 -45.74 -0.17
C ARG D 466 -13.50 -46.00 -0.09
N THR D 467 -12.78 -45.05 0.52
CA THR D 467 -11.35 -45.19 0.62
C THR D 467 -10.99 -46.32 1.58
N ALA D 468 -11.71 -46.39 2.70
CA ALA D 468 -11.46 -47.43 3.69
C ALA D 468 -11.63 -48.80 3.03
N MET D 469 -12.57 -48.87 2.07
CA MET D 469 -12.85 -50.09 1.35
C MET D 469 -11.76 -50.37 0.33
N LYS D 470 -11.68 -49.56 -0.72
CA LYS D 470 -10.69 -49.73 -1.76
C LYS D 470 -9.36 -50.23 -1.21
N TYR D 471 -9.02 -49.87 0.02
CA TYR D 471 -7.73 -50.27 0.62
C TYR D 471 -7.75 -51.25 1.83
N ASN D 472 -8.93 -51.76 2.19
CA ASN D 472 -9.07 -52.69 3.31
C ASN D 472 -8.62 -52.11 4.65
N LEU D 473 -8.82 -50.81 4.85
CA LEU D 473 -8.40 -50.24 6.12
C LEU D 473 -9.35 -50.80 7.18
N GLY D 474 -10.57 -51.09 6.75
CA GLY D 474 -11.55 -51.64 7.67
C GLY D 474 -12.01 -50.65 8.72
N LEU D 475 -11.49 -50.76 9.93
CA LEU D 475 -11.89 -49.82 10.97
C LEU D 475 -10.75 -48.85 11.26
N ASP D 476 -9.90 -48.65 10.24
CA ASP D 476 -8.76 -47.76 10.34
C ASP D 476 -9.11 -46.53 9.51
N LEU D 477 -10.27 -45.95 9.84
CA LEU D 477 -10.82 -44.79 9.16
C LEU D 477 -9.81 -43.65 8.92
N ARG D 478 -8.94 -43.43 9.90
CA ARG D 478 -7.94 -42.38 9.82
C ARG D 478 -7.10 -42.40 8.58
N THR D 479 -6.24 -43.40 8.45
CA THR D 479 -5.38 -43.43 7.29
C THR D 479 -6.12 -43.45 5.92
N ALA D 480 -7.42 -43.71 5.96
CA ALA D 480 -8.23 -43.68 4.76
C ALA D 480 -8.46 -42.20 4.50
N ALA D 481 -8.71 -41.47 5.57
CA ALA D 481 -8.93 -40.05 5.53
C ALA D 481 -7.66 -39.34 5.03
N TYR D 482 -6.52 -39.74 5.56
CA TYR D 482 -5.26 -39.12 5.17
C TYR D 482 -5.05 -39.38 3.70
N VAL D 483 -5.40 -40.58 3.27
CA VAL D 483 -5.30 -40.93 1.84
C VAL D 483 -6.04 -39.87 0.98
N ASN D 484 -7.19 -39.43 1.47
CA ASN D 484 -7.96 -38.41 0.78
C ASN D 484 -7.23 -37.08 0.93
N ALA D 485 -7.06 -36.68 2.18
CA ALA D 485 -6.41 -35.42 2.54
C ALA D 485 -5.07 -35.30 1.84
N ILE D 486 -4.54 -36.41 1.35
CA ILE D 486 -3.26 -36.38 0.68
C ILE D 486 -3.32 -36.21 -0.83
N GLU D 487 -4.34 -36.73 -1.49
CA GLU D 487 -4.33 -36.54 -2.93
C GLU D 487 -4.94 -35.26 -3.40
N LYS D 488 -5.70 -34.61 -2.53
CA LYS D 488 -6.28 -33.33 -2.87
C LYS D 488 -5.13 -32.35 -2.68
N VAL D 489 -4.57 -32.38 -1.46
CA VAL D 489 -3.43 -31.54 -1.09
C VAL D 489 -2.25 -31.85 -1.99
N PHE D 490 -2.33 -32.95 -2.73
CA PHE D 490 -1.26 -33.32 -3.64
C PHE D 490 -1.58 -32.77 -5.02
N ARG D 491 -2.83 -32.96 -5.45
CA ARG D 491 -3.22 -32.50 -6.77
C ARG D 491 -2.94 -31.02 -6.95
N VAL D 492 -3.17 -30.22 -5.90
CA VAL D 492 -2.91 -28.78 -5.97
C VAL D 492 -1.41 -28.53 -6.19
N TYR D 493 -0.57 -29.03 -5.27
CA TYR D 493 0.88 -28.84 -5.34
C TYR D 493 1.43 -29.22 -6.68
N ASN D 494 1.26 -30.49 -7.03
CA ASN D 494 1.78 -30.98 -8.30
C ASN D 494 1.42 -30.11 -9.50
N GLU D 495 0.13 -29.80 -9.64
CA GLU D 495 -0.34 -29.02 -10.77
C GLU D 495 0.03 -27.52 -10.68
N ALA D 496 0.78 -27.12 -9.66
CA ALA D 496 1.18 -25.73 -9.49
C ALA D 496 2.64 -25.51 -9.92
N GLY D 497 3.25 -26.60 -10.38
CA GLY D 497 4.66 -26.54 -10.77
C GLY D 497 5.47 -26.58 -9.49
N VAL D 498 4.77 -26.88 -8.38
CA VAL D 498 5.34 -26.94 -7.05
C VAL D 498 5.72 -25.56 -6.55
N THR D 499 6.93 -25.11 -6.90
CA THR D 499 7.39 -23.83 -6.39
C THR D 499 8.29 -23.11 -7.38
N PHE D 500 8.34 -21.77 -7.31
CA PHE D 500 9.24 -21.03 -8.17
C PHE D 500 10.63 -21.20 -7.52
N THR D 501 11.11 -22.46 -7.54
CA THR D 501 12.39 -22.91 -6.97
C THR D 501 12.81 -22.23 -5.66
N ALA E 1 0.94 -13.53 -45.62
CA ALA E 1 1.63 -12.70 -46.66
C ALA E 1 0.71 -12.48 -47.89
N ASP E 2 -0.46 -11.89 -47.66
CA ASP E 2 -1.41 -11.71 -48.76
C ASP E 2 -1.12 -10.64 -49.82
N ARG E 3 0.16 -10.33 -50.03
CA ARG E 3 0.55 -9.35 -51.06
C ARG E 3 -0.46 -8.19 -50.96
N GLU E 4 -1.10 -7.82 -52.06
CA GLU E 4 -2.12 -6.79 -51.96
C GLU E 4 -3.21 -7.47 -51.13
N ASP E 5 -3.46 -6.91 -49.94
CA ASP E 5 -4.45 -7.39 -48.98
C ASP E 5 -3.87 -8.19 -47.80
N ASP E 6 -2.99 -7.52 -47.05
CA ASP E 6 -2.38 -8.05 -45.82
C ASP E 6 -2.30 -6.75 -45.02
N PRO E 7 -3.47 -6.27 -44.55
CA PRO E 7 -3.72 -5.04 -43.76
C PRO E 7 -3.17 -4.99 -42.33
N ASN E 8 -3.02 -3.77 -41.83
CA ASN E 8 -2.54 -3.56 -40.48
C ASN E 8 -3.69 -3.99 -39.55
N PHE E 9 -3.46 -5.11 -38.87
CA PHE E 9 -4.43 -5.72 -37.97
C PHE E 9 -5.17 -4.74 -37.05
N PHE E 10 -4.49 -3.72 -36.52
CA PHE E 10 -5.19 -2.79 -35.65
C PHE E 10 -6.13 -1.88 -36.45
N LYS E 11 -5.65 -1.38 -37.57
CA LYS E 11 -6.49 -0.50 -38.37
C LYS E 11 -7.65 -1.24 -38.97
N MET E 12 -7.44 -2.51 -39.28
CA MET E 12 -8.51 -3.35 -39.84
C MET E 12 -9.69 -3.34 -38.85
N VAL E 13 -9.47 -3.93 -37.66
CA VAL E 13 -10.48 -3.98 -36.59
C VAL E 13 -11.03 -2.59 -36.33
N GLU E 14 -10.17 -1.59 -36.44
CA GLU E 14 -10.53 -0.19 -36.21
C GLU E 14 -11.56 0.18 -37.24
N GLY E 15 -11.29 -0.27 -38.45
CA GLY E 15 -12.19 -0.01 -39.56
C GLY E 15 -13.55 -0.67 -39.30
N PHE E 16 -13.54 -1.98 -39.05
CA PHE E 16 -14.76 -2.72 -38.76
C PHE E 16 -15.56 -1.84 -37.78
N PHE E 17 -14.89 -1.34 -36.73
CA PHE E 17 -15.52 -0.47 -35.74
C PHE E 17 -16.18 0.72 -36.44
N ASP E 18 -15.44 1.34 -37.36
CA ASP E 18 -15.95 2.48 -38.10
C ASP E 18 -17.24 2.24 -38.87
N ARG E 19 -17.36 1.13 -39.62
CA ARG E 19 -18.60 0.89 -40.37
C ARG E 19 -19.82 0.83 -39.44
N GLY E 20 -19.65 0.23 -38.27
CA GLY E 20 -20.77 0.15 -37.34
C GLY E 20 -21.05 1.56 -36.84
N ALA E 21 -19.99 2.33 -36.63
CA ALA E 21 -20.13 3.69 -36.14
C ALA E 21 -20.96 4.51 -37.10
N SER E 22 -21.01 4.06 -38.36
CA SER E 22 -21.77 4.76 -39.37
C SER E 22 -23.25 4.46 -39.24
N ILE E 23 -23.56 3.17 -39.26
CA ILE E 23 -24.92 2.71 -39.15
C ILE E 23 -25.58 3.18 -37.85
N VAL E 24 -24.77 3.69 -36.91
CA VAL E 24 -25.30 4.18 -35.63
C VAL E 24 -25.18 5.67 -35.30
N GLU E 25 -24.05 6.29 -35.67
CA GLU E 25 -23.80 7.71 -35.37
C GLU E 25 -25.03 8.56 -35.14
N ASP E 26 -25.94 8.53 -36.10
CA ASP E 26 -27.18 9.27 -35.99
C ASP E 26 -27.94 9.02 -34.68
N LYS E 27 -28.43 7.79 -34.50
CA LYS E 27 -29.16 7.42 -33.31
C LYS E 27 -28.38 7.75 -32.04
N LEU E 28 -27.05 7.66 -32.08
CA LEU E 28 -26.25 8.00 -30.91
C LEU E 28 -26.53 9.47 -30.63
N VAL E 29 -26.41 10.27 -31.68
CA VAL E 29 -26.66 11.71 -31.63
C VAL E 29 -28.14 11.93 -31.23
N GLU E 30 -28.98 11.04 -31.73
CA GLU E 30 -30.40 11.11 -31.48
C GLU E 30 -30.72 10.92 -30.00
N ASP E 31 -30.64 9.68 -29.52
CA ASP E 31 -30.91 9.37 -28.12
C ASP E 31 -30.26 10.44 -27.26
N LEU E 32 -29.02 10.78 -27.58
CA LEU E 32 -28.29 11.82 -26.88
C LEU E 32 -29.21 13.02 -26.78
N LYS E 33 -29.50 13.48 -25.58
CA LYS E 33 -30.43 14.59 -25.40
C LYS E 33 -29.86 15.84 -24.73
N THR E 34 -28.57 15.80 -24.41
CA THR E 34 -27.85 16.91 -23.78
C THR E 34 -28.22 18.31 -24.30
N ARG E 35 -29.14 18.94 -23.56
CA ARG E 35 -29.67 20.28 -23.80
C ARG E 35 -28.98 21.09 -24.90
N GLN E 36 -28.32 22.19 -24.50
CA GLN E 36 -27.62 23.08 -25.42
C GLN E 36 -26.79 22.28 -26.44
N THR E 37 -27.22 22.37 -27.69
CA THR E 37 -26.59 21.67 -28.80
C THR E 37 -27.42 21.91 -30.03
N GLN E 38 -27.09 21.16 -31.08
CA GLN E 38 -27.78 21.19 -32.36
C GLN E 38 -27.29 19.86 -32.89
N GLU E 39 -26.18 19.90 -33.64
CA GLU E 39 -25.54 18.69 -34.12
C GLU E 39 -24.21 18.73 -33.40
N GLN E 40 -24.21 19.48 -32.30
CA GLN E 40 -23.05 19.61 -31.43
C GLN E 40 -23.05 18.18 -30.90
N LYS E 41 -24.28 17.67 -30.75
CA LYS E 41 -24.55 16.31 -30.31
C LYS E 41 -23.72 15.40 -31.19
N ARG E 42 -23.75 15.68 -32.49
CA ARG E 42 -22.97 14.89 -33.45
C ARG E 42 -21.48 14.91 -33.14
N ASN E 43 -20.90 16.11 -33.05
CA ASN E 43 -19.48 16.26 -32.76
C ASN E 43 -19.08 15.51 -31.47
N ARG E 44 -19.96 15.59 -30.47
CA ARG E 44 -19.79 14.93 -29.18
C ARG E 44 -19.75 13.46 -29.52
N VAL E 45 -20.82 12.98 -30.14
CA VAL E 45 -20.96 11.59 -30.58
C VAL E 45 -19.74 11.21 -31.44
N ARG E 46 -19.15 12.22 -32.05
CA ARG E 46 -18.00 11.99 -32.89
C ARG E 46 -16.67 11.95 -32.16
N GLY E 47 -16.56 12.74 -31.11
CA GLY E 47 -15.34 12.74 -30.34
C GLY E 47 -15.25 11.40 -29.62
N ILE E 48 -16.33 11.04 -28.95
CA ILE E 48 -16.37 9.81 -28.18
C ILE E 48 -15.90 8.59 -28.97
N LEU E 49 -16.42 8.42 -30.19
CA LEU E 49 -16.04 7.25 -30.97
C LEU E 49 -14.57 7.28 -31.35
N ARG E 50 -14.00 8.49 -31.29
CA ARG E 50 -12.60 8.69 -31.60
C ARG E 50 -11.79 8.28 -30.37
N ILE E 51 -12.36 8.62 -29.21
CA ILE E 51 -11.77 8.33 -27.93
C ILE E 51 -11.83 6.83 -27.66
N ILE E 52 -12.80 6.15 -28.23
CA ILE E 52 -12.93 4.72 -28.00
C ILE E 52 -11.95 3.85 -28.77
N LYS E 53 -11.83 4.14 -30.08
CA LYS E 53 -10.95 3.36 -30.96
C LYS E 53 -9.57 2.93 -30.46
N PRO E 54 -8.74 3.88 -30.02
CA PRO E 54 -7.40 3.54 -29.52
C PRO E 54 -7.24 2.84 -28.16
N CYS E 55 -6.13 2.14 -28.01
CA CYS E 55 -5.81 1.45 -26.77
C CYS E 55 -5.34 2.44 -25.71
N ASN E 56 -5.84 2.28 -24.48
CA ASN E 56 -5.47 3.19 -23.40
C ASN E 56 -4.03 3.05 -23.04
N HIS E 57 -3.64 1.86 -22.58
CA HIS E 57 -2.27 1.62 -22.14
C HIS E 57 -1.70 0.42 -22.86
N VAL E 58 -0.44 0.49 -23.30
CA VAL E 58 0.20 -0.64 -23.94
C VAL E 58 1.62 -0.69 -23.37
N LEU E 59 1.96 -1.81 -22.76
CA LEU E 59 3.27 -2.02 -22.15
C LEU E 59 4.06 -2.99 -23.00
N SER E 60 5.32 -2.61 -23.30
CA SER E 60 6.24 -3.41 -24.12
C SER E 60 7.44 -3.77 -23.27
N LEU E 61 7.56 -5.04 -22.97
CA LEU E 61 8.65 -5.56 -22.17
C LEU E 61 9.75 -6.24 -22.97
N SER E 62 10.87 -6.42 -22.32
CA SER E 62 12.00 -7.08 -22.89
C SER E 62 12.70 -7.55 -21.64
N PHE E 63 12.88 -8.85 -21.48
CA PHE E 63 13.53 -9.34 -20.28
C PHE E 63 14.35 -10.58 -20.54
N PRO E 64 15.39 -10.76 -19.72
CA PRO E 64 16.23 -11.92 -19.88
C PRO E 64 15.72 -13.14 -19.13
N ILE E 65 16.11 -14.29 -19.65
CA ILE E 65 15.81 -15.59 -19.07
C ILE E 65 17.08 -16.32 -19.47
N ARG E 66 17.58 -17.17 -18.60
CA ARG E 66 18.79 -17.90 -18.94
C ARG E 66 18.39 -19.25 -19.50
N ARG E 67 18.51 -19.38 -20.83
CA ARG E 67 18.18 -20.62 -21.54
C ARG E 67 18.85 -21.77 -20.83
N ASP E 68 18.17 -22.91 -20.80
CA ASP E 68 18.68 -24.09 -20.12
C ASP E 68 20.18 -24.27 -20.31
N ASP E 69 20.62 -24.21 -21.56
CA ASP E 69 22.05 -24.30 -21.88
C ASP E 69 22.61 -22.88 -21.65
N GLY E 70 23.10 -22.64 -20.42
CA GLY E 70 23.70 -21.37 -20.04
C GLY E 70 23.24 -20.04 -20.62
N SER E 71 23.36 -19.92 -21.94
CA SER E 71 22.99 -18.74 -22.73
C SER E 71 21.91 -17.80 -22.24
N TRP E 72 22.24 -16.53 -22.24
CA TRP E 72 21.31 -15.53 -21.80
C TRP E 72 20.45 -15.20 -23.00
N GLU E 73 19.20 -14.84 -22.76
CA GLU E 73 18.30 -14.50 -23.86
C GLU E 73 17.27 -13.44 -23.52
N VAL E 74 17.31 -12.35 -24.25
CA VAL E 74 16.36 -11.26 -24.08
C VAL E 74 15.05 -11.72 -24.74
N ILE E 75 13.92 -11.40 -24.12
CA ILE E 75 12.62 -11.81 -24.64
C ILE E 75 11.69 -10.60 -24.82
N GLU E 76 10.83 -10.65 -25.85
CA GLU E 76 9.89 -9.58 -26.12
C GLU E 76 8.49 -9.93 -25.61
N GLY E 77 7.84 -8.94 -24.98
CA GLY E 77 6.52 -9.15 -24.46
C GLY E 77 5.71 -7.90 -24.59
N TYR E 78 4.39 -8.04 -24.69
CA TYR E 78 3.49 -6.91 -24.79
C TYR E 78 2.20 -7.26 -24.05
N ARG E 79 1.52 -6.24 -23.56
CA ARG E 79 0.25 -6.41 -22.91
C ARG E 79 -0.45 -5.11 -23.18
N ALA E 80 -1.41 -5.16 -24.09
CA ALA E 80 -2.17 -3.96 -24.41
C ALA E 80 -3.51 -4.00 -23.68
N GLN E 81 -3.84 -2.92 -22.98
CA GLN E 81 -5.09 -2.81 -22.30
C GLN E 81 -5.82 -1.79 -23.13
N HIS E 82 -6.72 -2.28 -23.97
CA HIS E 82 -7.49 -1.40 -24.85
C HIS E 82 -8.44 -0.46 -24.13
N SER E 83 -9.29 -0.98 -23.23
CA SER E 83 -10.26 -0.12 -22.55
C SER E 83 -10.49 -0.39 -21.08
N HIS E 84 -11.03 0.61 -20.42
CA HIS E 84 -11.31 0.51 -18.99
C HIS E 84 -12.76 0.83 -18.67
N GLN E 85 -13.54 1.23 -19.69
CA GLN E 85 -14.96 1.59 -19.50
C GLN E 85 -15.65 0.58 -18.58
N ARG E 86 -15.05 -0.58 -18.49
CA ARG E 86 -15.45 -1.65 -17.63
C ARG E 86 -14.02 -1.97 -17.16
N THR E 87 -13.77 -2.07 -15.85
CA THR E 87 -12.42 -2.25 -15.40
C THR E 87 -11.60 -3.51 -15.61
N PRO E 88 -11.86 -4.62 -14.90
CA PRO E 88 -10.95 -5.72 -15.21
C PRO E 88 -10.90 -5.95 -16.71
N CYS E 89 -9.80 -5.52 -17.35
CA CYS E 89 -9.66 -5.73 -18.78
C CYS E 89 -9.38 -7.21 -18.84
N LYS E 90 -9.72 -7.83 -19.97
CA LYS E 90 -9.51 -9.25 -20.15
C LYS E 90 -9.04 -9.58 -21.55
N GLY E 91 -8.18 -10.58 -21.64
CA GLY E 91 -7.64 -11.00 -22.92
C GLY E 91 -6.61 -12.10 -22.72
N GLY E 92 -6.43 -12.94 -23.73
CA GLY E 92 -5.46 -14.01 -23.62
C GLY E 92 -4.01 -13.62 -23.87
N ILE E 93 -3.10 -14.49 -23.49
CA ILE E 93 -1.68 -14.26 -23.67
C ILE E 93 -1.23 -15.18 -24.79
N ARG E 94 -0.88 -14.60 -25.95
CA ARG E 94 -0.43 -15.37 -27.12
C ARG E 94 1.08 -15.62 -27.21
N TYR E 95 1.47 -16.88 -27.31
CA TYR E 95 2.87 -17.22 -27.45
C TYR E 95 3.07 -17.63 -28.89
N SER E 96 3.67 -16.74 -29.67
CA SER E 96 3.94 -17.00 -31.08
C SER E 96 4.95 -15.98 -31.54
N THR E 97 5.78 -16.37 -32.49
CA THR E 97 6.78 -15.44 -33.02
C THR E 97 6.06 -14.35 -33.81
N ASP E 98 4.77 -14.57 -34.07
CA ASP E 98 4.02 -13.59 -34.82
C ASP E 98 3.45 -12.45 -34.01
N VAL E 99 3.66 -12.45 -32.68
CA VAL E 99 3.14 -11.34 -31.91
C VAL E 99 3.86 -10.03 -32.28
N SER E 100 3.21 -8.92 -31.97
CA SER E 100 3.76 -7.62 -32.25
C SER E 100 2.84 -6.65 -31.56
N VAL E 101 3.31 -5.42 -31.35
CA VAL E 101 2.51 -4.45 -30.67
C VAL E 101 1.16 -4.20 -31.37
N ASP E 102 1.16 -4.16 -32.69
CA ASP E 102 -0.09 -3.93 -33.42
C ASP E 102 -1.01 -5.13 -33.40
N GLU E 103 -0.43 -6.31 -33.48
CA GLU E 103 -1.22 -7.55 -33.46
C GLU E 103 -1.95 -7.61 -32.13
N VAL E 104 -1.19 -7.50 -31.05
CA VAL E 104 -1.75 -7.51 -29.70
C VAL E 104 -2.76 -6.36 -29.55
N LYS E 105 -2.43 -5.15 -30.01
CA LYS E 105 -3.33 -4.01 -29.92
C LYS E 105 -4.70 -4.27 -30.49
N ALA E 106 -4.73 -4.93 -31.65
CA ALA E 106 -5.98 -5.28 -32.31
C ALA E 106 -6.67 -6.36 -31.49
N LEU E 107 -5.96 -7.46 -31.28
CA LEU E 107 -6.45 -8.57 -30.48
C LEU E 107 -7.04 -8.05 -29.16
N ALA E 108 -6.51 -6.95 -28.66
CA ALA E 108 -6.98 -6.35 -27.43
C ALA E 108 -8.33 -5.68 -27.69
N SER E 109 -8.40 -4.81 -28.68
CA SER E 109 -9.67 -4.15 -29.00
C SER E 109 -10.75 -5.19 -29.26
N LEU E 110 -10.44 -6.22 -30.03
CA LEU E 110 -11.44 -7.24 -30.29
C LEU E 110 -12.00 -7.77 -28.99
N MET E 111 -11.22 -7.69 -27.91
CA MET E 111 -11.68 -8.16 -26.62
C MET E 111 -12.73 -7.26 -26.01
N THR E 112 -12.51 -5.95 -26.11
CA THR E 112 -13.43 -4.98 -25.53
C THR E 112 -14.80 -4.94 -26.21
N TYR E 113 -14.81 -5.04 -27.54
CA TYR E 113 -16.08 -5.03 -28.30
C TYR E 113 -16.73 -6.40 -28.17
N LYS E 114 -15.88 -7.43 -28.14
CA LYS E 114 -16.38 -8.78 -27.97
C LYS E 114 -17.19 -8.85 -26.66
N CYS E 115 -16.56 -8.49 -25.55
CA CYS E 115 -17.21 -8.53 -24.24
C CYS E 115 -18.47 -7.68 -24.22
N ALA E 116 -18.49 -6.63 -25.03
CA ALA E 116 -19.64 -5.72 -25.09
C ALA E 116 -20.82 -6.48 -25.63
N VAL E 117 -20.60 -7.05 -26.81
CA VAL E 117 -21.58 -7.84 -27.52
C VAL E 117 -22.23 -8.92 -26.65
N VAL E 118 -21.43 -9.63 -25.86
CA VAL E 118 -21.89 -10.70 -25.01
C VAL E 118 -22.15 -10.29 -23.56
N ASP E 119 -22.17 -9.00 -23.30
CA ASP E 119 -22.42 -8.52 -21.97
C ASP E 119 -21.57 -9.04 -20.85
N VAL E 120 -20.27 -9.12 -21.06
CA VAL E 120 -19.33 -9.57 -20.04
C VAL E 120 -18.62 -8.28 -19.65
N PRO E 121 -18.81 -7.78 -18.40
CA PRO E 121 -18.21 -6.55 -17.89
C PRO E 121 -16.70 -6.38 -17.74
N PHE E 122 -15.97 -6.51 -18.84
CA PHE E 122 -14.53 -6.33 -18.82
C PHE E 122 -14.13 -5.42 -19.97
N GLY E 123 -13.02 -4.71 -19.79
CA GLY E 123 -12.52 -3.91 -20.88
C GLY E 123 -11.67 -4.91 -21.67
N GLY E 124 -11.21 -4.55 -22.86
CA GLY E 124 -10.41 -5.50 -23.61
C GLY E 124 -8.94 -5.36 -23.32
N ALA E 125 -8.20 -6.42 -23.54
CA ALA E 125 -6.77 -6.38 -23.29
C ALA E 125 -6.20 -7.58 -24.01
N LYS E 126 -4.89 -7.60 -24.23
CA LYS E 126 -4.29 -8.75 -24.89
C LYS E 126 -2.80 -8.80 -24.58
N ALA E 127 -2.24 -9.99 -24.48
CA ALA E 127 -0.84 -10.12 -24.19
C ALA E 127 -0.16 -10.93 -25.27
N GLY E 128 1.16 -10.77 -25.40
CA GLY E 128 1.87 -11.53 -26.41
C GLY E 128 3.36 -11.64 -26.16
N VAL E 129 3.83 -12.84 -25.90
CA VAL E 129 5.26 -13.01 -25.74
C VAL E 129 5.67 -13.37 -27.18
N LYS E 130 6.89 -13.03 -27.59
CA LYS E 130 7.31 -13.32 -28.96
C LYS E 130 8.20 -14.53 -29.10
N ILE E 131 7.72 -15.70 -28.71
CA ILE E 131 8.54 -16.89 -28.80
C ILE E 131 7.76 -17.96 -29.56
N ASN E 132 8.45 -19.04 -29.89
CA ASN E 132 7.87 -20.17 -30.56
C ASN E 132 8.05 -21.28 -29.55
N PRO E 133 7.03 -21.53 -28.73
CA PRO E 133 6.98 -22.53 -27.67
C PRO E 133 7.59 -23.87 -27.96
N LYS E 134 7.79 -24.19 -29.24
CA LYS E 134 8.38 -25.47 -29.58
C LYS E 134 9.91 -25.44 -29.54
N ASN E 135 10.50 -24.27 -29.35
CA ASN E 135 11.95 -24.21 -29.31
C ASN E 135 12.48 -24.24 -27.89
N TYR E 136 11.67 -23.78 -26.95
CA TYR E 136 12.11 -23.77 -25.56
C TYR E 136 11.68 -25.05 -24.85
N THR E 137 12.46 -25.43 -23.85
CA THR E 137 12.10 -26.62 -23.10
C THR E 137 10.91 -26.25 -22.24
N ASP E 138 10.24 -27.25 -21.70
CA ASP E 138 9.07 -27.04 -20.85
C ASP E 138 9.44 -26.18 -19.63
N GLU E 139 10.74 -26.16 -19.31
CA GLU E 139 11.21 -25.41 -18.16
C GLU E 139 11.59 -23.98 -18.54
N ASP E 140 12.03 -23.82 -19.80
CA ASP E 140 12.38 -22.49 -20.32
C ASP E 140 11.05 -21.75 -20.18
N LEU E 141 9.99 -22.40 -20.66
CA LEU E 141 8.66 -21.82 -20.65
C LEU E 141 8.16 -21.44 -19.26
N GLU E 142 8.46 -22.24 -18.25
CA GLU E 142 7.99 -21.81 -16.94
C GLU E 142 8.68 -20.47 -16.60
N LYS E 143 10.02 -20.45 -16.70
CA LYS E 143 10.84 -19.29 -16.39
C LYS E 143 10.36 -18.06 -17.12
N ILE E 144 10.02 -18.25 -18.38
CA ILE E 144 9.55 -17.17 -19.23
C ILE E 144 8.19 -16.62 -18.79
N THR E 145 7.23 -17.53 -18.58
CA THR E 145 5.90 -17.10 -18.18
C THR E 145 5.81 -16.66 -16.71
N ARG E 146 6.70 -17.16 -15.86
CA ARG E 146 6.67 -16.75 -14.48
C ARG E 146 7.31 -15.39 -14.43
N ARG E 147 8.38 -15.21 -15.18
CA ARG E 147 9.08 -13.94 -15.26
C ARG E 147 8.25 -12.85 -15.94
N PHE E 148 7.46 -13.26 -16.92
CA PHE E 148 6.59 -12.36 -17.66
C PHE E 148 5.48 -11.88 -16.73
N THR E 149 4.99 -12.77 -15.84
CA THR E 149 3.93 -12.42 -14.91
C THR E 149 4.41 -11.41 -13.93
N MET E 150 5.68 -11.53 -13.52
CA MET E 150 6.28 -10.60 -12.58
C MET E 150 6.42 -9.23 -13.20
N GLU E 151 6.85 -9.19 -14.46
CA GLU E 151 7.04 -7.92 -15.15
C GLU E 151 5.76 -7.16 -15.39
N LEU E 152 4.74 -7.87 -15.85
CA LEU E 152 3.45 -7.26 -16.08
C LEU E 152 2.89 -6.78 -14.73
N ALA E 153 3.10 -7.61 -13.71
CA ALA E 153 2.66 -7.35 -12.37
C ALA E 153 3.11 -5.98 -11.84
N LYS E 154 4.37 -5.66 -12.00
CA LYS E 154 4.87 -4.39 -11.49
C LYS E 154 4.67 -3.16 -12.34
N LYS E 155 3.70 -3.18 -13.23
CA LYS E 155 3.44 -2.02 -14.10
C LYS E 155 1.95 -1.86 -14.27
N GLY E 156 1.20 -2.71 -13.57
CA GLY E 156 -0.25 -2.62 -13.60
C GLY E 156 -0.90 -3.40 -14.70
N PHE E 157 -0.17 -4.36 -15.26
CA PHE E 157 -0.74 -5.11 -16.35
C PHE E 157 -1.16 -6.53 -16.02
N ILE E 158 -1.62 -6.74 -14.80
CA ILE E 158 -2.15 -8.04 -14.36
C ILE E 158 -2.54 -7.96 -12.90
N GLY E 159 -3.69 -8.51 -12.57
CA GLY E 159 -4.15 -8.47 -11.19
C GLY E 159 -5.66 -8.52 -11.25
N PRO E 160 -6.30 -9.16 -10.28
CA PRO E 160 -7.74 -9.31 -10.20
C PRO E 160 -8.54 -8.06 -10.46
N GLY E 161 -7.96 -6.89 -10.26
CA GLY E 161 -8.77 -5.70 -10.45
C GLY E 161 -8.46 -4.80 -11.60
N VAL E 162 -7.32 -5.00 -12.27
CA VAL E 162 -6.89 -4.17 -13.43
C VAL E 162 -6.98 -4.87 -14.77
N ASP E 163 -6.28 -6.00 -14.85
CA ASP E 163 -6.18 -6.77 -16.06
C ASP E 163 -6.14 -8.22 -15.66
N VAL E 164 -6.92 -9.07 -16.33
CA VAL E 164 -6.98 -10.49 -16.02
C VAL E 164 -6.66 -11.32 -17.25
N PRO E 165 -5.39 -11.77 -17.42
CA PRO E 165 -4.99 -12.59 -18.57
C PRO E 165 -5.70 -13.96 -18.67
N ALA E 166 -5.69 -14.55 -19.84
CA ALA E 166 -6.33 -15.83 -20.05
C ALA E 166 -5.60 -16.52 -21.20
N PRO E 167 -6.01 -17.74 -21.59
CA PRO E 167 -5.29 -18.38 -22.70
C PRO E 167 -5.56 -17.85 -24.09
N ASN E 168 -4.68 -18.23 -25.01
CA ASN E 168 -4.80 -17.90 -26.44
C ASN E 168 -3.88 -18.86 -27.19
N MET E 169 -3.37 -18.45 -28.35
CA MET E 169 -2.48 -19.33 -29.11
C MET E 169 -1.19 -19.73 -28.36
N SER E 170 -0.99 -21.03 -28.26
CA SER E 170 0.14 -21.60 -27.58
C SER E 170 0.29 -21.35 -26.07
N THR E 171 -0.84 -21.11 -25.41
CA THR E 171 -0.89 -20.95 -23.96
C THR E 171 -2.15 -21.69 -23.50
N GLY E 172 -2.12 -22.30 -22.33
CA GLY E 172 -3.27 -23.04 -21.84
C GLY E 172 -3.28 -23.11 -20.33
N GLU E 173 -4.14 -23.95 -19.75
CA GLU E 173 -4.23 -24.04 -18.29
C GLU E 173 -2.89 -24.18 -17.58
N ARG E 174 -1.89 -24.65 -18.28
CA ARG E 174 -0.56 -24.80 -17.69
C ARG E 174 0.06 -23.44 -17.35
N GLU E 175 0.23 -22.60 -18.37
CA GLU E 175 0.81 -21.28 -18.14
C GLU E 175 -0.12 -20.45 -17.26
N MET E 176 -1.44 -20.68 -17.36
CA MET E 176 -2.39 -19.98 -16.52
C MET E 176 -2.17 -20.43 -15.07
N SER E 177 -1.67 -21.64 -14.86
CA SER E 177 -1.39 -22.08 -13.52
C SER E 177 -0.12 -21.40 -13.04
N TRP E 178 0.87 -21.30 -13.93
CA TRP E 178 2.15 -20.68 -13.61
C TRP E 178 1.95 -19.22 -13.25
N ILE E 179 1.22 -18.52 -14.10
CA ILE E 179 0.95 -17.13 -13.89
C ILE E 179 0.32 -16.92 -12.52
N ALA E 180 -0.77 -17.62 -12.25
CA ALA E 180 -1.47 -17.48 -10.98
C ALA E 180 -0.62 -17.78 -9.75
N ASP E 181 0.29 -18.73 -9.88
CA ASP E 181 1.14 -19.09 -8.74
C ASP E 181 2.27 -18.09 -8.43
N THR E 182 2.78 -17.39 -9.43
CA THR E 182 3.82 -16.42 -9.16
C THR E 182 3.15 -15.10 -8.79
N TYR E 183 1.92 -14.88 -9.25
CA TYR E 183 1.22 -13.65 -8.89
C TYR E 183 0.79 -13.80 -7.42
N ALA E 184 0.05 -14.86 -7.11
CA ALA E 184 -0.39 -15.08 -5.76
C ALA E 184 0.69 -15.36 -4.71
N SER E 185 1.89 -15.70 -5.13
CA SER E 185 2.97 -15.95 -4.17
C SER E 185 3.83 -14.68 -4.06
N THR E 186 3.57 -13.74 -4.96
CA THR E 186 4.28 -12.50 -4.98
C THR E 186 3.35 -11.36 -4.55
N ILE E 187 2.90 -10.50 -5.48
CA ILE E 187 2.08 -9.37 -5.11
C ILE E 187 0.81 -9.71 -4.36
N GLY E 188 0.03 -10.62 -4.92
CA GLY E 188 -1.22 -10.97 -4.28
C GLY E 188 -1.08 -11.82 -3.04
N HIS E 189 0.04 -11.78 -2.34
CA HIS E 189 0.18 -12.61 -1.16
C HIS E 189 -0.89 -12.25 -0.12
N TYR E 190 -1.36 -11.01 -0.14
CA TYR E 190 -2.36 -10.65 0.81
C TYR E 190 -3.70 -10.37 0.18
N ASP E 191 -3.80 -10.52 -1.14
CA ASP E 191 -5.01 -10.28 -1.92
C ASP E 191 -5.98 -11.42 -1.66
N ILE E 192 -7.20 -11.09 -1.21
CA ILE E 192 -8.19 -12.14 -0.95
C ILE E 192 -8.63 -12.71 -2.28
N ASN E 193 -8.38 -11.96 -3.36
CA ASN E 193 -8.68 -12.38 -4.73
C ASN E 193 -7.38 -12.66 -5.50
N ALA E 194 -6.30 -13.04 -4.80
CA ALA E 194 -5.03 -13.32 -5.42
C ALA E 194 -5.11 -14.22 -6.64
N HIS E 195 -5.97 -15.22 -6.62
CA HIS E 195 -6.09 -16.13 -7.75
C HIS E 195 -7.08 -15.78 -8.88
N ALA E 196 -7.66 -14.59 -8.88
CA ALA E 196 -8.56 -14.25 -9.95
C ALA E 196 -7.79 -13.36 -10.94
N CYS E 197 -6.49 -13.25 -10.72
CA CYS E 197 -5.60 -12.45 -11.56
C CYS E 197 -5.57 -12.99 -12.97
N VAL E 198 -5.86 -14.28 -13.12
CA VAL E 198 -5.88 -14.94 -14.42
C VAL E 198 -7.05 -15.92 -14.46
N THR E 199 -7.50 -16.25 -15.66
CA THR E 199 -8.59 -17.21 -15.82
C THR E 199 -8.14 -18.28 -16.84
N GLY E 200 -8.88 -19.36 -16.95
CA GLY E 200 -8.48 -20.43 -17.86
C GLY E 200 -7.48 -21.34 -17.16
N LYS E 201 -7.33 -21.16 -15.85
CA LYS E 201 -6.39 -21.97 -15.07
C LYS E 201 -6.94 -23.37 -14.77
N PRO E 202 -6.09 -24.34 -14.45
CA PRO E 202 -6.54 -25.70 -14.15
C PRO E 202 -7.59 -25.72 -13.04
N ILE E 203 -8.34 -26.82 -12.96
CA ILE E 203 -9.39 -26.96 -11.93
C ILE E 203 -8.78 -27.00 -10.53
N SER E 204 -7.66 -27.72 -10.38
CA SER E 204 -6.99 -27.86 -9.09
C SER E 204 -6.43 -26.52 -8.59
N GLN E 205 -6.37 -25.53 -9.50
CA GLN E 205 -5.84 -24.24 -9.19
C GLN E 205 -6.93 -23.20 -9.06
N GLY E 206 -8.16 -23.58 -9.30
CA GLY E 206 -9.26 -22.64 -9.18
C GLY E 206 -9.96 -22.40 -10.50
N GLY E 207 -9.89 -23.41 -11.36
CA GLY E 207 -10.51 -23.31 -12.66
C GLY E 207 -11.97 -23.57 -12.56
N ILE E 208 -12.64 -23.65 -13.70
CA ILE E 208 -14.07 -23.91 -13.73
C ILE E 208 -14.30 -24.92 -14.85
N HIS E 209 -15.22 -25.84 -14.63
CA HIS E 209 -15.55 -26.85 -15.61
C HIS E 209 -16.19 -26.30 -16.88
N GLY E 210 -15.52 -26.53 -18.00
CA GLY E 210 -16.05 -26.10 -19.27
C GLY E 210 -15.27 -24.97 -19.89
N ARG E 211 -14.15 -24.59 -19.30
CA ARG E 211 -13.38 -23.49 -19.87
C ARG E 211 -12.57 -23.95 -21.08
N ILE E 212 -12.05 -25.18 -21.02
CA ILE E 212 -11.27 -25.68 -22.14
C ILE E 212 -12.16 -25.77 -23.36
N SER E 213 -13.32 -26.38 -23.18
CA SER E 213 -14.28 -26.55 -24.25
C SER E 213 -15.13 -25.31 -24.52
N ALA E 214 -15.07 -24.34 -23.62
CA ALA E 214 -15.88 -23.14 -23.73
C ALA E 214 -15.94 -22.44 -25.06
N THR E 215 -14.79 -22.08 -25.60
CA THR E 215 -14.83 -21.37 -26.87
C THR E 215 -15.43 -22.19 -28.00
N GLY E 216 -15.13 -23.48 -27.99
CA GLY E 216 -15.67 -24.37 -29.01
C GLY E 216 -17.18 -24.47 -28.86
N ARG E 217 -17.62 -24.77 -27.64
CA ARG E 217 -19.03 -24.89 -27.33
C ARG E 217 -19.75 -23.59 -27.70
N GLY E 218 -19.02 -22.48 -27.59
CA GLY E 218 -19.60 -21.19 -27.93
C GLY E 218 -19.68 -21.04 -29.43
N VAL E 219 -18.64 -21.50 -30.13
CA VAL E 219 -18.61 -21.46 -31.59
C VAL E 219 -19.81 -22.27 -32.07
N PHE E 220 -20.03 -23.39 -31.41
CA PHE E 220 -21.15 -24.26 -31.74
C PHE E 220 -22.49 -23.54 -31.55
N HIS E 221 -22.68 -23.00 -30.36
CA HIS E 221 -23.92 -22.28 -30.07
C HIS E 221 -24.06 -21.10 -31.03
N GLY E 222 -22.95 -20.46 -31.37
CA GLY E 222 -23.02 -19.31 -32.24
C GLY E 222 -23.64 -19.74 -33.53
N ILE E 223 -23.14 -20.83 -34.10
CA ILE E 223 -23.64 -21.35 -35.36
C ILE E 223 -25.12 -21.72 -35.29
N GLU E 224 -25.48 -22.62 -34.37
CA GLU E 224 -26.87 -23.05 -34.19
C GLU E 224 -27.88 -21.89 -34.20
N ASN E 225 -27.66 -20.90 -33.34
CA ASN E 225 -28.55 -19.74 -33.29
C ASN E 225 -28.81 -19.15 -34.67
N PHE E 226 -27.87 -19.39 -35.60
CA PHE E 226 -27.96 -18.89 -36.97
C PHE E 226 -28.24 -19.98 -38.02
N ILE E 227 -27.77 -21.18 -37.79
CA ILE E 227 -28.00 -22.25 -38.75
C ILE E 227 -29.41 -22.83 -38.65
N GLU E 228 -30.17 -22.38 -37.65
CA GLU E 228 -31.54 -22.88 -37.46
C GLU E 228 -32.60 -21.77 -37.65
N ASN E 229 -32.24 -20.66 -38.27
CA ASN E 229 -33.23 -19.62 -38.48
C ASN E 229 -33.39 -19.51 -39.97
N ALA E 230 -34.16 -20.46 -40.50
CA ALA E 230 -34.50 -20.61 -41.93
C ALA E 230 -34.19 -19.36 -42.70
N SER E 231 -34.96 -18.32 -42.41
CA SER E 231 -34.80 -17.01 -42.99
C SER E 231 -33.35 -16.77 -43.46
N TYR E 232 -32.39 -16.85 -42.54
CA TYR E 232 -30.96 -16.68 -42.85
C TYR E 232 -30.49 -17.81 -43.76
N MET E 233 -30.61 -19.06 -43.30
CA MET E 233 -30.20 -20.25 -44.05
C MET E 233 -30.89 -20.32 -45.43
N SER E 234 -31.98 -19.58 -45.59
CA SER E 234 -32.72 -19.57 -46.84
C SER E 234 -31.94 -18.73 -47.83
N ILE E 235 -31.43 -17.60 -47.36
CA ILE E 235 -30.63 -16.73 -48.21
C ILE E 235 -29.39 -17.59 -48.51
N LEU E 236 -28.97 -18.35 -47.51
CA LEU E 236 -27.84 -19.27 -47.64
C LEU E 236 -28.17 -20.32 -48.69
N GLY E 237 -29.47 -20.50 -48.93
CA GLY E 237 -29.89 -21.48 -49.90
C GLY E 237 -29.39 -22.78 -49.31
N MET E 238 -29.77 -22.99 -48.06
CA MET E 238 -29.38 -24.17 -47.31
C MET E 238 -30.58 -24.54 -46.47
N THR E 239 -30.44 -25.64 -45.76
CA THR E 239 -31.46 -26.17 -44.88
C THR E 239 -31.16 -25.83 -43.40
N PRO E 240 -32.09 -26.13 -42.49
CA PRO E 240 -31.85 -25.84 -41.08
C PRO E 240 -31.18 -27.08 -40.46
N GLY E 241 -30.22 -26.84 -39.56
CA GLY E 241 -29.57 -27.96 -38.87
C GLY E 241 -28.19 -28.51 -39.28
N PHE E 242 -27.38 -28.80 -38.27
CA PHE E 242 -26.03 -29.33 -38.46
C PHE E 242 -26.13 -30.74 -38.99
N GLY E 243 -27.19 -31.42 -38.56
CA GLY E 243 -27.43 -32.81 -38.95
C GLY E 243 -27.21 -33.24 -40.38
N ASP E 244 -27.45 -32.34 -41.33
CA ASP E 244 -27.25 -32.69 -42.74
C ASP E 244 -26.14 -31.86 -43.31
N LYS E 245 -25.52 -31.05 -42.46
CA LYS E 245 -24.44 -30.20 -42.90
C LYS E 245 -23.04 -30.83 -42.85
N THR E 246 -22.06 -30.06 -43.29
CA THR E 246 -20.68 -30.52 -43.35
C THR E 246 -19.79 -29.28 -43.13
N PHE E 247 -18.64 -29.48 -42.50
CA PHE E 247 -17.73 -28.39 -42.18
C PHE E 247 -16.26 -28.84 -42.19
N ALA E 248 -15.38 -27.86 -42.34
CA ALA E 248 -13.93 -28.04 -42.34
C ALA E 248 -13.30 -26.95 -41.42
N VAL E 249 -12.53 -27.39 -40.43
CA VAL E 249 -11.90 -26.48 -39.47
C VAL E 249 -10.40 -26.28 -39.74
N GLN E 250 -9.96 -25.02 -39.69
CA GLN E 250 -8.55 -24.66 -39.87
C GLN E 250 -7.95 -24.62 -38.44
N GLY E 251 -6.74 -25.13 -38.26
CA GLY E 251 -6.18 -25.15 -36.93
C GLY E 251 -6.90 -26.18 -36.09
N PHE E 252 -6.17 -27.11 -35.51
CA PHE E 252 -6.74 -28.17 -34.70
C PHE E 252 -6.24 -27.98 -33.26
N GLY E 253 -6.45 -26.76 -32.75
CA GLY E 253 -6.04 -26.44 -31.38
C GLY E 253 -7.19 -26.38 -30.38
N ASN E 254 -7.17 -25.38 -29.50
CA ASN E 254 -8.22 -25.32 -28.51
C ASN E 254 -9.58 -25.10 -29.13
N VAL E 255 -9.85 -23.90 -29.65
CA VAL E 255 -11.15 -23.66 -30.24
C VAL E 255 -11.42 -24.59 -31.40
N GLY E 256 -10.39 -24.88 -32.17
CA GLY E 256 -10.54 -25.78 -33.31
C GLY E 256 -11.07 -27.15 -32.95
N LEU E 257 -10.29 -27.89 -32.17
CA LEU E 257 -10.68 -29.23 -31.76
C LEU E 257 -12.10 -29.25 -31.28
N HIS E 258 -12.34 -28.65 -30.10
CA HIS E 258 -13.67 -28.61 -29.46
C HIS E 258 -14.82 -28.10 -30.29
N SER E 259 -14.55 -27.16 -31.21
CA SER E 259 -15.62 -26.69 -32.09
C SER E 259 -16.07 -27.90 -32.92
N MET E 260 -15.09 -28.62 -33.43
CA MET E 260 -15.31 -29.82 -34.21
C MET E 260 -16.00 -30.87 -33.32
N ARG E 261 -15.59 -30.95 -32.05
CA ARG E 261 -16.19 -31.89 -31.12
C ARG E 261 -17.70 -31.63 -31.03
N TYR E 262 -18.08 -30.39 -30.76
CA TYR E 262 -19.48 -30.06 -30.61
C TYR E 262 -20.33 -30.18 -31.86
N LEU E 263 -19.87 -29.61 -32.97
CA LEU E 263 -20.64 -29.71 -34.23
C LEU E 263 -20.90 -31.19 -34.57
N HIS E 264 -19.85 -31.98 -34.51
CA HIS E 264 -19.93 -33.40 -34.79
C HIS E 264 -21.04 -34.00 -33.94
N ARG E 265 -20.98 -33.78 -32.62
CA ARG E 265 -22.00 -34.30 -31.71
C ARG E 265 -23.43 -33.97 -32.21
N PHE E 266 -23.63 -32.85 -32.89
CA PHE E 266 -24.96 -32.49 -33.38
C PHE E 266 -25.18 -32.79 -34.85
N GLY E 267 -24.69 -33.96 -35.23
CA GLY E 267 -24.85 -34.45 -36.58
C GLY E 267 -24.10 -33.79 -37.69
N ALA E 268 -23.43 -32.66 -37.48
CA ALA E 268 -22.69 -32.04 -38.58
C ALA E 268 -21.52 -32.96 -38.98
N LYS E 269 -21.10 -32.85 -40.24
CA LYS E 269 -20.02 -33.69 -40.76
C LYS E 269 -18.69 -32.99 -41.04
N CYS E 270 -17.64 -33.38 -40.31
CA CYS E 270 -16.31 -32.78 -40.52
C CYS E 270 -15.49 -33.51 -41.58
N VAL E 271 -15.59 -32.98 -42.79
CA VAL E 271 -14.89 -33.50 -43.96
C VAL E 271 -13.39 -33.14 -44.01
N ALA E 272 -12.97 -32.03 -43.39
CA ALA E 272 -11.54 -31.63 -43.43
C ALA E 272 -11.01 -30.93 -42.19
N VAL E 273 -9.70 -31.03 -41.99
CA VAL E 273 -9.00 -30.41 -40.85
C VAL E 273 -7.63 -29.85 -41.28
N GLY E 274 -7.43 -28.55 -41.09
CA GLY E 274 -6.16 -27.92 -41.43
C GLY E 274 -5.24 -27.72 -40.23
N GLU E 275 -3.93 -27.88 -40.43
CA GLU E 275 -2.97 -27.69 -39.35
C GLU E 275 -1.76 -26.94 -39.85
N SER E 276 -1.08 -26.25 -38.94
CA SER E 276 0.12 -25.44 -39.25
C SER E 276 0.98 -26.13 -40.31
N ASP E 277 1.16 -27.44 -40.13
CA ASP E 277 1.94 -28.25 -41.04
C ASP E 277 1.19 -28.99 -42.16
N GLY E 278 -0.10 -29.29 -41.99
CA GLY E 278 -0.83 -29.99 -43.05
C GLY E 278 -2.35 -30.20 -42.99
N SER E 279 -2.92 -30.62 -44.11
CA SER E 279 -4.36 -30.90 -44.18
C SER E 279 -4.78 -32.37 -44.24
N ILE E 280 -6.05 -32.61 -43.95
CA ILE E 280 -6.65 -33.93 -43.96
C ILE E 280 -8.02 -33.75 -44.61
N TRP E 281 -8.65 -34.84 -45.09
CA TRP E 281 -9.92 -34.66 -45.78
C TRP E 281 -11.05 -35.72 -45.87
N ASN E 282 -10.88 -36.90 -45.28
CA ASN E 282 -11.96 -37.92 -45.38
C ASN E 282 -13.42 -37.43 -45.55
N PRO E 283 -13.98 -37.56 -46.79
CA PRO E 283 -15.34 -37.15 -47.13
C PRO E 283 -16.36 -37.90 -46.29
N ASP E 284 -15.97 -39.10 -45.87
CA ASP E 284 -16.84 -39.91 -45.03
C ASP E 284 -16.76 -39.39 -43.61
N GLY E 285 -16.10 -38.24 -43.45
CA GLY E 285 -15.98 -37.59 -42.17
C GLY E 285 -14.93 -38.11 -41.23
N ILE E 286 -14.34 -37.20 -40.48
CA ILE E 286 -13.33 -37.58 -39.50
C ILE E 286 -13.99 -37.52 -38.10
N ASP E 287 -13.53 -38.37 -37.20
CA ASP E 287 -14.06 -38.44 -35.84
C ASP E 287 -13.19 -37.60 -34.88
N PRO E 288 -13.75 -36.53 -34.28
CA PRO E 288 -13.02 -35.65 -33.35
C PRO E 288 -12.19 -36.36 -32.30
N LYS E 289 -12.71 -37.45 -31.71
CA LYS E 289 -11.89 -38.16 -30.74
C LYS E 289 -10.71 -38.77 -31.45
N GLU E 290 -11.01 -39.72 -32.35
CA GLU E 290 -9.96 -40.42 -33.14
C GLU E 290 -8.82 -39.49 -33.54
N LEU E 291 -9.20 -38.42 -34.23
CA LEU E 291 -8.29 -37.43 -34.70
C LEU E 291 -7.51 -36.86 -33.53
N GLU E 292 -8.19 -36.45 -32.45
CA GLU E 292 -7.49 -35.88 -31.29
C GLU E 292 -6.51 -36.87 -30.69
N ASP E 293 -6.94 -38.11 -30.52
CA ASP E 293 -6.08 -39.14 -29.95
C ASP E 293 -4.80 -39.25 -30.76
N PHE E 294 -4.97 -39.32 -32.09
CA PHE E 294 -3.84 -39.43 -33.02
C PHE E 294 -2.93 -38.22 -32.84
N LYS E 295 -3.53 -37.02 -32.83
CA LYS E 295 -2.80 -35.78 -32.64
C LYS E 295 -2.01 -35.85 -31.32
N LEU E 296 -2.66 -36.37 -30.29
CA LEU E 296 -2.07 -36.51 -28.96
C LEU E 296 -0.83 -37.37 -28.93
N GLN E 297 -0.85 -38.48 -29.66
CA GLN E 297 0.31 -39.38 -29.68
C GLN E 297 1.25 -39.20 -30.89
N HIS E 298 0.97 -38.19 -31.71
CA HIS E 298 1.78 -37.95 -32.89
C HIS E 298 2.16 -36.49 -33.01
N GLY E 299 1.72 -35.68 -32.07
CA GLY E 299 2.04 -34.26 -32.13
C GLY E 299 1.77 -33.79 -33.56
N THR E 300 0.75 -34.41 -34.15
CA THR E 300 0.35 -34.10 -35.50
C THR E 300 -0.84 -34.96 -35.91
N ILE E 301 -1.61 -34.42 -36.86
CA ILE E 301 -2.76 -35.10 -37.41
C ILE E 301 -2.28 -35.72 -38.73
N LEU E 302 -1.16 -35.20 -39.26
CA LEU E 302 -0.61 -35.69 -40.51
C LEU E 302 -0.37 -37.19 -40.54
N GLY E 303 -1.09 -37.86 -41.44
CA GLY E 303 -0.97 -39.29 -41.58
C GLY E 303 -2.02 -39.99 -40.76
N PHE E 304 -3.15 -39.31 -40.54
CA PHE E 304 -4.26 -39.91 -39.80
C PHE E 304 -4.68 -41.18 -40.54
N PRO E 305 -4.65 -42.32 -39.85
CA PRO E 305 -5.03 -43.58 -40.47
C PRO E 305 -6.31 -43.55 -41.30
N LYS E 306 -7.22 -42.61 -41.03
CA LYS E 306 -8.46 -42.61 -41.79
C LYS E 306 -8.81 -41.41 -42.68
N ALA E 307 -7.80 -40.78 -43.28
CA ALA E 307 -8.03 -39.64 -44.18
C ALA E 307 -6.74 -39.31 -44.94
N LYS E 308 -6.88 -39.08 -46.25
CA LYS E 308 -5.77 -38.78 -47.14
C LYS E 308 -5.19 -37.40 -46.93
N ILE E 309 -3.87 -37.30 -46.84
CA ILE E 309 -3.24 -36.00 -46.63
C ILE E 309 -3.64 -35.08 -47.76
N TYR E 310 -4.62 -34.23 -47.49
CA TYR E 310 -5.14 -33.28 -48.45
C TYR E 310 -4.09 -32.19 -48.71
N GLU E 311 -4.05 -31.70 -49.94
CA GLU E 311 -3.13 -30.65 -50.32
C GLU E 311 -3.88 -29.59 -51.10
N GLY E 312 -4.12 -28.46 -50.46
CA GLY E 312 -4.80 -27.38 -51.13
C GLY E 312 -4.88 -26.27 -50.11
N SER E 313 -6.05 -25.64 -50.03
CA SER E 313 -6.28 -24.59 -49.07
C SER E 313 -7.37 -25.21 -48.19
N ILE E 314 -7.08 -25.44 -46.92
CA ILE E 314 -8.11 -26.00 -46.07
C ILE E 314 -9.29 -25.01 -46.09
N LEU E 315 -8.98 -23.73 -46.25
CA LEU E 315 -10.01 -22.70 -46.30
C LEU E 315 -10.85 -22.80 -47.57
N GLU E 316 -10.24 -23.29 -48.63
CA GLU E 316 -10.94 -23.43 -49.91
C GLU E 316 -11.77 -24.73 -49.97
N VAL E 317 -11.78 -25.50 -48.89
CA VAL E 317 -12.52 -26.75 -48.85
C VAL E 317 -14.03 -26.64 -49.10
N ASP E 318 -14.55 -27.61 -49.83
CA ASP E 318 -15.97 -27.69 -50.13
C ASP E 318 -16.67 -28.27 -48.89
N CYS E 319 -17.40 -27.39 -48.20
CA CYS E 319 -18.11 -27.78 -47.01
C CYS E 319 -19.03 -26.63 -46.66
N ASP E 320 -20.18 -26.94 -46.07
CA ASP E 320 -21.14 -25.92 -45.69
C ASP E 320 -20.57 -24.83 -44.79
N ILE E 321 -19.79 -25.24 -43.79
CA ILE E 321 -19.22 -24.30 -42.86
C ILE E 321 -17.73 -24.46 -42.78
N LEU E 322 -17.03 -23.32 -42.80
CA LEU E 322 -15.60 -23.27 -42.65
C LEU E 322 -15.46 -22.55 -41.31
N ILE E 323 -14.64 -23.12 -40.44
CA ILE E 323 -14.41 -22.55 -39.14
C ILE E 323 -12.94 -22.25 -38.98
N PRO E 324 -12.52 -21.00 -39.25
CA PRO E 324 -11.12 -20.64 -39.09
C PRO E 324 -10.82 -20.70 -37.59
N ALA E 325 -9.81 -21.49 -37.21
CA ALA E 325 -9.49 -21.65 -35.79
C ALA E 325 -7.99 -21.53 -35.52
N ALA E 326 -7.36 -20.52 -36.13
CA ALA E 326 -5.91 -20.31 -35.96
C ALA E 326 -5.56 -18.81 -36.16
N SER E 327 -4.32 -18.53 -36.58
CA SER E 327 -3.86 -17.15 -36.85
C SER E 327 -4.88 -16.28 -37.58
N GLU E 328 -4.75 -14.96 -37.46
CA GLU E 328 -5.70 -14.04 -38.09
C GLU E 328 -5.48 -13.82 -39.58
N LYS E 329 -6.37 -13.04 -40.17
CA LYS E 329 -6.36 -12.68 -41.61
C LYS E 329 -6.05 -13.80 -42.60
N GLN E 330 -6.81 -14.90 -42.56
CA GLN E 330 -6.64 -16.05 -43.46
C GLN E 330 -7.56 -15.98 -44.70
N LEU E 331 -8.82 -15.62 -44.53
CA LEU E 331 -9.71 -15.48 -45.67
C LEU E 331 -9.50 -14.06 -46.17
N THR E 332 -8.54 -13.89 -47.05
CA THR E 332 -8.25 -12.59 -47.60
C THR E 332 -8.94 -12.47 -48.93
N LYS E 333 -8.80 -11.29 -49.54
CA LYS E 333 -9.40 -10.99 -50.86
C LYS E 333 -8.94 -11.97 -51.95
N SER E 334 -7.76 -12.54 -51.76
CA SER E 334 -7.17 -13.47 -52.71
C SER E 334 -7.60 -14.92 -52.61
N ASN E 335 -8.57 -15.23 -51.73
CA ASN E 335 -9.03 -16.62 -51.58
C ASN E 335 -10.49 -16.64 -51.20
N ALA E 336 -10.98 -15.47 -50.79
CA ALA E 336 -12.38 -15.29 -50.40
C ALA E 336 -13.28 -15.79 -51.54
N PRO E 337 -13.02 -15.30 -52.78
CA PRO E 337 -13.80 -15.69 -53.97
C PRO E 337 -13.90 -17.19 -54.28
N ARG E 338 -13.27 -18.04 -53.47
CA ARG E 338 -13.37 -19.47 -53.71
C ARG E 338 -13.38 -20.33 -52.42
N VAL E 339 -13.80 -19.74 -51.29
CA VAL E 339 -13.82 -20.49 -50.05
C VAL E 339 -14.86 -21.62 -50.06
N LYS E 340 -15.83 -21.48 -50.97
CA LYS E 340 -16.94 -22.43 -51.12
C LYS E 340 -17.64 -23.00 -49.88
N ALA E 341 -17.82 -22.19 -48.84
CA ALA E 341 -18.53 -22.66 -47.67
C ALA E 341 -19.62 -21.61 -47.51
N LYS E 342 -20.83 -22.06 -47.19
CA LYS E 342 -21.94 -21.14 -47.00
C LYS E 342 -21.84 -20.30 -45.72
N ILE E 343 -21.31 -20.92 -44.69
CA ILE E 343 -21.15 -20.29 -43.39
C ILE E 343 -19.69 -20.26 -42.96
N ILE E 344 -19.25 -19.08 -42.54
CA ILE E 344 -17.89 -18.92 -42.04
C ILE E 344 -18.07 -18.65 -40.57
N ALA E 345 -17.66 -19.64 -39.78
CA ALA E 345 -17.71 -19.56 -38.34
C ALA E 345 -16.35 -19.03 -37.88
N GLU E 346 -16.28 -17.73 -37.61
CA GLU E 346 -15.06 -17.11 -37.15
C GLU E 346 -14.71 -17.46 -35.69
N GLY E 347 -14.12 -18.63 -35.51
CA GLY E 347 -13.71 -19.07 -34.19
C GLY E 347 -12.42 -18.40 -33.77
N ALA E 348 -11.58 -18.09 -34.76
CA ALA E 348 -10.33 -17.41 -34.53
C ALA E 348 -10.61 -15.89 -34.52
N ASN E 349 -9.64 -15.13 -34.00
CA ASN E 349 -9.78 -13.67 -33.95
C ASN E 349 -9.40 -13.07 -35.29
N GLY E 350 -10.21 -12.15 -35.76
CA GLY E 350 -9.96 -11.50 -37.04
C GLY E 350 -9.47 -12.34 -38.23
N PRO E 351 -10.11 -13.48 -38.56
CA PRO E 351 -9.66 -14.27 -39.71
C PRO E 351 -10.03 -13.68 -41.07
N THR E 352 -11.16 -13.00 -41.18
CA THR E 352 -11.51 -12.44 -42.49
C THR E 352 -11.30 -10.94 -42.61
N THR E 353 -10.62 -10.58 -43.69
CA THR E 353 -10.27 -9.21 -44.08
C THR E 353 -11.46 -8.45 -44.61
N PRO E 354 -11.45 -7.11 -44.49
CA PRO E 354 -12.56 -6.28 -44.98
C PRO E 354 -12.87 -6.66 -46.41
N GLN E 355 -11.83 -6.69 -47.25
CA GLN E 355 -12.00 -7.06 -48.67
C GLN E 355 -12.70 -8.41 -48.81
N ALA E 356 -12.17 -9.41 -48.12
CA ALA E 356 -12.76 -10.74 -48.16
C ALA E 356 -14.22 -10.67 -47.69
N ASP E 357 -14.48 -9.81 -46.71
CA ASP E 357 -15.84 -9.66 -46.23
C ASP E 357 -16.70 -9.21 -47.37
N LYS E 358 -16.25 -8.16 -48.06
CA LYS E 358 -16.99 -7.61 -49.18
C LYS E 358 -17.38 -8.73 -50.15
N ILE E 359 -16.39 -9.52 -50.52
CA ILE E 359 -16.59 -10.63 -51.44
C ILE E 359 -17.66 -11.53 -50.84
N PHE E 360 -17.44 -12.00 -49.61
CA PHE E 360 -18.39 -12.89 -48.97
C PHE E 360 -19.79 -12.31 -49.07
N LEU E 361 -19.91 -11.00 -48.86
CA LEU E 361 -21.20 -10.36 -48.95
C LEU E 361 -21.71 -10.57 -50.35
N GLU E 362 -20.90 -10.24 -51.34
CA GLU E 362 -21.26 -10.42 -52.77
C GLU E 362 -21.56 -11.90 -53.06
N ARG E 363 -20.60 -12.80 -52.84
CA ARG E 363 -20.82 -14.22 -53.05
C ARG E 363 -22.03 -14.67 -52.22
N ASN E 364 -22.50 -13.78 -51.35
CA ASN E 364 -23.63 -14.01 -50.49
C ASN E 364 -23.30 -15.09 -49.46
N ILE E 365 -22.29 -14.80 -48.64
CA ILE E 365 -21.83 -15.71 -47.61
C ILE E 365 -22.03 -15.04 -46.26
N MET E 366 -22.39 -15.87 -45.30
CA MET E 366 -22.62 -15.41 -43.96
C MET E 366 -21.37 -15.76 -43.16
N VAL E 367 -20.68 -14.72 -42.68
CA VAL E 367 -19.51 -14.91 -41.83
C VAL E 367 -19.99 -14.47 -40.45
N ILE E 368 -20.12 -15.43 -39.52
CA ILE E 368 -20.54 -15.07 -38.18
C ILE E 368 -19.28 -14.50 -37.54
N PRO E 369 -19.33 -13.21 -37.18
CA PRO E 369 -18.25 -12.45 -36.56
C PRO E 369 -17.60 -13.11 -35.36
N ASP E 370 -16.27 -13.04 -35.33
CA ASP E 370 -15.47 -13.61 -34.26
C ASP E 370 -15.83 -12.83 -32.99
N LEU E 371 -16.21 -11.58 -33.26
CA LEU E 371 -16.64 -10.56 -32.31
C LEU E 371 -17.87 -11.01 -31.48
N TYR E 372 -18.43 -12.16 -31.85
CA TYR E 372 -19.58 -12.76 -31.18
C TYR E 372 -19.40 -14.27 -31.04
N LEU E 373 -18.91 -14.88 -32.13
CA LEU E 373 -18.69 -16.32 -32.21
C LEU E 373 -17.70 -16.93 -31.21
N ASN E 374 -16.57 -16.29 -30.96
CA ASN E 374 -15.62 -16.83 -29.97
C ASN E 374 -15.75 -16.18 -28.57
N ALA E 375 -16.91 -15.55 -28.36
CA ALA E 375 -17.20 -14.92 -27.10
C ALA E 375 -17.43 -15.99 -26.03
N GLY E 376 -17.46 -17.24 -26.45
CA GLY E 376 -17.66 -18.35 -25.51
C GLY E 376 -16.52 -18.57 -24.54
N GLY E 377 -15.35 -18.04 -24.90
CA GLY E 377 -14.17 -18.13 -24.07
C GLY E 377 -14.23 -17.10 -22.93
N VAL E 378 -14.54 -15.83 -23.26
CA VAL E 378 -14.62 -14.79 -22.22
C VAL E 378 -15.79 -14.97 -21.30
N THR E 379 -16.86 -15.58 -21.79
CA THR E 379 -18.03 -15.83 -20.97
C THR E 379 -17.66 -16.82 -19.87
N VAL E 380 -17.23 -18.01 -20.23
CA VAL E 380 -16.84 -18.98 -19.23
C VAL E 380 -15.68 -18.48 -18.35
N SER E 381 -14.80 -17.67 -18.92
CA SER E 381 -13.67 -17.09 -18.20
C SER E 381 -14.23 -16.08 -17.18
N TYR E 382 -15.37 -15.49 -17.53
CA TYR E 382 -16.06 -14.55 -16.66
C TYR E 382 -16.68 -15.34 -15.49
N PHE E 383 -17.18 -16.54 -15.79
CA PHE E 383 -17.76 -17.44 -14.79
C PHE E 383 -16.69 -17.99 -13.89
N GLN E 384 -15.42 -17.87 -14.30
CA GLN E 384 -14.29 -18.32 -13.51
C GLN E 384 -13.86 -17.21 -12.57
N ILE E 385 -13.77 -15.98 -13.08
CA ILE E 385 -13.40 -14.87 -12.19
C ILE E 385 -14.53 -14.79 -11.17
N LEU E 386 -15.77 -14.82 -11.65
CA LEU E 386 -16.94 -14.75 -10.77
C LEU E 386 -16.81 -15.78 -9.67
N LYS E 387 -16.46 -17.01 -10.05
CA LYS E 387 -16.30 -18.12 -9.13
C LYS E 387 -15.26 -17.81 -8.10
N ASN E 388 -14.12 -17.35 -8.57
CA ASN E 388 -12.97 -17.03 -7.73
C ASN E 388 -13.34 -16.00 -6.69
N LEU E 389 -14.13 -15.03 -7.13
CA LEU E 389 -14.58 -13.99 -6.23
C LEU E 389 -15.47 -14.63 -5.14
N ASN E 390 -16.45 -15.43 -5.56
CA ASN E 390 -17.37 -16.07 -4.65
C ASN E 390 -16.74 -17.00 -3.62
N HIS E 391 -15.56 -17.51 -3.93
CA HIS E 391 -14.86 -18.42 -3.06
C HIS E 391 -15.56 -19.73 -2.74
N VAL E 392 -16.56 -20.07 -3.55
CA VAL E 392 -17.34 -21.31 -3.39
C VAL E 392 -17.68 -21.90 -4.74
N SER E 393 -17.55 -23.21 -4.80
CA SER E 393 -17.89 -23.97 -5.98
C SER E 393 -19.39 -23.97 -6.02
N TYR E 394 -19.98 -23.72 -7.17
CA TYR E 394 -21.44 -23.67 -7.27
C TYR E 394 -22.14 -24.89 -6.71
N GLY E 395 -23.16 -24.60 -5.89
CA GLY E 395 -23.99 -25.64 -5.29
C GLY E 395 -23.64 -26.08 -3.88
N ARG E 396 -22.38 -26.37 -3.60
CA ARG E 396 -21.93 -26.84 -2.29
C ARG E 396 -22.76 -26.39 -1.10
N LEU E 397 -23.18 -25.12 -1.07
CA LEU E 397 -23.97 -24.59 0.04
C LEU E 397 -25.46 -24.91 0.00
N THR E 398 -26.03 -25.06 -1.19
CA THR E 398 -27.45 -25.33 -1.31
C THR E 398 -27.94 -26.72 -1.68
N PHE E 399 -27.22 -27.47 -2.49
CA PHE E 399 -27.62 -28.83 -2.92
C PHE E 399 -28.62 -29.56 -2.01
N LYS E 400 -28.25 -29.73 -0.74
CA LYS E 400 -29.15 -30.42 0.20
C LYS E 400 -30.46 -29.67 0.43
N TYR E 401 -30.38 -28.41 0.85
CA TYR E 401 -31.59 -27.65 1.06
C TYR E 401 -32.43 -27.73 -0.20
N GLU E 402 -31.79 -27.42 -1.32
CA GLU E 402 -32.42 -27.46 -2.63
C GLU E 402 -33.20 -28.73 -2.85
N ARG E 403 -32.54 -29.87 -2.60
CA ARG E 403 -33.16 -31.18 -2.78
C ARG E 403 -34.33 -31.40 -1.82
N ASP E 404 -34.05 -31.38 -0.52
CA ASP E 404 -35.08 -31.55 0.51
C ASP E 404 -36.32 -30.71 0.16
N SER E 405 -36.14 -29.40 0.11
CA SER E 405 -37.22 -28.50 -0.21
C SER E 405 -37.97 -28.99 -1.43
N ASN E 406 -37.25 -29.33 -2.51
CA ASN E 406 -37.88 -29.79 -3.75
C ASN E 406 -38.80 -30.97 -3.54
N TYR E 407 -38.31 -31.98 -2.83
CA TYR E 407 -39.14 -33.16 -2.53
C TYR E 407 -40.40 -32.73 -1.76
N HIS E 408 -40.23 -31.87 -0.76
CA HIS E 408 -41.36 -31.36 0.01
C HIS E 408 -42.35 -30.70 -0.96
N LEU E 409 -41.87 -29.86 -1.86
CA LEU E 409 -42.75 -29.19 -2.79
C LEU E 409 -43.63 -30.17 -3.52
N LEU E 410 -43.01 -31.21 -4.08
CA LEU E 410 -43.77 -32.21 -4.82
C LEU E 410 -44.73 -32.82 -3.84
N MET E 411 -44.21 -33.35 -2.73
CA MET E 411 -45.07 -33.97 -1.71
C MET E 411 -46.24 -33.09 -1.26
N SER E 412 -46.14 -31.79 -1.49
CA SER E 412 -47.24 -30.90 -1.18
C SER E 412 -48.32 -31.24 -2.20
N VAL E 413 -48.09 -30.96 -3.48
CA VAL E 413 -49.09 -31.26 -4.52
C VAL E 413 -49.65 -32.68 -4.30
N GLN E 414 -48.78 -33.64 -3.96
CA GLN E 414 -49.22 -35.01 -3.71
C GLN E 414 -50.34 -35.02 -2.70
N GLU E 415 -49.99 -34.81 -1.43
CA GLU E 415 -51.01 -34.76 -0.36
C GLU E 415 -52.21 -33.88 -0.77
N SER E 416 -51.92 -32.77 -1.43
CA SER E 416 -52.96 -31.86 -1.87
C SER E 416 -53.99 -32.66 -2.66
N LEU E 417 -53.49 -33.44 -3.62
CA LEU E 417 -54.36 -34.24 -4.45
C LEU E 417 -55.07 -35.34 -3.66
N GLU E 418 -54.30 -36.07 -2.85
CA GLU E 418 -54.83 -37.17 -2.05
C GLU E 418 -55.94 -36.66 -1.15
N ARG E 419 -55.66 -35.59 -0.42
CA ARG E 419 -56.66 -35.03 0.50
C ARG E 419 -58.03 -34.84 -0.19
N LYS E 420 -58.04 -34.44 -1.45
CA LYS E 420 -59.31 -34.26 -2.14
C LYS E 420 -59.79 -35.61 -2.59
N PHE E 421 -59.07 -36.23 -3.52
CA PHE E 421 -59.45 -37.54 -4.05
C PHE E 421 -59.16 -38.69 -3.04
N GLY E 422 -59.37 -38.40 -1.76
CA GLY E 422 -59.14 -39.31 -0.67
C GLY E 422 -58.57 -40.72 -0.84
N LYS E 423 -59.36 -41.70 -0.39
CA LYS E 423 -58.99 -43.11 -0.44
C LYS E 423 -59.05 -43.74 -1.82
N HIS E 424 -59.89 -43.19 -2.70
CA HIS E 424 -59.90 -43.74 -4.05
C HIS E 424 -58.55 -43.38 -4.64
N GLY E 425 -58.25 -42.08 -4.54
CA GLY E 425 -56.97 -41.58 -5.02
C GLY E 425 -55.98 -42.40 -4.22
N GLY E 426 -56.32 -42.60 -2.95
CA GLY E 426 -55.52 -43.40 -2.04
C GLY E 426 -54.08 -42.92 -2.10
N THR E 427 -53.35 -43.41 -3.09
CA THR E 427 -51.99 -43.00 -3.24
C THR E 427 -51.66 -42.52 -4.64
N ILE E 428 -51.49 -41.21 -4.78
CA ILE E 428 -51.07 -40.63 -6.04
C ILE E 428 -49.62 -40.18 -5.76
N PRO E 429 -48.65 -41.04 -6.10
CA PRO E 429 -47.26 -40.69 -5.86
C PRO E 429 -46.87 -39.66 -6.88
N ILE E 430 -46.17 -38.62 -6.44
CA ILE E 430 -45.70 -37.59 -7.33
C ILE E 430 -44.20 -37.79 -7.37
N VAL E 431 -43.68 -38.08 -8.55
CA VAL E 431 -42.26 -38.33 -8.66
C VAL E 431 -41.56 -37.53 -9.77
N PRO E 432 -40.39 -36.96 -9.45
CA PRO E 432 -39.71 -36.21 -10.49
C PRO E 432 -39.40 -37.17 -11.67
N THR E 433 -39.52 -36.64 -12.88
CA THR E 433 -39.21 -37.36 -14.11
C THR E 433 -37.73 -37.70 -14.02
N ALA E 434 -37.21 -38.33 -15.07
CA ALA E 434 -35.79 -38.68 -15.09
C ALA E 434 -35.07 -37.36 -15.08
N GLU E 435 -35.47 -36.52 -16.02
CA GLU E 435 -34.88 -35.21 -16.21
C GLU E 435 -34.86 -34.37 -14.94
N PHE E 436 -36.03 -34.14 -14.38
CA PHE E 436 -36.10 -33.35 -13.16
C PHE E 436 -35.29 -33.98 -12.04
N GLN E 437 -35.20 -35.31 -12.07
CA GLN E 437 -34.45 -36.03 -11.06
C GLN E 437 -33.03 -35.55 -11.09
N ASP E 438 -32.45 -35.46 -12.28
CA ASP E 438 -31.08 -35.01 -12.44
C ASP E 438 -31.02 -33.46 -12.43
N ARG E 439 -31.90 -32.85 -11.65
CA ARG E 439 -31.97 -31.40 -11.51
C ARG E 439 -32.55 -31.10 -10.14
N ILE E 440 -32.89 -32.17 -9.43
CA ILE E 440 -33.52 -32.09 -8.11
C ILE E 440 -32.62 -31.40 -7.08
N SER E 441 -31.30 -31.44 -7.28
CA SER E 441 -30.44 -30.77 -6.33
C SER E 441 -30.05 -29.34 -6.78
N GLY E 442 -30.60 -28.92 -7.90
CA GLY E 442 -30.30 -27.60 -8.42
C GLY E 442 -29.04 -27.66 -9.29
N ALA E 443 -28.71 -26.55 -9.94
CA ALA E 443 -27.54 -26.49 -10.78
C ALA E 443 -26.19 -26.61 -10.06
N SER E 444 -25.24 -27.19 -10.76
CA SER E 444 -23.89 -27.38 -10.24
C SER E 444 -23.06 -26.47 -11.12
N GLU E 445 -21.78 -26.32 -10.78
CA GLU E 445 -20.87 -25.49 -11.54
C GLU E 445 -20.95 -25.78 -13.04
N LYS E 446 -21.06 -27.06 -13.40
CA LYS E 446 -21.13 -27.49 -14.78
C LYS E 446 -22.44 -27.03 -15.43
N ASP E 447 -23.53 -27.08 -14.67
CA ASP E 447 -24.86 -26.66 -15.12
C ASP E 447 -24.82 -25.18 -15.43
N ILE E 448 -24.36 -24.39 -14.45
CA ILE E 448 -24.28 -22.95 -14.59
C ILE E 448 -23.45 -22.55 -15.80
N VAL E 449 -22.25 -23.14 -15.94
CA VAL E 449 -21.39 -22.81 -17.06
C VAL E 449 -22.12 -23.06 -18.37
N HIS E 450 -22.53 -24.32 -18.58
CA HIS E 450 -23.23 -24.69 -19.81
C HIS E 450 -24.49 -23.89 -20.04
N SER E 451 -25.46 -24.05 -19.15
CA SER E 451 -26.74 -23.35 -19.24
C SER E 451 -26.47 -21.84 -19.42
N GLY E 452 -25.48 -21.35 -18.68
CA GLY E 452 -25.13 -19.93 -18.71
C GLY E 452 -24.58 -19.43 -20.03
N LEU E 453 -23.62 -20.16 -20.57
CA LEU E 453 -23.02 -19.79 -21.84
C LEU E 453 -24.11 -19.81 -22.89
N ALA E 454 -24.89 -20.88 -22.84
CA ALA E 454 -26.00 -21.10 -23.75
C ALA E 454 -26.97 -19.92 -23.80
N TYR E 455 -27.32 -19.41 -22.63
CA TYR E 455 -28.21 -18.27 -22.54
C TYR E 455 -27.59 -17.00 -23.09
N THR E 456 -26.30 -16.78 -22.77
CA THR E 456 -25.63 -15.55 -23.21
C THR E 456 -25.35 -15.56 -24.70
N MET E 457 -25.03 -16.75 -25.21
CA MET E 457 -24.74 -16.87 -26.63
C MET E 457 -25.96 -16.66 -27.47
N GLU E 458 -27.05 -17.28 -27.05
CA GLU E 458 -28.31 -17.18 -27.75
C GLU E 458 -28.90 -15.78 -27.68
N ARG E 459 -28.65 -15.10 -26.57
CA ARG E 459 -29.14 -13.75 -26.38
C ARG E 459 -28.42 -12.76 -27.29
N SER E 460 -27.09 -12.81 -27.28
CA SER E 460 -26.30 -11.89 -28.07
C SER E 460 -26.55 -12.12 -29.55
N ALA E 461 -26.98 -13.34 -29.90
CA ALA E 461 -27.30 -13.66 -31.29
C ALA E 461 -28.54 -12.86 -31.73
N ARG E 462 -29.65 -13.06 -31.02
CA ARG E 462 -30.92 -12.36 -31.31
C ARG E 462 -30.64 -10.89 -31.29
N GLN E 463 -29.76 -10.46 -30.38
CA GLN E 463 -29.37 -9.07 -30.24
C GLN E 463 -28.77 -8.61 -31.60
N ILE E 464 -27.94 -9.49 -32.18
CA ILE E 464 -27.29 -9.22 -33.47
C ILE E 464 -28.30 -9.18 -34.63
N MET E 465 -29.22 -10.14 -34.63
CA MET E 465 -30.25 -10.23 -35.66
C MET E 465 -31.14 -8.97 -35.67
N ARG E 466 -31.75 -8.61 -34.55
CA ARG E 466 -32.58 -7.42 -34.53
C ARG E 466 -31.84 -6.26 -35.17
N THR E 467 -30.55 -6.14 -34.85
CA THR E 467 -29.76 -5.05 -35.39
C THR E 467 -29.54 -5.24 -36.88
N ALA E 468 -29.27 -6.48 -37.28
CA ALA E 468 -29.04 -6.78 -38.70
C ALA E 468 -30.29 -6.39 -39.48
N MET E 469 -31.46 -6.55 -38.85
CA MET E 469 -32.72 -6.21 -39.46
C MET E 469 -32.93 -4.71 -39.50
N LYS E 470 -33.13 -4.10 -38.34
CA LYS E 470 -33.34 -2.67 -38.25
C LYS E 470 -32.52 -1.89 -39.28
N TYR E 471 -31.34 -2.41 -39.64
CA TYR E 471 -30.46 -1.72 -40.59
C TYR E 471 -30.20 -2.36 -41.98
N ASN E 472 -30.89 -3.47 -42.29
CA ASN E 472 -30.76 -4.16 -43.56
C ASN E 472 -29.33 -4.67 -43.81
N LEU E 473 -28.63 -5.07 -42.77
CA LEU E 473 -27.28 -5.56 -43.00
C LEU E 473 -27.41 -6.90 -43.72
N GLY E 474 -28.53 -7.58 -43.44
CA GLY E 474 -28.76 -8.86 -44.08
C GLY E 474 -27.83 -9.95 -43.63
N LEU E 475 -26.82 -10.26 -44.43
CA LEU E 475 -25.87 -11.29 -44.03
C LEU E 475 -24.54 -10.66 -43.65
N ASP E 476 -24.62 -9.39 -43.21
CA ASP E 476 -23.46 -8.62 -42.80
C ASP E 476 -23.54 -8.52 -41.29
N LEU E 477 -23.65 -9.70 -40.66
CA LEU E 477 -23.77 -9.83 -39.21
C LEU E 477 -22.77 -9.00 -38.39
N ARG E 478 -21.54 -8.92 -38.90
CA ARG E 478 -20.48 -8.18 -38.23
C ARG E 478 -20.83 -6.77 -37.88
N THR E 479 -20.96 -5.92 -38.89
CA THR E 479 -21.25 -4.53 -38.59
C THR E 479 -22.54 -4.28 -37.77
N ALA E 480 -23.38 -5.32 -37.66
CA ALA E 480 -24.58 -5.24 -36.86
C ALA E 480 -24.09 -5.40 -35.44
N ALA E 481 -23.15 -6.32 -35.26
CA ALA E 481 -22.55 -6.60 -33.98
C ALA E 481 -21.80 -5.37 -33.48
N TYR E 482 -21.03 -4.75 -34.37
CA TYR E 482 -20.25 -3.57 -33.99
C TYR E 482 -21.22 -2.49 -33.55
N VAL E 483 -22.34 -2.38 -34.27
CA VAL E 483 -23.37 -1.41 -33.92
C VAL E 483 -23.78 -1.58 -32.45
N ASN E 484 -23.87 -2.83 -32.00
CA ASN E 484 -24.19 -3.12 -30.62
C ASN E 484 -22.99 -2.76 -29.75
N ALA E 485 -21.88 -3.42 -30.05
CA ALA E 485 -20.63 -3.24 -29.33
C ALA E 485 -20.26 -1.78 -29.24
N ILE E 486 -20.88 -0.95 -30.08
CA ILE E 486 -20.57 0.48 -30.07
C ILE E 486 -21.49 1.31 -29.20
N GLU E 487 -22.76 0.96 -29.06
CA GLU E 487 -23.58 1.81 -28.23
C GLU E 487 -23.54 1.49 -26.77
N LYS E 488 -23.06 0.30 -26.44
CA LYS E 488 -22.92 -0.08 -25.04
C LYS E 488 -21.63 0.63 -24.61
N VAL E 489 -20.56 0.35 -25.34
CA VAL E 489 -19.24 0.94 -25.12
C VAL E 489 -19.33 2.44 -25.26
N PHE E 490 -20.43 2.94 -25.81
CA PHE E 490 -20.63 4.37 -25.98
C PHE E 490 -21.40 4.89 -24.77
N ARG E 491 -22.46 4.19 -24.40
CA ARG E 491 -23.29 4.63 -23.30
C ARG E 491 -22.46 4.81 -22.03
N VAL E 492 -21.48 3.92 -21.80
CA VAL E 492 -20.63 4.04 -20.62
C VAL E 492 -19.80 5.34 -20.69
N TYR E 493 -19.01 5.48 -21.76
CA TYR E 493 -18.16 6.65 -21.95
C TYR E 493 -18.93 7.94 -21.77
N ASN E 494 -19.91 8.13 -22.63
CA ASN E 494 -20.69 9.35 -22.59
C ASN E 494 -21.21 9.71 -21.19
N GLU E 495 -21.85 8.75 -20.54
CA GLU E 495 -22.41 8.99 -19.22
C GLU E 495 -21.36 9.09 -18.09
N ALA E 496 -20.07 9.02 -18.43
CA ALA E 496 -19.01 9.11 -17.44
C ALA E 496 -18.36 10.49 -17.43
N GLY E 497 -18.89 11.37 -18.28
CA GLY E 497 -18.34 12.70 -18.42
C GLY E 497 -17.08 12.57 -19.27
N VAL E 498 -16.91 11.38 -19.87
CA VAL E 498 -15.77 11.04 -20.69
C VAL E 498 -14.51 10.91 -19.86
N THR E 499 -13.83 12.03 -19.62
CA THR E 499 -12.57 11.97 -18.91
C THR E 499 -12.33 13.21 -18.07
N PHE E 500 -11.54 13.07 -16.99
CA PHE E 500 -11.21 14.24 -16.19
C PHE E 500 -10.11 14.96 -17.01
N THR E 501 -10.51 15.47 -18.18
CA THR E 501 -9.68 16.18 -19.16
C THR E 501 -8.25 15.66 -19.31
N ALA F 1 -12.09 36.60 27.82
CA ALA F 1 -13.46 37.18 27.77
C ALA F 1 -13.40 38.73 27.64
N ASP F 2 -12.75 39.21 26.58
CA ASP F 2 -12.60 40.65 26.43
C ASP F 2 -13.81 41.50 26.02
N ARG F 3 -15.01 41.03 26.36
CA ARG F 3 -16.24 41.78 26.05
C ARG F 3 -16.06 42.33 24.62
N GLU F 4 -16.24 43.63 24.44
CA GLU F 4 -16.00 44.19 23.12
C GLU F 4 -14.48 44.01 22.96
N ASP F 5 -14.10 43.18 21.96
CA ASP F 5 -12.73 42.86 21.63
C ASP F 5 -12.24 41.48 22.12
N ASP F 6 -12.94 40.45 21.66
CA ASP F 6 -12.61 39.05 21.92
C ASP F 6 -13.03 38.44 20.57
N PRO F 7 -12.23 38.71 19.52
CA PRO F 7 -12.38 38.30 18.11
C PRO F 7 -12.24 36.80 17.79
N ASN F 8 -12.78 36.42 16.65
CA ASN F 8 -12.70 35.05 16.19
C ASN F 8 -11.24 34.83 15.75
N PHE F 9 -10.54 34.03 16.56
CA PHE F 9 -9.12 33.73 16.36
C PHE F 9 -8.72 33.44 14.91
N PHE F 10 -9.55 32.73 14.14
CA PHE F 10 -9.17 32.45 12.76
C PHE F 10 -9.28 33.71 11.90
N LYS F 11 -10.36 34.45 12.06
CA LYS F 11 -10.53 35.64 11.25
C LYS F 11 -9.53 36.71 11.62
N MET F 12 -9.12 36.73 12.89
CA MET F 12 -8.13 37.69 13.35
C MET F 12 -6.83 37.49 12.51
N VAL F 13 -6.21 36.31 12.68
CA VAL F 13 -4.99 35.95 11.94
C VAL F 13 -5.22 36.14 10.45
N GLU F 14 -6.43 35.88 9.99
CA GLU F 14 -6.82 36.00 8.59
C GLU F 14 -6.67 37.44 8.21
N GLY F 15 -7.13 38.29 9.13
CA GLY F 15 -7.04 39.72 8.93
C GLY F 15 -5.59 40.17 8.84
N PHE F 16 -4.79 39.82 9.86
CA PHE F 16 -3.37 40.17 9.87
C PHE F 16 -2.84 39.84 8.47
N PHE F 17 -3.19 38.65 7.95
CA PHE F 17 -2.78 38.24 6.61
C PHE F 17 -3.21 39.29 5.58
N ASP F 18 -4.46 39.73 5.69
CA ASP F 18 -4.99 40.72 4.79
C ASP F 18 -4.21 42.04 4.73
N ARG F 19 -3.84 42.62 5.88
CA ARG F 19 -3.10 43.89 5.83
C ARG F 19 -1.79 43.75 5.06
N GLY F 20 -1.11 42.62 5.23
CA GLY F 20 0.13 42.42 4.50
C GLY F 20 -0.20 42.29 3.03
N ALA F 21 -1.30 41.62 2.73
CA ALA F 21 -1.73 41.41 1.36
C ALA F 21 -1.95 42.74 0.67
N SER F 22 -2.18 43.78 1.47
CA SER F 22 -2.40 45.10 0.92
C SER F 22 -1.07 45.75 0.53
N ILE F 23 -0.18 45.80 1.50
CA ILE F 23 1.12 46.40 1.30
C ILE F 23 1.88 45.68 0.16
N VAL F 24 1.40 44.52 -0.26
CA VAL F 24 2.06 43.77 -1.35
C VAL F 24 1.31 43.56 -2.66
N GLU F 25 -0.01 43.34 -2.59
CA GLU F 25 -0.83 43.08 -3.79
C GLU F 25 -0.27 43.61 -5.10
N ASP F 26 0.03 44.90 -5.11
CA ASP F 26 0.61 45.55 -6.28
C ASP F 26 1.83 44.81 -6.84
N LYS F 27 2.92 44.81 -6.07
CA LYS F 27 4.15 44.16 -6.47
C LYS F 27 3.92 42.70 -6.87
N LEU F 28 2.96 42.04 -6.24
CA LEU F 28 2.66 40.65 -6.61
C LEU F 28 2.20 40.70 -8.06
N VAL F 29 1.26 41.60 -8.31
CA VAL F 29 0.70 41.82 -9.66
C VAL F 29 1.84 42.29 -10.58
N GLU F 30 2.74 43.08 -10.00
CA GLU F 30 3.86 43.63 -10.72
C GLU F 30 4.79 42.53 -11.22
N ASP F 31 5.59 41.97 -10.31
CA ASP F 31 6.54 40.91 -10.65
C ASP F 31 5.83 39.94 -11.59
N LEU F 32 4.60 39.58 -11.25
CA LEU F 32 3.80 38.69 -12.08
C LEU F 32 3.88 39.23 -13.50
N LYS F 33 4.34 38.39 -14.42
CA LYS F 33 4.51 38.85 -15.80
C LYS F 33 3.71 38.10 -16.86
N THR F 34 2.90 37.15 -16.41
CA THR F 34 2.04 36.33 -17.26
C THR F 34 1.35 37.09 -18.42
N ARG F 35 2.00 37.01 -19.59
CA ARG F 35 1.58 37.62 -20.85
C ARG F 35 0.18 38.27 -20.86
N GLN F 36 -0.71 37.68 -21.65
CA GLN F 36 -2.09 38.15 -21.79
C GLN F 36 -2.69 38.51 -20.42
N THR F 37 -2.94 39.79 -20.24
CA THR F 37 -3.49 40.33 -19.00
C THR F 37 -3.50 41.84 -19.11
N GLN F 38 -3.77 42.47 -17.98
CA GLN F 38 -3.80 43.92 -17.83
C GLN F 38 -3.68 43.97 -16.32
N GLU F 39 -4.82 44.02 -15.65
CA GLU F 39 -4.85 43.97 -14.19
C GLU F 39 -5.57 42.67 -13.93
N GLN F 40 -5.53 41.81 -14.96
CA GLN F 40 -6.09 40.47 -14.90
C GLN F 40 -5.12 39.90 -13.88
N LYS F 41 -3.88 40.37 -13.99
CA LYS F 41 -2.77 40.02 -13.12
C LYS F 41 -3.26 40.25 -11.70
N ARG F 42 -3.92 41.37 -11.50
CA ARG F 42 -4.48 41.69 -10.18
C ARG F 42 -5.46 40.64 -9.69
N ASN F 43 -6.50 40.37 -10.49
CA ASN F 43 -7.51 39.38 -10.14
C ASN F 43 -6.87 38.02 -9.80
N ARG F 44 -5.86 37.65 -10.58
CA ARG F 44 -5.11 36.41 -10.40
C ARG F 44 -4.49 36.54 -9.02
N VAL F 45 -3.70 37.60 -8.84
CA VAL F 45 -3.04 37.89 -7.58
C VAL F 45 -4.08 37.95 -6.46
N ARG F 46 -5.32 38.23 -6.85
CA ARG F 46 -6.39 38.32 -5.90
C ARG F 46 -7.06 36.98 -5.57
N GLY F 47 -7.13 36.12 -6.55
CA GLY F 47 -7.72 34.83 -6.32
C GLY F 47 -6.78 34.05 -5.42
N ILE F 48 -5.51 34.01 -5.80
CA ILE F 48 -4.53 33.28 -5.05
C ILE F 48 -4.53 33.59 -3.55
N LEU F 49 -4.56 34.87 -3.19
CA LEU F 49 -4.54 35.21 -1.78
C LEU F 49 -5.80 34.75 -1.08
N ARG F 50 -6.85 34.51 -1.87
CA ARG F 50 -8.12 34.06 -1.36
C ARG F 50 -7.99 32.54 -1.12
N ILE F 51 -7.28 31.91 -2.04
CA ILE F 51 -7.03 30.48 -2.00
C ILE F 51 -6.08 30.14 -0.86
N ILE F 52 -5.23 31.08 -0.49
CA ILE F 52 -4.29 30.82 0.58
C ILE F 52 -4.87 30.88 1.98
N LYS F 53 -5.64 31.93 2.26
CA LYS F 53 -6.24 32.14 3.58
C LYS F 53 -6.83 30.95 4.33
N PRO F 54 -7.77 30.21 3.72
CA PRO F 54 -8.39 29.05 4.38
C PRO F 54 -7.58 27.77 4.55
N CYS F 55 -7.97 26.99 5.55
CA CYS F 55 -7.33 25.71 5.83
C CYS F 55 -7.77 24.65 4.80
N ASN F 56 -6.82 23.87 4.31
CA ASN F 56 -7.13 22.85 3.32
C ASN F 56 -7.98 21.77 3.89
N HIS F 57 -7.44 21.06 4.89
CA HIS F 57 -8.15 19.94 5.49
C HIS F 57 -8.23 20.13 7.00
N VAL F 58 -9.39 19.84 7.61
CA VAL F 58 -9.52 19.93 9.04
C VAL F 58 -10.31 18.70 9.47
N LEU F 59 -9.73 17.89 10.34
CA LEU F 59 -10.34 16.66 10.83
C LEU F 59 -10.75 16.88 12.27
N SER F 60 -12.00 16.49 12.57
CA SER F 60 -12.60 16.61 13.91
C SER F 60 -12.96 15.23 14.41
N LEU F 61 -12.25 14.81 15.43
CA LEU F 61 -12.44 13.49 16.02
C LEU F 61 -13.23 13.53 17.33
N SER F 62 -13.70 12.36 17.71
CA SER F 62 -14.43 12.18 18.93
C SER F 62 -14.18 10.71 19.18
N PHE F 63 -13.55 10.36 20.29
CA PHE F 63 -13.29 8.97 20.54
C PHE F 63 -13.35 8.62 22.01
N PRO F 64 -13.69 7.36 22.31
CA PRO F 64 -13.77 6.95 23.69
C PRO F 64 -12.43 6.47 24.23
N ILE F 65 -12.31 6.60 25.55
CA ILE F 65 -11.16 6.15 26.31
C ILE F 65 -11.88 5.75 27.59
N ARG F 66 -11.45 4.66 28.21
CA ARG F 66 -12.10 4.24 29.43
C ARG F 66 -11.31 4.81 30.60
N ARG F 67 -11.87 5.84 31.23
CA ARG F 67 -11.26 6.50 32.39
C ARG F 67 -10.86 5.44 33.38
N ASP F 68 -9.74 5.67 34.04
CA ASP F 68 -9.21 4.71 35.02
C ASP F 68 -10.30 4.06 35.85
N ASP F 69 -11.17 4.89 36.41
CA ASP F 69 -12.31 4.40 37.19
C ASP F 69 -13.39 4.03 36.15
N GLY F 70 -13.38 2.77 35.72
CA GLY F 70 -14.34 2.23 34.76
C GLY F 70 -14.94 3.10 33.64
N SER F 71 -15.63 4.15 34.05
CA SER F 71 -16.32 5.13 33.20
C SER F 71 -15.81 5.37 31.79
N TRP F 72 -16.73 5.30 30.85
CA TRP F 72 -16.39 5.54 29.48
C TRP F 72 -16.43 7.02 29.27
N GLU F 73 -15.59 7.53 28.36
CA GLU F 73 -15.55 8.96 28.09
C GLU F 73 -15.21 9.33 26.67
N VAL F 74 -16.13 10.02 26.02
CA VAL F 74 -15.92 10.48 24.65
C VAL F 74 -14.98 11.68 24.74
N ILE F 75 -14.06 11.80 23.78
CA ILE F 75 -13.09 12.88 23.78
C ILE F 75 -13.11 13.65 22.45
N GLU F 76 -12.87 14.96 22.50
CA GLU F 76 -12.85 15.79 21.31
C GLU F 76 -11.43 16.07 20.85
N GLY F 77 -11.20 15.98 19.53
CA GLY F 77 -9.90 16.22 18.98
C GLY F 77 -10.01 16.87 17.63
N TYR F 78 -9.00 17.65 17.27
CA TYR F 78 -8.97 18.32 15.97
C TYR F 78 -7.54 18.34 15.48
N ARG F 79 -7.37 18.39 14.16
CA ARG F 79 -6.06 18.50 13.55
C ARG F 79 -6.35 19.23 12.27
N ALA F 80 -5.99 20.48 12.24
CA ALA F 80 -6.20 21.27 11.05
C ALA F 80 -4.87 21.37 10.27
N GLN F 81 -4.92 21.06 8.97
CA GLN F 81 -3.77 21.16 8.13
C GLN F 81 -4.11 22.34 7.26
N HIS F 82 -3.52 23.47 7.61
CA HIS F 82 -3.78 24.70 6.86
C HIS F 82 -3.28 24.69 5.43
N SER F 83 -2.00 24.34 5.21
CA SER F 83 -1.48 24.36 3.84
C SER F 83 -0.56 23.22 3.45
N HIS F 84 -0.42 23.05 2.16
CA HIS F 84 0.42 21.99 1.62
C HIS F 84 1.47 22.52 0.64
N GLN F 85 1.42 23.82 0.36
CA GLN F 85 2.35 24.44 -0.59
C GLN F 85 3.79 23.96 -0.35
N ARG F 86 3.99 23.44 0.85
CA ARG F 86 5.21 22.83 1.28
C ARG F 86 4.52 21.65 1.96
N THR F 87 4.91 20.41 1.68
CA THR F 87 4.19 19.29 2.23
C THR F 87 4.16 18.92 3.70
N PRO F 88 5.23 18.35 4.28
CA PRO F 88 5.02 18.03 5.69
C PRO F 88 4.49 19.24 6.44
N CYS F 89 3.19 19.24 6.74
CA CYS F 89 2.61 20.34 7.47
C CYS F 89 3.17 20.12 8.86
N LYS F 90 3.28 21.18 9.64
CA LYS F 90 3.80 21.09 10.99
C LYS F 90 3.07 21.99 11.95
N GLY F 91 2.91 21.51 13.18
CA GLY F 91 2.23 22.27 14.20
C GLY F 91 2.13 21.45 15.47
N GLY F 92 2.02 22.13 16.62
CA GLY F 92 1.91 21.42 17.88
C GLY F 92 0.52 20.90 18.22
N ILE F 93 0.47 20.01 19.19
CA ILE F 93 -0.78 19.43 19.65
C ILE F 93 -1.08 20.05 21.00
N ARG F 94 -2.13 20.90 21.05
CA ARG F 94 -2.52 21.57 22.30
C ARG F 94 -3.54 20.82 23.17
N TYR F 95 -3.21 20.59 24.43
CA TYR F 95 -4.12 19.93 25.33
C TYR F 95 -4.65 21.00 26.27
N SER F 96 -5.89 21.43 26.04
CA SER F 96 -6.52 22.43 26.86
C SER F 96 -8.00 22.38 26.58
N THR F 97 -8.80 22.70 27.58
CA THR F 97 -10.25 22.70 27.40
C THR F 97 -10.62 23.85 26.46
N ASP F 98 -9.65 24.73 26.21
CA ASP F 98 -9.92 25.86 25.34
C ASP F 98 -9.78 25.58 23.86
N VAL F 99 -9.39 24.36 23.48
CA VAL F 99 -9.27 24.08 22.06
C VAL F 99 -10.65 24.13 21.38
N SER F 100 -10.64 24.32 20.07
CA SER F 100 -11.85 24.39 19.30
C SER F 100 -11.40 24.39 17.86
N VAL F 101 -12.32 24.08 16.95
CA VAL F 101 -11.96 24.02 15.56
C VAL F 101 -11.38 25.35 15.05
N ASP F 102 -11.93 26.47 15.48
CA ASP F 102 -11.43 27.77 15.03
C ASP F 102 -10.10 28.12 15.66
N GLU F 103 -9.94 27.77 16.92
CA GLU F 103 -8.70 28.06 17.62
C GLU F 103 -7.58 27.33 16.91
N VAL F 104 -7.75 26.02 16.75
CA VAL F 104 -6.77 25.18 16.05
C VAL F 104 -6.58 25.70 14.62
N LYS F 105 -7.65 26.02 13.90
CA LYS F 105 -7.56 26.53 12.54
C LYS F 105 -6.63 27.71 12.40
N ALA F 106 -6.74 28.64 13.34
CA ALA F 106 -5.89 29.83 13.35
C ALA F 106 -4.47 29.40 13.70
N LEU F 107 -4.33 28.75 14.84
CA LEU F 107 -3.04 28.23 15.30
C LEU F 107 -2.34 27.49 14.16
N ALA F 108 -3.12 26.88 13.27
CA ALA F 108 -2.59 26.16 12.14
C ALA F 108 -2.04 27.15 11.12
N SER F 109 -2.86 28.11 10.70
CA SER F 109 -2.41 29.11 9.74
C SER F 109 -1.16 29.80 10.26
N LEU F 110 -1.16 30.19 11.53
CA LEU F 110 0.02 30.85 12.07
C LEU F 110 1.25 30.00 11.83
N MET F 111 1.08 28.68 11.70
CA MET F 111 2.19 27.79 11.46
C MET F 111 2.75 27.93 10.05
N THR F 112 1.84 28.01 9.07
CA THR F 112 2.25 28.10 7.68
C THR F 112 2.96 29.41 7.33
N TYR F 113 2.48 30.54 7.87
CA TYR F 113 3.11 31.84 7.61
C TYR F 113 4.37 31.94 8.46
N LYS F 114 4.31 31.37 9.65
CA LYS F 114 5.45 31.38 10.52
C LYS F 114 6.63 30.69 9.80
N CYS F 115 6.43 29.45 9.36
CA CYS F 115 7.48 28.70 8.66
C CYS F 115 7.95 29.42 7.43
N ALA F 116 7.08 30.22 6.82
CA ALA F 116 7.42 30.97 5.60
C ALA F 116 8.49 31.97 5.95
N VAL F 117 8.14 32.80 6.93
CA VAL F 117 9.00 33.84 7.45
C VAL F 117 10.41 33.36 7.79
N VAL F 118 10.51 32.20 8.43
CA VAL F 118 11.78 31.63 8.84
C VAL F 118 12.34 30.58 7.89
N ASP F 119 11.79 30.50 6.71
CA ASP F 119 12.25 29.55 5.73
C ASP F 119 12.37 28.11 6.12
N VAL F 120 11.35 27.59 6.79
CA VAL F 120 11.32 26.19 7.19
C VAL F 120 10.25 25.60 6.26
N PRO F 121 10.65 24.69 5.33
CA PRO F 121 9.76 24.06 4.35
C PRO F 121 8.60 23.15 4.78
N PHE F 122 7.68 23.67 5.57
CA PHE F 122 6.52 22.91 6.01
C PHE F 122 5.27 23.75 5.81
N GLY F 123 4.15 23.08 5.61
CA GLY F 123 2.91 23.80 5.51
C GLY F 123 2.48 23.93 6.98
N GLY F 124 1.47 24.73 7.28
CA GLY F 124 1.07 24.84 8.67
C GLY F 124 0.03 23.83 9.06
N ALA F 125 -0.06 23.51 10.33
CA ALA F 125 -1.03 22.55 10.79
C ALA F 125 -1.12 22.74 12.29
N LYS F 126 -2.17 22.22 12.92
CA LYS F 126 -2.27 22.36 14.37
C LYS F 126 -3.23 21.30 14.91
N ALA F 127 -2.96 20.81 16.11
CA ALA F 127 -3.83 19.81 16.69
C ALA F 127 -4.33 20.28 18.03
N GLY F 128 -5.45 19.70 18.48
CA GLY F 128 -5.98 20.11 19.77
C GLY F 128 -6.92 19.10 20.38
N VAL F 129 -6.54 18.52 21.49
CA VAL F 129 -7.43 17.61 22.17
C VAL F 129 -8.14 18.56 23.14
N LYS F 130 -9.39 18.30 23.50
CA LYS F 130 -10.11 19.21 24.40
C LYS F 130 -10.18 18.74 25.83
N ILE F 131 -9.04 18.56 26.48
CA ILE F 131 -9.06 18.09 27.85
C ILE F 131 -8.23 19.03 28.70
N ASN F 132 -8.30 18.83 30.01
CA ASN F 132 -7.54 19.62 30.96
C ASN F 132 -6.68 18.56 31.62
N PRO F 133 -5.45 18.39 31.11
CA PRO F 133 -4.45 17.43 31.56
C PRO F 133 -4.30 17.22 33.05
N LYS F 134 -4.81 18.16 33.83
CA LYS F 134 -4.70 18.03 35.28
C LYS F 134 -5.84 17.18 35.87
N ASN F 135 -6.82 16.80 35.06
CA ASN F 135 -7.91 16.01 35.59
C ASN F 135 -7.70 14.54 35.33
N TYR F 136 -6.96 14.21 34.28
CA TYR F 136 -6.73 12.82 33.95
C TYR F 136 -5.44 12.32 34.61
N THR F 137 -5.40 11.04 34.90
CA THR F 137 -4.20 10.49 35.50
C THR F 137 -3.17 10.43 34.39
N ASP F 138 -1.91 10.24 34.77
CA ASP F 138 -0.81 10.15 33.82
C ASP F 138 -1.04 9.01 32.83
N GLU F 139 -1.88 8.05 33.21
CA GLU F 139 -2.17 6.90 32.37
C GLU F 139 -3.36 7.17 31.46
N ASP F 140 -4.28 8.00 31.95
CA ASP F 140 -5.46 8.37 31.16
C ASP F 140 -4.82 9.03 29.94
N LEU F 141 -3.89 9.95 30.22
CA LEU F 141 -3.19 10.69 29.18
C LEU F 141 -2.45 9.82 28.17
N GLU F 142 -1.85 8.73 28.60
CA GLU F 142 -1.19 7.92 27.60
C GLU F 142 -2.27 7.39 26.64
N LYS F 143 -3.32 6.77 27.20
CA LYS F 143 -4.42 6.19 26.45
C LYS F 143 -5.01 7.16 25.48
N ILE F 144 -5.17 8.38 25.93
CA ILE F 144 -5.75 9.46 25.13
C ILE F 144 -4.85 9.86 23.97
N THR F 145 -3.56 10.10 24.26
CA THR F 145 -2.65 10.51 23.21
C THR F 145 -2.21 9.37 22.29
N ARG F 146 -2.26 8.13 22.78
CA ARG F 146 -1.89 7.02 21.94
C ARG F 146 -3.06 6.77 21.04
N ARG F 147 -4.26 6.85 21.59
CA ARG F 147 -5.49 6.66 20.84
C ARG F 147 -5.74 7.78 19.82
N PHE F 148 -5.33 8.99 20.18
CA PHE F 148 -5.47 10.16 19.32
C PHE F 148 -4.51 10.00 18.14
N THR F 149 -3.31 9.44 18.37
CA THR F 149 -2.33 9.25 17.32
C THR F 149 -2.83 8.26 16.32
N MET F 150 -3.54 7.23 16.79
CA MET F 150 -4.09 6.21 15.93
C MET F 150 -5.19 6.79 15.05
N GLU F 151 -6.03 7.62 15.62
CA GLU F 151 -7.13 8.22 14.89
C GLU F 151 -6.69 9.17 13.82
N LEU F 152 -5.74 10.03 14.15
CA LEU F 152 -5.20 10.98 13.19
C LEU F 152 -4.48 10.18 12.08
N ALA F 153 -3.78 9.13 12.51
CA ALA F 153 -3.05 8.25 11.63
C ALA F 153 -3.89 7.70 10.48
N LYS F 154 -5.07 7.20 10.78
CA LYS F 154 -5.89 6.62 9.73
C LYS F 154 -6.75 7.55 8.92
N LYS F 155 -6.38 8.82 8.85
CA LYS F 155 -7.16 9.79 8.08
C LYS F 155 -6.22 10.74 7.39
N GLY F 156 -4.92 10.48 7.55
CA GLY F 156 -3.90 11.28 6.89
C GLY F 156 -3.46 12.48 7.67
N PHE F 157 -3.72 12.47 8.97
CA PHE F 157 -3.34 13.62 9.76
C PHE F 157 -2.14 13.43 10.67
N ILE F 158 -1.19 12.64 10.23
CA ILE F 158 0.07 12.42 10.94
C ILE F 158 0.91 11.40 10.21
N GLY F 159 2.19 11.69 10.07
CA GLY F 159 3.08 10.78 9.38
C GLY F 159 4.20 11.62 8.82
N PRO F 160 5.42 11.09 8.76
CA PRO F 160 6.60 11.77 8.27
C PRO F 160 6.43 12.53 6.98
N GLY F 161 5.45 12.17 6.16
CA GLY F 161 5.34 12.88 4.90
C GLY F 161 4.16 13.76 4.66
N VAL F 162 3.15 13.69 5.54
CA VAL F 162 1.91 14.52 5.42
C VAL F 162 1.80 15.63 6.45
N ASP F 163 1.86 15.21 7.72
CA ASP F 163 1.70 16.11 8.83
C ASP F 163 2.59 15.61 9.92
N VAL F 164 3.35 16.51 10.55
CA VAL F 164 4.28 16.15 11.62
C VAL F 164 3.98 16.94 12.87
N PRO F 165 3.21 16.37 13.84
CA PRO F 165 2.87 17.05 15.10
C PRO F 165 4.09 17.38 15.98
N ALA F 166 3.91 18.32 16.91
CA ALA F 166 4.99 18.70 17.80
C ALA F 166 4.34 19.22 19.07
N PRO F 167 5.13 19.65 20.08
CA PRO F 167 4.49 20.15 21.30
C PRO F 167 3.85 21.52 21.23
N ASN F 168 3.01 21.79 22.23
CA ASN F 168 2.34 23.08 22.41
C ASN F 168 1.86 23.13 23.86
N MET F 169 0.79 23.88 24.12
CA MET F 169 0.28 23.96 25.50
C MET F 169 -0.15 22.61 26.10
N SER F 170 0.43 22.29 27.24
CA SER F 170 0.17 21.07 27.96
C SER F 170 0.56 19.76 27.27
N THR F 171 1.53 19.81 26.37
CA THR F 171 2.08 18.63 25.70
C THR F 171 3.59 18.85 25.65
N GLY F 172 4.37 17.78 25.77
CA GLY F 172 5.82 17.92 25.75
C GLY F 172 6.48 16.65 25.28
N GLU F 173 7.79 16.54 25.42
CA GLU F 173 8.50 15.34 24.95
C GLU F 173 7.89 14.02 25.37
N ARG F 174 7.09 14.04 26.42
CA ARG F 174 6.44 12.82 26.88
C ARG F 174 5.39 12.34 25.87
N GLU F 175 4.40 13.17 25.59
CA GLU F 175 3.38 12.80 24.64
C GLU F 175 3.98 12.63 23.24
N MET F 176 5.04 13.38 22.94
CA MET F 176 5.71 13.25 21.66
C MET F 176 6.38 11.88 21.61
N SER F 177 6.74 11.32 22.77
CA SER F 177 7.32 10.01 22.78
C SER F 177 6.21 8.99 22.56
N TRP F 178 5.06 9.22 23.20
CA TRP F 178 3.90 8.32 23.08
C TRP F 178 3.43 8.26 21.64
N ILE F 179 3.25 9.43 21.07
CA ILE F 179 2.80 9.53 19.70
C ILE F 179 3.71 8.74 18.79
N ALA F 180 5.00 9.01 18.85
CA ALA F 180 5.97 8.33 17.98
C ALA F 180 6.00 6.81 18.15
N ASP F 181 5.79 6.35 19.37
CA ASP F 181 5.80 4.91 19.63
C ASP F 181 4.56 4.14 19.14
N THR F 182 3.40 4.78 19.11
CA THR F 182 2.23 4.08 18.61
C THR F 182 2.16 4.26 17.10
N TYR F 183 2.78 5.33 16.58
CA TYR F 183 2.79 5.50 15.13
C TYR F 183 3.79 4.48 14.55
N ALA F 184 5.02 4.52 15.05
CA ALA F 184 6.02 3.59 14.57
C ALA F 184 5.80 2.11 14.88
N SER F 185 4.92 1.79 15.81
CA SER F 185 4.64 0.38 16.12
C SER F 185 3.38 -0.04 15.38
N THR F 186 2.71 0.93 14.79
CA THR F 186 1.51 0.69 14.04
C THR F 186 1.77 0.93 12.55
N ILE F 187 1.26 2.03 11.98
CA ILE F 187 1.42 2.27 10.54
C ILE F 187 2.84 2.27 10.05
N GLY F 188 3.69 3.07 10.70
CA GLY F 188 5.06 3.16 10.26
C GLY F 188 5.92 1.97 10.59
N HIS F 189 5.36 0.78 10.77
CA HIS F 189 6.18 -0.37 11.11
C HIS F 189 7.20 -0.63 10.01
N TYR F 190 6.88 -0.25 8.78
CA TYR F 190 7.82 -0.49 7.73
C TYR F 190 8.41 0.78 7.17
N ASP F 191 8.02 1.93 7.71
CA ASP F 191 8.48 3.26 7.30
C ASP F 191 9.91 3.44 7.76
N ILE F 192 10.82 3.74 6.83
CA ILE F 192 12.22 3.95 7.21
C ILE F 192 12.30 5.26 7.99
N ASN F 193 11.28 6.09 7.83
CA ASN F 193 11.17 7.37 8.55
C ASN F 193 10.03 7.29 9.58
N ALA F 194 9.72 6.11 10.09
CA ALA F 194 8.67 5.93 11.08
C ALA F 194 8.71 6.92 12.22
N HIS F 195 9.89 7.26 12.71
CA HIS F 195 10.00 8.19 13.83
C HIS F 195 10.08 9.70 13.52
N ALA F 196 9.88 10.11 12.28
CA ALA F 196 9.93 11.54 12.00
C ALA F 196 8.49 12.05 11.92
N CYS F 197 7.55 11.17 12.27
CA CYS F 197 6.12 11.49 12.26
C CYS F 197 5.81 12.60 13.23
N VAL F 198 6.66 12.76 14.24
CA VAL F 198 6.48 13.80 15.25
C VAL F 198 7.85 14.37 15.61
N THR F 199 7.87 15.58 16.12
CA THR F 199 9.13 16.22 16.55
C THR F 199 8.95 16.73 17.98
N GLY F 200 10.03 17.12 18.64
CA GLY F 200 9.92 17.58 20.01
C GLY F 200 9.95 16.37 20.94
N LYS F 201 10.28 15.19 20.40
CA LYS F 201 10.33 13.98 21.19
C LYS F 201 11.60 13.89 22.04
N PRO F 202 11.62 13.07 23.08
CA PRO F 202 12.80 12.93 23.95
C PRO F 202 14.04 12.55 23.15
N ILE F 203 15.21 12.78 23.73
CA ILE F 203 16.49 12.45 23.07
C ILE F 203 16.64 10.95 22.85
N SER F 204 16.26 10.16 23.87
CA SER F 204 16.36 8.70 23.79
C SER F 204 15.42 8.12 22.72
N GLN F 205 14.49 8.94 22.25
CA GLN F 205 13.54 8.50 21.26
C GLN F 205 13.84 9.08 19.88
N GLY F 206 14.87 9.90 19.79
CA GLY F 206 15.22 10.47 18.51
C GLY F 206 15.08 11.98 18.49
N GLY F 207 15.22 12.57 19.66
CA GLY F 207 15.09 14.00 19.79
C GLY F 207 16.36 14.67 19.37
N ILE F 208 16.42 15.97 19.57
CA ILE F 208 17.60 16.75 19.22
C ILE F 208 17.85 17.71 20.35
N HIS F 209 19.11 17.93 20.68
CA HIS F 209 19.50 18.83 21.74
C HIS F 209 19.17 20.30 21.46
N GLY F 210 18.33 20.87 22.32
CA GLY F 210 17.97 22.26 22.18
C GLY F 210 16.55 22.46 21.77
N ARG F 211 15.75 21.42 21.70
CA ARG F 211 14.36 21.59 21.30
C ARG F 211 13.51 22.12 22.45
N ILE F 212 13.81 21.69 23.67
CA ILE F 212 13.03 22.17 24.80
C ILE F 212 13.24 23.66 24.94
N SER F 213 14.50 24.07 24.91
CA SER F 213 14.86 25.47 25.04
C SER F 213 14.73 26.26 23.74
N ALA F 214 14.54 25.56 22.63
CA ALA F 214 14.46 26.19 21.33
C ALA F 214 13.58 27.41 21.18
N THR F 215 12.32 27.29 21.55
CA THR F 215 11.44 28.44 21.37
C THR F 215 11.88 29.64 22.22
N GLY F 216 12.34 29.35 23.43
CA GLY F 216 12.80 30.42 24.31
C GLY F 216 14.03 31.07 23.72
N ARG F 217 15.01 30.25 23.36
CA ARG F 217 16.25 30.74 22.78
C ARG F 217 15.94 31.55 21.51
N GLY F 218 14.86 31.19 20.84
CA GLY F 218 14.46 31.89 19.64
C GLY F 218 13.83 33.22 20.01
N VAL F 219 13.01 33.20 21.07
CA VAL F 219 12.36 34.42 21.56
C VAL F 219 13.49 35.38 21.92
N PHE F 220 14.53 34.85 22.55
CA PHE F 220 15.69 35.64 22.93
C PHE F 220 16.37 36.25 21.72
N HIS F 221 16.72 35.41 20.75
CA HIS F 221 17.36 35.88 19.54
C HIS F 221 16.46 36.87 18.82
N GLY F 222 15.15 36.63 18.86
CA GLY F 222 14.24 37.51 18.17
C GLY F 222 14.39 38.89 18.74
N ILE F 223 14.37 39.00 20.06
CA ILE F 223 14.51 40.28 20.74
C ILE F 223 15.83 40.97 20.41
N GLU F 224 16.94 40.30 20.70
CA GLU F 224 18.29 40.86 20.43
C GLU F 224 18.41 41.50 19.05
N ASN F 225 18.07 40.76 18.00
CA ASN F 225 18.13 41.29 16.65
C ASN F 225 17.45 42.65 16.53
N PHE F 226 16.50 42.90 17.43
CA PHE F 226 15.74 44.15 17.46
C PHE F 226 16.10 45.09 18.63
N ILE F 227 16.49 44.53 19.76
CA ILE F 227 16.83 45.37 20.91
C ILE F 227 18.22 45.97 20.78
N GLU F 228 18.96 45.58 19.74
CA GLU F 228 20.32 46.10 19.53
C GLU F 228 20.44 46.93 18.23
N ASN F 229 19.32 47.36 17.66
CA ASN F 229 19.42 48.16 16.45
C ASN F 229 18.87 49.51 16.81
N ALA F 230 19.74 50.28 17.48
CA ALA F 230 19.48 51.65 17.98
C ALA F 230 18.27 52.24 17.31
N SER F 231 18.41 52.50 16.03
CA SER F 231 17.35 53.03 15.19
C SER F 231 15.96 52.69 15.74
N TYR F 232 15.67 51.39 15.89
CA TYR F 232 14.39 50.91 16.44
C TYR F 232 14.27 51.32 17.90
N MET F 233 15.21 50.87 18.74
CA MET F 233 15.23 51.18 20.18
C MET F 233 15.22 52.70 20.44
N SER F 234 15.57 53.48 19.43
CA SER F 234 15.60 54.93 19.56
C SER F 234 14.17 55.43 19.52
N ILE F 235 13.38 54.88 18.60
CA ILE F 235 11.98 55.24 18.50
C ILE F 235 11.39 54.76 19.84
N LEU F 236 11.90 53.62 20.30
CA LEU F 236 11.49 53.04 21.58
C LEU F 236 11.87 54.00 22.69
N GLY F 237 12.82 54.88 22.41
CA GLY F 237 13.26 55.83 23.41
C GLY F 237 13.83 54.94 24.49
N MET F 238 14.73 54.07 24.07
CA MET F 238 15.38 53.13 24.96
C MET F 238 16.80 53.03 24.47
N THR F 239 17.58 52.24 25.23
CA THR F 239 18.98 52.00 24.93
C THR F 239 19.16 50.62 24.25
N PRO F 240 20.40 50.32 23.80
CA PRO F 240 20.64 49.04 23.16
C PRO F 240 21.04 48.05 24.26
N GLY F 241 20.59 46.79 24.15
CA GLY F 241 20.97 45.77 25.12
C GLY F 241 20.08 45.33 26.28
N PHE F 242 20.04 44.01 26.49
CA PHE F 242 19.25 43.42 27.57
C PHE F 242 19.86 43.79 28.90
N GLY F 243 21.19 43.92 28.89
CA GLY F 243 21.94 44.24 30.08
C GLY F 243 21.42 45.29 31.05
N ASP F 244 20.73 46.30 30.53
CA ASP F 244 20.19 47.36 31.39
C ASP F 244 18.69 47.32 31.34
N LYS F 245 18.15 46.34 30.63
CA LYS F 245 16.71 46.22 30.51
C LYS F 245 16.03 45.38 31.60
N THR F 246 14.71 45.29 31.51
CA THR F 246 13.91 44.58 32.48
C THR F 246 12.69 44.05 31.72
N PHE F 247 12.20 42.88 32.13
CA PHE F 247 11.06 42.24 31.48
C PHE F 247 10.22 41.40 32.47
N ALA F 248 8.98 41.17 32.05
CA ALA F 248 8.00 40.37 32.80
C ALA F 248 7.34 39.37 31.81
N VAL F 249 7.40 38.09 32.15
CA VAL F 249 6.84 37.03 31.31
C VAL F 249 5.50 36.48 31.84
N GLN F 250 4.53 36.32 30.94
CA GLN F 250 3.21 35.75 31.28
C GLN F 250 3.34 34.23 30.99
N GLY F 251 2.79 33.40 31.85
CA GLY F 251 2.92 31.97 31.64
C GLY F 251 4.35 31.56 31.91
N PHE F 252 4.53 30.59 32.79
CA PHE F 252 5.86 30.11 33.17
C PHE F 252 5.97 28.65 32.70
N GLY F 253 5.69 28.44 31.42
CA GLY F 253 5.78 27.10 30.83
C GLY F 253 7.00 26.88 29.95
N ASN F 254 6.81 26.22 28.82
CA ASN F 254 7.97 25.95 27.98
C ASN F 254 8.61 27.22 27.45
N VAL F 255 7.96 27.91 26.53
CA VAL F 255 8.55 29.12 25.98
C VAL F 255 8.78 30.14 27.07
N GLY F 256 7.85 30.23 28.02
CA GLY F 256 7.97 31.18 29.11
C GLY F 256 9.25 31.03 29.92
N LEU F 257 9.38 29.89 30.59
CA LEU F 257 10.54 29.63 31.42
C LEU F 257 11.80 29.97 30.68
N HIS F 258 12.15 29.16 29.66
CA HIS F 258 13.37 29.34 28.86
C HIS F 258 13.61 30.70 28.25
N SER F 259 12.55 31.42 27.90
CA SER F 259 12.72 32.76 27.36
C SER F 259 13.36 33.59 28.49
N MET F 260 12.81 33.43 29.67
CA MET F 260 13.30 34.09 30.88
C MET F 260 14.73 33.61 31.15
N ARG F 261 14.98 32.32 30.95
CA ARG F 261 16.30 31.76 31.17
C ARG F 261 17.33 32.52 30.30
N TYR F 262 17.06 32.61 29.01
CA TYR F 262 17.98 33.25 28.10
C TYR F 262 18.16 34.74 28.28
N LEU F 263 17.08 35.50 28.39
CA LEU F 263 17.18 36.95 28.61
C LEU F 263 18.02 37.24 29.86
N HIS F 264 17.69 36.55 30.94
CA HIS F 264 18.38 36.71 32.19
C HIS F 264 19.88 36.52 31.94
N ARG F 265 20.25 35.40 31.32
CA ARG F 265 21.66 35.13 31.02
C ARG F 265 22.35 36.33 30.34
N PHE F 266 21.61 37.11 29.56
CA PHE F 266 22.21 38.27 28.87
C PHE F 266 21.94 39.60 29.56
N GLY F 267 22.05 39.54 30.87
CA GLY F 267 21.87 40.72 31.70
C GLY F 267 20.51 41.32 31.84
N ALA F 268 19.48 40.89 31.09
CA ALA F 268 18.16 41.49 31.25
C ALA F 268 17.62 41.12 32.65
N LYS F 269 16.73 41.96 33.18
CA LYS F 269 16.17 41.75 34.51
C LYS F 269 14.70 41.34 34.56
N CYS F 270 14.42 40.14 35.07
CA CYS F 270 13.03 39.66 35.17
C CYS F 270 12.37 40.06 36.50
N VAL F 271 11.67 41.18 36.43
CA VAL F 271 10.95 41.74 37.57
C VAL F 271 9.63 41.02 37.90
N ALA F 272 8.98 40.38 36.92
CA ALA F 272 7.69 39.70 37.18
C ALA F 272 7.43 38.43 36.37
N VAL F 273 6.59 37.55 36.92
CA VAL F 273 6.22 36.28 36.29
C VAL F 273 4.72 35.97 36.52
N GLY F 274 3.96 35.82 35.45
CA GLY F 274 2.55 35.50 35.56
C GLY F 274 2.25 34.01 35.34
N GLU F 275 1.27 33.47 36.08
CA GLU F 275 0.90 32.07 35.95
C GLU F 275 -0.59 31.92 35.98
N SER F 276 -1.09 30.85 35.35
CA SER F 276 -2.54 30.56 35.26
C SER F 276 -3.25 30.93 36.58
N ASP F 277 -2.60 30.56 37.70
CA ASP F 277 -3.13 30.84 39.01
C ASP F 277 -2.64 32.12 39.73
N GLY F 278 -1.45 32.62 39.39
CA GLY F 278 -0.97 33.84 40.04
C GLY F 278 0.29 34.57 39.58
N SER F 279 0.48 35.79 40.09
CA SER F 279 1.66 36.57 39.76
C SER F 279 2.73 36.72 40.86
N ILE F 280 3.93 37.12 40.44
CA ILE F 280 5.07 37.32 41.31
C ILE F 280 5.73 38.62 40.82
N TRP F 281 6.57 39.25 41.65
CA TRP F 281 7.14 40.53 41.21
C TRP F 281 8.50 41.10 41.68
N ASN F 282 9.24 40.41 42.53
CA ASN F 282 10.55 40.96 43.00
C ASN F 282 11.30 41.94 42.04
N PRO F 283 11.28 43.25 42.35
CA PRO F 283 11.93 44.31 41.57
C PRO F 283 13.43 44.07 41.49
N ASP F 284 13.94 43.40 42.50
CA ASP F 284 15.36 43.08 42.54
C ASP F 284 15.61 41.89 41.63
N GLY F 285 14.58 41.51 40.89
CA GLY F 285 14.66 40.43 39.94
C GLY F 285 14.55 39.03 40.48
N ILE F 286 13.93 38.17 39.69
CA ILE F 286 13.79 36.77 40.07
C ILE F 286 14.81 35.96 39.26
N ASP F 287 15.29 34.87 39.86
CA ASP F 287 16.27 34.00 39.21
C ASP F 287 15.58 32.81 38.53
N PRO F 288 15.67 32.70 37.19
CA PRO F 288 15.05 31.61 36.41
C PRO F 288 15.24 30.21 36.99
N LYS F 289 16.43 29.90 37.48
CA LYS F 289 16.62 28.57 38.07
C LYS F 289 15.78 28.50 39.33
N GLU F 290 16.12 29.33 40.32
CA GLU F 290 15.40 29.37 41.61
C GLU F 290 13.90 29.18 41.44
N LEU F 291 13.33 30.06 40.62
CA LEU F 291 11.93 30.07 40.32
C LEU F 291 11.52 28.71 39.75
N GLU F 292 12.25 28.21 38.75
CA GLU F 292 11.91 26.92 38.16
C GLU F 292 11.94 25.80 39.17
N ASP F 293 13.00 25.76 39.99
CA ASP F 293 13.14 24.74 41.00
C ASP F 293 11.92 24.74 41.90
N PHE F 294 11.54 25.93 42.37
CA PHE F 294 10.38 26.11 43.24
C PHE F 294 9.14 25.59 42.53
N LYS F 295 8.95 26.01 41.28
CA LYS F 295 7.82 25.58 40.46
C LYS F 295 7.82 24.04 40.37
N LEU F 296 9.00 23.46 40.19
CA LEU F 296 9.17 22.02 40.09
C LEU F 296 8.72 21.24 41.31
N GLN F 297 9.03 21.77 42.49
CA GLN F 297 8.63 21.10 43.72
C GLN F 297 7.35 21.62 44.38
N HIS F 298 6.68 22.56 43.71
CA HIS F 298 5.47 23.15 44.25
C HIS F 298 4.37 23.18 43.22
N GLY F 299 4.65 22.70 42.02
CA GLY F 299 3.63 22.72 40.98
C GLY F 299 3.00 24.11 40.98
N THR F 300 3.83 25.09 41.30
CA THR F 300 3.42 26.47 41.35
C THR F 300 4.60 27.36 41.72
N ILE F 301 4.49 28.62 41.29
CA ILE F 301 5.48 29.64 41.59
C ILE F 301 4.91 30.42 42.76
N LEU F 302 3.59 30.33 42.97
CA LEU F 302 2.93 31.05 44.05
C LEU F 302 3.54 30.80 45.42
N GLY F 303 4.06 31.88 45.99
CA GLY F 303 4.67 31.80 47.30
C GLY F 303 6.17 31.61 47.18
N PHE F 304 6.73 32.09 46.07
CA PHE F 304 8.17 31.99 45.86
C PHE F 304 8.86 32.72 47.02
N PRO F 305 9.73 32.01 47.74
CA PRO F 305 10.42 32.63 48.86
C PRO F 305 11.01 34.01 48.61
N LYS F 306 11.30 34.34 47.35
CA LYS F 306 11.92 35.65 47.11
C LYS F 306 11.17 36.70 46.27
N ALA F 307 9.83 36.72 46.36
CA ALA F 307 9.04 37.70 45.63
C ALA F 307 7.60 37.69 46.15
N LYS F 308 7.05 38.90 46.35
CA LYS F 308 5.69 39.08 46.87
C LYS F 308 4.62 38.71 45.87
N ILE F 309 3.61 37.96 46.30
CA ILE F 309 2.55 37.57 45.38
C ILE F 309 1.89 38.82 44.84
N TYR F 310 2.27 39.19 43.63
CA TYR F 310 1.76 40.36 42.95
C TYR F 310 0.30 40.12 42.56
N GLU F 311 -0.49 41.20 42.60
CA GLU F 311 -1.89 41.12 42.22
C GLU F 311 -2.21 42.28 41.29
N GLY F 312 -2.37 41.96 40.03
CA GLY F 312 -2.72 43.00 39.06
C GLY F 312 -2.83 42.29 37.74
N SER F 313 -2.27 42.90 36.70
CA SER F 313 -2.26 42.30 35.39
C SER F 313 -0.77 42.08 35.16
N ILE F 314 -0.34 40.84 35.01
CA ILE F 314 1.07 40.61 34.77
C ILE F 314 1.42 41.36 33.47
N LEU F 315 0.44 41.45 32.57
CA LEU F 315 0.63 42.12 31.30
C LEU F 315 0.79 43.64 31.48
N GLU F 316 0.17 44.16 32.52
CA GLU F 316 0.24 45.59 32.81
C GLU F 316 1.51 45.96 33.58
N VAL F 317 2.38 44.98 33.83
CA VAL F 317 3.61 45.24 34.58
C VAL F 317 4.57 46.26 33.94
N ASP F 318 5.17 47.05 34.82
CA ASP F 318 6.14 48.04 34.40
C ASP F 318 7.47 47.33 34.16
N CYS F 319 7.83 47.22 32.90
CA CYS F 319 9.05 46.56 32.51
C CYS F 319 9.26 46.85 31.03
N ASP F 320 10.53 46.94 30.62
CA ASP F 320 10.85 47.23 29.23
C ASP F 320 10.22 46.26 28.23
N ILE F 321 10.27 44.97 28.55
CA ILE F 321 9.72 43.97 27.66
C ILE F 321 8.72 43.10 28.38
N LEU F 322 7.60 42.85 27.70
CA LEU F 322 6.58 41.97 28.20
C LEU F 322 6.63 40.83 27.18
N ILE F 323 6.69 39.61 27.70
CA ILE F 323 6.75 38.44 26.85
C ILE F 323 5.55 37.56 27.15
N PRO F 324 4.48 37.69 26.35
CA PRO F 324 3.31 36.84 26.58
C PRO F 324 3.73 35.40 26.23
N ALA F 325 3.57 34.48 27.16
CA ALA F 325 3.99 33.09 26.93
C ALA F 325 2.92 32.09 27.35
N ALA F 326 1.67 32.36 26.98
CA ALA F 326 0.55 31.47 27.33
C ALA F 326 -0.59 31.59 26.28
N SER F 327 -1.83 31.31 26.69
CA SER F 327 -3.01 31.41 25.82
C SER F 327 -3.02 32.67 24.92
N GLU F 328 -3.76 32.61 23.82
CA GLU F 328 -3.80 33.73 22.88
C GLU F 328 -4.69 34.89 23.32
N LYS F 329 -4.70 35.94 22.50
CA LYS F 329 -5.48 37.16 22.71
C LYS F 329 -5.52 37.74 24.13
N GLN F 330 -4.36 38.01 24.72
CA GLN F 330 -4.24 38.56 26.07
C GLN F 330 -4.11 40.11 26.09
N LEU F 331 -3.29 40.65 25.20
CA LEU F 331 -3.17 42.10 25.13
C LEU F 331 -4.28 42.55 24.18
N THR F 332 -5.44 42.80 24.75
CA THR F 332 -6.58 43.23 23.96
C THR F 332 -6.67 44.72 24.05
N LYS F 333 -7.65 45.28 23.33
CA LYS F 333 -7.90 46.73 23.29
C LYS F 333 -8.17 47.32 24.68
N SER F 334 -8.67 46.48 25.58
CA SER F 334 -9.01 46.88 26.94
C SER F 334 -7.86 46.89 27.95
N ASN F 335 -6.62 46.64 27.50
CA ASN F 335 -5.48 46.62 28.43
C ASN F 335 -4.24 47.07 27.72
N ALA F 336 -4.33 47.10 26.38
CA ALA F 336 -3.22 47.53 25.53
C ALA F 336 -2.75 48.92 25.98
N PRO F 337 -3.70 49.87 26.11
CA PRO F 337 -3.42 51.25 26.55
C PRO F 337 -2.67 51.42 27.87
N ARG F 338 -2.34 50.34 28.55
CA ARG F 338 -1.61 50.45 29.80
C ARG F 338 -0.63 49.29 30.07
N VAL F 339 -0.16 48.63 29.01
CA VAL F 339 0.76 47.51 29.20
C VAL F 339 2.13 47.97 29.71
N LYS F 340 2.40 49.27 29.52
CA LYS F 340 3.66 49.90 29.92
C LYS F 340 5.00 49.16 29.69
N ALA F 341 5.12 48.47 28.57
CA ALA F 341 6.38 47.81 28.26
C ALA F 341 6.69 48.35 26.87
N LYS F 342 7.96 48.68 26.64
CA LYS F 342 8.38 49.20 25.35
C LYS F 342 8.38 48.15 24.23
N ILE F 343 8.72 46.93 24.61
CA ILE F 343 8.81 45.81 23.68
C ILE F 343 7.87 44.69 24.10
N ILE F 344 7.10 44.20 23.15
CA ILE F 344 6.21 43.08 23.39
C ILE F 344 6.80 41.95 22.57
N ALA F 345 7.35 40.97 23.29
CA ALA F 345 7.94 39.80 22.71
C ALA F 345 6.83 38.75 22.66
N GLU F 346 6.20 38.60 21.49
CA GLU F 346 5.15 37.63 21.30
C GLU F 346 5.68 36.19 21.23
N GLY F 347 5.93 35.60 22.39
CA GLY F 347 6.40 34.22 22.46
C GLY F 347 5.25 33.26 22.28
N ALA F 348 4.06 33.67 22.71
CA ALA F 348 2.88 32.87 22.57
C ALA F 348 2.28 33.15 21.18
N ASN F 349 1.37 32.28 20.74
CA ASN F 349 0.72 32.45 19.44
C ASN F 349 -0.43 33.42 19.57
N GLY F 350 -0.52 34.34 18.62
CA GLY F 350 -1.56 35.35 18.63
C GLY F 350 -1.98 36.01 19.96
N PRO F 351 -1.03 36.52 20.77
CA PRO F 351 -1.40 37.18 22.03
C PRO F 351 -2.01 38.58 21.85
N THR F 352 -1.57 39.34 20.86
CA THR F 352 -2.15 40.67 20.71
C THR F 352 -3.15 40.80 19.57
N THR F 353 -4.29 41.38 19.92
CA THR F 353 -5.43 41.65 19.05
C THR F 353 -5.16 42.81 18.11
N PRO F 354 -5.84 42.82 16.95
CA PRO F 354 -5.66 43.89 15.97
C PRO F 354 -5.81 45.24 16.65
N GLN F 355 -6.91 45.40 17.41
CA GLN F 355 -7.17 46.64 18.15
C GLN F 355 -5.99 47.01 19.04
N ALA F 356 -5.56 46.05 19.86
CA ALA F 356 -4.43 46.26 20.75
C ALA F 356 -3.20 46.65 19.93
N ASP F 357 -3.06 46.04 18.76
CA ASP F 357 -1.94 46.37 17.91
C ASP F 357 -2.00 47.84 17.58
N LYS F 358 -3.18 48.28 17.12
CA LYS F 358 -3.38 49.68 16.74
C LYS F 358 -2.90 50.59 17.87
N ILE F 359 -3.37 50.29 19.07
CA ILE F 359 -3.00 51.07 20.25
C ILE F 359 -1.48 51.06 20.35
N PHE F 360 -0.90 49.86 20.41
CA PHE F 360 0.55 49.74 20.54
C PHE F 360 1.24 50.61 19.51
N LEU F 361 0.73 50.63 18.30
CA LEU F 361 1.30 51.45 17.25
C LEU F 361 1.22 52.88 17.72
N GLU F 362 0.02 53.31 18.12
CA GLU F 362 -0.19 54.68 18.62
C GLU F 362 0.70 54.97 19.85
N ARG F 363 0.55 54.18 20.93
CA ARG F 363 1.39 54.35 22.11
C ARG F 363 2.86 54.24 21.70
N ASN F 364 3.09 53.84 20.45
CA ASN F 364 4.41 53.69 19.87
C ASN F 364 5.16 52.55 20.56
N ILE F 365 4.58 51.36 20.44
CA ILE F 365 5.16 50.16 21.02
C ILE F 365 5.49 49.18 19.91
N MET F 366 6.60 48.49 20.12
CA MET F 366 7.08 47.53 19.18
C MET F 366 6.65 46.17 19.71
N VAL F 367 5.79 45.49 18.94
CA VAL F 367 5.36 44.14 19.27
C VAL F 367 6.06 43.26 18.23
N ILE F 368 7.04 42.46 18.65
CA ILE F 368 7.72 41.59 17.71
C ILE F 368 6.74 40.44 17.52
N PRO F 369 6.24 40.28 16.28
CA PRO F 369 5.28 39.26 15.87
C PRO F 369 5.64 37.84 16.27
N ASP F 370 4.63 37.12 16.75
CA ASP F 370 4.78 35.73 17.18
C ASP F 370 5.15 34.93 15.93
N LEU F 371 4.66 35.47 14.81
CA LEU F 371 4.82 35.00 13.45
C LEU F 371 6.30 34.91 13.03
N TYR F 372 7.19 35.41 13.90
CA TYR F 372 8.63 35.41 13.68
C TYR F 372 9.36 35.05 14.99
N LEU F 373 8.87 35.65 16.09
CA LEU F 373 9.45 35.47 17.42
C LEU F 373 9.45 34.05 17.99
N ASN F 374 8.36 33.29 17.82
CA ASN F 374 8.35 31.90 18.33
C ASN F 374 8.67 30.86 17.23
N ALA F 375 9.29 31.34 16.15
CA ALA F 375 9.69 30.50 15.06
C ALA F 375 10.86 29.63 15.48
N GLY F 376 11.38 29.87 16.67
CA GLY F 376 12.50 29.09 17.20
C GLY F 376 12.16 27.65 17.51
N GLY F 377 10.86 27.38 17.67
CA GLY F 377 10.37 26.04 17.93
C GLY F 377 10.35 25.21 16.64
N VAL F 378 9.76 25.77 15.56
CA VAL F 378 9.70 25.03 14.30
C VAL F 378 11.04 24.85 13.64
N THR F 379 11.96 25.80 13.88
CA THR F 379 13.29 25.70 13.32
C THR F 379 14.00 24.49 13.92
N VAL F 380 14.15 24.44 15.24
CA VAL F 380 14.79 23.30 15.85
C VAL F 380 14.02 22.00 15.60
N SER F 381 12.70 22.08 15.47
CA SER F 381 11.85 20.93 15.20
C SER F 381 12.16 20.46 13.77
N TYR F 382 12.55 21.42 12.92
CA TYR F 382 12.92 21.13 11.54
C TYR F 382 14.27 20.41 11.54
N PHE F 383 15.15 20.81 12.45
CA PHE F 383 16.47 20.20 12.61
C PHE F 383 16.34 18.82 13.21
N GLN F 384 15.16 18.51 13.77
CA GLN F 384 14.89 17.19 14.33
C GLN F 384 14.36 16.28 13.24
N ILE F 385 13.44 16.78 12.42
CA ILE F 385 12.93 15.93 11.33
C ILE F 385 14.15 15.68 10.44
N LEU F 386 14.89 16.74 10.13
CA LEU F 386 16.08 16.62 9.28
C LEU F 386 16.98 15.53 9.82
N LYS F 387 17.22 15.56 11.12
CA LYS F 387 18.07 14.59 11.81
C LYS F 387 17.56 13.19 11.61
N ASN F 388 16.26 13.03 11.85
CA ASN F 388 15.59 11.74 11.75
C ASN F 388 15.74 11.16 10.37
N LEU F 389 15.63 12.04 9.38
CA LEU F 389 15.78 11.61 8.02
C LEU F 389 17.22 11.12 7.80
N ASN F 390 18.20 11.91 8.22
CA ASN F 390 19.61 11.58 8.06
C ASN F 390 20.05 10.29 8.74
N HIS F 391 19.31 9.88 9.76
CA HIS F 391 19.63 8.68 10.51
C HIS F 391 20.99 8.66 11.22
N VAL F 392 21.58 9.84 11.38
CA VAL F 392 22.88 10.01 12.04
C VAL F 392 22.90 11.27 12.87
N SER F 393 23.48 11.13 14.05
CA SER F 393 23.63 12.24 14.96
C SER F 393 24.74 13.06 14.37
N TYR F 394 24.57 14.36 14.32
CA TYR F 394 25.58 15.23 13.73
C TYR F 394 26.99 15.02 14.26
N GLY F 395 27.93 14.91 13.32
CA GLY F 395 29.33 14.74 13.64
C GLY F 395 29.88 13.33 13.66
N ARG F 396 29.22 12.40 14.31
CA ARG F 396 29.67 11.01 14.44
C ARG F 396 30.54 10.48 13.30
N LEU F 397 30.18 10.80 12.05
CA LEU F 397 30.94 10.34 10.88
C LEU F 397 32.21 11.13 10.56
N THR F 398 32.21 12.42 10.88
CA THR F 398 33.36 13.25 10.56
C THR F 398 34.32 13.70 11.66
N PHE F 399 33.85 13.93 12.87
CA PHE F 399 34.70 14.37 14.00
C PHE F 399 36.19 14.07 13.89
N LYS F 400 36.54 12.80 13.73
CA LYS F 400 37.95 12.41 13.63
C LYS F 400 38.62 12.98 12.37
N TYR F 401 38.06 12.71 11.20
CA TYR F 401 38.65 13.24 10.00
C TYR F 401 38.79 14.74 10.16
N GLU F 402 37.70 15.37 10.55
CA GLU F 402 37.65 16.81 10.78
C GLU F 402 38.81 17.28 11.62
N ARG F 403 39.03 16.62 12.75
CA ARG F 403 40.11 16.99 13.66
C ARG F 403 41.49 16.77 13.04
N ASP F 404 41.80 15.52 12.67
CA ASP F 404 43.07 15.19 12.04
C ASP F 404 43.42 16.22 10.94
N SER F 405 42.56 16.29 9.92
CA SER F 405 42.75 17.23 8.85
C SER F 405 43.07 18.60 9.38
N ASN F 406 42.28 19.09 10.33
CA ASN F 406 42.48 20.43 10.91
C ASN F 406 43.88 20.62 11.45
N TYR F 407 44.34 19.68 12.26
CA TYR F 407 45.70 19.76 12.79
C TYR F 407 46.72 19.82 11.65
N HIS F 408 46.55 18.96 10.64
CA HIS F 408 47.43 18.97 9.48
C HIS F 408 47.42 20.36 8.87
N LEU F 409 46.25 20.94 8.66
CA LEU F 409 46.17 22.26 8.06
C LEU F 409 47.04 23.25 8.80
N LEU F 410 46.90 23.30 10.11
CA LEU F 410 47.69 24.22 10.91
C LEU F 410 49.14 23.86 10.69
N MET F 411 49.49 22.61 10.95
CA MET F 411 50.87 22.13 10.76
C MET F 411 51.45 22.47 9.39
N SER F 412 50.59 22.73 8.41
CA SER F 412 51.06 23.13 7.10
C SER F 412 51.62 24.53 7.31
N VAL F 413 50.78 25.52 7.62
CA VAL F 413 51.26 26.89 7.82
C VAL F 413 52.52 26.87 8.71
N GLN F 414 52.52 26.03 9.75
CA GLN F 414 53.67 25.92 10.64
C GLN F 414 54.92 25.67 9.84
N GLU F 415 55.08 24.44 9.35
CA GLU F 415 56.24 24.09 8.53
C GLU F 415 56.50 25.15 7.44
N SER F 416 55.43 25.65 6.85
CA SER F 416 55.54 26.66 5.81
C SER F 416 56.39 27.80 6.34
N LEU F 417 56.05 28.27 7.53
CA LEU F 417 56.78 29.36 8.15
C LEU F 417 58.22 28.97 8.51
N GLU F 418 58.37 27.81 9.15
CA GLU F 418 59.68 27.30 9.57
C GLU F 418 60.59 27.19 8.38
N ARG F 419 60.12 26.53 7.33
CA ARG F 419 60.94 26.33 6.13
C ARG F 419 61.57 27.65 5.66
N LYS F 420 60.85 28.77 5.75
CA LYS F 420 61.42 30.04 5.33
C LYS F 420 62.30 30.55 6.43
N PHE F 421 61.71 30.88 7.57
CA PHE F 421 62.47 31.40 8.71
C PHE F 421 63.28 30.30 9.44
N GLY F 422 63.81 29.36 8.65
CA GLY F 422 64.57 28.23 9.14
C GLY F 422 64.83 27.96 10.61
N LYS F 423 66.12 27.90 10.95
CA LYS F 423 66.56 27.61 12.31
C LYS F 423 66.38 28.74 13.31
N HIS F 424 66.35 29.98 12.81
CA HIS F 424 66.10 31.07 13.74
C HIS F 424 64.67 30.90 14.20
N GLY F 425 63.79 30.76 13.19
CA GLY F 425 62.38 30.53 13.45
C GLY F 425 62.42 29.26 14.28
N GLY F 426 63.30 28.35 13.86
CA GLY F 426 63.49 27.09 14.54
C GLY F 426 62.15 26.41 14.74
N THR F 427 61.47 26.82 15.80
CA THR F 427 60.18 26.26 16.06
C THR F 427 59.11 27.31 16.29
N ILE F 428 58.23 27.46 15.31
CA ILE F 428 57.08 28.35 15.43
C ILE F 428 55.89 27.40 15.55
N PRO F 429 55.48 27.07 16.79
CA PRO F 429 54.36 26.16 16.99
C PRO F 429 53.11 26.92 16.63
N ILE F 430 52.22 26.28 15.88
CA ILE F 430 50.96 26.87 15.52
C ILE F 430 49.93 26.08 16.32
N VAL F 431 49.22 26.77 17.20
CA VAL F 431 48.26 26.10 18.03
C VAL F 431 46.86 26.73 18.03
N PRO F 432 45.82 25.89 17.92
CA PRO F 432 44.49 26.47 17.93
C PRO F 432 44.28 27.21 19.28
N THR F 433 43.60 28.35 19.20
CA THR F 433 43.26 29.16 20.37
C THR F 433 42.37 28.26 21.23
N ALA F 434 41.90 28.81 22.35
CA ALA F 434 41.02 28.05 23.23
C ALA F 434 39.78 27.77 22.41
N GLU F 435 39.25 28.85 21.86
CA GLU F 435 38.04 28.81 21.07
C GLU F 435 38.10 27.82 19.93
N PHE F 436 39.07 27.99 19.05
CA PHE F 436 39.20 27.07 17.94
C PHE F 436 39.40 25.64 18.40
N GLN F 437 40.01 25.50 19.58
CA GLN F 437 40.26 24.19 20.13
C GLN F 437 38.94 23.50 20.31
N ASP F 438 37.97 24.20 20.90
CA ASP F 438 36.65 23.65 21.13
C ASP F 438 35.79 23.75 19.86
N ARG F 439 36.43 23.61 18.71
CA ARG F 439 35.78 23.67 17.41
C ARG F 439 36.60 22.86 16.43
N ILE F 440 37.73 22.34 16.94
CA ILE F 440 38.67 21.57 16.16
C ILE F 440 38.06 20.29 15.58
N SER F 441 37.03 19.75 16.22
CA SER F 441 36.41 18.56 15.68
C SER F 441 35.19 18.86 14.80
N GLY F 442 34.92 20.14 14.61
CA GLY F 442 33.77 20.54 13.81
C GLY F 442 32.53 20.60 14.67
N ALA F 443 31.42 21.08 14.11
CA ALA F 443 30.17 21.17 14.83
C ALA F 443 29.54 19.82 15.23
N SER F 444 28.85 19.85 16.35
CA SER F 444 28.17 18.70 16.88
C SER F 444 26.71 19.08 16.77
N GLU F 445 25.82 18.12 17.04
CA GLU F 445 24.39 18.37 16.98
C GLU F 445 23.99 19.64 17.72
N LYS F 446 24.61 19.88 18.89
CA LYS F 446 24.32 21.05 19.70
C LYS F 446 24.79 22.32 19.01
N ASP F 447 25.92 22.25 18.33
CA ASP F 447 26.50 23.38 17.60
C ASP F 447 25.56 23.76 16.47
N ILE F 448 25.21 22.77 15.66
CA ILE F 448 24.32 22.98 14.52
C ILE F 448 22.99 23.59 14.94
N VAL F 449 22.36 23.02 15.98
CA VAL F 449 21.10 23.53 16.45
C VAL F 449 21.24 25.00 16.82
N HIS F 450 22.12 25.28 17.79
CA HIS F 450 22.33 26.64 18.25
C HIS F 450 22.75 27.59 17.14
N SER F 451 23.92 27.35 16.57
CA SER F 451 24.46 28.15 15.48
C SER F 451 23.38 28.31 14.40
N GLY F 452 22.70 27.20 14.11
CA GLY F 452 21.66 27.17 13.08
C GLY F 452 20.44 28.04 13.34
N LEU F 453 19.91 27.92 14.54
CA LEU F 453 18.75 28.71 14.93
C LEU F 453 19.14 30.17 14.87
N ALA F 454 20.31 30.45 15.43
CA ALA F 454 20.87 31.78 15.48
C ALA F 454 20.95 32.44 14.10
N TYR F 455 21.40 31.69 13.12
CA TYR F 455 21.50 32.18 11.76
C TYR F 455 20.14 32.44 11.14
N THR F 456 19.20 31.51 11.36
CA THR F 456 17.87 31.64 10.76
C THR F 456 17.06 32.75 11.41
N MET F 457 17.24 32.90 12.72
CA MET F 457 16.51 33.92 13.45
C MET F 457 16.95 35.30 13.06
N GLU F 458 18.27 35.46 13.00
CA GLU F 458 18.87 36.75 12.64
C GLU F 458 18.58 37.12 11.20
N ARG F 459 18.49 36.12 10.33
CA ARG F 459 18.22 36.35 8.94
C ARG F 459 16.79 36.82 8.71
N SER F 460 15.82 36.09 9.29
CA SER F 460 14.43 36.44 9.12
C SER F 460 14.13 37.80 9.72
N ALA F 461 14.95 38.20 10.70
CA ALA F 461 14.79 39.51 11.33
C ALA F 461 15.11 40.62 10.31
N ARG F 462 16.34 40.59 9.77
CA ARG F 462 16.79 41.57 8.77
C ARG F 462 15.80 41.54 7.63
N GLN F 463 15.30 40.35 7.31
CA GLN F 463 14.32 40.16 6.25
C GLN F 463 13.08 41.02 6.59
N ILE F 464 12.69 40.99 7.87
CA ILE F 464 11.54 41.76 8.37
C ILE F 464 11.79 43.27 8.32
N MET F 465 12.99 43.67 8.76
CA MET F 465 13.38 45.08 8.76
C MET F 465 13.36 45.68 7.35
N ARG F 466 14.08 45.10 6.40
CA ARG F 466 14.07 45.63 5.05
C ARG F 466 12.64 45.88 4.60
N THR F 467 11.75 44.93 4.92
CA THR F 467 10.37 45.07 4.51
C THR F 467 9.70 46.20 5.29
N ALA F 468 9.99 46.27 6.58
CA ALA F 468 9.41 47.32 7.43
C ALA F 468 9.80 48.67 6.86
N MET F 469 11.01 48.74 6.30
CA MET F 469 11.52 49.97 5.71
C MET F 469 10.85 50.26 4.37
N LYS F 470 11.16 49.44 3.37
CA LYS F 470 10.59 49.60 2.05
C LYS F 470 9.15 50.11 2.09
N TYR F 471 8.40 49.74 3.13
CA TYR F 471 6.98 50.14 3.25
C TYR F 471 6.57 51.12 4.39
N ASN F 472 7.55 51.63 5.14
CA ASN F 472 7.29 52.56 6.23
C ASN F 472 6.41 51.97 7.33
N LEU F 473 6.53 50.69 7.59
CA LEU F 473 5.69 50.12 8.64
C LEU F 473 6.21 50.68 9.97
N GLY F 474 7.50 50.97 9.98
CA GLY F 474 8.10 51.51 11.18
C GLY F 474 8.17 50.53 12.33
N LEU F 475 7.25 50.64 13.28
CA LEU F 475 7.27 49.70 14.40
C LEU F 475 6.10 48.74 14.27
N ASP F 476 5.66 48.53 13.03
CA ASP F 476 4.55 47.64 12.72
C ASP F 476 5.19 46.40 12.06
N LEU F 477 6.16 45.83 12.78
CA LEU F 477 6.90 44.66 12.33
C LEU F 477 6.06 43.52 11.76
N ARG F 478 4.90 43.30 12.37
CA ARG F 478 4.00 42.24 11.95
C ARG F 478 3.62 42.27 10.50
N THR F 479 2.87 43.27 10.08
CA THR F 479 2.47 43.29 8.69
C THR F 479 3.63 43.31 7.66
N ALA F 480 4.84 43.57 8.16
CA ALA F 480 6.02 43.55 7.31
C ALA F 480 6.33 42.07 7.15
N ALA F 481 6.19 41.34 8.24
CA ALA F 481 6.42 39.92 8.27
C ALA F 481 5.41 39.20 7.37
N TYR F 482 4.15 39.61 7.48
CA TYR F 482 3.11 38.99 6.67
C TYR F 482 3.42 39.23 5.21
N VAL F 483 3.90 40.44 4.92
CA VAL F 483 4.30 40.79 3.55
C VAL F 483 5.29 39.75 3.01
N ASN F 484 6.20 39.30 3.87
CA ASN F 484 7.17 38.28 3.49
C ASN F 484 6.43 36.94 3.38
N ALA F 485 5.84 36.54 4.49
CA ALA F 485 5.10 35.29 4.60
C ALA F 485 4.09 35.16 3.48
N ILE F 486 3.77 36.26 2.83
CA ILE F 486 2.80 36.23 1.76
C ILE F 486 3.39 36.06 0.37
N GLU F 487 4.57 36.59 0.10
CA GLU F 487 5.06 36.40 -1.25
C GLU F 487 5.81 35.12 -1.47
N LYS F 488 6.21 34.47 -0.40
CA LYS F 488 6.88 33.19 -0.50
C LYS F 488 5.73 32.21 -0.73
N VAL F 489 4.78 32.24 0.21
CA VAL F 489 3.59 31.40 0.17
C VAL F 489 2.79 31.70 -1.09
N PHE F 490 3.13 32.80 -1.76
CA PHE F 490 2.43 33.17 -2.98
C PHE F 490 3.22 32.62 -4.16
N ARG F 491 4.54 32.81 -4.13
CA ARG F 491 5.36 32.35 -5.23
C ARG F 491 5.17 30.87 -5.49
N VAL F 492 5.02 30.07 -4.43
CA VAL F 492 4.81 28.63 -4.59
C VAL F 492 3.47 28.38 -5.32
N TYR F 493 2.38 28.87 -4.74
CA TYR F 493 1.04 28.69 -5.31
C TYR F 493 0.99 29.06 -6.76
N ASN F 494 1.26 30.33 -7.04
CA ASN F 494 1.22 30.82 -8.40
C ASN F 494 1.98 29.95 -9.40
N GLU F 495 3.24 29.64 -9.08
CA GLU F 495 4.07 28.87 -9.98
C GLU F 495 3.70 27.37 -10.03
N ALA F 496 2.63 26.96 -9.33
CA ALA F 496 2.21 25.57 -9.31
C ALA F 496 1.00 25.35 -10.22
N GLY F 497 0.57 26.42 -10.87
CA GLY F 497 -0.60 26.37 -11.71
C GLY F 497 -1.82 26.40 -10.80
N VAL F 498 -1.55 26.71 -9.51
CA VAL F 498 -2.54 26.77 -8.47
C VAL F 498 -3.08 25.39 -8.13
N THR F 499 -4.08 24.93 -8.88
CA THR F 499 -4.69 23.66 -8.57
C THR F 499 -5.19 22.93 -9.81
N PHE F 500 -5.25 21.59 -9.74
CA PHE F 500 -5.80 20.85 -10.87
C PHE F 500 -7.33 21.02 -10.74
N THR F 501 -7.77 22.27 -10.93
CA THR F 501 -9.17 22.72 -10.85
C THR F 501 -10.02 22.04 -9.76
#